data_5M3L
#
_entry.id   5M3L
#
_cell.length_a   1
_cell.length_b   1
_cell.length_c   1
_cell.angle_alpha   90.00
_cell.angle_beta   90.00
_cell.angle_gamma   90.00
#
_symmetry.space_group_name_H-M   'P 1'
#
loop_
_entity.id
_entity.type
_entity.pdbx_description
1 polymer 'Extracellular globin-4'
2 polymer 'Extracellular globin-2'
3 polymer 'Extracellular globin-3'
4 polymer 'Hemoglobin chain d1'
5 polymer 'Hemoglobin linker chain L1'
6 polymer 'Extracellular hemoglobin linker L2 subunit'
7 polymer 'Extracellular hemoglobin linker L3 subunit'
8 non-polymer 'PROTOPORPHYRIN IX CONTAINING FE'
#
loop_
_entity_poly.entity_id
_entity_poly.type
_entity_poly.pdbx_seq_one_letter_code
_entity_poly.pdbx_strand_id
1 'polypeptide(L)'
;ADDEDCCSYEDRREIRHIWDDVWSSSFTDRRVAIVRAVFDDLFKHYPTSKALFERVKIDEPESGEFKSHLVRVANGLKLL
INLLDDTLVLQSHLGHLADQHIQRKGVTKEYFRGIGEAFARVLPQVLSCFNVDAWNRCFHRLVARIAKDLP
;
A,E,I
2 'polypeptide(L)'
;KKQCGVLEGLKVKSEWGRAYGSGHDREAFSQAIWRATFAQVPESRSLFKRVHGDDTSHPAFIAHADRVLGGLDIAISTLD
QPATLKEELDHLQVQHEGRKIPDNYFDAFKTAILHVVAAQLGRCYDREAWDACIDHIEDGIKGHH
;
B,F,J
3 'polypeptide(L)'
;DEHEHCCSEEDHRIVQKQWDILWRDTESSKIKIGFGRLLLTKLAKDIPEVNDLFKRVDIEHAEGPKFSAHALRILNGLDL
AINLLDDPPALDAALDHLAHQHEVREGVQKAHFKKFGEILATGLPQVLDDYDALAWKSCLKGILTKISSRLNA
;
C,G,K
4 'polypeptide(L)'
;ECLVTESLKVKLQWASAFGHAHERVAFGLELWRDIIDDHPEIKAPFSRVRGDNIYSPEFGAHSQRVLSGLDITISMLDTP
DMLAAQLAHLKVQHVERNLKPEFFDIFLKHLLHVLGDRLGTHFDFGAWHDCVDQIIDGIK
;
D,H,L
5 'polypeptide(L)'
;RFQYLVKNQNLHIDYLAKKLHDIEEEYNKLTHDVDKKTIRQLKARISNLEEHHCDEHESECRGDVPECIHDLLFCDGEKD
CRDGSDEDPETCSLNITHVGSSYTGLATWTSCEDLNPDHAIVTITAAHRKSFFPNRVWLRATLSYELDEHDHTVSTTQLR
GFYNFGKRELLLAPLKGQSEGYGVICDFNLGDDDHADCKIVVPSSLFVCAHFNAQRY
;
M
6 'polypeptide(L)'
;LDPRLGANAFLIIRLDRIIEKLRTKLDEAEKIDPEHFVSEIDARVEKIEGTHCEKRTFQCGGNEQECISDLLVCDGHKDC
HNAHDEDPDVCDTSVVKAGNVFSGTSTWHGCLAREDHVTRITITASKRRKFFTARIWLRALVESELERHGENVTSSFNAK
GYYNFASRRLILLPTDDHDDHLAVVCSFNRGDNERAECHRVTEATLHQCADLFVTLEEHD
;
N
7 'polypeptide(L)'
;QSHDEIIDKIIERTNKITTSISHVESLLDDRLDPKRIRKAGSLRHRVEELEDPSCDEHEHQCGGDDPQCISKLFVCDGHN
DCRNGEDEKDCTLPTKAGDKFIGDVCFDHCTKRRPEHMTLAFESSSIAAFFTPIADLHVHIEIESETDEDESEVSMPADG
EYSFADHRLTIHPPEEDGLGLVGEFDGYNFDRFVGHIVHELSEEVCAEFIFHRKK
;
O
#
loop_
_chem_comp.id
_chem_comp.type
_chem_comp.name
_chem_comp.formula
HEM non-polymer 'PROTOPORPHYRIN IX CONTAINING FE' 'C34 H32 Fe N4 O4'
#
# COMPACT_ATOMS: atom_id res chain seq x y z
N ASP A 5 -5.68 -12.29 39.28
CA ASP A 5 -4.21 -12.03 39.11
C ASP A 5 -3.87 -11.65 37.67
N CYS A 6 -4.03 -10.36 37.38
CA CYS A 6 -3.48 -9.72 36.19
C CYS A 6 -3.73 -10.50 34.90
N CYS A 7 -4.87 -10.22 34.26
CA CYS A 7 -5.16 -10.71 32.92
C CYS A 7 -4.02 -10.43 31.94
N SER A 8 -3.30 -9.34 32.17
CA SER A 8 -2.12 -8.97 31.39
C SER A 8 -2.59 -8.63 29.99
N TYR A 9 -1.84 -9.02 28.97
CA TYR A 9 -2.25 -8.77 27.60
C TYR A 9 -2.14 -10.01 26.75
N GLU A 10 -0.94 -10.53 26.61
CA GLU A 10 -0.65 -11.70 25.77
C GLU A 10 -1.66 -12.81 26.02
N ASP A 11 -2.04 -13.01 27.29
CA ASP A 11 -3.06 -13.99 27.65
C ASP A 11 -4.36 -13.78 26.89
N ARG A 12 -4.76 -12.53 26.65
CA ARG A 12 -5.96 -12.24 25.89
C ARG A 12 -5.86 -12.66 24.42
N ARG A 13 -4.75 -12.35 23.75
CA ARG A 13 -4.53 -12.90 22.40
C ARG A 13 -4.53 -14.42 22.41
N GLU A 14 -3.95 -15.01 23.45
CA GLU A 14 -4.01 -16.45 23.64
C GLU A 14 -5.46 -16.91 23.63
N ILE A 15 -6.34 -16.21 24.34
CA ILE A 15 -7.76 -16.56 24.38
C ILE A 15 -8.39 -16.40 23.01
N ARG A 16 -8.33 -15.20 22.48
CA ARG A 16 -9.01 -14.89 21.22
C ARG A 16 -8.80 -15.92 20.12
N HIS A 17 -7.64 -16.59 20.04
CA HIS A 17 -7.46 -17.74 19.13
C HIS A 17 -8.14 -19.00 19.61
N ILE A 18 -7.91 -19.37 20.87
CA ILE A 18 -8.58 -20.53 21.49
C ILE A 18 -10.09 -20.46 21.31
N TRP A 19 -10.67 -19.31 21.63
CA TRP A 19 -12.10 -19.13 21.46
C TRP A 19 -12.55 -19.16 20.00
N ASP A 20 -11.71 -18.71 19.09
CA ASP A 20 -12.04 -18.75 17.66
C ASP A 20 -12.13 -20.17 17.07
N ASP A 21 -11.45 -21.14 17.68
CA ASP A 21 -11.53 -22.53 17.21
C ASP A 21 -12.85 -23.18 17.59
N VAL A 22 -13.31 -22.95 18.82
CA VAL A 22 -14.58 -23.53 19.30
C VAL A 22 -15.83 -22.86 18.73
N TRP A 23 -15.75 -21.57 18.49
CA TRP A 23 -16.89 -20.77 18.08
C TRP A 23 -17.10 -20.68 16.56
N SER A 24 -16.14 -21.15 15.77
CA SER A 24 -16.18 -20.95 14.32
C SER A 24 -17.30 -21.77 13.70
N SER A 25 -18.37 -21.08 13.32
CA SER A 25 -19.49 -21.63 12.53
C SER A 25 -20.62 -20.61 12.48
N SER A 26 -21.52 -20.77 11.52
CA SER A 26 -22.82 -20.10 11.57
C SER A 26 -23.91 -21.03 12.10
N PHE A 27 -23.63 -22.34 12.15
CA PHE A 27 -24.54 -23.29 12.78
C PHE A 27 -24.26 -23.44 14.26
N THR A 28 -25.29 -23.85 14.98
CA THR A 28 -25.25 -23.97 16.43
C THR A 28 -24.98 -25.40 16.91
N ASP A 29 -24.86 -26.36 15.99
CA ASP A 29 -24.64 -27.76 16.36
C ASP A 29 -23.44 -27.93 17.29
N ARG A 30 -22.33 -27.29 16.93
CA ARG A 30 -21.10 -27.40 17.71
C ARG A 30 -21.14 -26.60 19.00
N ARG A 31 -21.48 -25.31 18.92
CA ARG A 31 -21.49 -24.42 20.11
C ARG A 31 -22.38 -24.96 21.24
N VAL A 32 -23.44 -25.68 20.87
CA VAL A 32 -24.33 -26.30 21.83
C VAL A 32 -23.64 -27.44 22.53
N ALA A 33 -23.23 -28.43 21.74
CA ALA A 33 -22.68 -29.68 22.28
C ALA A 33 -21.51 -29.45 23.24
N ILE A 34 -20.69 -28.44 22.96
CA ILE A 34 -19.58 -28.07 23.86
C ILE A 34 -20.06 -27.51 25.19
N VAL A 35 -20.96 -26.53 25.18
CA VAL A 35 -21.39 -25.86 26.42
C VAL A 35 -22.28 -26.78 27.26
N ARG A 36 -23.12 -27.56 26.60
CA ARG A 36 -23.89 -28.58 27.31
C ARG A 36 -23.01 -29.53 28.12
N ALA A 37 -21.90 -29.96 27.54
CA ALA A 37 -20.93 -30.80 28.25
C ALA A 37 -20.23 -30.09 29.42
N VAL A 38 -20.24 -28.75 29.44
CA VAL A 38 -19.72 -27.98 30.57
C VAL A 38 -20.58 -28.22 31.79
N PHE A 39 -21.88 -27.93 31.68
CA PHE A 39 -22.80 -28.14 32.79
C PHE A 39 -22.98 -29.62 33.12
N ASP A 40 -23.11 -30.47 32.11
CA ASP A 40 -23.12 -31.93 32.29
C ASP A 40 -21.91 -32.41 33.13
N ASP A 41 -20.77 -31.75 32.99
CA ASP A 41 -19.60 -31.95 33.87
C ASP A 41 -19.72 -31.22 35.21
N LEU A 42 -20.39 -30.07 35.24
CA LEU A 42 -20.67 -29.35 36.50
C LEU A 42 -21.55 -30.14 37.47
N PHE A 43 -22.72 -30.57 37.00
CA PHE A 43 -23.72 -31.23 37.84
C PHE A 43 -23.24 -32.51 38.51
N LYS A 44 -22.29 -33.18 37.88
CA LYS A 44 -21.65 -34.35 38.46
C LYS A 44 -20.95 -34.06 39.81
N HIS A 45 -20.43 -32.84 40.01
CA HIS A 45 -19.81 -32.45 41.29
C HIS A 45 -20.64 -31.60 42.22
N TYR A 46 -21.74 -31.02 41.73
CA TYR A 46 -22.63 -30.24 42.59
C TYR A 46 -24.09 -30.54 42.25
N PRO A 47 -24.56 -31.76 42.60
CA PRO A 47 -25.92 -32.13 42.21
C PRO A 47 -26.99 -31.21 42.81
N THR A 48 -26.64 -30.51 43.90
CA THR A 48 -27.52 -29.54 44.54
C THR A 48 -27.97 -28.42 43.60
N SER A 49 -27.04 -27.90 42.79
CA SER A 49 -27.35 -26.89 41.78
C SER A 49 -28.44 -27.31 40.79
N LYS A 50 -28.42 -28.59 40.40
CA LYS A 50 -29.42 -29.16 39.50
C LYS A 50 -30.87 -28.94 39.98
N ALA A 51 -31.08 -28.82 41.29
CA ALA A 51 -32.37 -28.40 41.87
C ALA A 51 -32.83 -27.00 41.38
N LEU A 52 -31.87 -26.15 41.03
CA LEU A 52 -32.14 -24.91 40.31
C LEU A 52 -32.16 -25.20 38.80
N PHE A 53 -32.58 -24.21 38.00
CA PHE A 53 -32.74 -24.35 36.54
C PHE A 53 -33.99 -25.20 36.27
N GLU A 54 -34.93 -25.21 37.20
CA GLU A 54 -36.16 -25.97 37.01
C GLU A 54 -37.08 -25.22 36.05
N ARG A 55 -36.99 -23.88 36.05
CA ARG A 55 -37.73 -23.02 35.12
C ARG A 55 -37.59 -23.41 33.64
N VAL A 56 -36.41 -23.93 33.27
CA VAL A 56 -36.08 -24.26 31.88
C VAL A 56 -36.33 -25.72 31.48
N LYS A 57 -36.99 -26.49 32.35
CA LYS A 57 -37.17 -27.94 32.15
C LYS A 57 -35.83 -28.64 32.00
N ILE A 58 -34.99 -28.48 33.01
CA ILE A 58 -33.70 -29.17 33.09
C ILE A 58 -33.79 -30.70 32.96
N ASP A 59 -34.81 -31.28 33.59
CA ASP A 59 -34.93 -32.75 33.66
C ASP A 59 -34.97 -33.45 32.30
N GLU A 60 -35.37 -32.73 31.25
CA GLU A 60 -35.24 -33.23 29.88
C GLU A 60 -33.86 -32.85 29.30
N PRO A 61 -32.96 -33.83 29.10
CA PRO A 61 -31.64 -33.49 28.55
C PRO A 61 -31.74 -32.93 27.12
N GLU A 62 -32.60 -33.55 26.30
CA GLU A 62 -32.90 -33.04 24.96
C GLU A 62 -34.33 -32.57 24.97
N SER A 63 -34.50 -31.31 25.39
CA SER A 63 -35.79 -30.63 25.24
C SER A 63 -35.74 -29.67 24.06
N GLY A 64 -36.90 -29.37 23.50
CA GLY A 64 -37.06 -28.24 22.57
C GLY A 64 -36.85 -26.87 23.23
N GLU A 65 -36.79 -26.84 24.57
CA GLU A 65 -36.51 -25.63 25.33
C GLU A 65 -35.07 -25.52 25.82
N PHE A 66 -34.60 -26.52 26.58
CA PHE A 66 -33.29 -26.48 27.26
C PHE A 66 -32.15 -25.96 26.40
N LYS A 67 -32.08 -26.39 25.13
CA LYS A 67 -31.15 -25.81 24.16
C LYS A 67 -31.24 -24.30 24.10
N SER A 68 -32.46 -23.79 23.93
CA SER A 68 -32.69 -22.35 23.96
C SER A 68 -32.20 -21.67 25.24
N HIS A 69 -31.89 -22.43 26.29
CA HIS A 69 -31.09 -21.93 27.40
C HIS A 69 -29.61 -21.83 27.09
N LEU A 70 -28.98 -22.97 26.88
CA LEU A 70 -27.52 -23.02 26.68
C LEU A 70 -27.07 -22.13 25.56
N VAL A 71 -27.88 -22.04 24.49
CA VAL A 71 -27.56 -21.16 23.37
C VAL A 71 -27.34 -19.72 23.83
N ARG A 72 -28.22 -19.20 24.66
CA ARG A 72 -28.02 -17.85 25.20
C ARG A 72 -26.87 -17.73 26.18
N VAL A 73 -26.46 -18.84 26.80
CA VAL A 73 -25.26 -18.81 27.66
C VAL A 73 -24.02 -18.58 26.80
N ALA A 74 -23.87 -19.37 25.72
CA ALA A 74 -22.80 -19.17 24.78
C ALA A 74 -22.83 -17.75 24.26
N ASN A 75 -23.85 -17.37 23.47
CA ASN A 75 -23.88 -16.04 22.88
C ASN A 75 -23.63 -14.92 23.91
N GLY A 76 -23.98 -15.14 25.17
CA GLY A 76 -23.56 -14.25 26.26
C GLY A 76 -22.08 -14.35 26.61
N LEU A 77 -21.59 -15.58 26.73
CA LEU A 77 -20.18 -15.84 26.98
C LEU A 77 -19.28 -15.34 25.86
N LYS A 78 -19.61 -15.68 24.62
CA LYS A 78 -18.96 -15.14 23.41
C LYS A 78 -19.06 -13.62 23.32
N LEU A 79 -20.15 -13.04 23.79
CA LEU A 79 -20.22 -11.59 23.85
C LEU A 79 -19.13 -10.99 24.75
N LEU A 80 -18.77 -11.66 25.85
CA LEU A 80 -17.67 -11.17 26.69
C LEU A 80 -16.36 -11.08 25.93
N ILE A 81 -15.93 -12.22 25.38
CA ILE A 81 -14.65 -12.35 24.73
C ILE A 81 -14.41 -11.27 23.68
N ASN A 82 -15.35 -11.07 22.78
CA ASN A 82 -15.19 -10.07 21.72
C ASN A 82 -15.08 -8.63 22.18
N LEU A 83 -15.16 -8.41 23.48
CA LEU A 83 -14.84 -7.12 24.06
C LEU A 83 -13.42 -6.99 24.61
N LEU A 84 -12.66 -8.06 24.77
CA LEU A 84 -11.36 -7.95 25.46
C LEU A 84 -10.34 -7.00 24.78
N ASP A 85 -10.38 -6.84 23.44
CA ASP A 85 -9.53 -5.84 22.74
C ASP A 85 -10.02 -4.40 23.05
N ASP A 86 -11.27 -4.23 23.51
CA ASP A 86 -11.83 -2.92 23.95
C ASP A 86 -12.43 -2.95 25.35
N THR A 87 -11.69 -2.49 26.35
CA THR A 87 -12.19 -2.49 27.73
C THR A 87 -13.02 -1.24 27.97
N LEU A 88 -13.48 -1.07 29.21
CA LEU A 88 -14.34 0.05 29.62
C LEU A 88 -15.78 -0.13 29.09
N VAL A 89 -15.92 -0.84 27.98
CA VAL A 89 -17.20 -1.38 27.53
C VAL A 89 -17.41 -2.75 28.15
N LEU A 90 -16.37 -3.35 28.72
CA LEU A 90 -16.56 -4.61 29.43
C LEU A 90 -17.27 -4.34 30.74
N GLN A 91 -16.73 -3.45 31.58
CA GLN A 91 -17.29 -3.18 32.92
C GLN A 91 -18.79 -2.97 32.90
N SER A 92 -19.22 -2.06 32.03
CA SER A 92 -20.63 -1.79 31.83
C SER A 92 -21.40 -3.06 31.55
N HIS A 93 -21.00 -3.78 30.51
CA HIS A 93 -21.62 -5.07 30.18
C HIS A 93 -21.30 -6.16 31.21
N LEU A 94 -20.26 -6.01 31.99
CA LEU A 94 -19.99 -6.95 33.05
C LEU A 94 -20.97 -6.74 34.19
N GLY A 95 -21.08 -5.51 34.68
CA GLY A 95 -21.99 -5.16 35.78
C GLY A 95 -23.43 -5.54 35.49
N HIS A 96 -23.86 -5.32 34.24
CA HIS A 96 -25.18 -5.77 33.76
C HIS A 96 -25.38 -7.29 33.92
N LEU A 97 -24.48 -8.07 33.33
CA LEU A 97 -24.54 -9.52 33.39
C LEU A 97 -24.47 -10.05 34.84
N ALA A 98 -23.85 -9.29 35.74
CA ALA A 98 -23.86 -9.61 37.18
C ALA A 98 -25.26 -9.52 37.78
N ASP A 99 -25.92 -8.37 37.59
CA ASP A 99 -27.22 -8.12 38.20
C ASP A 99 -28.32 -9.10 37.74
N GLN A 100 -28.22 -9.59 36.51
CA GLN A 100 -29.15 -10.64 36.03
C GLN A 100 -29.02 -11.94 36.78
N HIS A 101 -27.93 -12.15 37.51
CA HIS A 101 -27.76 -13.32 38.39
C HIS A 101 -28.10 -13.13 39.86
N ILE A 102 -28.31 -11.89 40.33
CA ILE A 102 -28.76 -11.64 41.72
C ILE A 102 -30.29 -11.59 41.88
N GLN A 103 -31.03 -11.46 40.79
CA GLN A 103 -32.50 -11.35 40.84
C GLN A 103 -33.20 -12.67 41.14
N ARG A 104 -32.44 -13.78 41.20
CA ARG A 104 -33.00 -15.09 41.50
C ARG A 104 -32.43 -15.65 42.78
N LYS A 105 -32.96 -16.80 43.20
CA LYS A 105 -32.50 -17.45 44.42
C LYS A 105 -31.86 -18.78 44.09
N GLY A 106 -30.80 -19.12 44.84
CA GLY A 106 -30.07 -20.38 44.68
C GLY A 106 -28.77 -20.28 43.88
N VAL A 107 -28.25 -19.07 43.72
CA VAL A 107 -26.97 -18.84 43.04
C VAL A 107 -25.91 -18.51 44.10
N THR A 108 -25.07 -19.49 44.36
CA THR A 108 -24.08 -19.44 45.42
C THR A 108 -22.74 -18.99 44.84
N LYS A 109 -22.02 -18.15 45.59
CA LYS A 109 -20.68 -17.71 45.22
C LYS A 109 -19.73 -18.90 44.97
N GLU A 110 -19.93 -19.98 45.73
CA GLU A 110 -19.26 -21.28 45.51
C GLU A 110 -19.46 -21.94 44.13
N TYR A 111 -20.59 -21.68 43.46
CA TYR A 111 -20.87 -22.30 42.15
C TYR A 111 -19.99 -21.76 41.04
N PHE A 112 -19.78 -20.44 41.00
CA PHE A 112 -18.89 -19.87 40.00
C PHE A 112 -17.47 -20.42 40.03
N ARG A 113 -16.83 -20.36 41.18
CA ARG A 113 -15.49 -20.95 41.33
C ARG A 113 -15.43 -22.43 40.93
N GLY A 114 -16.58 -23.12 40.97
CA GLY A 114 -16.72 -24.47 40.42
C GLY A 114 -16.58 -24.57 38.91
N ILE A 115 -17.37 -23.79 38.16
CA ILE A 115 -17.33 -23.86 36.68
C ILE A 115 -16.01 -23.37 36.08
N GLY A 116 -15.31 -22.49 36.79
CA GLY A 116 -13.92 -22.15 36.46
C GLY A 116 -13.10 -23.39 36.18
N GLU A 117 -13.22 -24.39 37.05
CA GLU A 117 -12.66 -25.72 36.79
C GLU A 117 -13.38 -26.42 35.65
N ALA A 118 -14.72 -26.34 35.58
CA ALA A 118 -15.49 -27.08 34.56
C ALA A 118 -14.99 -26.96 33.11
N PHE A 119 -14.66 -25.75 32.67
CA PHE A 119 -13.96 -25.60 31.40
C PHE A 119 -12.60 -26.28 31.45
N ALA A 120 -11.76 -25.92 32.42
CA ALA A 120 -10.46 -26.60 32.60
C ALA A 120 -10.67 -28.12 32.75
N ARG A 121 -11.80 -28.49 33.31
CA ARG A 121 -12.11 -29.87 33.46
C ARG A 121 -12.19 -30.55 32.14
N VAL A 122 -13.05 -30.04 31.25
CA VAL A 122 -13.25 -30.61 29.91
C VAL A 122 -13.58 -29.59 28.83
N LEU A 123 -12.57 -28.85 28.45
CA LEU A 123 -12.65 -27.96 27.29
C LEU A 123 -11.53 -28.32 26.35
N PRO A 124 -10.45 -28.89 26.87
CA PRO A 124 -9.35 -29.32 26.05
C PRO A 124 -9.79 -30.40 25.15
N GLN A 125 -10.50 -31.35 25.69
CA GLN A 125 -10.83 -32.46 24.79
C GLN A 125 -11.41 -32.04 23.45
N VAL A 126 -11.94 -30.83 23.30
CA VAL A 126 -12.37 -30.35 21.97
C VAL A 126 -11.23 -29.85 21.08
N LEU A 127 -10.31 -29.08 21.66
CA LEU A 127 -9.17 -28.50 20.92
C LEU A 127 -7.94 -29.36 21.03
N SER A 128 -6.85 -28.93 20.40
CA SER A 128 -5.61 -29.68 20.42
C SER A 128 -4.55 -28.87 21.15
N CYS A 129 -4.10 -27.77 20.54
CA CYS A 129 -3.19 -26.86 21.21
C CYS A 129 -4.06 -26.06 22.15
N PHE A 130 -3.69 -26.08 23.42
CA PHE A 130 -4.44 -25.36 24.41
C PHE A 130 -3.55 -24.95 25.56
N ASN A 131 -3.76 -23.73 26.04
CA ASN A 131 -3.03 -23.21 27.17
C ASN A 131 -3.96 -23.22 28.38
N VAL A 132 -3.73 -24.14 29.31
CA VAL A 132 -4.53 -24.21 30.54
C VAL A 132 -4.25 -22.98 31.41
N ASP A 133 -2.97 -22.67 31.60
CA ASP A 133 -2.57 -21.55 32.46
C ASP A 133 -3.23 -20.23 32.05
N ALA A 134 -3.22 -19.90 30.77
CA ALA A 134 -3.80 -18.64 30.27
C ALA A 134 -5.31 -18.57 30.46
N TRP A 135 -6.02 -19.54 29.89
CA TRP A 135 -7.47 -19.60 29.99
C TRP A 135 -7.96 -19.58 31.44
N ASN A 136 -7.21 -20.23 32.33
CA ASN A 136 -7.56 -20.25 33.75
C ASN A 136 -7.32 -18.89 34.43
N ARG A 137 -6.27 -18.16 34.04
CA ARG A 137 -5.99 -16.87 34.68
C ARG A 137 -6.99 -15.80 34.30
N CYS A 138 -7.20 -15.57 32.99
CA CYS A 138 -8.12 -14.51 32.57
C CYS A 138 -9.59 -14.83 32.74
N PHE A 139 -9.92 -16.08 33.06
CA PHE A 139 -11.32 -16.43 33.30
C PHE A 139 -11.81 -16.06 34.70
N HIS A 140 -10.96 -16.22 35.73
CA HIS A 140 -11.33 -15.77 37.09
C HIS A 140 -11.69 -14.31 37.13
N ARG A 141 -10.80 -13.44 36.67
CA ARG A 141 -11.11 -12.00 36.69
C ARG A 141 -12.43 -11.65 35.96
N LEU A 142 -12.94 -12.52 35.09
CA LEU A 142 -14.33 -12.41 34.62
C LEU A 142 -15.32 -12.84 35.70
N VAL A 143 -15.15 -14.05 36.22
CA VAL A 143 -16.13 -14.64 37.16
C VAL A 143 -16.08 -14.04 38.58
N ALA A 144 -14.88 -13.83 39.11
CA ALA A 144 -14.70 -13.17 40.41
C ALA A 144 -15.22 -11.73 40.44
N ARG A 145 -15.53 -11.14 39.28
CA ARG A 145 -16.29 -9.89 39.19
C ARG A 145 -17.81 -10.05 39.01
N ILE A 146 -18.30 -11.29 38.87
CA ILE A 146 -19.75 -11.57 38.90
C ILE A 146 -20.22 -11.88 40.31
N ALA A 147 -19.45 -12.66 41.06
CA ALA A 147 -19.80 -13.03 42.44
C ALA A 147 -19.48 -11.99 43.53
N LYS A 148 -19.00 -10.80 43.14
CA LYS A 148 -18.64 -9.75 44.11
C LYS A 148 -19.78 -9.42 45.06
N ASP A 149 -20.87 -8.90 44.49
CA ASP A 149 -22.00 -8.40 45.26
C ASP A 149 -23.08 -9.46 45.52
N LEU A 150 -22.78 -10.72 45.21
CA LEU A 150 -23.74 -11.82 45.35
C LEU A 150 -23.35 -12.74 46.51
N PRO A 151 -24.35 -13.25 47.27
CA PRO A 151 -24.08 -14.33 48.22
C PRO A 151 -23.72 -15.70 47.63
N LYS B 1 -9.71 -48.63 23.31
CA LYS B 1 -9.53 -47.14 23.45
C LYS B 1 -10.88 -46.47 23.80
N LYS B 2 -10.90 -45.13 23.78
CA LYS B 2 -12.14 -44.37 23.97
C LYS B 2 -13.21 -44.75 22.95
N GLN B 3 -14.46 -44.74 23.40
CA GLN B 3 -15.59 -45.28 22.64
C GLN B 3 -16.18 -44.28 21.61
N CYS B 4 -15.30 -43.48 21.01
CA CYS B 4 -15.67 -42.31 20.23
C CYS B 4 -15.85 -41.04 21.08
N GLY B 5 -16.16 -41.19 22.37
CA GLY B 5 -16.10 -40.10 23.36
C GLY B 5 -16.74 -38.82 22.84
N VAL B 6 -18.06 -38.85 22.70
CA VAL B 6 -18.83 -37.93 21.81
C VAL B 6 -18.35 -36.48 21.68
N LEU B 7 -17.74 -35.94 22.75
CA LEU B 7 -16.96 -34.68 22.65
C LEU B 7 -15.77 -34.83 21.69
N GLU B 8 -14.84 -35.71 22.03
CA GLU B 8 -13.67 -36.04 21.20
C GLU B 8 -14.04 -36.40 19.75
N GLY B 9 -15.22 -36.97 19.54
CA GLY B 9 -15.74 -37.19 18.21
C GLY B 9 -15.62 -35.97 17.33
N LEU B 10 -15.99 -34.80 17.86
CA LEU B 10 -15.93 -33.54 17.09
C LEU B 10 -14.55 -32.87 17.10
N LYS B 11 -13.66 -33.31 17.99
CA LYS B 11 -12.27 -32.84 17.96
C LYS B 11 -11.67 -33.11 16.60
N VAL B 12 -11.58 -34.39 16.21
CA VAL B 12 -11.08 -34.77 14.88
C VAL B 12 -11.88 -34.18 13.75
N LYS B 13 -13.18 -34.03 13.95
CA LYS B 13 -14.02 -33.37 12.94
C LYS B 13 -13.50 -31.98 12.58
N SER B 14 -13.00 -31.24 13.57
CA SER B 14 -12.42 -29.92 13.31
C SER B 14 -11.04 -30.03 12.68
N GLU B 15 -10.15 -30.80 13.29
CA GLU B 15 -8.79 -30.99 12.78
C GLU B 15 -8.80 -31.43 11.33
N TRP B 16 -9.57 -32.47 11.01
CA TRP B 16 -9.68 -32.96 9.63
C TRP B 16 -9.97 -31.87 8.62
N GLY B 17 -10.88 -30.95 8.93
CA GLY B 17 -11.12 -29.79 8.07
C GLY B 17 -9.86 -28.98 7.73
N ARG B 18 -9.02 -28.74 8.73
CA ARG B 18 -7.76 -28.03 8.53
C ARG B 18 -6.76 -28.83 7.68
N ALA B 19 -6.71 -30.15 7.81
CA ALA B 19 -5.77 -30.98 7.05
C ALA B 19 -6.22 -31.19 5.60
N TYR B 20 -7.35 -31.85 5.42
CA TYR B 20 -7.95 -32.05 4.11
C TYR B 20 -8.40 -30.67 3.63
N GLY B 21 -7.69 -30.13 2.66
CA GLY B 21 -7.81 -28.73 2.27
C GLY B 21 -8.52 -28.55 0.96
N SER B 22 -8.48 -27.31 0.47
CA SER B 22 -8.97 -26.96 -0.85
C SER B 22 -7.79 -26.92 -1.81
N GLY B 23 -8.08 -26.78 -3.10
CA GLY B 23 -7.04 -26.71 -4.12
C GLY B 23 -6.43 -28.06 -4.44
N HIS B 24 -5.49 -28.02 -5.38
CA HIS B 24 -4.81 -29.22 -5.91
C HIS B 24 -3.84 -29.93 -4.96
N ASP B 25 -3.51 -29.32 -3.83
CA ASP B 25 -2.78 -30.04 -2.77
C ASP B 25 -3.49 -31.31 -2.31
N ARG B 26 -4.82 -31.32 -2.35
CA ARG B 26 -5.60 -32.51 -2.03
C ARG B 26 -5.16 -33.71 -2.87
N GLU B 27 -5.09 -33.53 -4.19
CA GLU B 27 -4.58 -34.56 -5.09
C GLU B 27 -3.20 -35.04 -4.66
N ALA B 28 -2.38 -34.11 -4.19
CA ALA B 28 -1.07 -34.46 -3.61
C ALA B 28 -1.18 -35.15 -2.26
N PHE B 29 -2.04 -34.63 -1.39
CA PHE B 29 -2.32 -35.26 -0.10
C PHE B 29 -2.78 -36.71 -0.23
N SER B 30 -3.46 -37.05 -1.32
CA SER B 30 -3.83 -38.44 -1.60
C SER B 30 -2.60 -39.31 -1.86
N GLN B 31 -1.79 -38.92 -2.85
CA GLN B 31 -0.58 -39.64 -3.23
C GLN B 31 0.23 -40.10 -2.06
N ALA B 32 0.33 -39.25 -1.03
CA ALA B 32 1.12 -39.56 0.17
C ALA B 32 0.64 -40.85 0.79
N ILE B 33 -0.65 -40.90 1.11
CA ILE B 33 -1.22 -42.04 1.79
C ILE B 33 -0.85 -43.33 1.08
N TRP B 34 -1.14 -43.42 -0.20
CA TRP B 34 -0.89 -44.68 -0.89
C TRP B 34 0.59 -45.01 -0.98
N ARG B 35 1.43 -44.06 -1.39
CA ARG B 35 2.87 -44.32 -1.45
C ARG B 35 3.40 -44.81 -0.12
N ALA B 36 2.81 -44.32 0.97
CA ALA B 36 3.11 -44.84 2.31
C ALA B 36 2.64 -46.26 2.49
N THR B 37 1.38 -46.53 2.20
CA THR B 37 0.82 -47.85 2.40
C THR B 37 1.60 -48.94 1.67
N PHE B 38 1.76 -48.81 0.37
CA PHE B 38 2.40 -49.87 -0.39
C PHE B 38 3.79 -50.22 0.07
N ALA B 39 4.54 -49.25 0.59
CA ALA B 39 5.84 -49.55 1.17
C ALA B 39 5.80 -50.45 2.43
N GLN B 40 4.68 -50.45 3.16
CA GLN B 40 4.48 -51.40 4.28
C GLN B 40 4.07 -52.81 3.83
N VAL B 41 3.27 -52.89 2.77
CA VAL B 41 2.72 -54.15 2.34
C VAL B 41 2.88 -54.32 0.82
N PRO B 42 4.07 -54.77 0.37
CA PRO B 42 4.34 -54.80 -1.07
C PRO B 42 3.28 -55.53 -1.92
N GLU B 43 2.77 -56.66 -1.43
CA GLU B 43 1.85 -57.51 -2.19
C GLU B 43 0.39 -57.06 -2.19
N SER B 44 0.06 -55.98 -1.48
CA SER B 44 -1.29 -55.41 -1.54
C SER B 44 -1.68 -54.77 -2.89
N ARG B 45 -0.71 -54.48 -3.74
CA ARG B 45 -0.99 -53.98 -5.08
C ARG B 45 -1.78 -54.92 -5.97
N SER B 46 -1.70 -56.23 -5.71
CA SER B 46 -2.47 -57.21 -6.47
C SER B 46 -3.98 -56.92 -6.50
N LEU B 47 -4.52 -56.37 -5.41
CA LEU B 47 -5.96 -56.08 -5.31
C LEU B 47 -6.44 -54.99 -6.23
N PHE B 48 -5.52 -54.20 -6.76
CA PHE B 48 -5.85 -53.07 -7.61
C PHE B 48 -5.61 -53.29 -9.10
N LYS B 49 -5.37 -54.52 -9.52
CA LYS B 49 -5.18 -54.83 -10.94
C LYS B 49 -6.27 -54.23 -11.84
N ARG B 50 -7.48 -54.09 -11.33
CA ARG B 50 -8.60 -53.49 -12.07
C ARG B 50 -8.49 -51.96 -12.31
N VAL B 51 -7.80 -51.26 -11.43
CA VAL B 51 -7.72 -49.78 -11.49
C VAL B 51 -6.39 -49.25 -12.08
N HIS B 52 -5.58 -50.13 -12.66
CA HIS B 52 -4.22 -49.81 -13.10
C HIS B 52 -3.33 -49.43 -11.91
N GLY B 53 -3.42 -50.19 -10.83
CA GLY B 53 -2.64 -49.91 -9.62
C GLY B 53 -1.18 -50.37 -9.64
N ASP B 54 -0.67 -50.81 -10.80
CA ASP B 54 0.75 -51.16 -10.92
C ASP B 54 1.62 -49.95 -10.56
N ASP B 55 1.47 -48.86 -11.33
CA ASP B 55 2.10 -47.56 -11.04
C ASP B 55 1.08 -46.59 -10.47
N THR B 56 1.49 -45.82 -9.48
CA THR B 56 0.56 -44.98 -8.71
C THR B 56 0.43 -43.55 -9.23
N SER B 57 1.25 -43.16 -10.20
CA SER B 57 1.16 -41.81 -10.72
C SER B 57 0.27 -41.73 -11.97
N HIS B 58 -0.22 -42.88 -12.47
CA HIS B 58 -1.09 -42.93 -13.65
C HIS B 58 -2.43 -42.23 -13.38
N PRO B 59 -2.95 -41.45 -14.35
CA PRO B 59 -4.18 -40.69 -14.11
C PRO B 59 -5.37 -41.50 -13.63
N ALA B 60 -5.61 -42.65 -14.25
CA ALA B 60 -6.74 -43.53 -13.84
C ALA B 60 -6.77 -43.85 -12.33
N PHE B 61 -5.58 -43.99 -11.72
CA PHE B 61 -5.46 -44.25 -10.26
C PHE B 61 -5.73 -43.02 -9.40
N ILE B 62 -5.31 -41.85 -9.85
CA ILE B 62 -5.50 -40.62 -9.09
C ILE B 62 -6.98 -40.45 -8.77
N ALA B 63 -7.82 -40.71 -9.77
CA ALA B 63 -9.26 -40.66 -9.61
C ALA B 63 -9.71 -41.60 -8.50
N HIS B 64 -9.20 -42.82 -8.53
CA HIS B 64 -9.51 -43.79 -7.50
C HIS B 64 -9.28 -43.29 -6.09
N ALA B 65 -8.15 -42.63 -5.86
CA ALA B 65 -7.77 -42.18 -4.52
C ALA B 65 -8.63 -41.05 -4.00
N ASP B 66 -9.11 -40.17 -4.87
CA ASP B 66 -9.98 -39.10 -4.40
C ASP B 66 -11.29 -39.64 -3.89
N ARG B 67 -11.91 -40.54 -4.63
CA ARG B 67 -13.10 -41.20 -4.13
C ARG B 67 -12.88 -41.79 -2.74
N VAL B 68 -11.71 -42.36 -2.50
CA VAL B 68 -11.36 -42.93 -1.21
C VAL B 68 -11.39 -41.89 -0.12
N LEU B 69 -10.70 -40.77 -0.33
CA LEU B 69 -10.76 -39.67 0.62
C LEU B 69 -12.14 -39.08 0.63
N GLY B 70 -12.64 -38.73 -0.55
CA GLY B 70 -14.03 -38.33 -0.73
C GLY B 70 -14.98 -39.17 0.10
N GLY B 71 -14.83 -40.49 0.05
CA GLY B 71 -15.65 -41.39 0.86
C GLY B 71 -15.41 -41.23 2.34
N LEU B 72 -14.14 -41.26 2.73
CA LEU B 72 -13.74 -41.09 4.12
C LEU B 72 -14.11 -39.72 4.70
N ASP B 73 -14.14 -38.67 3.87
CA ASP B 73 -14.63 -37.35 4.29
C ASP B 73 -16.06 -37.44 4.79
N ILE B 74 -16.91 -38.19 4.11
CA ILE B 74 -18.30 -38.38 4.53
C ILE B 74 -18.32 -38.98 5.93
N ALA B 75 -17.54 -40.03 6.18
CA ALA B 75 -17.46 -40.66 7.51
C ALA B 75 -17.17 -39.65 8.61
N ILE B 76 -15.98 -39.06 8.58
CA ILE B 76 -15.55 -38.12 9.62
C ILE B 76 -16.46 -36.90 9.69
N SER B 77 -17.06 -36.51 8.55
CA SER B 77 -18.00 -35.38 8.52
C SER B 77 -19.10 -35.54 9.57
N THR B 78 -19.68 -36.74 9.64
CA THR B 78 -20.79 -37.03 10.56
C THR B 78 -20.44 -38.12 11.56
N LEU B 79 -19.92 -37.72 12.72
CA LEU B 79 -19.94 -38.58 13.91
C LEU B 79 -20.95 -38.07 14.94
N ASP B 80 -21.66 -36.99 14.61
CA ASP B 80 -22.67 -36.41 15.50
C ASP B 80 -23.92 -37.31 15.60
N GLN B 81 -24.47 -37.70 14.45
CA GLN B 81 -25.70 -38.50 14.41
C GLN B 81 -25.31 -39.98 14.34
N PRO B 82 -25.50 -40.73 15.45
CA PRO B 82 -25.15 -42.15 15.40
C PRO B 82 -26.01 -42.99 14.43
N ALA B 83 -27.19 -42.47 14.07
CA ALA B 83 -28.05 -43.11 13.06
C ALA B 83 -27.45 -43.02 11.65
N THR B 84 -27.34 -41.80 11.13
CA THR B 84 -26.92 -41.59 9.72
C THR B 84 -25.56 -42.18 9.44
N LEU B 85 -24.65 -42.15 10.42
CA LEU B 85 -23.34 -42.77 10.29
C LEU B 85 -23.50 -44.25 9.98
N LYS B 86 -24.20 -44.96 10.87
CA LYS B 86 -24.40 -46.41 10.69
C LYS B 86 -25.07 -46.73 9.35
N GLU B 87 -25.94 -45.84 8.88
CA GLU B 87 -26.52 -45.98 7.55
C GLU B 87 -25.47 -45.81 6.45
N GLU B 88 -24.80 -44.65 6.44
CA GLU B 88 -23.78 -44.31 5.42
C GLU B 88 -22.62 -45.30 5.45
N LEU B 89 -22.12 -45.56 6.65
CA LEU B 89 -21.02 -46.51 6.83
C LEU B 89 -21.38 -47.90 6.30
N ASP B 90 -22.56 -48.42 6.67
CA ASP B 90 -23.02 -49.76 6.26
C ASP B 90 -22.94 -49.96 4.75
N HIS B 91 -23.18 -48.88 4.00
CA HIS B 91 -22.97 -48.90 2.55
C HIS B 91 -21.57 -49.38 2.15
N LEU B 92 -20.54 -48.86 2.81
CA LEU B 92 -19.15 -49.23 2.50
C LEU B 92 -18.89 -50.74 2.70
N GLN B 93 -19.60 -51.37 3.64
CA GLN B 93 -19.44 -52.81 3.89
C GLN B 93 -19.62 -53.59 2.60
N VAL B 94 -20.78 -53.44 1.95
CA VAL B 94 -21.07 -54.18 0.71
C VAL B 94 -20.10 -53.83 -0.45
N GLN B 95 -19.44 -52.68 -0.36
CA GLN B 95 -18.40 -52.32 -1.32
C GLN B 95 -17.19 -53.24 -1.27
N HIS B 96 -16.62 -53.38 -0.08
CA HIS B 96 -15.43 -54.21 0.09
C HIS B 96 -15.72 -55.69 0.20
N GLU B 97 -16.92 -56.05 0.68
CA GLU B 97 -17.27 -57.45 1.00
C GLU B 97 -17.06 -58.42 -0.16
N GLY B 98 -17.29 -57.96 -1.39
CA GLY B 98 -17.13 -58.79 -2.58
C GLY B 98 -15.71 -59.23 -2.96
N ARG B 99 -14.72 -58.96 -2.09
CA ARG B 99 -13.34 -59.41 -2.32
C ARG B 99 -12.61 -59.60 -1.00
N LYS B 100 -11.45 -60.25 -1.08
CA LYS B 100 -10.73 -60.72 0.11
C LYS B 100 -9.76 -59.68 0.64
N ILE B 101 -10.12 -59.04 1.75
CA ILE B 101 -9.24 -58.07 2.40
C ILE B 101 -8.86 -58.61 3.76
N PRO B 102 -7.59 -59.01 3.94
CA PRO B 102 -7.17 -59.45 5.29
C PRO B 102 -7.27 -58.32 6.32
N ASP B 103 -7.42 -58.68 7.60
CA ASP B 103 -7.44 -57.69 8.69
C ASP B 103 -6.07 -57.07 8.94
N ASN B 104 -5.02 -57.64 8.32
CA ASN B 104 -3.70 -57.06 8.39
C ASN B 104 -3.58 -55.74 7.63
N TYR B 105 -4.10 -55.69 6.39
CA TYR B 105 -3.94 -54.49 5.56
C TYR B 105 -4.52 -53.26 6.20
N PHE B 106 -5.84 -53.16 6.32
CA PHE B 106 -6.38 -51.88 6.80
C PHE B 106 -6.05 -51.57 8.27
N ASP B 107 -5.30 -52.44 8.93
CA ASP B 107 -4.50 -52.01 10.08
C ASP B 107 -3.31 -51.10 9.66
N ALA B 108 -2.65 -51.44 8.56
CA ALA B 108 -1.53 -50.64 8.06
C ALA B 108 -1.98 -49.32 7.43
N PHE B 109 -3.01 -49.36 6.60
CA PHE B 109 -3.64 -48.13 6.10
C PHE B 109 -4.11 -47.19 7.23
N LYS B 110 -4.41 -47.73 8.40
CA LYS B 110 -4.57 -46.89 9.59
C LYS B 110 -3.28 -46.15 9.95
N THR B 111 -2.18 -46.89 10.12
CA THR B 111 -0.84 -46.30 10.41
C THR B 111 -0.46 -45.26 9.35
N ALA B 112 -0.79 -45.52 8.08
CA ALA B 112 -0.48 -44.60 6.98
C ALA B 112 -1.14 -43.24 7.19
N ILE B 113 -2.45 -43.19 7.35
CA ILE B 113 -3.12 -41.89 7.54
C ILE B 113 -2.55 -41.10 8.69
N LEU B 114 -2.29 -41.73 9.83
CA LEU B 114 -1.73 -40.99 10.96
C LEU B 114 -0.50 -40.17 10.56
N HIS B 115 0.54 -40.83 10.08
CA HIS B 115 1.75 -40.13 9.74
C HIS B 115 1.50 -38.99 8.77
N VAL B 116 0.81 -39.27 7.69
CA VAL B 116 0.54 -38.23 6.71
C VAL B 116 -0.20 -37.05 7.30
N VAL B 117 -1.22 -37.30 8.11
CA VAL B 117 -1.94 -36.19 8.73
C VAL B 117 -0.99 -35.33 9.56
N ALA B 118 -0.18 -35.96 10.41
CA ALA B 118 0.73 -35.21 11.29
C ALA B 118 1.58 -34.21 10.51
N ALA B 119 2.21 -34.68 9.43
CA ALA B 119 3.00 -33.82 8.56
C ALA B 119 2.17 -32.68 7.96
N GLN B 120 1.11 -33.06 7.26
CA GLN B 120 0.22 -32.09 6.62
C GLN B 120 -0.38 -31.07 7.60
N LEU B 121 -0.53 -31.44 8.86
CA LEU B 121 -1.23 -30.61 9.84
C LEU B 121 -0.30 -29.74 10.66
N GLY B 122 -0.89 -28.76 11.33
CA GLY B 122 -0.15 -27.67 11.98
C GLY B 122 0.56 -27.93 13.30
N ARG B 123 1.30 -29.04 13.38
CA ARG B 123 2.17 -29.34 14.53
C ARG B 123 1.47 -29.76 15.80
N CYS B 124 0.13 -29.73 15.83
CA CYS B 124 -0.63 -30.03 17.02
C CYS B 124 -1.90 -30.84 16.74
N TYR B 125 -1.99 -32.01 17.36
CA TYR B 125 -3.14 -32.90 17.29
C TYR B 125 -2.90 -34.00 18.34
N ASP B 126 -3.96 -34.69 18.77
CA ASP B 126 -3.85 -35.75 19.79
C ASP B 126 -4.02 -37.13 19.17
N ARG B 127 -2.95 -37.92 19.14
CA ARG B 127 -2.97 -39.22 18.48
C ARG B 127 -4.06 -40.11 19.01
N GLU B 128 -4.05 -40.34 20.33
CA GLU B 128 -5.02 -41.23 20.95
C GLU B 128 -6.48 -40.84 20.66
N ALA B 129 -6.75 -39.55 20.45
CA ALA B 129 -8.05 -39.10 19.96
C ALA B 129 -8.33 -39.63 18.54
N TRP B 130 -7.45 -39.34 17.58
CA TRP B 130 -7.57 -39.87 16.20
C TRP B 130 -7.60 -41.38 16.13
N ASP B 131 -6.67 -42.03 16.84
CA ASP B 131 -6.55 -43.49 16.90
C ASP B 131 -7.90 -44.17 17.10
N ALA B 132 -8.72 -43.65 18.01
CA ALA B 132 -10.04 -44.21 18.30
C ALA B 132 -10.99 -44.07 17.12
N CYS B 133 -11.18 -42.84 16.64
CA CYS B 133 -12.25 -42.53 15.68
C CYS B 133 -12.17 -43.26 14.37
N ILE B 134 -11.03 -43.17 13.70
CA ILE B 134 -10.86 -43.92 12.45
C ILE B 134 -10.90 -45.44 12.68
N ASP B 135 -10.45 -45.90 13.85
CA ASP B 135 -10.55 -47.33 14.20
C ASP B 135 -12.02 -47.79 14.34
N HIS B 136 -12.89 -46.91 14.86
CA HIS B 136 -14.34 -47.11 14.82
C HIS B 136 -14.86 -47.31 13.40
N ILE B 137 -14.40 -46.46 12.48
CA ILE B 137 -14.70 -46.63 11.05
C ILE B 137 -14.13 -47.94 10.50
N GLU B 138 -12.90 -48.30 10.87
CA GLU B 138 -12.32 -49.59 10.46
C GLU B 138 -13.16 -50.81 10.92
N ASP B 139 -13.60 -50.80 12.18
CA ASP B 139 -14.55 -51.81 12.68
C ASP B 139 -15.85 -51.84 11.85
N GLY B 140 -16.25 -50.67 11.35
CA GLY B 140 -17.34 -50.57 10.41
C GLY B 140 -17.22 -51.36 9.11
N ILE B 141 -16.22 -51.03 8.29
CA ILE B 141 -16.10 -51.62 6.95
C ILE B 141 -15.77 -53.11 7.01
N LYS B 142 -14.96 -53.52 7.98
CA LYS B 142 -14.68 -54.93 8.22
C LYS B 142 -15.99 -55.76 8.35
N GLY B 143 -17.07 -55.12 8.79
CA GLY B 143 -18.42 -55.73 8.79
C GLY B 143 -18.82 -56.27 10.14
N HIS B 144 -17.83 -56.71 10.91
CA HIS B 144 -18.04 -57.21 12.26
C HIS B 144 -16.90 -56.71 13.15
N HIS B 145 -17.21 -56.44 14.41
CA HIS B 145 -16.20 -56.14 15.44
C HIS B 145 -14.95 -57.05 15.35
N HIS C 3 -8.34 -31.19 -29.09
CA HIS C 3 -8.47 -29.70 -29.00
C HIS C 3 -9.90 -29.31 -28.56
N GLU C 4 -10.05 -28.85 -27.32
CA GLU C 4 -11.29 -28.22 -26.90
C GLU C 4 -10.98 -26.78 -26.52
N HIS C 5 -11.74 -25.89 -27.11
CA HIS C 5 -11.87 -24.51 -26.64
C HIS C 5 -12.74 -24.42 -25.36
N CYS C 6 -13.90 -25.08 -25.39
CA CYS C 6 -14.85 -25.10 -24.26
C CYS C 6 -14.22 -25.53 -22.94
N CYS C 7 -14.64 -24.89 -21.85
CA CYS C 7 -14.07 -25.13 -20.52
C CYS C 7 -12.55 -24.84 -20.50
N SER C 8 -12.19 -23.61 -20.88
CA SER C 8 -10.79 -23.16 -20.90
C SER C 8 -10.22 -23.06 -19.49
N GLU C 9 -8.90 -23.02 -19.39
CA GLU C 9 -8.21 -23.08 -18.09
C GLU C 9 -8.65 -21.99 -17.12
N GLU C 10 -8.62 -20.74 -17.56
CA GLU C 10 -8.90 -19.62 -16.67
C GLU C 10 -10.27 -19.65 -15.98
N ASP C 11 -11.27 -20.28 -16.61
CA ASP C 11 -12.63 -20.30 -16.06
C ASP C 11 -12.76 -21.08 -14.75
N HIS C 12 -12.29 -22.34 -14.73
CA HIS C 12 -12.49 -23.22 -13.59
C HIS C 12 -11.74 -22.75 -12.34
N ARG C 13 -10.70 -21.94 -12.52
CA ARG C 13 -10.11 -21.23 -11.40
C ARG C 13 -11.14 -20.33 -10.72
N ILE C 14 -11.98 -19.64 -11.50
CA ILE C 14 -13.08 -18.85 -10.94
C ILE C 14 -14.06 -19.75 -10.22
N VAL C 15 -14.44 -20.84 -10.87
CA VAL C 15 -15.38 -21.79 -10.29
C VAL C 15 -14.89 -22.23 -8.92
N GLN C 16 -13.71 -22.85 -8.85
CA GLN C 16 -13.21 -23.40 -7.59
C GLN C 16 -13.19 -22.37 -6.47
N LYS C 17 -12.86 -21.13 -6.80
CA LYS C 17 -12.84 -20.05 -5.81
C LYS C 17 -14.22 -19.77 -5.27
N GLN C 18 -15.20 -19.63 -6.17
CA GLN C 18 -16.61 -19.36 -5.79
C GLN C 18 -17.23 -20.56 -5.09
N TRP C 19 -17.08 -21.72 -5.69
CA TRP C 19 -17.54 -22.97 -5.07
C TRP C 19 -16.96 -23.23 -3.68
N ASP C 20 -15.80 -22.69 -3.38
CA ASP C 20 -15.20 -22.84 -2.04
C ASP C 20 -15.74 -21.86 -0.99
N ILE C 21 -16.51 -20.85 -1.39
CA ILE C 21 -17.04 -19.87 -0.45
C ILE C 21 -18.06 -20.50 0.48
N LEU C 22 -18.75 -21.54 0.02
CA LEU C 22 -19.71 -22.27 0.85
C LEU C 22 -19.05 -22.99 2.03
N TRP C 23 -17.99 -23.73 1.76
CA TRP C 23 -17.32 -24.55 2.76
C TRP C 23 -16.29 -23.83 3.63
N ARG C 24 -16.21 -22.49 3.52
CA ARG C 24 -15.38 -21.68 4.44
C ARG C 24 -15.78 -21.94 5.89
N ASP C 25 -17.08 -22.14 6.11
CA ASP C 25 -17.61 -22.54 7.40
C ASP C 25 -17.19 -23.97 7.75
N THR C 26 -16.91 -24.20 9.04
CA THR C 26 -16.65 -25.52 9.59
C THR C 26 -17.99 -26.29 9.75
N GLU C 27 -17.88 -27.51 10.31
CA GLU C 27 -18.80 -28.61 10.12
C GLU C 27 -19.07 -28.70 8.63
N SER C 28 -20.19 -28.12 8.24
CA SER C 28 -20.73 -28.05 6.89
C SER C 28 -21.46 -29.32 6.46
N SER C 29 -21.44 -30.37 7.27
CA SER C 29 -22.20 -31.56 6.99
C SER C 29 -23.67 -31.20 6.81
N LYS C 30 -24.21 -30.44 7.77
CA LYS C 30 -25.61 -30.03 7.72
C LYS C 30 -25.93 -29.14 6.51
N ILE C 31 -24.98 -28.31 6.08
CA ILE C 31 -25.19 -27.49 4.88
C ILE C 31 -25.57 -28.39 3.72
N LYS C 32 -24.63 -29.23 3.30
CA LYS C 32 -24.80 -29.97 2.07
C LYS C 32 -25.77 -31.16 2.20
N ILE C 33 -26.13 -31.56 3.42
CA ILE C 33 -27.29 -32.45 3.58
C ILE C 33 -28.51 -31.67 3.13
N GLY C 34 -28.76 -30.52 3.75
CA GLY C 34 -29.91 -29.67 3.42
C GLY C 34 -29.92 -29.19 1.99
N PHE C 35 -28.82 -28.58 1.55
CA PHE C 35 -28.67 -28.13 0.17
C PHE C 35 -28.79 -29.29 -0.84
N GLY C 36 -28.47 -30.51 -0.42
CA GLY C 36 -28.69 -31.72 -1.23
C GLY C 36 -30.11 -32.27 -1.17
N ARG C 37 -30.75 -32.14 -0.01
CA ARG C 37 -32.13 -32.59 0.19
C ARG C 37 -33.09 -31.84 -0.70
N LEU C 38 -32.82 -30.56 -0.96
CA LEU C 38 -33.67 -29.79 -1.86
C LEU C 38 -33.53 -30.22 -3.32
N LEU C 39 -32.33 -30.53 -3.78
CA LEU C 39 -32.11 -30.84 -5.21
C LEU C 39 -32.84 -32.06 -5.72
N LEU C 40 -33.00 -33.08 -4.88
CA LEU C 40 -33.71 -34.28 -5.29
C LEU C 40 -35.23 -34.15 -5.23
N THR C 41 -35.76 -33.53 -4.19
CA THR C 41 -37.21 -33.31 -4.07
C THR C 41 -37.72 -32.39 -5.18
N LYS C 42 -37.07 -31.22 -5.33
CA LYS C 42 -37.38 -30.28 -6.41
C LYS C 42 -37.26 -30.90 -7.81
N LEU C 43 -36.51 -31.99 -7.95
CA LEU C 43 -36.55 -32.79 -9.17
C LEU C 43 -37.85 -33.58 -9.32
N ALA C 44 -38.30 -34.27 -8.27
CA ALA C 44 -39.52 -35.10 -8.32
C ALA C 44 -40.81 -34.33 -8.69
N LYS C 45 -40.91 -33.07 -8.27
CA LYS C 45 -42.07 -32.22 -8.58
C LYS C 45 -42.10 -31.66 -10.01
N ASP C 46 -41.08 -31.95 -10.83
CA ASP C 46 -41.09 -31.64 -12.27
C ASP C 46 -41.37 -32.90 -13.09
N ILE C 47 -40.46 -33.87 -13.00
CA ILE C 47 -40.70 -35.19 -13.59
C ILE C 47 -41.13 -36.13 -12.46
N PRO C 48 -42.42 -36.54 -12.44
CA PRO C 48 -42.86 -37.46 -11.39
C PRO C 48 -42.35 -38.90 -11.56
N GLU C 49 -42.00 -39.29 -12.80
CA GLU C 49 -41.55 -40.64 -13.11
C GLU C 49 -40.39 -41.15 -12.24
N VAL C 50 -39.40 -40.28 -12.04
CA VAL C 50 -38.16 -40.63 -11.31
C VAL C 50 -38.37 -41.02 -9.84
N ASN C 51 -39.48 -40.58 -9.25
CA ASN C 51 -39.85 -40.96 -7.88
C ASN C 51 -39.72 -42.46 -7.61
N ASP C 52 -40.12 -43.28 -8.58
CA ASP C 52 -39.97 -44.74 -8.46
C ASP C 52 -38.52 -45.20 -8.26
N LEU C 53 -37.57 -44.50 -8.89
CA LEU C 53 -36.17 -44.93 -8.89
C LEU C 53 -35.53 -44.94 -7.51
N PHE C 54 -35.94 -44.00 -6.65
CA PHE C 54 -35.33 -43.86 -5.32
C PHE C 54 -35.95 -44.74 -4.22
N LYS C 55 -36.79 -45.71 -4.59
CA LYS C 55 -37.40 -46.60 -3.61
C LYS C 55 -36.38 -47.27 -2.69
N ARG C 56 -35.23 -47.71 -3.25
CA ARG C 56 -34.22 -48.40 -2.46
C ARG C 56 -33.64 -47.59 -1.30
N VAL C 57 -33.56 -46.27 -1.48
CA VAL C 57 -33.08 -45.36 -0.44
C VAL C 57 -34.20 -44.76 0.43
N ASP C 58 -35.45 -45.09 0.11
CA ASP C 58 -36.61 -44.62 0.86
C ASP C 58 -36.74 -43.10 0.80
N ILE C 59 -36.89 -42.57 -0.42
CA ILE C 59 -37.08 -41.12 -0.65
C ILE C 59 -38.33 -40.56 0.04
N GLU C 60 -39.32 -41.41 0.33
CA GLU C 60 -40.56 -40.99 1.00
C GLU C 60 -40.33 -40.23 2.31
N HIS C 61 -39.22 -40.50 2.99
CA HIS C 61 -38.81 -39.74 4.18
C HIS C 61 -37.76 -38.70 3.78
N ALA C 62 -38.16 -37.42 3.77
CA ALA C 62 -37.27 -36.31 3.39
C ALA C 62 -36.14 -36.14 4.39
N GLU C 63 -36.50 -35.98 5.66
CA GLU C 63 -35.53 -35.91 6.77
C GLU C 63 -35.02 -37.30 7.23
N GLY C 64 -35.58 -38.38 6.67
CA GLY C 64 -35.20 -39.75 7.02
C GLY C 64 -33.70 -40.00 6.93
N PRO C 65 -33.11 -40.64 7.95
CA PRO C 65 -31.66 -40.90 7.95
C PRO C 65 -31.17 -41.69 6.75
N LYS C 66 -31.87 -42.77 6.40
CA LYS C 66 -31.43 -43.62 5.30
C LYS C 66 -31.27 -42.88 3.95
N PHE C 67 -32.12 -41.89 3.69
CA PHE C 67 -32.02 -41.05 2.49
C PHE C 67 -31.01 -39.93 2.64
N SER C 68 -30.96 -39.31 3.82
CA SER C 68 -30.03 -38.20 4.09
C SER C 68 -28.59 -38.56 3.71
N ALA C 69 -28.11 -39.71 4.18
CA ALA C 69 -26.78 -40.23 3.85
C ALA C 69 -26.54 -40.41 2.34
N HIS C 70 -27.60 -40.60 1.56
CA HIS C 70 -27.50 -40.55 0.11
C HIS C 70 -27.30 -39.13 -0.45
N ALA C 71 -27.93 -38.13 0.14
CA ALA C 71 -27.78 -36.74 -0.30
C ALA C 71 -26.34 -36.22 -0.19
N LEU C 72 -25.63 -36.62 0.87
CA LEU C 72 -24.22 -36.28 0.99
C LEU C 72 -23.46 -36.81 -0.18
N ARG C 73 -23.53 -38.11 -0.41
CA ARG C 73 -22.68 -38.72 -1.44
C ARG C 73 -22.92 -38.22 -2.86
N ILE C 74 -24.06 -37.59 -3.16
CA ILE C 74 -24.19 -36.92 -4.46
C ILE C 74 -23.41 -35.60 -4.53
N LEU C 75 -23.50 -34.73 -3.54
CA LEU C 75 -22.74 -33.47 -3.56
C LEU C 75 -21.27 -33.71 -3.39
N ASN C 76 -20.92 -34.57 -2.45
CA ASN C 76 -19.56 -34.98 -2.26
C ASN C 76 -18.95 -35.57 -3.55
N GLY C 77 -19.68 -36.44 -4.22
CA GLY C 77 -19.28 -36.94 -5.55
C GLY C 77 -19.14 -35.85 -6.59
N LEU C 78 -20.04 -34.86 -6.57
CA LEU C 78 -19.91 -33.66 -7.40
C LEU C 78 -18.72 -32.81 -7.01
N ASP C 79 -18.44 -32.71 -5.72
CA ASP C 79 -17.36 -31.88 -5.22
C ASP C 79 -16.02 -32.32 -5.76
N LEU C 80 -15.68 -33.61 -5.58
CA LEU C 80 -14.39 -34.09 -6.10
C LEU C 80 -14.24 -33.84 -7.58
N ALA C 81 -15.36 -33.84 -8.32
CA ALA C 81 -15.34 -33.47 -9.74
C ALA C 81 -14.86 -32.05 -9.99
N ILE C 82 -15.37 -31.09 -9.22
CA ILE C 82 -14.98 -29.70 -9.39
C ILE C 82 -13.54 -29.46 -8.96
N ASN C 83 -13.15 -29.94 -7.77
CA ASN C 83 -11.76 -29.78 -7.31
C ASN C 83 -10.73 -30.53 -8.14
N LEU C 84 -11.17 -31.43 -9.00
CA LEU C 84 -10.27 -32.09 -9.90
C LEU C 84 -10.31 -31.51 -11.33
N LEU C 85 -10.98 -30.39 -11.58
CA LEU C 85 -11.13 -29.86 -12.96
C LEU C 85 -9.80 -29.66 -13.67
N ASP C 86 -8.86 -29.03 -12.96
CA ASP C 86 -7.45 -28.98 -13.40
C ASP C 86 -6.82 -30.37 -13.44
N ASP C 87 -5.83 -30.54 -14.31
CA ASP C 87 -5.27 -31.87 -14.66
C ASP C 87 -6.38 -32.74 -15.30
N PRO C 88 -6.86 -32.34 -16.52
CA PRO C 88 -7.98 -33.03 -17.17
C PRO C 88 -7.92 -34.56 -17.29
N PRO C 89 -6.78 -35.15 -17.73
CA PRO C 89 -6.82 -36.58 -18.04
C PRO C 89 -7.32 -37.47 -16.89
N ALA C 90 -7.16 -37.02 -15.64
CA ALA C 90 -7.77 -37.69 -14.48
C ALA C 90 -9.28 -37.56 -14.46
N LEU C 91 -9.80 -36.36 -14.66
CA LEU C 91 -11.24 -36.10 -14.61
C LEU C 91 -12.05 -36.99 -15.54
N ASP C 92 -11.57 -37.20 -16.76
CA ASP C 92 -12.22 -38.10 -17.69
C ASP C 92 -12.43 -39.48 -17.06
N ALA C 93 -11.37 -40.06 -16.51
CA ALA C 93 -11.47 -41.31 -15.76
C ALA C 93 -12.40 -41.21 -14.55
N ALA C 94 -12.36 -40.10 -13.83
CA ALA C 94 -13.22 -39.88 -12.66
C ALA C 94 -14.70 -39.95 -12.98
N LEU C 95 -15.11 -39.20 -14.00
CA LEU C 95 -16.52 -39.19 -14.43
C LEU C 95 -16.91 -40.49 -15.10
N ASP C 96 -16.03 -41.04 -15.94
CA ASP C 96 -16.27 -42.37 -16.55
C ASP C 96 -16.74 -43.41 -15.55
N HIS C 97 -16.15 -43.40 -14.35
CA HIS C 97 -16.57 -44.30 -13.30
C HIS C 97 -17.95 -43.98 -12.71
N LEU C 98 -18.41 -42.73 -12.78
CA LEU C 98 -19.78 -42.39 -12.39
C LEU C 98 -20.83 -42.84 -13.40
N ALA C 99 -20.55 -42.63 -14.69
CA ALA C 99 -21.48 -43.07 -15.72
C ALA C 99 -21.78 -44.56 -15.56
N HIS C 100 -20.72 -45.38 -15.58
CA HIS C 100 -20.85 -46.82 -15.36
C HIS C 100 -21.60 -47.14 -14.07
N GLN C 101 -21.43 -46.33 -13.04
CA GLN C 101 -22.21 -46.48 -11.81
C GLN C 101 -23.70 -46.24 -12.00
N HIS C 102 -24.07 -45.28 -12.86
CA HIS C 102 -25.47 -45.07 -13.27
C HIS C 102 -26.00 -46.03 -14.33
N GLU C 103 -25.09 -46.79 -14.97
CA GLU C 103 -25.47 -47.69 -16.05
C GLU C 103 -26.25 -48.91 -15.57
N VAL C 104 -25.69 -49.63 -14.60
CA VAL C 104 -26.33 -50.83 -14.05
C VAL C 104 -27.69 -50.55 -13.42
N ARG C 105 -27.90 -49.32 -12.96
CA ARG C 105 -29.22 -48.87 -12.56
C ARG C 105 -30.09 -48.66 -13.79
N GLU C 106 -31.31 -49.20 -13.72
CA GLU C 106 -32.23 -49.22 -14.85
C GLU C 106 -33.33 -48.18 -14.63
N GLY C 107 -33.82 -47.61 -15.73
CA GLY C 107 -34.90 -46.62 -15.70
C GLY C 107 -34.39 -45.20 -15.54
N VAL C 108 -33.14 -44.95 -15.93
CA VAL C 108 -32.53 -43.62 -15.86
C VAL C 108 -32.45 -43.05 -17.27
N GLN C 109 -33.30 -42.07 -17.55
CA GLN C 109 -33.49 -41.53 -18.89
C GLN C 109 -32.65 -40.27 -19.08
N LYS C 110 -31.94 -40.24 -20.20
CA LYS C 110 -31.00 -39.15 -20.53
C LYS C 110 -31.60 -37.76 -20.42
N ALA C 111 -32.86 -37.60 -20.80
CA ALA C 111 -33.55 -36.31 -20.70
C ALA C 111 -33.69 -35.76 -19.27
N HIS C 112 -33.56 -36.62 -18.25
CA HIS C 112 -33.63 -36.18 -16.84
C HIS C 112 -32.58 -35.13 -16.51
N PHE C 113 -31.32 -35.44 -16.85
CA PHE C 113 -30.21 -34.56 -16.56
C PHE C 113 -30.41 -33.16 -17.16
N LYS C 114 -30.92 -33.11 -18.38
CA LYS C 114 -31.25 -31.84 -19.04
C LYS C 114 -32.08 -30.92 -18.16
N LYS C 115 -33.04 -31.50 -17.43
CA LYS C 115 -33.76 -30.75 -16.38
C LYS C 115 -32.84 -30.45 -15.22
N PHE C 116 -32.23 -31.49 -14.65
CA PHE C 116 -31.37 -31.34 -13.46
C PHE C 116 -30.32 -30.22 -13.58
N GLY C 117 -29.84 -30.00 -14.81
CA GLY C 117 -29.01 -28.84 -15.12
C GLY C 117 -29.77 -27.54 -14.99
N GLU C 118 -30.93 -27.45 -15.64
CA GLU C 118 -31.79 -26.25 -15.59
C GLU C 118 -32.25 -25.88 -14.17
N ILE C 119 -32.53 -26.88 -13.33
CA ILE C 119 -32.78 -26.64 -11.91
C ILE C 119 -31.55 -26.00 -11.30
N LEU C 120 -30.41 -26.68 -11.40
CA LEU C 120 -29.17 -26.23 -10.77
C LEU C 120 -28.62 -24.93 -11.35
N ALA C 121 -28.69 -24.77 -12.67
CA ALA C 121 -28.24 -23.54 -13.35
C ALA C 121 -28.99 -22.30 -12.87
N THR C 122 -30.29 -22.43 -12.64
CA THR C 122 -31.10 -21.34 -12.04
C THR C 122 -31.27 -21.49 -10.52
N GLY C 123 -30.94 -22.65 -9.97
CA GLY C 123 -30.96 -22.87 -8.52
C GLY C 123 -29.77 -22.26 -7.81
N LEU C 124 -28.59 -22.40 -8.42
CA LEU C 124 -27.34 -21.91 -7.83
C LEU C 124 -27.31 -20.42 -7.52
N PRO C 125 -27.73 -19.55 -8.45
CA PRO C 125 -27.65 -18.09 -8.21
C PRO C 125 -28.30 -17.56 -6.94
N GLN C 126 -29.18 -18.34 -6.32
CA GLN C 126 -29.74 -17.95 -5.03
C GLN C 126 -28.73 -18.12 -3.88
N VAL C 127 -27.89 -19.15 -3.92
CA VAL C 127 -27.07 -19.54 -2.76
C VAL C 127 -25.65 -18.97 -2.70
N LEU C 128 -25.25 -18.17 -3.69
CA LEU C 128 -23.89 -17.62 -3.73
C LEU C 128 -23.89 -16.12 -3.68
N ASP C 129 -22.75 -15.56 -3.26
CA ASP C 129 -22.58 -14.12 -3.17
C ASP C 129 -22.51 -13.53 -4.57
N ASP C 130 -21.43 -13.82 -5.28
CA ASP C 130 -21.23 -13.37 -6.66
C ASP C 130 -20.90 -14.58 -7.50
N TYR C 131 -21.07 -14.46 -8.81
CA TYR C 131 -20.52 -15.43 -9.75
C TYR C 131 -20.80 -15.02 -11.19
N ASP C 132 -19.98 -15.51 -12.10
CA ASP C 132 -20.21 -15.33 -13.55
C ASP C 132 -20.92 -16.55 -14.12
N ALA C 133 -22.21 -16.39 -14.42
CA ALA C 133 -23.04 -17.46 -14.96
C ALA C 133 -22.47 -18.08 -16.20
N LEU C 134 -21.75 -17.30 -17.00
CA LEU C 134 -21.17 -17.81 -18.21
C LEU C 134 -20.14 -18.90 -17.91
N ALA C 135 -19.34 -18.70 -16.87
CA ALA C 135 -18.34 -19.70 -16.47
C ALA C 135 -18.97 -21.02 -16.05
N TRP C 136 -19.83 -20.97 -15.03
CA TRP C 136 -20.53 -22.17 -14.54
C TRP C 136 -21.25 -22.92 -15.63
N LYS C 137 -21.88 -22.18 -16.54
CA LYS C 137 -22.56 -22.78 -17.68
C LYS C 137 -21.62 -23.68 -18.46
N SER C 138 -20.38 -23.23 -18.68
CA SER C 138 -19.42 -24.03 -19.44
C SER C 138 -19.04 -25.31 -18.73
N CYS C 139 -18.68 -25.22 -17.45
CA CYS C 139 -18.21 -26.37 -16.70
C CYS C 139 -19.27 -27.41 -16.46
N LEU C 140 -20.46 -27.01 -16.01
CA LEU C 140 -21.54 -27.98 -15.77
C LEU C 140 -22.03 -28.71 -17.02
N LYS C 141 -21.92 -28.09 -18.19
CA LYS C 141 -22.07 -28.85 -19.45
C LYS C 141 -21.02 -29.94 -19.56
N GLY C 142 -19.82 -29.69 -19.06
CA GLY C 142 -18.76 -30.69 -19.01
C GLY C 142 -19.06 -31.87 -18.12
N ILE C 143 -19.48 -31.61 -16.88
CA ILE C 143 -19.76 -32.67 -15.92
C ILE C 143 -20.96 -33.48 -16.40
N LEU C 144 -22.08 -32.81 -16.61
CA LEU C 144 -23.34 -33.51 -16.90
C LEU C 144 -23.28 -34.28 -18.19
N THR C 145 -22.95 -33.62 -19.30
CA THR C 145 -22.92 -34.28 -20.63
C THR C 145 -22.05 -35.52 -20.66
N LYS C 146 -20.93 -35.52 -19.93
CA LYS C 146 -20.04 -36.68 -19.90
C LYS C 146 -20.61 -37.83 -19.08
N ILE C 147 -21.27 -37.51 -17.97
CA ILE C 147 -22.17 -38.48 -17.32
C ILE C 147 -23.30 -38.77 -18.30
N SER C 148 -23.87 -39.97 -18.24
CA SER C 148 -24.98 -40.35 -19.12
C SER C 148 -24.50 -40.79 -20.51
N SER C 149 -23.23 -40.52 -20.84
CA SER C 149 -22.65 -41.01 -22.07
C SER C 149 -22.68 -42.53 -22.15
N ARG C 150 -22.88 -43.22 -21.02
CA ARG C 150 -23.14 -44.65 -21.03
C ARG C 150 -24.61 -45.06 -21.22
N LEU C 151 -25.56 -44.14 -21.12
CA LEU C 151 -27.00 -44.51 -21.14
C LEU C 151 -27.65 -44.87 -22.48
N GLU D 1 -42.33 -15.55 2.07
CA GLU D 1 -41.64 -16.67 1.35
C GLU D 1 -40.19 -16.83 1.80
N CYS D 2 -39.98 -17.68 2.81
CA CYS D 2 -38.64 -17.99 3.33
C CYS D 2 -38.53 -19.51 3.41
N LEU D 3 -37.40 -20.04 2.92
CA LEU D 3 -37.26 -21.44 2.57
C LEU D 3 -35.90 -21.94 3.01
N VAL D 4 -35.57 -23.19 2.69
CA VAL D 4 -34.29 -23.77 3.08
C VAL D 4 -33.09 -23.02 2.41
N THR D 5 -33.14 -22.79 1.11
CA THR D 5 -32.01 -22.13 0.40
C THR D 5 -31.94 -20.64 0.73
N GLU D 6 -33.00 -19.91 0.40
CA GLU D 6 -33.01 -18.44 0.56
C GLU D 6 -32.71 -17.97 1.98
N SER D 7 -32.92 -18.83 2.98
CA SER D 7 -32.43 -18.60 4.36
C SER D 7 -30.94 -18.82 4.49
N LEU D 8 -30.45 -19.93 3.95
CA LEU D 8 -29.02 -20.28 4.07
C LEU D 8 -28.11 -19.12 3.70
N LYS D 9 -28.42 -18.44 2.59
CA LYS D 9 -27.62 -17.31 2.14
C LYS D 9 -27.45 -16.21 3.19
N VAL D 10 -28.49 -15.95 3.97
CA VAL D 10 -28.42 -14.89 4.99
C VAL D 10 -27.36 -15.23 6.02
N LYS D 11 -27.20 -16.50 6.36
CA LYS D 11 -26.14 -16.90 7.30
C LYS D 11 -24.74 -16.53 6.81
N LEU D 12 -24.37 -16.98 5.60
CA LEU D 12 -23.05 -16.70 5.05
C LEU D 12 -22.75 -15.20 5.05
N GLN D 13 -23.69 -14.39 4.56
CA GLN D 13 -23.51 -12.93 4.52
C GLN D 13 -23.56 -12.25 5.86
N TRP D 14 -24.22 -12.87 6.83
CA TRP D 14 -24.14 -12.40 8.20
C TRP D 14 -22.72 -12.58 8.73
N ALA D 15 -22.06 -13.70 8.44
CA ALA D 15 -20.69 -13.93 8.91
C ALA D 15 -19.76 -12.79 8.47
N SER D 16 -19.68 -12.56 7.16
CA SER D 16 -18.75 -11.57 6.59
C SER D 16 -18.91 -10.18 7.16
N ALA D 17 -20.01 -9.50 6.78
CA ALA D 17 -20.18 -8.07 7.07
C ALA D 17 -20.23 -7.70 8.55
N PHE D 18 -20.61 -8.65 9.38
CA PHE D 18 -20.70 -8.43 10.81
C PHE D 18 -19.33 -8.27 11.49
N GLY D 19 -18.28 -8.81 10.88
CA GLY D 19 -16.91 -8.56 11.35
C GLY D 19 -16.62 -9.20 12.69
N HIS D 20 -15.68 -8.59 13.42
CA HIS D 20 -15.21 -9.15 14.69
C HIS D 20 -14.55 -8.08 15.58
N ALA D 21 -14.66 -8.30 16.90
CA ALA D 21 -13.92 -7.51 17.90
C ALA D 21 -14.21 -6.00 17.87
N HIS D 22 -13.19 -5.16 18.02
CA HIS D 22 -13.32 -3.72 17.86
C HIS D 22 -14.07 -3.34 16.58
N GLU D 23 -13.95 -4.12 15.51
CA GLU D 23 -14.74 -3.91 14.28
C GLU D 23 -16.24 -4.15 14.48
N ARG D 24 -16.62 -4.97 15.46
CA ARG D 24 -18.03 -5.24 15.76
C ARG D 24 -18.74 -4.08 16.45
N VAL D 25 -18.14 -3.56 17.52
CA VAL D 25 -18.71 -2.40 18.19
C VAL D 25 -18.91 -1.25 17.19
N ALA D 26 -17.87 -0.94 16.42
CA ALA D 26 -17.95 0.09 15.37
C ALA D 26 -19.10 -0.15 14.39
N PHE D 27 -19.47 -1.41 14.16
CA PHE D 27 -20.63 -1.76 13.33
C PHE D 27 -21.97 -1.41 13.99
N GLY D 28 -22.16 -1.85 15.22
CA GLY D 28 -23.39 -1.57 15.98
C GLY D 28 -23.70 -0.09 16.13
N LEU D 29 -22.77 0.65 16.69
CA LEU D 29 -22.91 2.10 16.85
C LEU D 29 -23.13 2.86 15.53
N GLU D 30 -22.63 2.33 14.43
CA GLU D 30 -22.91 2.89 13.10
C GLU D 30 -24.36 2.61 12.66
N LEU D 31 -24.99 1.56 13.20
CA LEU D 31 -26.40 1.26 12.93
C LEU D 31 -27.34 2.27 13.59
N TRP D 32 -27.33 2.35 14.93
CA TRP D 32 -28.28 3.20 15.68
C TRP D 32 -28.16 4.66 15.26
N ARG D 33 -26.94 5.12 15.07
CA ARG D 33 -26.68 6.46 14.57
C ARG D 33 -27.45 6.79 13.29
N ASP D 34 -27.74 5.78 12.46
CA ASP D 34 -28.65 5.94 11.34
C ASP D 34 -30.06 6.32 11.79
N ILE D 35 -30.68 5.46 12.58
CA ILE D 35 -32.11 5.62 12.89
C ILE D 35 -32.44 6.81 13.77
N ILE D 36 -31.60 7.10 14.78
CA ILE D 36 -31.81 8.26 15.65
C ILE D 36 -31.73 9.60 14.90
N ASP D 37 -30.87 9.71 13.88
CA ASP D 37 -30.90 10.89 13.00
C ASP D 37 -32.22 11.00 12.19
N ASP D 38 -32.80 9.86 11.82
CA ASP D 38 -34.05 9.81 11.07
C ASP D 38 -35.32 10.04 11.93
N HIS D 39 -35.42 9.34 13.06
CA HIS D 39 -36.63 9.34 13.91
C HIS D 39 -36.31 9.76 15.34
N PRO D 40 -36.28 11.09 15.62
CA PRO D 40 -35.69 11.60 16.87
C PRO D 40 -36.34 11.11 18.17
N GLU D 41 -37.64 10.86 18.13
CA GLU D 41 -38.38 10.37 19.30
C GLU D 41 -37.88 9.03 19.86
N ILE D 42 -37.26 8.21 19.02
CA ILE D 42 -36.85 6.85 19.38
C ILE D 42 -35.96 6.80 20.63
N LYS D 43 -35.27 7.89 20.96
CA LYS D 43 -34.40 7.92 22.15
C LYS D 43 -35.09 8.11 23.51
N ALA D 44 -36.42 8.27 23.51
CA ALA D 44 -37.19 8.33 24.75
C ALA D 44 -37.02 7.09 25.67
N PRO D 45 -37.22 5.85 25.15
CA PRO D 45 -37.12 4.65 26.00
C PRO D 45 -35.74 4.31 26.57
N PHE D 46 -34.68 4.87 25.99
CA PHE D 46 -33.34 4.52 26.39
C PHE D 46 -32.80 5.29 27.60
N SER D 47 -33.63 6.10 28.26
CA SER D 47 -33.18 6.79 29.48
C SER D 47 -32.62 5.86 30.57
N ARG D 48 -32.96 4.56 30.51
CA ARG D 48 -32.36 3.55 31.40
C ARG D 48 -30.89 3.27 31.16
N VAL D 49 -30.51 3.22 29.89
CA VAL D 49 -29.11 2.95 29.45
C VAL D 49 -28.30 4.23 29.18
N ARG D 50 -28.83 5.37 29.59
CA ARG D 50 -28.25 6.70 29.32
C ARG D 50 -28.14 6.96 27.82
N GLY D 51 -29.19 6.57 27.08
CA GLY D 51 -29.29 6.84 25.64
C GLY D 51 -29.43 8.31 25.30
N ASP D 52 -29.18 9.19 26.27
CA ASP D 52 -28.90 10.60 26.04
C ASP D 52 -27.86 10.77 24.93
N ASN D 53 -26.68 10.19 25.14
CA ASN D 53 -25.55 10.23 24.19
C ASN D 53 -25.10 8.82 23.83
N ILE D 54 -25.40 8.42 22.60
CA ILE D 54 -25.12 7.06 22.16
C ILE D 54 -23.64 6.72 22.18
N TYR D 55 -22.79 7.69 21.81
CA TYR D 55 -21.33 7.48 21.78
C TYR D 55 -20.75 7.17 23.15
N SER D 56 -21.41 7.63 24.21
CA SER D 56 -21.01 7.25 25.56
C SER D 56 -21.01 5.73 25.74
N PRO D 57 -20.14 5.21 26.64
CA PRO D 57 -20.20 3.78 26.98
C PRO D 57 -21.50 3.40 27.65
N GLU D 58 -21.64 2.13 28.00
CA GLU D 58 -22.87 1.61 28.61
C GLU D 58 -24.07 1.54 27.67
N PHE D 59 -24.16 2.45 26.70
CA PHE D 59 -24.98 2.24 25.52
C PHE D 59 -24.23 1.38 24.51
N GLY D 60 -22.95 1.71 24.27
CA GLY D 60 -22.04 0.88 23.46
C GLY D 60 -22.22 -0.57 23.88
N ALA D 61 -22.22 -0.81 25.20
CA ALA D 61 -22.49 -2.15 25.78
C ALA D 61 -23.83 -2.71 25.36
N HIS D 62 -24.85 -1.88 25.48
CA HIS D 62 -26.21 -2.26 25.12
C HIS D 62 -26.30 -2.72 23.67
N SER D 63 -25.98 -1.83 22.75
CA SER D 63 -26.15 -2.10 21.33
C SER D 63 -25.45 -3.35 20.84
N GLN D 64 -24.42 -3.78 21.58
CA GLN D 64 -23.78 -5.03 21.28
C GLN D 64 -24.59 -6.22 21.76
N ARG D 65 -25.17 -6.13 22.96
CA ARG D 65 -26.16 -7.13 23.41
C ARG D 65 -27.29 -7.30 22.41
N VAL D 66 -27.67 -6.19 21.77
CA VAL D 66 -28.70 -6.22 20.73
C VAL D 66 -28.28 -7.15 19.61
N LEU D 67 -27.19 -6.81 18.94
CA LEU D 67 -26.75 -7.54 17.76
C LEU D 67 -26.48 -8.99 18.09
N SER D 68 -25.85 -9.21 19.25
CA SER D 68 -25.66 -10.57 19.76
C SER D 68 -26.96 -11.38 19.70
N GLY D 69 -28.10 -10.75 19.99
CA GLY D 69 -29.41 -11.40 19.85
C GLY D 69 -29.71 -11.93 18.46
N LEU D 70 -29.50 -11.09 17.44
CA LEU D 70 -29.66 -11.51 16.04
C LEU D 70 -28.82 -12.73 15.71
N ASP D 71 -27.62 -12.81 16.29
CA ASP D 71 -26.79 -13.99 16.15
C ASP D 71 -27.58 -15.23 16.58
N ILE D 72 -28.06 -15.24 17.82
CA ILE D 72 -28.85 -16.36 18.35
C ILE D 72 -30.01 -16.70 17.39
N THR D 73 -30.77 -15.67 17.00
CA THR D 73 -31.85 -15.82 16.04
C THR D 73 -31.37 -16.44 14.71
N ILE D 74 -30.55 -15.69 13.99
CA ILE D 74 -30.13 -16.04 12.64
C ILE D 74 -29.35 -17.33 12.64
N SER D 75 -28.55 -17.57 13.66
CA SER D 75 -27.78 -18.83 13.77
C SER D 75 -28.64 -20.08 13.74
N MET D 76 -29.71 -20.11 14.54
CA MET D 76 -30.63 -21.26 14.56
C MET D 76 -31.71 -21.24 13.51
N LEU D 77 -31.71 -20.24 12.63
CA LEU D 77 -32.76 -20.01 11.64
C LEU D 77 -33.06 -21.20 10.70
N ASP D 78 -32.16 -22.18 10.60
CA ASP D 78 -32.44 -23.39 9.82
C ASP D 78 -33.48 -24.29 10.48
N THR D 79 -33.21 -24.71 11.72
CA THR D 79 -34.10 -25.63 12.45
C THR D 79 -35.35 -24.88 12.92
N PRO D 80 -36.54 -25.13 12.29
CA PRO D 80 -37.71 -24.29 12.60
C PRO D 80 -38.25 -24.42 14.03
N ASP D 81 -38.17 -25.63 14.60
CA ASP D 81 -38.77 -25.92 15.92
C ASP D 81 -38.17 -25.06 17.02
N MET D 82 -36.85 -25.15 17.15
CA MET D 82 -36.12 -24.45 18.20
C MET D 82 -36.09 -22.95 17.98
N LEU D 83 -36.36 -22.50 16.75
CA LEU D 83 -36.41 -21.06 16.44
C LEU D 83 -37.42 -20.31 17.29
N ALA D 84 -38.67 -20.79 17.29
CA ALA D 84 -39.75 -20.15 18.02
C ALA D 84 -39.43 -19.98 19.51
N ALA D 85 -38.73 -20.96 20.09
CA ALA D 85 -38.36 -20.92 21.52
C ALA D 85 -37.62 -19.64 21.90
N GLN D 86 -36.58 -19.29 21.15
CA GLN D 86 -35.89 -18.02 21.36
C GLN D 86 -36.75 -16.82 21.07
N LEU D 87 -37.47 -16.88 19.96
CA LEU D 87 -38.43 -15.82 19.63
C LEU D 87 -39.47 -15.65 20.74
N ALA D 88 -39.88 -16.76 21.36
CA ALA D 88 -40.78 -16.74 22.52
C ALA D 88 -40.13 -16.02 23.70
N HIS D 89 -38.96 -16.50 24.14
CA HIS D 89 -38.24 -15.84 25.22
C HIS D 89 -37.87 -14.38 24.93
N LEU D 90 -37.64 -14.06 23.66
CA LEU D 90 -37.21 -12.72 23.30
C LEU D 90 -38.32 -11.71 23.51
N LYS D 91 -39.50 -11.98 22.95
CA LYS D 91 -40.67 -11.07 23.08
C LYS D 91 -40.94 -10.69 24.54
N VAL D 92 -40.81 -11.67 25.44
CA VAL D 92 -41.00 -11.47 26.89
C VAL D 92 -40.20 -10.27 27.40
N GLN D 93 -38.96 -10.14 26.95
CA GLN D 93 -38.12 -9.01 27.35
C GLN D 93 -38.69 -7.65 26.88
N HIS D 94 -39.39 -7.64 25.75
CA HIS D 94 -39.99 -6.43 25.19
C HIS D 94 -41.44 -6.14 25.56
N VAL D 95 -42.06 -6.99 26.37
CA VAL D 95 -43.46 -6.78 26.78
C VAL D 95 -43.59 -5.57 27.70
N GLU D 96 -42.69 -5.46 28.68
CA GLU D 96 -42.85 -4.51 29.77
C GLU D 96 -42.50 -3.05 29.47
N ARG D 97 -42.10 -2.75 28.23
CA ARG D 97 -41.70 -1.40 27.85
C ARG D 97 -42.58 -0.80 26.76
N ASN D 98 -42.66 0.52 26.77
CA ASN D 98 -43.44 1.29 25.81
C ASN D 98 -42.84 1.27 24.40
N LEU D 99 -43.54 0.63 23.47
CA LEU D 99 -43.10 0.54 22.09
C LEU D 99 -44.25 0.95 21.19
N LYS D 100 -43.94 1.12 19.92
CA LYS D 100 -44.95 1.17 18.86
C LYS D 100 -44.66 0.02 17.91
N PRO D 101 -45.72 -0.58 17.33
CA PRO D 101 -45.49 -1.65 16.37
C PRO D 101 -44.83 -1.18 15.07
N GLU D 102 -44.87 0.13 14.78
CA GLU D 102 -44.21 0.70 13.60
C GLU D 102 -42.67 0.82 13.70
N PHE D 103 -42.11 0.91 14.92
CA PHE D 103 -40.64 1.01 15.09
C PHE D 103 -39.91 -0.23 14.61
N PHE D 104 -40.47 -1.39 14.90
CA PHE D 104 -39.97 -2.64 14.36
C PHE D 104 -39.88 -2.59 12.84
N ASP D 105 -41.00 -2.39 12.16
CA ASP D 105 -40.98 -2.27 10.68
C ASP D 105 -39.99 -1.22 10.17
N ILE D 106 -39.76 -0.15 10.95
CA ILE D 106 -38.71 0.84 10.69
C ILE D 106 -37.29 0.24 10.81
N PHE D 107 -37.04 -0.51 11.88
CA PHE D 107 -35.72 -1.10 12.17
C PHE D 107 -35.12 -1.83 11.00
N LEU D 108 -35.78 -2.88 10.50
CA LEU D 108 -35.29 -3.66 9.36
C LEU D 108 -35.01 -2.81 8.10
N LYS D 109 -35.71 -1.68 7.93
CA LYS D 109 -35.44 -0.78 6.80
C LYS D 109 -34.04 -0.18 6.88
N HIS D 110 -33.68 0.32 8.06
CA HIS D 110 -32.37 0.95 8.28
C HIS D 110 -31.23 -0.02 8.59
N LEU D 111 -31.52 -1.27 8.94
CA LEU D 111 -30.47 -2.27 9.13
C LEU D 111 -29.94 -2.73 7.79
N LEU D 112 -30.83 -3.16 6.90
CA LEU D 112 -30.43 -3.54 5.56
C LEU D 112 -29.81 -2.38 4.78
N HIS D 113 -30.06 -1.14 5.20
CA HIS D 113 -29.32 0.03 4.70
C HIS D 113 -27.80 -0.12 4.85
N VAL D 114 -27.33 -0.24 6.10
CA VAL D 114 -25.89 -0.22 6.42
C VAL D 114 -25.11 -1.36 5.77
N LEU D 115 -25.71 -2.53 5.66
CA LEU D 115 -25.08 -3.65 4.96
C LEU D 115 -24.81 -3.35 3.48
N GLY D 116 -25.58 -2.43 2.90
CA GLY D 116 -25.37 -1.97 1.52
C GLY D 116 -23.95 -1.51 1.20
N ASP D 117 -23.42 -0.57 1.98
CA ASP D 117 -22.09 -0.01 1.71
C ASP D 117 -20.94 -1.05 1.77
N ARG D 118 -21.01 -1.97 2.73
CA ARG D 118 -19.97 -3.00 2.90
C ARG D 118 -20.08 -4.13 1.88
N LEU D 119 -21.29 -4.46 1.46
CA LEU D 119 -21.51 -5.49 0.43
C LEU D 119 -21.71 -4.93 -0.97
N GLY D 120 -21.72 -3.59 -1.12
CA GLY D 120 -21.92 -2.95 -2.42
C GLY D 120 -23.18 -3.49 -3.10
N THR D 121 -22.98 -4.10 -4.26
CA THR D 121 -24.07 -4.61 -5.09
C THR D 121 -24.37 -6.09 -4.87
N HIS D 122 -23.64 -6.78 -4.01
CA HIS D 122 -23.75 -8.23 -3.93
C HIS D 122 -24.54 -8.62 -2.72
N PHE D 123 -25.81 -8.96 -2.95
CA PHE D 123 -26.61 -9.80 -2.04
C PHE D 123 -28.05 -9.91 -2.53
N ASP D 124 -28.82 -10.81 -1.91
CA ASP D 124 -30.25 -10.94 -2.19
C ASP D 124 -31.02 -10.14 -1.14
N PHE D 125 -31.54 -8.99 -1.55
CA PHE D 125 -32.45 -8.20 -0.74
C PHE D 125 -33.64 -9.07 -0.34
N GLY D 126 -34.23 -9.73 -1.34
CA GLY D 126 -35.38 -10.61 -1.16
C GLY D 126 -35.19 -11.61 -0.05
N ALA D 127 -34.00 -12.21 0.01
CA ALA D 127 -33.66 -13.17 1.06
C ALA D 127 -33.69 -12.51 2.44
N TRP D 128 -32.95 -11.41 2.61
CA TRP D 128 -32.95 -10.67 3.87
C TRP D 128 -34.33 -10.17 4.25
N HIS D 129 -34.84 -9.24 3.45
CA HIS D 129 -36.01 -8.45 3.82
C HIS D 129 -37.19 -9.29 4.27
N ASP D 130 -37.42 -10.41 3.57
CA ASP D 130 -38.47 -11.36 3.95
C ASP D 130 -38.10 -12.19 5.19
N CYS D 131 -36.84 -12.63 5.27
CA CYS D 131 -36.37 -13.49 6.37
C CYS D 131 -36.03 -12.76 7.67
N VAL D 132 -35.93 -11.43 7.62
CA VAL D 132 -35.88 -10.64 8.85
C VAL D 132 -37.32 -10.46 9.39
N ASP D 133 -38.32 -10.48 8.50
CA ASP D 133 -39.73 -10.45 8.91
C ASP D 133 -40.08 -11.63 9.83
N GLN D 134 -39.67 -12.84 9.45
CA GLN D 134 -39.83 -14.02 10.31
C GLN D 134 -39.18 -13.89 11.71
N ILE D 135 -38.19 -13.01 11.83
CA ILE D 135 -37.62 -12.63 13.12
C ILE D 135 -38.45 -11.56 13.82
N ILE D 136 -38.88 -10.56 13.06
CA ILE D 136 -39.57 -9.40 13.61
C ILE D 136 -41.00 -9.68 14.13
N ASP D 137 -41.73 -10.55 13.41
CA ASP D 137 -43.13 -10.87 13.76
C ASP D 137 -43.24 -11.61 15.09
N GLY D 138 -42.28 -12.51 15.36
CA GLY D 138 -42.19 -13.22 16.63
C GLY D 138 -42.07 -12.31 17.85
N ILE D 139 -41.70 -11.04 17.64
CA ILE D 139 -41.60 -10.05 18.72
C ILE D 139 -42.96 -9.40 19.03
N LYS D 140 -43.82 -9.22 18.02
CA LYS D 140 -45.20 -8.77 18.24
C LYS D 140 -45.99 -9.72 19.16
N ASP E 5 8.36 39.16 -6.28
CA ASP E 5 9.28 38.38 -7.18
C ASP E 5 9.10 36.89 -7.01
N CYS E 6 8.10 36.35 -7.72
CA CYS E 6 7.95 34.91 -7.94
C CYS E 6 8.09 34.06 -6.68
N CYS E 7 6.97 33.86 -5.98
CA CYS E 7 6.92 32.93 -4.86
C CYS E 7 7.46 31.55 -5.22
N SER E 8 7.34 31.17 -6.50
CA SER E 8 7.89 29.93 -7.04
C SER E 8 7.12 28.78 -6.40
N TYR E 9 7.81 27.70 -6.05
CA TYR E 9 7.16 26.59 -5.40
C TYR E 9 7.92 26.12 -4.18
N GLU E 10 9.16 25.68 -4.39
CA GLU E 10 10.00 25.14 -3.32
C GLU E 10 9.99 26.06 -2.10
N ASP E 11 10.00 27.37 -2.34
CA ASP E 11 9.91 28.36 -1.26
C ASP E 11 8.69 28.13 -0.35
N ARG E 12 7.58 27.72 -0.93
CA ARG E 12 6.38 27.43 -0.14
C ARG E 12 6.55 26.22 0.77
N ARG E 13 7.09 25.12 0.26
CA ARG E 13 7.44 23.99 1.14
C ARG E 13 8.43 24.42 2.23
N GLU E 14 9.39 25.27 1.86
CA GLU E 14 10.28 25.87 2.84
C GLU E 14 9.47 26.54 3.95
N ILE E 15 8.45 27.30 3.59
CA ILE E 15 7.61 27.97 4.58
C ILE E 15 6.86 26.96 5.43
N ARG E 16 6.06 26.13 4.78
CA ARG E 16 5.21 25.17 5.47
C ARG E 16 5.89 24.43 6.63
N HIS E 17 7.19 24.11 6.53
CA HIS E 17 7.95 23.55 7.67
C HIS E 17 8.30 24.60 8.70
N ILE E 18 8.87 25.72 8.26
CA ILE E 18 9.19 26.83 9.17
C ILE E 18 7.99 27.23 10.01
N TRP E 19 6.84 27.43 9.36
CA TRP E 19 5.64 27.79 10.07
C TRP E 19 5.13 26.68 11.00
N ASP E 20 5.36 25.42 10.64
CA ASP E 20 4.96 24.32 11.50
C ASP E 20 5.73 24.23 12.83
N ASP E 21 6.95 24.77 12.89
CA ASP E 21 7.72 24.76 14.13
C ASP E 21 7.19 25.79 15.12
N VAL E 22 6.86 26.98 14.66
CA VAL E 22 6.34 28.05 15.53
C VAL E 22 4.90 27.86 15.99
N TRP E 23 4.09 27.25 15.12
CA TRP E 23 2.66 27.13 15.36
C TRP E 23 2.24 25.86 16.13
N SER E 24 3.16 24.91 16.30
CA SER E 24 2.78 23.59 16.80
C SER E 24 2.39 23.66 18.27
N SER E 25 1.08 23.58 18.52
CA SER E 25 0.49 23.45 19.87
C SER E 25 -1.02 23.59 19.77
N SER E 26 -1.72 23.13 20.81
CA SER E 26 -3.12 23.50 21.02
C SER E 26 -3.26 24.64 22.02
N PHE E 27 -2.19 24.93 22.77
CA PHE E 27 -2.17 26.11 23.64
C PHE E 27 -1.68 27.35 22.91
N THR E 28 -2.09 28.49 23.43
CA THR E 28 -1.78 29.78 22.85
C THR E 28 -0.58 30.48 23.50
N ASP E 29 0.00 29.88 24.53
CA ASP E 29 1.13 30.48 25.25
C ASP E 29 2.27 30.90 24.30
N ARG E 30 2.63 29.98 23.41
CA ARG E 30 3.74 30.21 22.49
C ARG E 30 3.35 31.15 21.35
N ARG E 31 2.25 30.86 20.65
CA ARG E 31 1.82 31.67 19.48
C ARG E 31 1.65 33.17 19.84
N VAL E 32 1.27 33.44 21.08
CA VAL E 32 1.12 34.81 21.56
C VAL E 32 2.49 35.46 21.68
N ALA E 33 3.34 34.87 22.54
CA ALA E 33 4.63 35.47 22.89
C ALA E 33 5.49 35.80 21.66
N ILE E 34 5.41 34.97 20.62
CA ILE E 34 6.11 35.24 19.37
C ILE E 34 5.57 36.45 18.62
N VAL E 35 4.25 36.53 18.41
CA VAL E 35 3.68 37.60 17.60
C VAL E 35 3.70 38.94 18.36
N ARG E 36 3.48 38.89 19.66
CA ARG E 36 3.63 40.08 20.48
C ARG E 36 5.02 40.71 20.32
N ALA E 37 6.07 39.89 20.29
CA ALA E 37 7.42 40.39 20.06
C ALA E 37 7.64 40.96 18.65
N VAL E 38 6.77 40.62 17.69
CA VAL E 38 6.81 41.21 16.34
C VAL E 38 6.47 42.69 16.43
N PHE E 39 5.29 43.00 16.97
CA PHE E 39 4.87 44.39 17.12
C PHE E 39 5.73 45.16 18.11
N ASP E 40 6.05 44.54 19.24
CA ASP E 40 7.01 45.11 20.22
C ASP E 40 8.33 45.52 19.55
N ASP E 41 8.75 44.78 18.51
CA ASP E 41 9.88 45.15 17.65
C ASP E 41 9.50 46.20 16.59
N LEU E 42 8.25 46.16 16.11
CA LEU E 42 7.74 47.17 15.18
C LEU E 42 7.70 48.59 15.76
N PHE E 43 7.04 48.74 16.90
CA PHE E 43 6.82 50.05 17.53
C PHE E 43 8.10 50.81 17.89
N LYS E 44 9.16 50.07 18.15
CA LYS E 44 10.47 50.70 18.38
C LYS E 44 10.99 51.50 17.19
N HIS E 45 10.62 51.13 15.96
CA HIS E 45 11.02 51.88 14.75
C HIS E 45 9.96 52.79 14.14
N TYR E 46 8.70 52.64 14.53
CA TYR E 46 7.64 53.52 14.07
C TYR E 46 6.70 53.88 15.21
N PRO E 47 7.18 54.70 16.17
CA PRO E 47 6.35 55.01 17.34
C PRO E 47 5.03 55.69 16.98
N THR E 48 4.98 56.32 15.79
CA THR E 48 3.78 56.97 15.27
C THR E 48 2.59 56.00 15.15
N SER E 49 2.85 54.79 14.66
CA SER E 49 1.83 53.73 14.57
C SER E 49 1.17 53.41 15.89
N LYS E 50 1.97 53.41 16.97
CA LYS E 50 1.45 53.15 18.33
C LYS E 50 0.28 54.08 18.73
N ALA E 51 0.22 55.29 18.16
CA ALA E 51 -0.95 56.18 18.29
C ALA E 51 -2.25 55.54 17.76
N LEU E 52 -2.13 54.63 16.79
CA LEU E 52 -3.23 53.76 16.37
C LEU E 52 -3.26 52.53 17.27
N PHE E 53 -4.32 51.72 17.16
CA PHE E 53 -4.54 50.53 18.01
C PHE E 53 -4.95 51.00 19.41
N GLU E 54 -5.53 52.20 19.50
CA GLU E 54 -5.98 52.71 20.79
C GLU E 54 -7.28 52.03 21.19
N ARG E 55 -8.08 51.63 20.19
CA ARG E 55 -9.33 50.90 20.42
C ARG E 55 -9.17 49.63 21.28
N VAL E 56 -8.02 48.98 21.14
CA VAL E 56 -7.74 47.71 21.84
C VAL E 56 -7.02 47.82 23.18
N LYS E 57 -6.89 49.05 23.70
CA LYS E 57 -6.13 49.32 24.92
C LYS E 57 -4.69 48.85 24.77
N ILE E 58 -4.02 49.39 23.76
CA ILE E 58 -2.59 49.17 23.53
C ILE E 58 -1.70 49.53 24.73
N ASP E 59 -2.04 50.61 25.41
CA ASP E 59 -1.29 51.13 26.57
C ASP E 59 -0.96 50.10 27.65
N GLU E 60 -1.82 49.10 27.80
CA GLU E 60 -1.57 47.98 28.70
C GLU E 60 -0.84 46.87 27.93
N PRO E 61 0.45 46.62 28.26
CA PRO E 61 1.14 45.48 27.63
C PRO E 61 0.49 44.13 27.94
N GLU E 62 0.05 43.96 29.18
CA GLU E 62 -0.52 42.73 29.74
C GLU E 62 -2.06 42.52 29.76
N SER E 63 -2.83 43.29 29.00
CA SER E 63 -4.24 43.41 29.24
C SER E 63 -4.99 42.11 29.03
N GLY E 64 -6.13 41.96 29.70
CA GLY E 64 -7.09 40.91 29.38
C GLY E 64 -7.72 41.04 27.99
N GLU E 65 -7.53 42.19 27.34
CA GLU E 65 -8.00 42.44 25.99
C GLU E 65 -6.92 42.29 24.92
N PHE E 66 -5.82 43.05 25.05
CA PHE E 66 -4.78 43.14 24.00
C PHE E 66 -4.35 41.80 23.41
N LYS E 67 -4.19 40.78 24.26
CA LYS E 67 -3.96 39.40 23.78
C LYS E 67 -5.02 38.97 22.77
N SER E 68 -6.29 39.15 23.14
CA SER E 68 -7.39 38.86 22.24
C SER E 68 -7.30 39.61 20.91
N HIS E 69 -6.44 40.63 20.81
CA HIS E 69 -6.04 41.17 19.52
C HIS E 69 -5.02 40.31 18.79
N LEU E 70 -3.83 40.20 19.36
CA LEU E 70 -2.72 39.48 18.69
C LEU E 70 -3.11 38.05 18.34
N VAL E 71 -3.90 37.41 19.19
CA VAL E 71 -4.37 36.06 18.91
C VAL E 71 -5.09 35.97 17.57
N ARG E 72 -5.98 36.91 17.29
CA ARG E 72 -6.64 36.93 15.97
C ARG E 72 -5.72 37.31 14.82
N VAL E 73 -4.62 38.00 15.10
CA VAL E 73 -3.62 38.27 14.06
C VAL E 73 -2.96 36.98 13.63
N ALA E 74 -2.47 36.20 14.59
CA ALA E 74 -1.91 34.88 14.32
C ALA E 74 -2.94 34.04 13.56
N ASN E 75 -4.03 33.65 14.19
CA ASN E 75 -5.00 32.78 13.53
C ASN E 75 -5.42 33.27 12.13
N GLY E 76 -5.36 34.58 11.90
CA GLY E 76 -5.49 35.14 10.54
C GLY E 76 -4.27 34.90 9.66
N LEU E 77 -3.09 35.15 10.22
CA LEU E 77 -1.84 34.89 9.53
C LEU E 77 -1.63 33.42 9.20
N LYS E 78 -1.81 32.55 10.20
CA LYS E 78 -1.84 31.08 10.01
C LYS E 78 -2.90 30.64 9.02
N LEU E 79 -4.03 31.32 8.97
CA LEU E 79 -5.02 31.01 7.96
C LEU E 79 -4.48 31.20 6.54
N LEU E 80 -3.63 32.21 6.31
CA LEU E 80 -3.01 32.39 4.98
C LEU E 80 -2.18 31.18 4.58
N ILE E 81 -1.20 30.85 5.40
CA ILE E 81 -0.24 29.81 5.11
C ILE E 81 -0.88 28.50 4.68
N ASN E 82 -1.84 28.02 5.45
CA ASN E 82 -2.49 26.74 5.12
C ASN E 82 -3.26 26.71 3.82
N LEU E 83 -3.31 27.84 3.13
CA LEU E 83 -3.82 27.88 1.77
C LEU E 83 -2.77 27.79 0.67
N LEU E 84 -1.47 27.93 0.97
CA LEU E 84 -0.49 28.01 -0.12
C LEU E 84 -0.41 26.77 -1.04
N ASP E 85 -0.71 25.57 -0.53
CA ASP E 85 -0.82 24.36 -1.39
C ASP E 85 -2.06 24.42 -2.30
N ASP E 86 -3.07 25.26 -1.95
CA ASP E 86 -4.30 25.48 -2.76
C ASP E 86 -4.54 26.96 -3.07
N THR E 87 -4.18 27.41 -4.26
CA THR E 87 -4.36 28.82 -4.62
C THR E 87 -5.77 29.03 -5.14
N LEU E 88 -6.08 30.25 -5.58
CA LEU E 88 -7.40 30.64 -6.10
C LEU E 88 -8.43 30.77 -4.96
N VAL E 89 -8.20 30.05 -3.86
CA VAL E 89 -8.86 30.29 -2.58
C VAL E 89 -8.04 31.30 -1.79
N LEU E 90 -6.80 31.57 -2.19
CA LEU E 90 -6.04 32.62 -1.52
C LEU E 90 -6.60 33.98 -1.92
N GLN E 91 -6.67 34.25 -3.23
CA GLN E 91 -7.09 35.59 -3.73
C GLN E 91 -8.35 36.09 -3.05
N SER E 92 -9.37 35.24 -3.07
CA SER E 92 -10.64 35.54 -2.42
C SER E 92 -10.42 35.94 -0.96
N HIS E 93 -9.78 35.06 -0.20
CA HIS E 93 -9.46 35.37 1.19
C HIS E 93 -8.37 36.45 1.34
N LEU E 94 -7.59 36.69 0.30
CA LEU E 94 -6.65 37.78 0.34
C LEU E 94 -7.36 39.10 0.20
N GLY E 95 -8.18 39.24 -0.85
CA GLY E 95 -8.95 40.47 -1.10
C GLY E 95 -9.82 40.87 0.08
N HIS E 96 -10.45 39.89 0.72
CA HIS E 96 -11.20 40.10 1.97
C HIS E 96 -10.36 40.73 3.08
N LEU E 97 -9.26 40.06 3.42
CA LEU E 97 -8.35 40.54 4.46
C LEU E 97 -7.78 41.94 4.15
N ALA E 98 -7.69 42.29 2.86
CA ALA E 98 -7.29 43.63 2.44
C ALA E 98 -8.32 44.69 2.85
N ASP E 99 -9.57 44.46 2.47
CA ASP E 99 -10.64 45.45 2.70
C ASP E 99 -10.90 45.74 4.19
N GLN E 100 -10.67 44.76 5.06
CA GLN E 100 -10.76 44.98 6.50
C GLN E 100 -9.72 45.96 7.03
N HIS E 101 -8.67 46.22 6.26
CA HIS E 101 -7.67 47.24 6.61
C HIS E 101 -7.85 48.62 5.97
N ILE E 102 -8.74 48.77 5.00
CA ILE E 102 -9.05 50.10 4.41
C ILE E 102 -10.21 50.83 5.11
N GLN E 103 -10.99 50.13 5.93
CA GLN E 103 -12.17 50.71 6.59
C GLN E 103 -11.81 51.62 7.77
N ARG E 104 -10.52 51.68 8.13
CA ARG E 104 -10.05 52.51 9.24
C ARG E 104 -9.08 53.57 8.74
N LYS E 105 -8.75 54.41 9.71
CA LYS E 105 -7.80 55.49 9.63
C LYS E 105 -6.40 54.97 9.91
N GLY E 106 -5.39 55.73 9.51
CA GLY E 106 -4.00 55.35 9.78
C GLY E 106 -3.31 54.05 9.33
N VAL E 107 -3.37 53.78 8.05
CA VAL E 107 -2.69 52.62 7.51
C VAL E 107 -1.59 53.23 6.69
N THR E 108 -0.37 52.88 7.04
CA THR E 108 0.75 53.41 6.32
C THR E 108 1.19 52.28 5.40
N LYS E 109 1.14 52.53 4.09
CA LYS E 109 1.51 51.58 3.05
C LYS E 109 2.92 51.38 3.44
N GLU E 110 3.51 52.48 3.86
CA GLU E 110 4.82 52.37 4.52
C GLU E 110 5.05 51.41 5.70
N TYR E 111 4.02 51.14 6.52
CA TYR E 111 4.17 50.23 7.66
C TYR E 111 4.17 48.74 7.33
N PHE E 112 3.44 48.37 6.28
CA PHE E 112 3.44 46.99 5.82
C PHE E 112 4.85 46.61 5.43
N ARG E 113 5.46 47.34 4.51
CA ARG E 113 6.85 47.09 4.15
C ARG E 113 7.82 47.13 5.36
N GLY E 114 7.41 47.80 6.43
CA GLY E 114 8.11 47.74 7.71
C GLY E 114 8.07 46.39 8.42
N ILE E 115 6.88 45.83 8.63
CA ILE E 115 6.75 44.54 9.33
C ILE E 115 7.35 43.36 8.56
N GLY E 116 7.40 43.46 7.23
CA GLY E 116 8.18 42.54 6.41
C GLY E 116 9.57 42.31 6.99
N GLU E 117 10.23 43.40 7.36
CA GLU E 117 11.47 43.32 8.12
C GLU E 117 11.24 42.78 9.53
N ALA E 118 10.18 43.21 10.21
CA ALA E 118 9.94 42.83 11.62
C ALA E 118 10.04 41.32 11.93
N PHE E 119 9.44 40.47 11.09
CA PHE E 119 9.71 39.04 11.17
C PHE E 119 11.18 38.74 10.92
N ALA E 120 11.71 39.17 9.78
CA ALA E 120 13.14 39.00 9.49
C ALA E 120 14.13 39.49 10.58
N ARG E 121 13.62 40.29 11.48
CA ARG E 121 14.44 40.55 12.62
C ARG E 121 13.97 39.82 13.86
N VAL E 122 12.79 39.19 13.85
CA VAL E 122 12.38 38.41 15.04
C VAL E 122 11.81 37.02 14.73
N LEU E 123 12.56 36.24 13.99
CA LEU E 123 12.17 34.88 13.68
C LEU E 123 13.32 33.98 14.03
N PRO E 124 14.46 34.41 13.60
CA PRO E 124 15.71 33.72 13.71
C PRO E 124 16.03 33.61 15.12
N GLN E 125 15.28 34.22 16.04
CA GLN E 125 15.62 33.87 17.41
C GLN E 125 14.74 32.78 18.05
N VAL E 126 13.54 32.53 17.53
CA VAL E 126 12.72 31.40 18.02
C VAL E 126 13.14 30.03 17.46
N LEU E 127 13.42 29.97 16.15
CA LEU E 127 13.80 28.72 15.48
C LEU E 127 15.29 28.57 15.40
N SER E 128 15.76 27.49 14.78
CA SER E 128 17.19 27.25 14.62
C SER E 128 17.53 27.26 13.14
N CYS E 129 17.08 26.23 12.42
CA CYS E 129 17.24 26.22 10.98
C CYS E 129 16.19 27.16 10.45
N PHE E 130 16.63 28.14 9.67
CA PHE E 130 15.73 29.09 9.09
C PHE E 130 16.29 29.63 7.80
N ASN E 131 15.41 29.84 6.83
CA ASN E 131 15.77 30.40 5.55
C ASN E 131 15.26 31.84 5.51
N VAL E 132 16.16 32.80 5.62
CA VAL E 132 15.78 34.23 5.54
C VAL E 132 15.32 34.56 4.13
N ASP E 133 16.09 34.14 3.14
CA ASP E 133 15.79 34.46 1.74
C ASP E 133 14.39 34.03 1.33
N ALA E 134 14.01 32.80 1.67
CA ALA E 134 12.69 32.25 1.29
C ALA E 134 11.54 33.00 1.96
N TRP E 135 11.55 33.01 3.28
CA TRP E 135 10.51 33.67 4.06
C TRP E 135 10.33 35.13 3.68
N ASN E 136 11.43 35.81 3.35
CA ASN E 136 11.37 37.20 2.94
C ASN E 136 10.76 37.36 1.53
N ARG E 137 11.05 36.44 0.61
CA ARG E 137 10.51 36.58 -0.76
C ARG E 137 9.02 36.30 -0.85
N CYS E 138 8.56 35.17 -0.34
CA CYS E 138 7.12 34.83 -0.41
C CYS E 138 6.23 35.64 0.52
N PHE E 139 6.81 36.38 1.46
CA PHE E 139 6.02 37.21 2.36
C PHE E 139 5.59 38.53 1.72
N HIS E 140 6.46 39.18 0.93
CA HIS E 140 6.08 40.39 0.19
C HIS E 140 4.88 40.16 -0.69
N ARG E 141 4.92 39.18 -1.58
CA ARG E 141 3.78 38.92 -2.45
C ARG E 141 2.45 38.70 -1.68
N LEU E 142 2.52 38.35 -0.39
CA LEU E 142 1.34 38.45 0.49
C LEU E 142 1.01 39.90 0.83
N VAL E 143 1.98 40.61 1.37
CA VAL E 143 1.76 41.98 1.88
C VAL E 143 1.60 43.05 0.78
N ALA E 144 2.36 42.85 -0.28
CA ALA E 144 2.32 43.70 -1.45
C ALA E 144 0.95 43.61 -2.06
N ARG E 145 0.22 42.52 -1.83
CA ARG E 145 -1.15 42.45 -2.30
C ARG E 145 -2.20 42.84 -1.26
N ILE E 146 -1.85 42.93 0.02
CA ILE E 146 -2.84 43.48 0.97
C ILE E 146 -2.70 44.98 1.12
N ALA E 147 -1.80 45.56 0.35
CA ALA E 147 -1.66 47.01 0.33
C ALA E 147 -1.72 47.36 -1.13
N LYS E 148 -2.74 46.86 -1.80
CA LYS E 148 -2.81 47.04 -3.23
C LYS E 148 -3.06 48.44 -3.78
N ASP E 149 -4.06 49.12 -3.26
CA ASP E 149 -4.34 50.48 -3.65
C ASP E 149 -3.54 51.53 -2.91
N LEU E 150 -3.91 51.66 -1.64
CA LEU E 150 -3.21 52.42 -0.65
C LEU E 150 -3.81 51.95 0.66
N PRO E 151 -3.15 52.29 1.77
CA PRO E 151 -3.50 51.87 3.12
C PRO E 151 -3.72 50.37 3.16
N LYS F 1 20.72 40.94 25.73
CA LYS F 1 22.13 41.03 26.23
C LYS F 1 22.81 39.66 26.41
N LYS F 2 22.60 38.76 25.44
CA LYS F 2 23.10 37.37 25.53
C LYS F 2 22.76 36.67 26.86
N GLN F 3 21.60 37.03 27.38
CA GLN F 3 21.03 36.49 28.61
C GLN F 3 19.89 35.60 28.16
N CYS F 4 19.02 35.16 29.07
CA CYS F 4 17.88 34.29 28.79
C CYS F 4 16.98 34.76 27.64
N GLY F 5 16.99 36.06 27.33
CA GLY F 5 16.45 36.60 26.08
C GLY F 5 15.09 36.03 25.73
N VAL F 6 14.09 36.42 26.52
CA VAL F 6 12.82 35.66 26.70
C VAL F 6 12.23 34.94 25.46
N LEU F 7 12.47 35.50 24.27
CA LEU F 7 12.24 34.77 23.01
C LEU F 7 13.12 33.51 22.92
N GLU F 8 14.43 33.71 22.90
CA GLU F 8 15.43 32.61 22.89
C GLU F 8 15.21 31.58 24.00
N GLY F 9 14.65 32.01 25.13
CA GLY F 9 14.24 31.09 26.18
C GLY F 9 13.44 29.92 25.65
N LEU F 10 12.46 30.21 24.78
CA LEU F 10 11.62 29.15 24.21
C LEU F 10 12.23 28.45 22.98
N LYS F 11 13.28 29.02 22.41
CA LYS F 11 14.03 28.34 21.34
C LYS F 11 14.50 26.99 21.82
N VAL F 12 15.34 26.97 22.86
CA VAL F 12 15.81 25.72 23.46
C VAL F 12 14.69 24.86 23.99
N LYS F 13 13.65 25.47 24.50
CA LYS F 13 12.47 24.72 24.94
C LYS F 13 11.92 23.81 23.84
N SER F 14 11.93 24.29 22.60
CA SER F 14 11.50 23.47 21.46
C SER F 14 12.53 22.42 21.08
N GLU F 15 13.78 22.85 20.87
CA GLU F 15 14.87 21.94 20.50
C GLU F 15 14.97 20.77 21.50
N TRP F 16 15.02 21.08 22.79
CA TRP F 16 15.09 20.05 23.83
C TRP F 16 14.06 18.95 23.67
N GLY F 17 12.82 19.32 23.37
CA GLY F 17 11.77 18.32 23.08
C GLY F 17 12.15 17.31 21.99
N ARG F 18 12.76 17.81 20.91
CA ARG F 18 13.21 16.95 19.82
C ARG F 18 14.37 16.04 20.24
N ALA F 19 15.29 16.52 21.08
CA ALA F 19 16.44 15.70 21.52
C ALA F 19 16.06 14.67 22.57
N TYR F 20 15.62 15.14 23.72
CA TYR F 20 15.15 14.28 24.80
C TYR F 20 13.86 13.64 24.30
N GLY F 21 13.93 12.34 23.98
CA GLY F 21 12.88 11.67 23.22
C GLY F 21 12.07 10.72 24.08
N SER F 22 11.25 9.93 23.39
CA SER F 22 10.51 8.83 24.00
C SER F 22 11.28 7.54 23.78
N GLY F 23 10.82 6.47 24.43
CA GLY F 23 11.43 5.16 24.26
C GLY F 23 12.72 5.02 25.04
N HIS F 24 13.30 3.81 24.93
CA HIS F 24 14.52 3.42 25.65
C HIS F 24 15.82 4.09 25.20
N ASP F 25 15.82 4.80 24.08
CA ASP F 25 16.95 5.65 23.69
C ASP F 25 17.30 6.69 24.77
N ARG F 26 16.30 7.16 25.51
CA ARG F 26 16.52 8.09 26.61
C ARG F 26 17.53 7.51 27.62
N GLU F 27 17.30 6.29 28.07
CA GLU F 27 18.25 5.58 28.95
C GLU F 27 19.65 5.55 28.33
N ALA F 28 19.72 5.39 27.02
CA ALA F 28 21.00 5.49 26.30
C ALA F 28 21.52 6.93 26.23
N PHE F 29 20.65 7.88 25.91
CA PHE F 29 21.00 9.30 25.91
C PHE F 29 21.57 9.77 27.25
N SER F 30 21.16 9.16 28.36
CA SER F 30 21.74 9.45 29.65
C SER F 30 23.20 8.99 29.74
N GLN F 31 23.44 7.69 29.47
CA GLN F 31 24.77 7.10 29.51
C GLN F 31 25.83 7.96 28.84
N ALA F 32 25.47 8.61 27.73
CA ALA F 32 26.40 9.45 26.99
C ALA F 32 26.95 10.54 27.88
N ILE F 33 26.05 11.32 28.46
CA ILE F 33 26.43 12.46 29.28
C ILE F 33 27.45 12.04 30.32
N TRP F 34 27.14 11.05 31.12
CA TRP F 34 28.05 10.69 32.19
C TRP F 34 29.38 10.14 31.68
N ARG F 35 29.35 9.21 30.74
CA ARG F 35 30.60 8.68 30.17
C ARG F 35 31.47 9.80 29.63
N ALA F 36 30.84 10.84 29.10
CA ALA F 36 31.56 12.05 28.69
C ALA F 36 32.14 12.80 29.88
N THR F 37 31.33 13.08 30.88
CA THR F 37 31.79 13.85 32.04
C THR F 37 32.99 13.21 32.73
N PHE F 38 32.85 11.96 33.15
CA PHE F 38 33.94 11.34 33.89
C PHE F 38 35.28 11.32 33.19
N ALA F 39 35.27 11.23 31.87
CA ALA F 39 36.51 11.33 31.10
C ALA F 39 37.21 12.72 31.18
N GLN F 40 36.46 13.79 31.47
CA GLN F 40 37.04 15.11 31.73
C GLN F 40 37.60 15.27 33.14
N VAL F 41 36.93 14.65 34.11
CA VAL F 41 37.29 14.84 35.51
C VAL F 41 37.33 13.50 36.22
N PRO F 42 38.46 12.77 36.11
CA PRO F 42 38.53 11.41 36.66
C PRO F 42 38.13 11.28 38.14
N GLU F 43 38.53 12.24 38.97
CA GLU F 43 38.30 12.18 40.42
C GLU F 43 36.89 12.57 40.89
N SER F 44 36.01 12.98 39.97
CA SER F 44 34.61 13.27 40.31
C SER F 44 33.76 12.06 40.70
N ARG F 45 34.21 10.85 40.36
CA ARG F 45 33.51 9.63 40.76
C ARG F 45 33.43 9.42 42.27
N SER F 46 34.37 9.98 43.03
CA SER F 46 34.35 9.87 44.49
C SER F 46 33.02 10.34 45.11
N LEU F 47 32.39 11.36 44.52
CA LEU F 47 31.13 11.92 45.04
C LEU F 47 29.95 10.97 44.97
N PHE F 48 30.05 9.95 44.14
CA PHE F 48 28.96 9.01 43.93
C PHE F 48 29.12 7.66 44.63
N LYS F 49 30.06 7.53 45.56
CA LYS F 49 30.26 6.27 46.28
C LYS F 49 28.97 5.67 46.84
N ARG F 50 28.02 6.53 47.20
CA ARG F 50 26.71 6.10 47.70
C ARG F 50 25.78 5.43 46.68
N VAL F 51 25.91 5.79 45.40
CA VAL F 51 25.00 5.33 44.34
C VAL F 51 25.58 4.17 43.48
N HIS F 52 26.70 3.59 43.91
CA HIS F 52 27.47 2.64 43.09
C HIS F 52 27.99 3.32 41.81
N GLY F 53 28.56 4.51 41.95
CA GLY F 53 29.14 5.21 40.80
C GLY F 53 30.51 4.73 40.33
N ASP F 54 31.03 3.64 40.92
CA ASP F 54 32.29 3.04 40.47
C ASP F 54 32.22 2.69 38.99
N ASP F 55 31.30 1.78 38.64
CA ASP F 55 31.00 1.43 37.23
C ASP F 55 29.67 2.07 36.84
N THR F 56 29.59 2.57 35.61
CA THR F 56 28.44 3.36 35.17
C THR F 56 27.36 2.55 34.46
N SER F 57 27.61 1.27 34.19
CA SER F 57 26.62 0.45 33.53
C SER F 57 25.74 -0.33 34.51
N HIS F 58 26.06 -0.27 35.81
CA HIS F 58 25.30 -0.97 36.86
C HIS F 58 23.87 -0.42 36.97
N PRO F 59 22.86 -1.29 37.14
CA PRO F 59 21.46 -0.83 37.14
C PRO F 59 21.16 0.26 38.15
N ALA F 60 21.66 0.13 39.38
CA ALA F 60 21.44 1.16 40.42
C ALA F 60 21.79 2.60 39.97
N PHE F 61 22.83 2.73 39.15
CA PHE F 61 23.25 4.03 38.60
C PHE F 61 22.36 4.57 37.49
N ILE F 62 21.85 3.68 36.65
CA ILE F 62 21.00 4.09 35.53
C ILE F 62 19.82 4.88 36.06
N ALA F 63 19.24 4.37 37.15
CA ALA F 63 18.14 5.05 37.83
C ALA F 63 18.53 6.47 38.22
N HIS F 64 19.70 6.59 38.83
CA HIS F 64 20.20 7.87 39.23
C HIS F 64 20.22 8.91 38.10
N ALA F 65 20.68 8.51 36.93
CA ALA F 65 20.84 9.43 35.81
C ALA F 65 19.53 9.91 35.23
N ASP F 66 18.49 9.08 35.24
CA ASP F 66 17.21 9.53 34.72
C ASP F 66 16.62 10.62 35.57
N ARG F 67 16.64 10.44 36.88
CA ARG F 67 16.22 11.52 37.78
C ARG F 67 16.93 12.82 37.44
N VAL F 68 18.21 12.75 37.13
CA VAL F 68 19.00 13.92 36.77
C VAL F 68 18.44 14.61 35.54
N LEU F 69 18.23 13.85 34.48
CA LEU F 69 17.59 14.41 33.28
C LEU F 69 16.16 14.77 33.60
N GLY F 70 15.41 13.82 34.14
CA GLY F 70 14.08 14.07 34.67
C GLY F 70 14.01 15.39 35.42
N GLY F 71 14.96 15.66 36.30
CA GLY F 71 15.02 16.93 37.02
C GLY F 71 15.28 18.11 36.10
N LEU F 72 16.30 17.98 35.26
CA LEU F 72 16.66 19.01 34.29
C LEU F 72 15.56 19.30 33.25
N ASP F 73 14.76 18.28 32.91
CA ASP F 73 13.59 18.45 32.04
C ASP F 73 12.62 19.47 32.63
N ILE F 74 12.38 19.38 33.94
CA ILE F 74 11.51 20.34 34.63
C ILE F 74 12.03 21.76 34.42
N ALA F 75 13.33 21.97 34.64
CA ALA F 75 13.94 23.28 34.44
C ALA F 75 13.65 23.88 33.06
N ILE F 76 14.16 23.24 32.01
CA ILE F 76 14.00 23.73 30.65
C ILE F 76 12.54 23.78 30.24
N SER F 77 11.70 22.89 30.80
CA SER F 77 10.26 22.91 30.52
C SER F 77 9.65 24.30 30.76
N THR F 78 9.99 24.92 31.89
CA THR F 78 9.45 26.22 32.27
C THR F 78 10.54 27.29 32.40
N LEU F 79 10.79 28.01 31.31
CA LEU F 79 11.47 29.30 31.38
C LEU F 79 10.50 30.44 31.08
N ASP F 80 9.23 30.11 30.85
CA ASP F 80 8.19 31.12 30.58
C ASP F 80 7.85 31.93 31.84
N GLN F 81 7.55 31.23 32.93
CA GLN F 81 7.14 31.87 34.19
C GLN F 81 8.38 32.09 35.05
N PRO F 82 8.85 33.35 35.19
CA PRO F 82 10.04 33.57 36.03
C PRO F 82 9.82 33.27 37.52
N ALA F 83 8.56 33.25 37.97
CA ALA F 83 8.21 32.88 39.34
C ALA F 83 8.44 31.39 39.59
N THR F 84 7.67 30.54 38.92
CA THR F 84 7.68 29.09 39.18
C THR F 84 9.06 28.48 38.99
N LEU F 85 9.83 29.00 38.03
CA LEU F 85 11.21 28.56 37.82
C LEU F 85 12.00 28.76 39.10
N LYS F 86 12.05 30.00 39.58
CA LYS F 86 12.81 30.32 40.80
C LYS F 86 12.36 29.49 42.00
N GLU F 87 11.07 29.15 42.05
CA GLU F 87 10.56 28.23 43.07
C GLU F 87 11.12 26.83 42.88
N GLU F 88 10.87 26.24 41.71
CA GLU F 88 11.31 24.86 41.38
C GLU F 88 12.81 24.72 41.44
N LEU F 89 13.51 25.66 40.82
CA LEU F 89 14.97 25.67 40.81
C LEU F 89 15.54 25.72 42.24
N ASP F 90 15.03 26.64 43.06
CA ASP F 90 15.51 26.83 44.45
C ASP F 90 15.52 25.52 45.24
N HIS F 91 14.56 24.64 44.95
CA HIS F 91 14.55 23.29 45.50
C HIS F 91 15.87 22.55 45.26
N LEU F 92 16.39 22.60 44.04
CA LEU F 92 17.64 21.91 43.70
C LEU F 92 18.83 22.39 44.54
N GLN F 93 18.82 23.67 44.93
CA GLN F 93 19.89 24.23 45.75
C GLN F 93 20.12 23.38 46.99
N VAL F 94 19.07 23.21 47.81
CA VAL F 94 19.17 22.43 49.06
C VAL F 94 19.53 20.95 48.82
N GLN F 95 19.30 20.45 47.61
CA GLN F 95 19.73 19.09 47.24
C GLN F 95 21.24 18.94 47.22
N HIS F 96 21.92 19.81 46.48
CA HIS F 96 23.37 19.74 46.36
C HIS F 96 24.12 20.36 47.52
N GLU F 97 23.51 21.35 48.18
CA GLU F 97 24.19 22.16 49.22
C GLU F 97 24.85 21.34 50.33
N GLY F 98 24.24 20.22 50.69
CA GLY F 98 24.78 19.35 51.75
C GLY F 98 26.08 18.61 51.46
N ARG F 99 26.74 18.91 50.35
CA ARG F 99 28.05 18.31 50.03
C ARG F 99 28.87 19.25 49.15
N LYS F 100 30.15 18.93 49.01
CA LYS F 100 31.13 19.83 48.40
C LYS F 100 31.24 19.62 46.89
N ILE F 101 30.67 20.54 46.12
CA ILE F 101 30.77 20.49 44.67
C ILE F 101 31.54 21.71 44.21
N PRO F 102 32.77 21.49 43.70
CA PRO F 102 33.52 22.63 43.16
C PRO F 102 32.82 23.26 41.96
N ASP F 103 33.06 24.54 41.71
CA ASP F 103 32.51 25.23 40.51
C ASP F 103 33.22 24.78 39.23
N ASN F 104 34.31 24.03 39.36
CA ASN F 104 34.98 23.41 38.22
C ASN F 104 34.14 22.32 37.58
N TYR F 105 33.58 21.41 38.38
CA TYR F 105 32.80 20.28 37.82
C TYR F 105 31.65 20.74 36.99
N PHE F 106 30.60 21.32 37.57
CA PHE F 106 29.43 21.60 36.73
C PHE F 106 29.65 22.68 35.66
N ASP F 107 30.86 23.21 35.58
CA ASP F 107 31.33 23.80 34.32
C ASP F 107 31.60 22.74 33.23
N ALA F 108 32.18 21.62 33.61
CA ALA F 108 32.46 20.51 32.68
C ALA F 108 31.19 19.77 32.27
N PHE F 109 30.34 19.42 33.22
CA PHE F 109 29.01 18.88 32.91
C PHE F 109 28.19 19.79 31.98
N LYS F 110 28.45 21.09 31.99
CA LYS F 110 27.93 21.97 30.95
C LYS F 110 28.47 21.59 29.57
N THR F 111 29.80 21.53 29.43
CA THR F 111 30.47 21.12 28.17
C THR F 111 29.96 19.75 27.70
N ALA F 112 29.74 18.82 28.64
CA ALA F 112 29.25 17.48 28.30
C ALA F 112 27.91 17.52 27.60
N ILE F 113 26.89 18.13 28.19
CA ILE F 113 25.57 18.19 27.55
C ILE F 113 25.63 18.77 26.15
N LEU F 114 26.36 19.85 25.95
CA LEU F 114 26.44 20.43 24.60
C LEU F 114 26.79 19.39 23.54
N HIS F 115 27.95 18.75 23.67
CA HIS F 115 28.36 17.79 22.67
C HIS F 115 27.33 16.71 22.45
N VAL F 116 26.87 16.09 23.51
CA VAL F 116 25.88 15.04 23.37
C VAL F 116 24.62 15.51 22.66
N VAL F 117 24.10 16.68 23.02
CA VAL F 117 22.92 17.19 22.33
C VAL F 117 23.19 17.31 20.84
N ALA F 118 24.30 17.92 20.45
CA ALA F 118 24.60 18.13 19.04
C ALA F 118 24.50 16.85 18.23
N ALA F 119 25.15 15.80 18.70
CA ALA F 119 25.07 14.48 18.07
C ALA F 119 23.64 13.96 17.99
N GLN F 120 22.99 13.86 19.15
CA GLN F 120 21.62 13.38 19.25
C GLN F 120 20.63 14.18 18.41
N LEU F 121 20.91 15.44 18.17
CA LEU F 121 19.97 16.35 17.53
C LEU F 121 20.18 16.47 16.03
N GLY F 122 19.18 17.01 15.35
CA GLY F 122 19.07 16.97 13.89
C GLY F 122 19.91 17.96 13.08
N ARG F 123 21.20 18.05 13.39
CA ARG F 123 22.16 18.84 12.61
C ARG F 123 22.05 20.35 12.75
N CYS F 124 21.04 20.85 13.47
CA CYS F 124 20.77 22.28 13.53
C CYS F 124 20.32 22.74 14.92
N TYR F 125 21.09 23.66 15.50
CA TYR F 125 20.82 24.27 16.80
C TYR F 125 21.83 25.41 16.94
N ASP F 126 21.54 26.39 17.81
CA ASP F 126 22.44 27.55 18.02
C ASP F 126 23.13 27.44 19.37
N ARG F 127 24.45 27.23 19.36
CA ARG F 127 25.19 27.02 20.61
C ARG F 127 25.02 28.17 21.58
N GLU F 128 25.33 29.38 21.12
CA GLU F 128 25.25 30.56 21.99
C GLU F 128 23.87 30.75 22.63
N ALA F 129 22.81 30.30 21.95
CA ALA F 129 21.49 30.23 22.57
C ALA F 129 21.45 29.25 23.75
N TRP F 130 21.81 27.99 23.51
CA TRP F 130 21.91 26.97 24.58
C TRP F 130 22.85 27.35 25.70
N ASP F 131 24.04 27.81 25.33
CA ASP F 131 25.09 28.23 26.26
C ASP F 131 24.54 29.12 27.38
N ALA F 132 23.70 30.09 27.03
CA ALA F 132 23.10 30.98 28.02
C ALA F 132 22.14 30.27 28.97
N CYS F 133 21.16 29.57 28.41
CA CYS F 133 20.03 29.06 29.20
C CYS F 133 20.41 28.05 30.28
N ILE F 134 21.14 27.01 29.91
CA ILE F 134 21.62 26.06 30.91
C ILE F 134 22.59 26.70 31.91
N ASP F 135 23.36 27.69 31.47
CA ASP F 135 24.25 28.44 32.38
C ASP F 135 23.45 29.24 33.42
N HIS F 136 22.29 29.78 33.03
CA HIS F 136 21.32 30.36 33.97
C HIS F 136 20.89 29.35 35.04
N ILE F 137 20.58 28.13 34.62
CA ILE F 137 20.30 27.03 35.55
C ILE F 137 21.51 26.70 36.42
N GLU F 138 22.71 26.65 35.84
CA GLU F 138 23.94 26.43 36.63
C GLU F 138 24.15 27.50 37.73
N ASP F 139 23.96 28.78 37.40
CA ASP F 139 23.95 29.86 38.40
C ASP F 139 22.90 29.63 39.49
N GLY F 140 21.78 28.99 39.11
CA GLY F 140 20.78 28.56 40.06
C GLY F 140 21.23 27.59 41.13
N ILE F 141 21.69 26.39 40.74
CA ILE F 141 22.01 25.34 41.71
C ILE F 141 23.22 25.69 42.57
N LYS F 142 24.21 26.36 41.97
CA LYS F 142 25.35 26.87 42.72
C LYS F 142 24.92 27.71 43.94
N GLY F 143 23.74 28.32 43.88
CA GLY F 143 23.13 28.99 45.03
C GLY F 143 23.34 30.50 45.02
N HIS F 144 24.46 30.93 44.44
CA HIS F 144 24.78 32.34 44.29
C HIS F 144 25.38 32.55 42.90
N HIS F 145 25.06 33.70 42.30
CA HIS F 145 25.27 33.94 40.86
C HIS F 145 25.88 35.29 40.61
N HIS G 3 10.24 -15.86 35.99
CA HIS G 3 8.95 -16.41 35.45
C HIS G 3 7.65 -15.81 36.03
N GLU G 4 7.77 -14.71 36.77
CA GLU G 4 6.62 -14.02 37.38
C GLU G 4 5.72 -13.37 36.34
N HIS G 5 4.40 -13.37 36.60
CA HIS G 5 3.41 -13.21 35.56
C HIS G 5 2.91 -11.77 35.41
N CYS G 6 2.50 -11.15 36.52
CA CYS G 6 1.92 -9.79 36.55
C CYS G 6 2.84 -8.75 35.91
N CYS G 7 2.23 -7.80 35.20
CA CYS G 7 2.98 -6.78 34.45
C CYS G 7 3.92 -7.41 33.40
N SER G 8 3.34 -8.22 32.51
CA SER G 8 4.11 -8.88 31.44
C SER G 8 4.62 -7.88 30.42
N GLU G 9 5.60 -8.29 29.63
CA GLU G 9 6.30 -7.41 28.70
C GLU G 9 5.37 -6.67 27.74
N GLU G 10 4.51 -7.41 27.04
CA GLU G 10 3.68 -6.82 26.00
C GLU G 10 2.77 -5.68 26.46
N ASP G 11 2.36 -5.70 27.73
CA ASP G 11 1.44 -4.67 28.25
C ASP G 11 2.00 -3.25 28.28
N HIS G 12 3.18 -3.08 28.90
CA HIS G 12 3.75 -1.75 29.10
C HIS G 12 4.16 -1.07 27.79
N ARG G 13 4.38 -1.85 26.74
CA ARG G 13 4.48 -1.28 25.41
C ARG G 13 3.20 -0.52 25.03
N ILE G 14 2.03 -1.08 25.36
CA ILE G 14 0.76 -0.38 25.15
C ILE G 14 0.72 0.87 25.99
N VAL G 15 1.07 0.74 27.26
CA VAL G 15 1.07 1.88 28.18
C VAL G 15 1.89 3.02 27.59
N GLN G 16 3.18 2.79 27.36
CA GLN G 16 4.06 3.87 26.90
C GLN G 16 3.54 4.57 25.65
N LYS G 17 2.92 3.80 24.74
CA LYS G 17 2.35 4.37 23.52
C LYS G 17 1.19 5.30 23.83
N GLN G 18 0.26 4.85 24.67
CA GLN G 18 -0.92 5.65 25.05
C GLN G 18 -0.51 6.84 25.91
N TRP G 19 0.30 6.57 26.93
CA TRP G 19 0.85 7.63 27.78
C TRP G 19 1.60 8.72 27.02
N ASP G 20 2.17 8.38 25.86
CA ASP G 20 2.89 9.37 25.04
C ASP G 20 1.98 10.23 24.17
N ILE G 21 0.70 9.91 24.05
CA ILE G 21 -0.20 10.68 23.20
C ILE G 21 -0.43 12.08 23.76
N LEU G 22 -0.34 12.22 25.08
CA LEU G 22 -0.45 13.53 25.73
C LEU G 22 0.66 14.52 25.34
N TRP G 23 1.89 14.05 25.42
CA TRP G 23 3.06 14.90 25.18
C TRP G 23 3.48 15.05 23.72
N ARG G 24 2.66 14.56 22.78
CA ARG G 24 2.91 14.82 21.34
C ARG G 24 2.92 16.31 21.07
N ASP G 25 2.09 17.05 21.79
CA ASP G 25 2.11 18.51 21.77
C ASP G 25 3.38 19.07 22.42
N THR G 26 3.89 20.16 21.86
CA THR G 26 5.00 20.92 22.46
C THR G 26 4.45 21.79 23.60
N GLU G 27 5.31 22.60 24.23
CA GLU G 27 4.84 23.51 25.29
C GLU G 27 3.86 22.86 26.30
N SER G 28 4.18 21.64 26.72
CA SER G 28 3.33 20.83 27.58
C SER G 28 3.57 21.06 29.06
N SER G 29 4.37 22.07 29.41
CA SER G 29 4.56 22.44 30.80
C SER G 29 3.21 22.74 31.43
N LYS G 30 2.41 23.58 30.76
CA LYS G 30 1.09 23.94 31.27
C LYS G 30 0.15 22.75 31.39
N ILE G 31 0.26 21.77 30.48
CA ILE G 31 -0.58 20.56 30.57
C ILE G 31 -0.40 19.94 31.94
N LYS G 32 0.80 19.45 32.21
CA LYS G 32 1.01 18.63 33.39
C LYS G 32 1.09 19.45 34.70
N ILE G 33 1.22 20.78 34.61
CA ILE G 33 0.96 21.61 35.77
C ILE G 33 -0.51 21.47 36.12
N GLY G 34 -1.38 21.80 35.16
CA GLY G 34 -2.83 21.73 35.34
C GLY G 34 -3.33 20.35 35.68
N PHE G 35 -2.97 19.37 34.85
CA PHE G 35 -3.33 17.97 35.10
C PHE G 35 -2.76 17.44 36.44
N GLY G 36 -1.67 18.02 36.92
CA GLY G 36 -1.14 17.72 38.26
C GLY G 36 -1.82 18.47 39.39
N ARG G 37 -2.22 19.72 39.12
CA ARG G 37 -2.93 20.54 40.10
C ARG G 37 -4.25 19.93 40.52
N LEU G 38 -4.93 19.25 39.60
CA LEU G 38 -6.17 18.58 39.93
C LEU G 38 -5.98 17.35 40.82
N LEU G 39 -4.94 16.56 40.58
CA LEU G 39 -4.76 15.30 41.33
C LEU G 39 -4.54 15.45 42.83
N LEU G 40 -3.89 16.53 43.24
CA LEU G 40 -3.68 16.78 44.66
C LEU G 40 -4.88 17.39 45.38
N THR G 41 -5.56 18.34 44.75
CA THR G 41 -6.76 18.95 45.34
C THR G 41 -7.87 17.92 45.48
N LYS G 42 -8.18 17.22 44.38
CA LYS G 42 -9.16 16.14 44.38
C LYS G 42 -8.84 15.01 45.38
N LEU G 43 -7.58 14.90 45.81
CA LEU G 43 -7.24 14.05 46.93
C LEU G 43 -7.70 14.63 48.28
N ALA G 44 -7.44 15.92 48.52
CA ALA G 44 -7.80 16.59 49.79
C ALA G 44 -9.31 16.55 50.14
N LYS G 45 -10.17 16.61 49.12
CA LYS G 45 -11.63 16.55 49.31
C LYS G 45 -12.19 15.14 49.57
N ASP G 46 -11.34 14.11 49.59
CA ASP G 46 -11.73 12.77 50.02
C ASP G 46 -11.20 12.50 51.44
N ILE G 47 -9.88 12.49 51.59
CA ILE G 47 -9.26 12.41 52.91
C ILE G 47 -8.83 13.83 53.29
N PRO G 48 -9.50 14.46 54.28
CA PRO G 48 -9.09 15.80 54.69
C PRO G 48 -7.79 15.84 55.50
N GLU G 49 -7.42 14.72 56.14
CA GLU G 49 -6.24 14.64 56.99
C GLU G 49 -4.94 15.08 56.31
N VAL G 50 -4.74 14.64 55.07
CA VAL G 50 -3.50 14.89 54.31
C VAL G 50 -3.21 16.37 54.04
N ASN G 51 -4.25 17.20 54.06
CA ASN G 51 -4.13 18.65 53.86
C ASN G 51 -3.01 19.26 54.73
N ASP G 52 -2.89 18.79 55.97
CA ASP G 52 -1.82 19.25 56.87
C ASP G 52 -0.41 19.00 56.32
N LEU G 53 -0.21 17.87 55.62
CA LEU G 53 1.11 17.47 55.15
C LEU G 53 1.74 18.44 54.16
N PHE G 54 0.94 19.07 53.32
CA PHE G 54 1.44 19.99 52.29
C PHE G 54 1.69 21.44 52.74
N LYS G 55 1.66 21.70 54.05
CA LYS G 55 1.93 23.05 54.56
C LYS G 55 3.25 23.62 54.05
N ARG G 56 4.30 22.79 53.98
CA ARG G 56 5.64 23.25 53.54
C ARG G 56 5.67 23.84 52.11
N VAL G 57 4.81 23.32 51.24
CA VAL G 57 4.70 23.81 49.85
C VAL G 57 3.59 24.85 49.67
N ASP G 58 2.85 25.15 50.74
CA ASP G 58 1.76 26.13 50.71
C ASP G 58 0.65 25.72 49.74
N ILE G 59 0.03 24.56 50.01
CA ILE G 59 -1.10 24.05 49.21
C ILE G 59 -2.31 24.98 49.18
N GLU G 60 -2.44 25.84 50.19
CA GLU G 60 -3.56 26.81 50.26
C GLU G 60 -3.73 27.67 49.01
N HIS G 61 -2.64 27.91 48.27
CA HIS G 61 -2.68 28.58 46.97
C HIS G 61 -2.65 27.54 45.85
N ALA G 62 -3.78 27.32 45.18
CA ALA G 62 -3.89 26.33 44.09
C ALA G 62 -3.05 26.74 42.88
N GLU G 63 -3.28 27.97 42.40
CA GLU G 63 -2.50 28.60 41.33
C GLU G 63 -1.14 29.15 41.79
N GLY G 64 -0.90 29.16 43.10
CA GLY G 64 0.34 29.68 43.69
C GLY G 64 1.59 29.08 43.06
N PRO G 65 2.59 29.94 42.72
CA PRO G 65 3.82 29.44 42.12
C PRO G 65 4.55 28.41 42.96
N LYS G 66 4.71 28.68 44.25
CA LYS G 66 5.45 27.77 45.13
C LYS G 66 4.92 26.32 45.13
N PHE G 67 3.60 26.15 45.03
CA PHE G 67 2.98 24.82 44.93
C PHE G 67 3.00 24.26 43.52
N SER G 68 2.77 25.10 42.51
CA SER G 68 2.79 24.67 41.11
C SER G 68 4.04 23.86 40.76
N ALA G 69 5.21 24.42 41.09
CA ALA G 69 6.50 23.75 40.89
C ALA G 69 6.62 22.38 41.59
N HIS G 70 5.84 22.16 42.64
CA HIS G 70 5.69 20.83 43.23
C HIS G 70 4.85 19.87 42.37
N ALA G 71 3.81 20.37 41.73
CA ALA G 71 2.97 19.53 40.86
C ALA G 71 3.73 18.93 39.67
N LEU G 72 4.66 19.69 39.09
CA LEU G 72 5.52 19.17 38.03
C LEU G 72 6.29 17.98 38.53
N ARG G 73 7.04 18.18 39.60
CA ARG G 73 7.91 17.14 40.15
C ARG G 73 7.24 15.80 40.45
N ILE G 74 5.95 15.79 40.76
CA ILE G 74 5.25 14.52 40.95
C ILE G 74 4.96 13.79 39.62
N LEU G 75 4.44 14.48 38.62
CA LEU G 75 4.17 13.82 37.33
C LEU G 75 5.43 13.47 36.61
N ASN G 76 6.37 14.40 36.60
CA ASN G 76 7.67 14.14 36.03
C ASN G 76 8.37 12.95 36.69
N GLY G 77 8.32 12.87 38.02
CA GLY G 77 8.78 11.68 38.74
C GLY G 77 8.03 10.40 38.38
N LEU G 78 6.72 10.51 38.18
CA LEU G 78 5.92 9.39 37.65
C LEU G 78 6.29 9.04 36.22
N ASP G 79 6.57 10.05 35.40
CA ASP G 79 6.88 9.85 33.99
C ASP G 79 8.10 8.98 33.81
N LEU G 80 9.23 9.36 34.43
CA LEU G 80 10.45 8.55 34.30
C LEU G 80 10.22 7.10 34.73
N ALA G 81 9.30 6.88 35.67
CA ALA G 81 8.90 5.53 36.07
C ALA G 81 8.29 4.74 34.92
N ILE G 82 7.37 5.34 34.19
CA ILE G 82 6.70 4.69 33.06
C ILE G 82 7.68 4.44 31.92
N ASN G 83 8.42 5.45 31.50
CA ASN G 83 9.40 5.29 30.41
C ASN G 83 10.56 4.37 30.74
N LEU G 84 10.73 4.03 32.00
CA LEU G 84 11.72 3.06 32.40
C LEU G 84 11.13 1.66 32.67
N LEU G 85 9.85 1.39 32.37
CA LEU G 85 9.22 0.09 32.72
C LEU G 85 9.98 -1.11 32.16
N ASP G 86 10.36 -1.02 30.89
CA ASP G 86 11.30 -1.97 30.27
C ASP G 86 12.69 -1.88 30.92
N ASP G 87 13.42 -2.99 30.89
CA ASP G 87 14.65 -3.16 31.69
C ASP G 87 14.33 -3.06 33.20
N PRO G 88 13.55 -4.04 33.73
CA PRO G 88 13.10 -4.00 35.13
C PRO G 88 14.14 -3.71 36.22
N PRO G 89 15.31 -4.40 36.21
CA PRO G 89 16.20 -4.26 37.37
C PRO G 89 16.56 -2.82 37.74
N ALA G 90 16.54 -1.90 36.77
CA ALA G 90 16.68 -0.46 37.04
C ALA G 90 15.49 0.12 37.77
N LEU G 91 14.27 -0.19 37.31
CA LEU G 91 13.05 0.36 37.90
C LEU G 91 12.92 0.10 39.39
N ASP G 92 13.27 -1.12 39.82
CA ASP G 92 13.25 -1.45 41.25
C ASP G 92 14.08 -0.44 42.04
N ALA G 93 15.32 -0.22 41.62
CA ALA G 93 16.17 0.80 42.22
C ALA G 93 15.57 2.21 42.12
N ALA G 94 14.96 2.53 40.98
CA ALA G 94 14.33 3.85 40.77
C ALA G 94 13.24 4.15 41.77
N LEU G 95 12.31 3.22 41.93
CA LEU G 95 11.21 3.38 42.89
C LEU G 95 11.68 3.28 44.32
N ASP G 96 12.58 2.34 44.61
CA ASP G 96 13.20 2.26 45.95
C ASP G 96 13.68 3.61 46.48
N HIS G 97 14.25 4.42 45.62
CA HIS G 97 14.67 5.77 46.00
C HIS G 97 13.49 6.73 46.25
N LEU G 98 12.33 6.49 45.66
CA LEU G 98 11.12 7.27 46.00
C LEU G 98 10.52 6.89 47.34
N ALA G 99 10.44 5.60 47.63
CA ALA G 99 9.92 5.16 48.92
C ALA G 99 10.70 5.82 50.05
N HIS G 100 12.01 5.63 50.06
CA HIS G 100 12.91 6.28 51.03
C HIS G 100 12.69 7.80 51.07
N GLN G 101 12.41 8.42 49.94
CA GLN G 101 12.08 9.85 49.91
C GLN G 101 10.79 10.17 50.66
N HIS G 102 9.79 9.29 50.58
CA HIS G 102 8.56 9.41 51.40
C HIS G 102 8.68 8.92 52.84
N GLU G 103 9.76 8.22 53.16
CA GLU G 103 9.97 7.66 54.49
C GLU G 103 10.26 8.70 55.55
N VAL G 104 11.26 9.54 55.31
CA VAL G 104 11.66 10.59 56.25
C VAL G 104 10.54 11.59 56.52
N ARG G 105 9.63 11.74 55.56
CA ARG G 105 8.41 12.49 55.78
C ARG G 105 7.47 11.70 56.68
N GLU G 106 6.94 12.39 57.68
CA GLU G 106 6.13 11.78 58.72
C GLU G 106 4.65 12.13 58.49
N GLY G 107 3.78 11.20 58.87
CA GLY G 107 2.33 11.37 58.72
C GLY G 107 1.78 10.93 57.39
N VAL G 108 2.50 10.05 56.70
CA VAL G 108 2.06 9.51 55.40
C VAL G 108 1.58 8.07 55.62
N GLN G 109 0.27 7.91 55.53
CA GLN G 109 -0.40 6.65 55.87
C GLN G 109 -0.63 5.82 54.62
N LYS G 110 -0.29 4.53 54.72
CA LYS G 110 -0.33 3.58 53.61
C LYS G 110 -1.67 3.54 52.87
N ALA G 111 -2.76 3.67 53.62
CA ALA G 111 -4.10 3.67 53.03
C ALA G 111 -4.38 4.84 52.08
N HIS G 112 -3.59 5.92 52.14
CA HIS G 112 -3.75 7.06 51.22
C HIS G 112 -3.61 6.67 49.77
N PHE G 113 -2.52 5.96 49.46
CA PHE G 113 -2.24 5.56 48.08
C PHE G 113 -3.37 4.73 47.49
N LYS G 114 -3.95 3.83 48.29
CA LYS G 114 -5.10 3.02 47.87
C LYS G 114 -6.22 3.89 47.28
N LYS G 115 -6.46 5.05 47.88
CA LYS G 115 -7.36 6.04 47.27
C LYS G 115 -6.73 6.64 46.03
N PHE G 116 -5.53 7.19 46.16
CA PHE G 116 -4.85 7.86 45.04
C PHE G 116 -4.83 7.04 43.74
N GLY G 117 -4.75 5.72 43.87
CA GLY G 117 -4.93 4.81 42.75
C GLY G 117 -6.35 4.87 42.19
N GLU G 118 -7.34 4.72 43.06
CA GLU G 118 -8.76 4.75 42.66
C GLU G 118 -9.18 6.08 42.01
N ILE G 119 -8.63 7.20 42.49
CA ILE G 119 -8.82 8.49 41.81
C ILE G 119 -8.25 8.39 40.41
N LEU G 120 -6.97 8.05 40.31
CA LEU G 120 -6.27 8.01 39.03
C LEU G 120 -6.79 6.93 38.07
N ALA G 121 -7.10 5.75 38.60
CA ALA G 121 -7.65 4.64 37.79
C ALA G 121 -8.97 5.01 37.11
N THR G 122 -9.83 5.75 37.81
CA THR G 122 -11.07 6.27 37.24
C THR G 122 -10.93 7.73 36.73
N GLY G 123 -9.86 8.41 37.13
CA GLY G 123 -9.57 9.77 36.64
C GLY G 123 -9.00 9.78 35.24
N LEU G 124 -8.09 8.84 34.96
CA LEU G 124 -7.42 8.75 33.67
C LEU G 124 -8.33 8.61 32.45
N PRO G 125 -9.33 7.71 32.49
CA PRO G 125 -10.20 7.48 31.32
C PRO G 125 -10.88 8.72 30.74
N GLN G 126 -10.95 9.81 31.48
CA GLN G 126 -11.45 11.06 30.90
C GLN G 126 -10.45 11.74 29.97
N VAL G 127 -9.15 11.65 30.24
CA VAL G 127 -8.15 12.47 29.54
C VAL G 127 -7.46 11.82 28.34
N LEU G 128 -7.81 10.58 28.00
CA LEU G 128 -7.17 9.89 26.88
C LEU G 128 -8.16 9.53 25.80
N ASP G 129 -7.64 9.31 24.59
CA ASP G 129 -8.46 8.89 23.46
C ASP G 129 -8.95 7.46 23.69
N ASP G 130 -8.03 6.51 23.63
CA ASP G 130 -8.35 5.09 23.82
C ASP G 130 -7.39 4.55 24.85
N TYR G 131 -7.74 3.43 25.45
CA TYR G 131 -6.80 2.67 26.27
C TYR G 131 -7.45 1.39 26.79
N ASP G 132 -6.62 0.39 27.11
CA ASP G 132 -7.07 -0.85 27.75
C ASP G 132 -6.91 -0.73 29.26
N ALA G 133 -8.04 -0.57 29.97
CA ALA G 133 -8.04 -0.43 31.42
C ALA G 133 -7.35 -1.57 32.14
N LEU G 134 -7.42 -2.76 31.56
CA LEU G 134 -6.79 -3.91 32.16
C LEU G 134 -5.28 -3.74 32.22
N ALA G 135 -4.68 -3.18 31.17
CA ALA G 135 -3.24 -2.94 31.14
C ALA G 135 -2.79 -1.96 32.22
N TRP G 136 -3.33 -0.74 32.20
CA TRP G 136 -3.01 0.27 33.20
C TRP G 136 -3.18 -0.21 34.62
N LYS G 137 -4.25 -0.97 34.86
CA LYS G 137 -4.49 -1.55 36.17
C LYS G 137 -3.29 -2.37 36.62
N SER G 138 -2.71 -3.16 35.74
CA SER G 138 -1.55 -3.99 36.11
C SER G 138 -0.33 -3.18 36.47
N CYS G 139 0.03 -2.20 35.62
CA CYS G 139 1.24 -1.42 35.84
C CYS G 139 1.16 -0.52 37.06
N LEU G 140 0.07 0.22 37.21
CA LEU G 140 -0.05 1.12 38.39
C LEU G 140 -0.10 0.39 39.74
N LYS G 141 -0.56 -0.85 39.77
CA LYS G 141 -0.33 -1.71 40.95
C LYS G 141 1.16 -1.93 41.18
N GLY G 142 1.95 -2.00 40.11
CA GLY G 142 3.39 -2.11 40.21
C GLY G 142 4.06 -0.87 40.81
N ILE G 143 3.73 0.30 40.29
CA ILE G 143 4.34 1.54 40.77
C ILE G 143 3.93 1.81 42.21
N LEU G 144 2.63 1.87 42.46
CA LEU G 144 2.12 2.30 43.76
C LEU G 144 2.51 1.33 44.86
N THR G 145 2.17 0.05 44.71
CA THR G 145 2.45 -0.97 45.75
C THR G 145 3.93 -1.01 46.17
N LYS G 146 4.83 -0.80 45.22
CA LYS G 146 6.27 -0.82 45.55
C LYS G 146 6.72 0.42 46.30
N ILE G 147 6.16 1.58 45.94
CA ILE G 147 6.23 2.75 46.82
C ILE G 147 5.45 2.39 48.09
N SER G 148 5.83 2.99 49.22
CA SER G 148 5.14 2.75 50.48
C SER G 148 5.60 1.46 51.16
N SER G 149 6.30 0.58 50.44
CA SER G 149 6.90 -0.60 51.04
C SER G 149 7.88 -0.26 52.16
N ARG G 150 8.35 0.99 52.24
CA ARG G 150 9.09 1.47 53.38
C ARG G 150 8.25 2.01 54.55
N LEU G 151 6.95 2.22 54.37
CA LEU G 151 6.12 2.86 55.43
C LEU G 151 5.66 1.89 56.54
N GLU H 1 -22.05 21.69 32.64
CA GLU H 1 -20.96 21.12 33.52
C GLU H 1 -19.68 20.84 32.72
N CYS H 2 -18.79 21.83 32.65
CA CYS H 2 -17.55 21.73 31.87
C CYS H 2 -16.53 22.79 32.27
N LEU H 3 -15.42 22.77 31.54
CA LEU H 3 -14.27 23.74 31.58
C LEU H 3 -12.87 23.26 32.07
N VAL H 4 -12.89 22.18 32.85
CA VAL H 4 -11.71 21.57 33.47
C VAL H 4 -11.30 20.31 32.73
N THR H 5 -10.64 19.29 33.33
CA THR H 5 -10.41 17.98 32.68
C THR H 5 -11.24 17.73 31.43
N GLU H 6 -12.55 17.64 31.61
CA GLU H 6 -13.50 17.40 30.52
C GLU H 6 -13.39 18.40 29.36
N SER H 7 -12.87 19.60 29.63
CA SER H 7 -12.47 20.55 28.58
C SER H 7 -11.19 20.15 27.88
N LEU H 8 -10.17 19.80 28.66
CA LEU H 8 -8.85 19.44 28.11
C LEU H 8 -8.96 18.44 26.96
N LYS H 9 -9.76 17.40 27.14
CA LYS H 9 -9.95 16.38 26.12
C LYS H 9 -10.41 16.92 24.78
N VAL H 10 -11.27 17.93 24.79
CA VAL H 10 -11.75 18.51 23.53
C VAL H 10 -10.60 19.10 22.72
N LYS H 11 -9.61 19.68 23.39
CA LYS H 11 -8.43 20.19 22.68
C LYS H 11 -7.69 19.11 21.90
N LEU H 12 -7.28 18.04 22.58
CA LEU H 12 -6.54 16.95 21.93
C LEU H 12 -7.29 16.42 20.72
N GLN H 13 -8.58 16.13 20.87
CA GLN H 13 -9.38 15.62 19.75
C GLN H 13 -9.70 16.62 18.68
N TRP H 14 -9.66 17.91 19.02
CA TRP H 14 -9.71 18.95 18.01
C TRP H 14 -8.47 18.90 17.12
N ALA H 15 -7.29 18.69 17.71
CA ALA H 15 -6.06 18.60 16.92
C ALA H 15 -6.16 17.53 15.82
N SER H 16 -6.43 16.29 16.22
CA SER H 16 -6.46 15.15 15.30
C SER H 16 -7.44 15.33 14.14
N ALA H 17 -8.73 15.25 14.42
CA ALA H 17 -9.77 15.18 13.37
C ALA H 17 -9.84 16.38 12.44
N PHE H 18 -9.39 17.53 12.93
CA PHE H 18 -9.42 18.75 12.15
C PHE H 18 -8.41 18.75 10.98
N GLY H 19 -7.35 17.95 11.09
CA GLY H 19 -6.44 17.73 9.98
C GLY H 19 -5.62 18.96 9.64
N HIS H 20 -5.21 19.05 8.37
CA HIS H 20 -4.33 20.12 7.93
C HIS H 20 -4.40 20.35 6.42
N ALA H 21 -4.18 21.61 6.02
CA ALA H 21 -3.98 21.99 4.60
C ALA H 21 -5.18 21.66 3.70
N HIS H 22 -4.93 21.15 2.48
CA HIS H 22 -5.99 20.67 1.61
C HIS H 22 -7.00 19.76 2.32
N GLU H 23 -6.54 18.98 3.31
CA GLU H 23 -7.44 18.17 4.16
C GLU H 23 -8.38 19.02 5.03
N ARG H 24 -7.99 20.25 5.35
CA ARG H 24 -8.83 21.17 6.15
C ARG H 24 -10.01 21.73 5.39
N VAL H 25 -9.76 22.28 4.21
CA VAL H 25 -10.84 22.76 3.37
C VAL H 25 -11.88 21.66 3.14
N ALA H 26 -11.41 20.47 2.73
CA ALA H 26 -12.28 19.30 2.52
C ALA H 26 -13.12 18.97 3.77
N PHE H 27 -12.61 19.27 4.96
CA PHE H 27 -13.37 19.12 6.21
C PHE H 27 -14.50 20.11 6.36
N GLY H 28 -14.19 21.40 6.20
CA GLY H 28 -15.19 22.47 6.30
C GLY H 28 -16.36 22.31 5.35
N LEU H 29 -16.07 22.23 4.06
CA LEU H 29 -17.09 22.02 3.05
C LEU H 29 -17.93 20.74 3.23
N GLU H 30 -17.36 19.73 3.86
CA GLU H 30 -18.11 18.51 4.22
C GLU H 30 -19.08 18.78 5.41
N LEU H 31 -18.79 19.79 6.23
CA LEU H 31 -19.70 20.21 7.31
C LEU H 31 -20.97 20.88 6.77
N TRP H 32 -20.81 22.03 6.12
CA TRP H 32 -21.98 22.82 5.65
C TRP H 32 -22.89 22.01 4.76
N ARG H 33 -22.30 21.23 3.86
CA ARG H 33 -23.06 20.33 3.01
C ARG H 33 -24.03 19.42 3.78
N ASP H 34 -23.69 19.09 5.03
CA ASP H 34 -24.63 18.42 5.94
C ASP H 34 -25.87 19.28 6.20
N ILE H 35 -25.68 20.46 6.77
CA ILE H 35 -26.80 21.25 7.28
C ILE H 35 -27.71 21.82 6.18
N ILE H 36 -27.13 22.27 5.07
CA ILE H 36 -27.92 22.79 3.95
C ILE H 36 -28.84 21.74 3.30
N ASP H 37 -28.41 20.48 3.26
CA ASP H 37 -29.32 19.38 2.86
C ASP H 37 -30.47 19.18 3.87
N ASP H 38 -30.22 19.42 5.14
CA ASP H 38 -31.22 19.28 6.21
C ASP H 38 -32.20 20.48 6.29
N HIS H 39 -31.67 21.71 6.31
CA HIS H 39 -32.45 22.93 6.57
C HIS H 39 -32.29 23.93 5.41
N PRO H 40 -33.10 23.80 4.35
CA PRO H 40 -32.84 24.52 3.09
C PRO H 40 -32.83 26.06 3.18
N GLU H 41 -33.64 26.60 4.09
CA GLU H 41 -33.73 28.05 4.29
C GLU H 41 -32.40 28.72 4.70
N ILE H 42 -31.50 27.95 5.32
CA ILE H 42 -30.28 28.50 5.90
C ILE H 42 -29.40 29.25 4.88
N LYS H 43 -29.56 28.95 3.59
CA LYS H 43 -28.76 29.63 2.55
C LYS H 43 -29.23 31.04 2.15
N ALA H 44 -30.33 31.53 2.73
CA ALA H 44 -30.77 32.91 2.51
C ALA H 44 -29.73 33.99 2.87
N PRO H 45 -29.14 33.95 4.10
CA PRO H 45 -28.17 35.00 4.51
C PRO H 45 -26.83 35.04 3.75
N PHE H 46 -26.49 33.95 3.07
CA PHE H 46 -25.20 33.86 2.41
C PHE H 46 -25.13 34.49 1.02
N SER H 47 -26.18 35.19 0.57
CA SER H 47 -26.12 35.89 -0.71
C SER H 47 -24.94 36.88 -0.84
N ARG H 48 -24.36 37.31 0.28
CA ARG H 48 -23.14 38.13 0.28
C ARG H 48 -21.88 37.39 -0.21
N VAL H 49 -21.74 36.13 0.22
CA VAL H 49 -20.60 35.27 -0.13
C VAL H 49 -20.86 34.36 -1.34
N ARG H 50 -21.94 34.62 -2.08
CA ARG H 50 -22.40 33.78 -3.19
C ARG H 50 -22.70 32.36 -2.72
N GLY H 51 -23.33 32.24 -1.56
CA GLY H 51 -23.78 30.95 -1.02
C GLY H 51 -24.89 30.28 -1.84
N ASP H 52 -25.13 30.80 -3.04
CA ASP H 52 -25.86 30.10 -4.08
C ASP H 52 -25.35 28.66 -4.25
N ASN H 53 -24.05 28.54 -4.56
CA ASN H 53 -23.36 27.25 -4.73
C ASN H 53 -22.16 27.16 -3.80
N ILE H 54 -22.29 26.32 -2.78
CA ILE H 54 -21.26 26.20 -1.75
C ILE H 54 -19.93 25.70 -2.31
N TYR H 55 -19.98 24.78 -3.27
CA TYR H 55 -18.74 24.23 -3.88
C TYR H 55 -17.93 25.27 -4.61
N SER H 56 -18.56 26.34 -5.08
CA SER H 56 -17.82 27.46 -5.65
C SER H 56 -16.81 28.03 -4.66
N PRO H 57 -15.70 28.62 -5.16
CA PRO H 57 -14.78 29.33 -4.27
C PRO H 57 -15.42 30.55 -3.63
N GLU H 58 -14.67 31.26 -2.80
CA GLU H 58 -15.16 32.45 -2.09
C GLU H 58 -16.14 32.11 -0.95
N PHE H 59 -16.93 31.04 -1.10
CA PHE H 59 -17.56 30.40 0.04
C PHE H 59 -16.58 29.44 0.72
N GLY H 60 -15.87 28.64 -0.09
CA GLY H 60 -14.75 27.81 0.40
C GLY H 60 -13.90 28.65 1.33
N ALA H 61 -13.55 29.87 0.89
CA ALA H 61 -12.81 30.84 1.70
C ALA H 61 -13.51 31.17 3.01
N HIS H 62 -14.81 31.45 2.90
CA HIS H 62 -15.62 31.78 4.07
C HIS H 62 -15.58 30.69 5.12
N SER H 63 -16.05 29.50 4.74
CA SER H 63 -16.19 28.39 5.67
C SER H 63 -14.92 28.04 6.42
N GLN H 64 -13.77 28.39 5.84
CA GLN H 64 -12.53 28.21 6.52
C GLN H 64 -12.30 29.29 7.58
N ARG H 65 -12.63 30.55 7.26
CA ARG H 65 -12.66 31.62 8.29
C ARG H 65 -13.52 31.22 9.47
N VAL H 66 -14.62 30.51 9.18
CA VAL H 66 -15.51 30.01 10.23
C VAL H 66 -14.74 29.13 11.19
N LEU H 67 -14.24 28.00 10.68
CA LEU H 67 -13.60 27.01 11.53
C LEU H 67 -12.41 27.60 12.25
N SER H 68 -11.63 28.41 11.54
CA SER H 68 -10.55 29.16 12.15
C SER H 68 -10.99 29.85 13.45
N GLY H 69 -12.22 30.38 13.48
CA GLY H 69 -12.79 30.96 14.69
C GLY H 69 -12.85 30.02 15.88
N LEU H 70 -13.37 28.81 15.64
CA LEU H 70 -13.42 27.77 16.68
C LEU H 70 -12.03 27.48 17.25
N ASP H 71 -11.01 27.52 16.40
CA ASP H 71 -9.63 27.40 16.85
C ASP H 71 -9.35 28.41 17.94
N ILE H 72 -9.55 29.70 17.63
CA ILE H 72 -9.33 30.79 18.61
C ILE H 72 -10.08 30.50 19.90
N THR H 73 -11.37 30.17 19.76
CA THR H 73 -12.22 29.81 20.90
C THR H 73 -11.64 28.63 21.69
N ILE H 74 -11.63 27.46 21.05
CA ILE H 74 -11.27 26.21 21.71
C ILE H 74 -9.85 26.24 22.21
N SER H 75 -8.95 26.88 21.47
CA SER H 75 -7.56 27.01 21.91
C SER H 75 -7.39 27.65 23.28
N MET H 76 -8.05 28.79 23.50
CA MET H 76 -7.98 29.50 24.78
C MET H 76 -8.95 29.00 25.84
N LEU H 77 -9.71 27.95 25.53
CA LEU H 77 -10.77 27.44 26.39
C LEU H 77 -10.38 27.07 27.83
N ASP H 78 -9.08 26.93 28.12
CA ASP H 78 -8.62 26.70 29.48
C ASP H 78 -8.76 27.96 30.35
N THR H 79 -8.11 29.05 29.93
CA THR H 79 -8.09 30.29 30.71
C THR H 79 -9.45 31.00 30.61
N PRO H 80 -10.25 31.01 31.71
CA PRO H 80 -11.62 31.52 31.60
C PRO H 80 -11.74 33.02 31.30
N ASP H 81 -10.82 33.82 31.83
CA ASP H 81 -10.89 35.28 31.74
C ASP H 81 -10.87 35.77 30.31
N MET H 82 -9.80 35.38 29.61
CA MET H 82 -9.58 35.82 28.24
C MET H 82 -10.57 35.20 27.26
N LEU H 83 -11.22 34.11 27.66
CA LEU H 83 -12.23 33.45 26.82
C LEU H 83 -13.36 34.41 26.43
N ALA H 84 -13.98 35.03 27.43
CA ALA H 84 -15.11 35.93 27.20
C ALA H 84 -14.78 37.04 26.22
N ALA H 85 -13.54 37.56 26.27
CA ALA H 85 -13.10 38.64 25.38
C ALA H 85 -13.34 38.33 23.89
N GLN H 86 -12.88 37.16 23.45
CA GLN H 86 -13.15 36.72 22.08
C GLN H 86 -14.63 36.47 21.83
N LEU H 87 -15.28 35.80 22.76
CA LEU H 87 -16.72 35.60 22.69
C LEU H 87 -17.46 36.95 22.59
N ALA H 88 -16.97 37.95 23.31
CA ALA H 88 -17.50 39.32 23.23
C ALA H 88 -17.33 39.89 21.83
N HIS H 89 -16.09 39.94 21.34
CA HIS H 89 -15.83 40.43 19.99
C HIS H 89 -16.54 39.62 18.90
N LEU H 90 -16.75 38.32 19.13
CA LEU H 90 -17.35 37.46 18.13
C LEU H 90 -18.81 37.82 17.91
N LYS H 91 -19.59 37.87 18.98
CA LYS H 91 -21.03 38.19 18.89
C LYS H 91 -21.28 39.47 18.09
N VAL H 92 -20.43 40.48 18.30
CA VAL H 92 -20.53 41.77 17.60
C VAL H 92 -20.63 41.59 16.08
N GLN H 93 -19.85 40.66 15.54
CA GLN H 93 -19.91 40.38 14.11
C GLN H 93 -21.27 39.80 13.66
N HIS H 94 -21.95 39.09 14.56
CA HIS H 94 -23.27 38.50 14.26
C HIS H 94 -24.50 39.31 14.67
N VAL H 95 -24.30 40.50 15.22
CA VAL H 95 -25.42 41.37 15.63
C VAL H 95 -26.18 41.90 14.41
N GLU H 96 -25.43 42.36 13.40
CA GLU H 96 -25.99 43.10 12.27
C GLU H 96 -26.67 42.25 11.19
N ARG H 97 -26.79 40.95 11.39
CA ARG H 97 -27.37 40.05 10.40
C ARG H 97 -28.60 39.33 10.94
N ASN H 98 -29.50 39.01 10.01
CA ASN H 98 -30.74 38.27 10.34
C ASN H 98 -30.48 36.81 10.69
N LEU H 99 -30.72 36.45 11.94
CA LEU H 99 -30.53 35.10 12.42
C LEU H 99 -31.77 34.65 13.15
N LYS H 100 -31.83 33.37 13.47
CA LYS H 100 -32.75 32.83 14.45
C LYS H 100 -31.93 32.20 15.56
N PRO H 101 -32.39 32.28 16.81
CA PRO H 101 -31.66 31.65 17.91
C PRO H 101 -31.64 30.11 17.82
N GLU H 102 -32.55 29.52 17.06
CA GLU H 102 -32.57 28.06 16.86
C GLU H 102 -31.49 27.51 15.90
N PHE H 103 -30.97 28.32 14.97
CA PHE H 103 -29.91 27.87 14.04
C PHE H 103 -28.63 27.49 14.77
N PHE H 104 -28.25 28.30 15.75
CA PHE H 104 -27.13 27.97 16.62
C PHE H 104 -27.30 26.58 17.24
N ASP H 105 -28.36 26.37 18.01
CA ASP H 105 -28.62 25.05 18.61
C ASP H 105 -28.63 23.91 17.57
N ILE H 106 -29.05 24.21 16.34
CA ILE H 106 -28.95 23.28 15.20
C ILE H 106 -27.48 22.99 14.82
N PHE H 107 -26.66 24.04 14.71
CA PHE H 107 -25.25 23.93 14.30
C PHE H 107 -24.48 22.86 15.05
N LEU H 108 -24.36 22.99 16.36
CA LEU H 108 -23.63 22.00 17.19
C LEU H 108 -24.15 20.55 17.02
N LYS H 109 -25.42 20.36 16.67
CA LYS H 109 -25.95 19.01 16.43
C LYS H 109 -25.29 18.38 15.22
N HIS H 110 -25.19 19.13 14.12
CA HIS H 110 -24.59 18.63 12.87
C HIS H 110 -23.07 18.72 12.80
N LEU H 111 -22.42 19.48 13.68
CA LEU H 111 -20.96 19.52 13.72
C LEU H 111 -20.43 18.25 14.39
N LEU H 112 -20.93 17.95 15.58
CA LEU H 112 -20.56 16.72 16.26
C LEU H 112 -20.96 15.47 15.47
N HIS H 113 -21.91 15.60 14.54
CA HIS H 113 -22.19 14.54 13.55
C HIS H 113 -20.94 14.10 12.78
N VAL H 114 -20.33 15.04 12.03
CA VAL H 114 -19.22 14.72 11.12
C VAL H 114 -17.98 14.16 11.81
N LEU H 115 -17.69 14.64 13.01
CA LEU H 115 -16.58 14.08 13.79
C LEU H 115 -16.78 12.60 14.14
N GLY H 116 -18.03 12.14 14.18
CA GLY H 116 -18.37 10.73 14.39
C GLY H 116 -17.66 9.76 13.48
N ASP H 117 -17.78 9.96 12.17
CA ASP H 117 -17.20 9.03 11.19
C ASP H 117 -15.66 8.89 11.27
N ARG H 118 -14.97 10.01 11.51
CA ARG H 118 -13.50 10.03 11.60
C ARG H 118 -12.98 9.48 12.93
N LEU H 119 -13.72 9.72 14.01
CA LEU H 119 -13.35 9.20 15.33
C LEU H 119 -14.07 7.89 15.70
N GLY H 120 -14.96 7.40 14.84
CA GLY H 120 -15.70 6.16 15.08
C GLY H 120 -16.38 6.18 16.44
N THR H 121 -15.97 5.27 17.31
CA THR H 121 -16.58 5.13 18.64
C THR H 121 -15.83 5.86 19.76
N HIS H 122 -14.72 6.53 19.44
CA HIS H 122 -13.86 7.06 20.50
C HIS H 122 -14.04 8.54 20.61
N PHE H 123 -14.79 8.96 21.62
CA PHE H 123 -14.70 10.29 22.23
C PHE H 123 -15.78 10.48 23.30
N ASP H 124 -15.69 11.57 24.06
CA ASP H 124 -16.72 11.94 25.04
C ASP H 124 -17.66 12.94 24.38
N PHE H 125 -18.86 12.47 24.03
CA PHE H 125 -19.94 13.34 23.57
C PHE H 125 -20.22 14.38 24.65
N GLY H 126 -20.36 13.93 25.90
CA GLY H 126 -20.65 14.78 27.04
C GLY H 126 -19.70 15.97 27.13
N ALA H 127 -18.41 15.71 26.90
CA ALA H 127 -17.39 16.74 26.93
C ALA H 127 -17.65 17.78 25.83
N TRP H 128 -17.78 17.34 24.58
CA TRP H 128 -18.08 18.23 23.47
C TRP H 128 -19.40 18.97 23.67
N HIS H 129 -20.49 18.21 23.64
CA HIS H 129 -21.83 18.79 23.52
C HIS H 129 -22.11 19.89 24.55
N ASP H 130 -21.66 19.68 25.79
CA ASP H 130 -21.79 20.68 26.83
C ASP H 130 -20.78 21.84 26.66
N CYS H 131 -19.55 21.54 26.26
CA CYS H 131 -18.50 22.55 26.14
C CYS H 131 -18.53 23.34 24.81
N VAL H 132 -19.32 22.89 23.85
CA VAL H 132 -19.64 23.74 22.69
C VAL H 132 -20.76 24.72 23.06
N ASP H 133 -21.62 24.35 24.02
CA ASP H 133 -22.62 25.27 24.57
C ASP H 133 -22.00 26.53 25.17
N GLN H 134 -20.96 26.38 25.97
CA GLN H 134 -20.18 27.52 26.48
C GLN H 134 -19.60 28.44 25.39
N ILE H 135 -19.43 27.91 24.19
CA ILE H 135 -19.06 28.71 23.03
C ILE H 135 -20.30 29.35 22.38
N ILE H 136 -21.37 28.58 22.26
CA ILE H 136 -22.57 29.02 21.54
C ILE H 136 -23.38 30.11 22.27
N ASP H 137 -23.47 30.03 23.60
CA ASP H 137 -24.27 30.96 24.41
C ASP H 137 -23.70 32.38 24.36
N GLY H 138 -22.37 32.49 24.37
CA GLY H 138 -21.68 33.76 24.23
C GLY H 138 -22.02 34.54 22.96
N ILE H 139 -22.58 33.84 21.96
CA ILE H 139 -23.00 34.47 20.70
C ILE H 139 -24.41 35.08 20.80
N LYS H 140 -25.30 34.47 21.59
CA LYS H 140 -26.62 35.04 21.87
C LYS H 140 -26.54 36.41 22.55
N ASP I 5 -20.32 -20.83 -29.03
CA ASP I 5 -19.24 -21.71 -28.50
C ASP I 5 -18.43 -21.01 -27.41
N CYS I 6 -18.95 -21.08 -26.19
CA CYS I 6 -18.16 -20.86 -24.98
C CYS I 6 -17.34 -19.56 -25.00
N CYS I 7 -17.96 -18.47 -24.57
CA CYS I 7 -17.27 -17.20 -24.38
C CYS I 7 -16.00 -17.35 -23.53
N SER I 8 -16.02 -18.33 -22.62
CA SER I 8 -14.87 -18.67 -21.78
C SER I 8 -14.63 -17.51 -20.84
N TYR I 9 -13.37 -17.15 -20.58
CA TYR I 9 -13.08 -16.01 -19.74
C TYR I 9 -12.05 -15.09 -20.35
N GLU I 10 -10.85 -15.63 -20.58
CA GLU I 10 -9.74 -14.82 -21.10
C GLU I 10 -10.17 -14.03 -22.34
N ASP I 11 -11.01 -14.62 -23.18
CA ASP I 11 -11.58 -13.92 -24.33
C ASP I 11 -12.25 -12.60 -23.96
N ARG I 12 -12.92 -12.56 -22.81
CA ARG I 12 -13.55 -11.33 -22.34
C ARG I 12 -12.54 -10.24 -21.98
N ARG I 13 -11.49 -10.59 -21.23
CA ARG I 13 -10.40 -9.63 -21.02
C ARG I 13 -9.77 -9.18 -22.33
N GLU I 14 -9.64 -10.11 -23.27
CA GLU I 14 -9.20 -9.77 -24.62
C GLU I 14 -10.09 -8.67 -25.19
N ILE I 15 -11.41 -8.81 -25.05
CA ILE I 15 -12.34 -7.80 -25.54
C ILE I 15 -12.17 -6.49 -24.83
N ARG I 16 -12.34 -6.51 -23.51
CA ARG I 16 -12.29 -5.29 -22.71
C ARG I 16 -11.15 -4.34 -23.06
N HIS I 17 -9.97 -4.85 -23.44
CA HIS I 17 -8.88 -3.98 -23.97
C HIS I 17 -9.13 -3.51 -25.39
N ILE I 18 -9.47 -4.44 -26.28
CA ILE I 18 -9.81 -4.08 -27.67
C ILE I 18 -10.86 -3.00 -27.73
N TRP I 19 -11.94 -3.17 -26.98
CA TRP I 19 -13.00 -2.18 -26.94
C TRP I 19 -12.56 -0.86 -26.32
N ASP I 20 -11.63 -0.91 -25.37
CA ASP I 20 -11.12 0.33 -24.76
C ASP I 20 -10.30 1.21 -25.71
N ASP I 21 -9.70 0.63 -26.76
CA ASP I 21 -8.95 1.41 -27.74
C ASP I 21 -9.87 2.21 -28.66
N VAL I 22 -10.94 1.57 -29.13
CA VAL I 22 -11.91 2.24 -30.04
C VAL I 22 -12.81 3.25 -29.35
N TRP I 23 -13.16 2.99 -28.10
CA TRP I 23 -14.14 3.79 -27.38
C TRP I 23 -13.54 4.97 -26.61
N SER I 24 -12.22 5.03 -26.48
CA SER I 24 -11.58 6.01 -25.60
C SER I 24 -11.73 7.42 -26.15
N SER I 25 -12.63 8.18 -25.53
CA SER I 25 -12.80 9.63 -25.75
C SER I 25 -14.04 10.10 -24.99
N SER I 26 -14.14 11.41 -24.79
CA SER I 26 -15.40 12.04 -24.40
C SER I 26 -16.12 12.64 -25.60
N PHE I 27 -15.41 12.80 -26.73
CA PHE I 27 -16.03 13.21 -27.98
C PHE I 27 -16.55 12.04 -28.76
N THR I 28 -17.53 12.34 -29.62
CA THR I 28 -18.21 11.33 -30.43
C THR I 28 -17.66 11.25 -31.85
N ASP I 29 -16.70 12.10 -32.21
CA ASP I 29 -16.15 12.11 -33.58
C ASP I 29 -15.66 10.73 -34.02
N ARG I 30 -14.90 10.07 -33.15
CA ARG I 30 -14.34 8.76 -33.47
C ARG I 30 -15.37 7.64 -33.40
N ARG I 31 -16.10 7.54 -32.29
CA ARG I 31 -17.10 6.45 -32.11
C ARG I 31 -18.13 6.40 -33.25
N VAL I 32 -18.44 7.56 -33.83
CA VAL I 32 -19.37 7.65 -34.95
C VAL I 32 -18.73 7.04 -36.18
N ALA I 33 -17.61 7.63 -36.60
CA ALA I 33 -16.96 7.26 -37.86
C ALA I 33 -16.67 5.76 -37.98
N ILE I 34 -16.34 5.12 -36.87
CA ILE I 34 -16.13 3.67 -36.84
C ILE I 34 -17.41 2.88 -37.09
N VAL I 35 -18.49 3.17 -36.35
CA VAL I 35 -19.72 2.38 -36.44
C VAL I 35 -20.45 2.64 -37.77
N ARG I 36 -20.41 3.90 -38.23
CA ARG I 36 -20.95 4.21 -39.54
C ARG I 36 -20.32 3.37 -40.65
N ALA I 37 -19.00 3.17 -40.59
CA ALA I 37 -18.30 2.30 -41.54
C ALA I 37 -18.69 0.82 -41.41
N VAL I 38 -19.24 0.40 -40.27
CA VAL I 38 -19.77 -0.96 -40.10
C VAL I 38 -20.95 -1.17 -41.03
N PHE I 39 -21.98 -0.34 -40.89
CA PHE I 39 -23.16 -0.44 -41.73
C PHE I 39 -22.87 -0.12 -43.20
N ASP I 40 -22.08 0.93 -43.43
CA ASP I 40 -21.58 1.25 -44.78
C ASP I 40 -20.91 0.02 -45.47
N ASP I 41 -20.26 -0.82 -44.67
CA ASP I 41 -19.76 -2.14 -45.13
C ASP I 41 -20.85 -3.21 -45.18
N LEU I 42 -21.84 -3.14 -44.28
CA LEU I 42 -23.00 -4.05 -44.32
C LEU I 42 -23.85 -3.92 -45.59
N PHE I 43 -24.31 -2.70 -45.88
CA PHE I 43 -25.21 -2.43 -47.01
C PHE I 43 -24.67 -2.83 -48.37
N LYS I 44 -23.35 -2.80 -48.52
CA LYS I 44 -22.70 -3.28 -49.72
C LYS I 44 -23.00 -4.76 -50.04
N HIS I 45 -23.22 -5.60 -49.01
CA HIS I 45 -23.56 -7.02 -49.23
C HIS I 45 -25.04 -7.39 -49.05
N TYR I 46 -25.83 -6.51 -48.47
CA TYR I 46 -27.27 -6.75 -48.32
C TYR I 46 -28.05 -5.47 -48.61
N PRO I 47 -28.09 -5.05 -49.90
CA PRO I 47 -28.76 -3.78 -50.22
C PRO I 47 -30.24 -3.79 -49.86
N THR I 48 -30.83 -4.99 -49.74
CA THR I 48 -32.23 -5.15 -49.35
C THR I 48 -32.54 -4.54 -47.97
N SER I 49 -31.63 -4.72 -47.02
CA SER I 49 -31.75 -4.11 -45.68
C SER I 49 -31.88 -2.60 -45.72
N LYS I 50 -31.14 -1.96 -46.63
CA LYS I 50 -31.20 -0.49 -46.82
C LYS I 50 -32.62 0.03 -47.06
N ALA I 51 -33.51 -0.80 -47.62
CA ALA I 51 -34.95 -0.47 -47.70
C ALA I 51 -35.61 -0.26 -46.32
N LEU I 52 -35.06 -0.89 -45.29
CA LEU I 52 -35.39 -0.59 -43.89
C LEU I 52 -34.51 0.57 -43.41
N PHE I 53 -34.81 1.11 -42.23
CA PHE I 53 -34.11 2.29 -41.66
C PHE I 53 -34.55 3.54 -42.43
N GLU I 54 -35.74 3.49 -43.03
CA GLU I 54 -36.24 4.66 -43.77
C GLU I 54 -36.74 5.71 -42.78
N ARG I 55 -37.23 5.25 -41.61
CA ARG I 55 -37.68 6.14 -40.53
C ARG I 55 -36.64 7.19 -40.11
N VAL I 56 -35.35 6.83 -40.20
CA VAL I 56 -34.25 7.69 -39.73
C VAL I 56 -33.61 8.56 -40.82
N LYS I 57 -34.22 8.60 -42.01
CA LYS I 57 -33.67 9.31 -43.17
C LYS I 57 -32.29 8.75 -43.50
N ILE I 58 -32.25 7.45 -43.76
CA ILE I 58 -31.05 6.77 -44.24
C ILE I 58 -30.44 7.37 -45.51
N ASP I 59 -31.30 7.81 -46.43
CA ASP I 59 -30.87 8.32 -47.73
C ASP I 59 -29.86 9.47 -47.67
N GLU I 60 -29.86 10.23 -46.58
CA GLU I 60 -28.84 11.24 -46.32
C GLU I 60 -27.69 10.61 -45.54
N PRO I 61 -26.50 10.45 -46.17
CA PRO I 61 -25.36 9.90 -45.42
C PRO I 61 -24.93 10.82 -44.26
N GLU I 62 -24.91 12.14 -44.51
CA GLU I 62 -24.65 13.14 -43.48
C GLU I 62 -25.96 13.89 -43.26
N SER I 63 -26.79 13.32 -42.40
CA SER I 63 -27.96 14.03 -41.89
C SER I 63 -27.69 14.51 -40.47
N GLY I 64 -28.38 15.57 -40.06
CA GLY I 64 -28.46 15.96 -38.66
C GLY I 64 -29.21 14.96 -37.78
N GLU I 65 -29.88 13.98 -38.41
CA GLU I 65 -30.57 12.90 -37.71
C GLU I 65 -29.80 11.58 -37.68
N PHE I 66 -29.44 11.06 -38.85
CA PHE I 66 -28.83 9.72 -38.99
C PHE I 66 -27.73 9.40 -37.96
N LYS I 67 -26.86 10.38 -37.70
CA LYS I 67 -25.88 10.25 -36.62
C LYS I 67 -26.54 9.90 -35.30
N SER I 68 -27.56 10.67 -34.93
CA SER I 68 -28.34 10.39 -33.73
C SER I 68 -28.93 8.96 -33.70
N HIS I 69 -28.94 8.26 -34.84
CA HIS I 69 -29.15 6.82 -34.84
C HIS I 69 -27.93 6.02 -34.41
N LEU I 70 -26.86 6.09 -35.21
CA LEU I 70 -25.67 5.27 -34.96
C LEU I 70 -25.10 5.52 -33.58
N VAL I 71 -25.16 6.76 -33.11
CA VAL I 71 -24.70 7.08 -31.76
C VAL I 71 -25.36 6.21 -30.70
N ARG I 72 -26.68 6.05 -30.77
CA ARG I 72 -27.37 5.15 -29.84
C ARG I 72 -27.05 3.67 -30.06
N VAL I 73 -26.62 3.28 -31.25
CA VAL I 73 -26.17 1.91 -31.48
C VAL I 73 -24.88 1.64 -30.70
N ALA I 74 -23.90 2.53 -30.85
CA ALA I 74 -22.67 2.44 -30.07
C ALA I 74 -23.00 2.41 -28.58
N ASN I 75 -23.51 3.50 -28.02
CA ASN I 75 -23.77 3.54 -26.59
C ASN I 75 -24.59 2.34 -26.08
N GLY I 76 -25.42 1.75 -26.94
CA GLY I 76 -26.05 0.46 -26.65
C GLY I 76 -25.08 -0.72 -26.70
N LEU I 77 -24.27 -0.76 -27.76
CA LEU I 77 -23.25 -1.78 -27.90
C LEU I 77 -22.18 -1.73 -26.80
N LYS I 78 -21.66 -0.54 -26.54
CA LYS I 78 -20.77 -0.28 -25.39
C LYS I 78 -21.42 -0.61 -24.05
N LEU I 79 -22.72 -0.41 -23.93
CA LEU I 79 -23.40 -0.83 -22.72
C LEU I 79 -23.30 -2.33 -22.49
N LEU I 80 -23.32 -3.15 -23.56
CA LEU I 80 -23.14 -4.60 -23.40
C LEU I 80 -21.80 -4.94 -22.77
N ILE I 81 -20.74 -4.50 -23.43
CA ILE I 81 -19.38 -4.85 -23.04
C ILE I 81 -19.09 -4.59 -21.57
N ASN I 82 -19.41 -3.40 -21.09
CA ASN I 82 -19.14 -3.06 -19.69
C ASN I 82 -19.89 -3.87 -18.66
N LEU I 83 -20.72 -4.81 -19.11
CA LEU I 83 -21.30 -5.81 -18.24
C LEU I 83 -20.57 -7.15 -18.20
N LEU I 84 -19.64 -7.43 -19.11
CA LEU I 84 -19.07 -8.78 -19.19
C LEU I 84 -18.36 -9.29 -17.90
N ASP I 85 -17.76 -8.40 -17.10
CA ASP I 85 -17.21 -8.79 -15.78
C ASP I 85 -18.33 -9.11 -14.77
N ASP I 86 -19.56 -8.64 -15.02
CA ASP I 86 -20.77 -8.97 -14.21
C ASP I 86 -21.93 -9.54 -15.02
N THR I 87 -22.09 -10.85 -15.00
CA THR I 87 -23.16 -11.51 -15.75
C THR I 87 -24.44 -11.49 -14.90
N LEU I 88 -25.50 -12.11 -15.42
CA LEU I 88 -26.81 -12.16 -14.76
C LEU I 88 -27.53 -10.80 -14.86
N VAL I 89 -26.77 -9.72 -14.94
CA VAL I 89 -27.25 -8.41 -15.36
C VAL I 89 -27.17 -8.31 -16.87
N LEU I 90 -26.44 -9.21 -17.53
CA LEU I 90 -26.44 -9.21 -18.99
C LEU I 90 -27.78 -9.74 -19.50
N GLN I 91 -28.19 -10.93 -19.05
CA GLN I 91 -29.41 -11.58 -19.57
C GLN I 91 -30.60 -10.64 -19.58
N SER I 92 -30.85 -10.03 -18.43
CA SER I 92 -31.90 -9.04 -18.28
C SER I 92 -31.80 -7.97 -19.35
N HIS I 93 -30.65 -7.30 -19.41
CA HIS I 93 -30.41 -6.30 -20.44
C HIS I 93 -30.27 -6.88 -21.85
N LEU I 94 -29.96 -8.17 -21.94
CA LEU I 94 -29.94 -8.80 -23.24
C LEU I 94 -31.36 -9.02 -23.76
N GLY I 95 -32.21 -9.66 -22.94
CA GLY I 95 -33.60 -9.92 -23.29
C GLY I 95 -34.36 -8.66 -23.68
N HIS I 96 -34.11 -7.57 -22.94
CA HIS I 96 -34.66 -6.25 -23.28
C HIS I 96 -34.27 -5.78 -24.69
N LEU I 97 -32.97 -5.73 -24.94
CA LEU I 97 -32.46 -5.31 -26.24
C LEU I 97 -32.95 -6.21 -27.39
N ALA I 98 -33.28 -7.47 -27.10
CA ALA I 98 -33.91 -8.37 -28.07
C ALA I 98 -35.30 -7.90 -28.47
N ASP I 99 -36.16 -7.66 -27.48
CA ASP I 99 -37.57 -7.31 -27.73
C ASP I 99 -37.74 -6.00 -28.52
N GLN I 100 -36.81 -5.05 -28.34
CA GLN I 100 -36.83 -3.82 -29.12
C GLN I 100 -36.59 -4.04 -30.61
N HIS I 101 -36.07 -5.21 -30.98
CA HIS I 101 -35.90 -5.57 -32.39
C HIS I 101 -37.00 -6.44 -33.00
N ILE I 102 -37.91 -7.00 -32.20
CA ILE I 102 -39.06 -7.77 -32.72
C ILE I 102 -40.31 -6.91 -32.98
N GLN I 103 -40.37 -5.69 -32.43
CA GLN I 103 -41.58 -4.86 -32.57
C GLN I 103 -41.73 -4.21 -33.94
N ARG I 104 -40.74 -4.39 -34.82
CA ARG I 104 -40.74 -3.85 -36.17
C ARG I 104 -40.75 -4.94 -37.22
N LYS I 105 -40.88 -4.54 -38.47
CA LYS I 105 -40.91 -5.48 -39.59
C LYS I 105 -39.69 -5.26 -40.47
N GLY I 106 -39.16 -6.36 -41.01
CA GLY I 106 -38.00 -6.35 -41.90
C GLY I 106 -36.66 -6.69 -41.25
N VAL I 107 -36.69 -7.29 -40.05
CA VAL I 107 -35.48 -7.70 -39.34
C VAL I 107 -35.35 -9.22 -39.44
N THR I 108 -34.43 -9.66 -40.28
CA THR I 108 -34.27 -11.05 -40.63
C THR I 108 -33.15 -11.65 -39.77
N LYS I 109 -33.35 -12.89 -39.34
CA LYS I 109 -32.34 -13.65 -38.60
C LYS I 109 -31.01 -13.73 -39.37
N GLU I 110 -31.10 -13.80 -40.70
CA GLU I 110 -29.95 -13.69 -41.61
C GLU I 110 -29.11 -12.40 -41.52
N TYR I 111 -29.73 -11.28 -41.13
CA TYR I 111 -28.99 -10.00 -41.04
C TYR I 111 -27.98 -9.96 -39.92
N PHE I 112 -28.35 -10.46 -38.74
CA PHE I 112 -27.40 -10.51 -37.63
C PHE I 112 -26.13 -11.29 -37.93
N ARG I 113 -26.27 -12.53 -38.37
CA ARG I 113 -25.10 -13.33 -38.75
C ARG I 113 -24.24 -12.64 -39.83
N GLY I 114 -24.84 -11.72 -40.59
CA GLY I 114 -24.10 -10.84 -41.50
C GLY I 114 -23.17 -9.84 -40.82
N ILE I 115 -23.69 -9.04 -39.90
CA ILE I 115 -22.87 -8.01 -39.24
C ILE I 115 -21.77 -8.59 -38.33
N GLY I 116 -21.97 -9.80 -37.83
CA GLY I 116 -20.91 -10.58 -37.19
C GLY I 116 -19.63 -10.55 -38.02
N GLU I 117 -19.77 -10.78 -39.32
CA GLU I 117 -18.67 -10.57 -40.25
C GLU I 117 -18.32 -9.10 -40.39
N ALA I 118 -19.31 -8.20 -40.47
CA ALA I 118 -19.06 -6.77 -40.71
C ALA I 118 -17.98 -6.12 -39.83
N PHE I 119 -18.01 -6.39 -38.52
CA PHE I 119 -16.88 -6.00 -37.67
C PHE I 119 -15.61 -6.72 -38.10
N ALA I 120 -15.63 -8.04 -38.17
CA ALA I 120 -14.47 -8.81 -38.66
C ALA I 120 -13.92 -8.36 -40.03
N ARG I 121 -14.74 -8.06 -41.00
CA ARG I 121 -14.14 -7.59 -42.23
C ARG I 121 -13.54 -6.21 -42.03
N VAL I 122 -14.24 -5.33 -41.33
CA VAL I 122 -13.69 -4.00 -41.11
C VAL I 122 -13.82 -3.48 -39.72
N LEU I 123 -13.10 -4.10 -38.81
CA LEU I 123 -13.06 -3.57 -37.48
C LEU I 123 -11.64 -3.24 -37.17
N PRO I 124 -10.73 -4.10 -37.57
CA PRO I 124 -9.33 -3.83 -37.30
C PRO I 124 -8.78 -2.62 -38.04
N GLN I 125 -8.95 -2.53 -39.33
CA GLN I 125 -8.28 -1.37 -39.89
C GLN I 125 -8.19 -0.16 -38.95
N VAL I 126 -9.01 -0.08 -37.90
CA VAL I 126 -8.86 0.99 -36.90
C VAL I 126 -7.75 0.73 -35.88
N LEU I 127 -7.66 -0.49 -35.37
CA LEU I 127 -6.65 -0.86 -34.36
C LEU I 127 -5.42 -1.47 -34.99
N SER I 128 -4.46 -1.88 -34.18
CA SER I 128 -3.24 -2.51 -34.69
C SER I 128 -3.18 -3.95 -34.20
N CYS I 129 -2.96 -4.13 -32.90
CA CYS I 129 -3.01 -5.45 -32.31
C CYS I 129 -4.48 -5.77 -32.18
N PHE I 130 -4.87 -6.90 -32.76
CA PHE I 130 -6.25 -7.31 -32.69
C PHE I 130 -6.33 -8.82 -32.78
N ASN I 131 -7.26 -9.39 -32.01
CA ASN I 131 -7.51 -10.81 -32.00
C ASN I 131 -8.82 -11.05 -32.75
N VAL I 132 -8.74 -11.58 -33.98
CA VAL I 132 -9.94 -11.91 -34.76
C VAL I 132 -10.69 -13.06 -34.11
N ASP I 133 -9.96 -14.11 -33.74
CA ASP I 133 -10.58 -15.31 -33.18
C ASP I 133 -11.42 -15.02 -31.93
N ALA I 134 -10.89 -14.22 -31.01
CA ALA I 134 -11.59 -13.88 -29.76
C ALA I 134 -12.84 -13.06 -30.00
N TRP I 135 -12.68 -11.91 -30.63
CA TRP I 135 -13.79 -11.02 -30.92
C TRP I 135 -14.90 -11.71 -31.70
N ASN I 136 -14.54 -12.61 -32.60
CA ASN I 136 -15.52 -13.37 -33.37
C ASN I 136 -16.26 -14.40 -32.51
N ARG I 137 -15.58 -15.05 -31.56
CA ARG I 137 -16.25 -16.06 -30.73
C ARG I 137 -17.24 -15.48 -29.75
N CYS I 138 -16.81 -14.52 -28.94
CA CYS I 138 -17.71 -13.93 -27.92
C CYS I 138 -18.77 -13.00 -28.48
N PHE I 139 -18.67 -12.62 -29.75
CA PHE I 139 -19.69 -11.78 -30.36
C PHE I 139 -20.93 -12.55 -30.81
N HIS I 140 -20.78 -13.77 -31.34
CA HIS I 140 -21.94 -14.60 -31.68
C HIS I 140 -22.84 -14.84 -30.48
N ARG I 141 -22.30 -15.35 -29.39
CA ARG I 141 -23.13 -15.59 -28.20
C ARG I 141 -23.88 -14.33 -27.73
N LEU I 142 -23.44 -13.13 -28.11
CA LEU I 142 -24.28 -11.92 -27.98
C LEU I 142 -25.41 -11.91 -29.01
N VAL I 143 -25.05 -12.02 -30.28
CA VAL I 143 -26.03 -11.88 -31.38
C VAL I 143 -26.97 -13.09 -31.55
N ALA I 144 -26.44 -14.30 -31.46
CA ALA I 144 -27.26 -15.53 -31.49
C ALA I 144 -28.26 -15.63 -30.34
N ARG I 145 -28.13 -14.77 -29.31
CA ARG I 145 -29.16 -14.60 -28.30
C ARG I 145 -30.14 -13.43 -28.55
N ILE I 146 -29.92 -12.66 -29.62
CA ILE I 146 -30.90 -11.65 -30.08
C ILE I 146 -31.87 -12.24 -31.09
N ALA I 147 -31.37 -13.05 -32.03
CA ALA I 147 -32.20 -13.66 -33.07
C ALA I 147 -32.95 -14.95 -32.67
N LYS I 148 -32.89 -15.34 -31.39
CA LYS I 148 -33.55 -16.58 -30.93
C LYS I 148 -35.03 -16.60 -31.28
N ASP I 149 -35.78 -15.66 -30.70
CA ASP I 149 -37.23 -15.61 -30.80
C ASP I 149 -37.73 -14.78 -31.99
N LEU I 150 -36.83 -14.37 -32.88
CA LEU I 150 -37.16 -13.51 -34.01
C LEU I 150 -37.08 -14.30 -35.33
N PRO I 151 -38.01 -14.01 -36.28
CA PRO I 151 -37.85 -14.53 -37.64
C PRO I 151 -36.68 -13.96 -38.48
N LYS J 2 -3.52 1.76 -50.42
CA LYS J 2 -2.74 2.72 -51.25
C LYS J 2 -3.16 4.18 -51.10
N GLN J 3 -4.43 4.42 -50.71
CA GLN J 3 -4.94 5.75 -50.49
C GLN J 3 -5.09 5.95 -48.99
N CYS J 4 -5.35 7.20 -48.62
CA CYS J 4 -5.57 7.62 -47.22
C CYS J 4 -6.67 6.82 -46.51
N GLY J 5 -7.57 6.16 -47.27
CA GLY J 5 -8.47 5.12 -46.74
C GLY J 5 -9.15 5.54 -45.45
N VAL J 6 -10.05 6.52 -45.57
CA VAL J 6 -10.49 7.40 -44.46
C VAL J 6 -10.62 6.78 -43.06
N LEU J 7 -10.95 5.49 -42.99
CA LEU J 7 -10.79 4.71 -41.73
C LEU J 7 -9.33 4.67 -41.28
N GLU J 8 -8.48 4.05 -42.09
CA GLU J 8 -7.02 3.98 -41.86
C GLU J 8 -6.38 5.34 -41.57
N GLY J 9 -6.94 6.42 -42.13
CA GLY J 9 -6.53 7.77 -41.79
C GLY J 9 -6.43 7.98 -40.29
N LEU J 10 -7.46 7.53 -39.54
CA LEU J 10 -7.48 7.70 -38.09
C LEU J 10 -6.72 6.62 -37.31
N LYS J 11 -6.36 5.53 -37.98
CA LYS J 11 -5.49 4.51 -37.38
C LYS J 11 -4.20 5.16 -36.91
N VAL J 12 -3.43 5.72 -37.85
CA VAL J 12 -2.19 6.44 -37.51
C VAL J 12 -2.41 7.61 -36.58
N LYS J 13 -3.55 8.28 -36.72
CA LYS J 13 -3.89 9.35 -35.80
C LYS J 13 -3.85 8.90 -34.33
N SER J 14 -4.30 7.68 -34.06
CA SER J 14 -4.23 7.12 -32.71
C SER J 14 -2.81 6.70 -32.33
N GLU J 15 -2.17 5.90 -33.18
CA GLU J 15 -0.80 5.44 -32.94
C GLU J 15 0.15 6.61 -32.67
N TRP J 16 0.14 7.61 -33.54
CA TRP J 16 0.97 8.81 -33.37
C TRP J 16 0.88 9.42 -31.98
N GLY J 17 -0.33 9.53 -31.44
CA GLY J 17 -0.51 10.00 -30.06
C GLY J 17 0.30 9.22 -29.02
N ARG J 18 0.33 7.89 -29.14
CA ARG J 18 1.12 7.06 -28.23
C ARG J 18 2.64 7.26 -28.42
N ALA J 19 3.10 7.46 -29.65
CA ALA J 19 4.54 7.61 -29.92
C ALA J 19 5.06 8.99 -29.53
N TYR J 20 4.54 10.03 -30.18
CA TYR J 20 4.86 11.40 -29.83
C TYR J 20 4.24 11.65 -28.45
N GLY J 21 5.10 11.73 -27.45
CA GLY J 21 4.66 11.69 -26.05
C GLY J 21 4.74 13.02 -25.36
N SER J 22 4.58 12.97 -24.05
CA SER J 22 4.78 14.13 -23.17
C SER J 22 6.19 14.03 -22.59
N GLY J 23 6.61 15.10 -21.92
CA GLY J 23 7.90 15.13 -21.25
C GLY J 23 9.06 15.34 -22.21
N HIS J 24 10.25 15.39 -21.63
CA HIS J 24 11.51 15.67 -22.35
C HIS J 24 12.01 14.56 -23.30
N ASP J 25 11.41 13.37 -23.25
CA ASP J 25 11.67 12.35 -24.27
C ASP J 25 11.39 12.84 -25.69
N ARG J 26 10.41 13.73 -25.84
CA ARG J 26 10.12 14.34 -27.13
C ARG J 26 11.36 14.98 -27.76
N GLU J 27 12.05 15.82 -26.99
CA GLU J 27 13.31 16.42 -27.43
C GLU J 27 14.30 15.34 -27.86
N ALA J 28 14.31 14.23 -27.14
CA ALA J 28 15.12 13.07 -27.54
C ALA J 28 14.57 12.37 -28.78
N PHE J 29 13.27 12.15 -28.84
CA PHE J 29 12.61 11.59 -30.00
C PHE J 29 12.90 12.36 -31.29
N SER J 30 13.10 13.68 -31.18
CA SER J 30 13.51 14.48 -32.32
C SER J 30 14.91 14.12 -32.82
N GLN J 31 15.89 14.20 -31.92
CA GLN J 31 17.29 13.89 -32.24
C GLN J 31 17.45 12.64 -33.07
N ALA J 32 16.64 11.61 -32.78
CA ALA J 32 16.72 10.34 -33.49
C ALA J 32 16.53 10.55 -34.98
N ILE J 33 15.40 11.16 -35.33
CA ILE J 33 15.04 11.35 -36.72
C ILE J 33 16.20 11.97 -37.49
N TRP J 34 16.70 13.10 -37.03
CA TRP J 34 17.74 13.77 -37.79
C TRP J 34 19.04 12.97 -37.85
N ARG J 35 19.52 12.47 -36.72
CA ARG J 35 20.74 11.66 -36.72
C ARG J 35 20.61 10.49 -37.70
N ALA J 36 19.40 9.96 -37.84
CA ALA J 36 19.12 8.95 -38.85
C ALA J 36 19.21 9.51 -40.26
N THR J 37 18.52 10.61 -40.52
CA THR J 37 18.50 11.19 -41.86
C THR J 37 19.88 11.52 -42.39
N PHE J 38 20.65 12.31 -41.66
CA PHE J 38 21.96 12.74 -42.16
C PHE J 38 22.89 11.60 -42.52
N ALA J 39 22.81 10.48 -41.80
CA ALA J 39 23.59 9.31 -42.17
C ALA J 39 23.21 8.67 -43.53
N GLN J 40 21.99 8.89 -44.02
CA GLN J 40 21.61 8.49 -45.38
C GLN J 40 22.08 9.46 -46.47
N VAL J 41 22.08 10.75 -46.16
CA VAL J 41 22.40 11.75 -47.16
C VAL J 41 23.39 12.77 -46.58
N PRO J 42 24.69 12.45 -46.61
CA PRO J 42 25.69 13.30 -45.95
C PRO J 42 25.63 14.79 -46.33
N GLU J 43 25.42 15.08 -47.62
CA GLU J 43 25.48 16.45 -48.15
C GLU J 43 24.22 17.28 -47.93
N SER J 44 23.16 16.70 -47.35
CA SER J 44 21.96 17.46 -47.00
C SER J 44 22.14 18.50 -45.88
N ARG J 45 23.21 18.39 -45.09
CA ARG J 45 23.51 19.38 -44.07
C ARG J 45 23.77 20.79 -44.59
N SER J 46 24.21 20.92 -45.84
CA SER J 46 24.42 22.22 -46.45
C SER J 46 23.20 23.15 -46.38
N LEU J 47 22.00 22.57 -46.47
CA LEU J 47 20.75 23.36 -46.46
C LEU J 47 20.45 24.04 -45.13
N PHE J 48 21.11 23.60 -44.07
CA PHE J 48 20.88 24.12 -42.73
C PHE J 48 21.95 25.08 -42.21
N LYS J 49 22.84 25.55 -43.07
CA LYS J 49 23.88 26.50 -42.66
C LYS J 49 23.36 27.67 -41.81
N ARG J 50 22.12 28.10 -42.06
CA ARG J 50 21.51 29.20 -41.31
C ARG J 50 21.06 28.86 -39.90
N VAL J 51 20.78 27.58 -39.61
CA VAL J 51 20.30 27.16 -38.28
C VAL J 51 21.38 26.55 -37.36
N HIS J 52 22.65 26.68 -37.77
CA HIS J 52 23.78 26.01 -37.13
C HIS J 52 23.65 24.49 -37.23
N GLY J 53 23.30 24.00 -38.42
CA GLY J 53 23.13 22.56 -38.62
C GLY J 53 24.43 21.77 -38.84
N ASP J 54 25.60 22.39 -38.63
CA ASP J 54 26.87 21.66 -38.69
C ASP J 54 26.86 20.49 -37.69
N ASP J 55 26.71 20.80 -36.40
CA ASP J 55 26.52 19.80 -35.32
C ASP J 55 25.07 19.81 -34.88
N THR J 56 24.54 18.64 -34.59
CA THR J 56 23.12 18.47 -34.30
C THR J 56 22.76 18.54 -32.81
N SER J 57 23.75 18.60 -31.94
CA SER J 57 23.47 18.66 -30.52
C SER J 57 23.43 20.10 -29.99
N HIS J 58 23.75 21.08 -30.83
CA HIS J 58 23.76 22.50 -30.45
C HIS J 58 22.35 22.98 -30.12
N PRO J 59 22.18 23.79 -29.04
CA PRO J 59 20.83 24.20 -28.63
C PRO J 59 19.99 24.86 -29.72
N ALA J 60 20.58 25.78 -30.50
CA ALA J 60 19.86 26.45 -31.59
C ALA J 60 19.15 25.48 -32.56
N PHE J 61 19.75 24.32 -32.81
CA PHE J 61 19.17 23.28 -33.67
C PHE J 61 18.03 22.51 -33.03
N ILE J 62 18.12 22.25 -31.73
CA ILE J 62 17.09 21.49 -31.02
C ILE J 62 15.75 22.17 -31.22
N ALA J 63 15.77 23.50 -31.09
CA ALA J 63 14.57 24.31 -31.30
C ALA J 63 13.99 24.07 -32.69
N HIS J 64 14.87 24.09 -33.68
CA HIS J 64 14.46 23.84 -35.05
C HIS J 64 13.68 22.55 -35.23
N ALA J 65 14.15 21.46 -34.61
CA ALA J 65 13.54 20.15 -34.79
C ALA J 65 12.18 20.02 -34.15
N ASP J 66 11.94 20.70 -33.03
CA ASP J 66 10.62 20.63 -32.41
C ASP J 66 9.56 21.26 -33.28
N ARG J 67 9.84 22.44 -33.81
CA ARG J 67 8.93 23.04 -34.77
C ARG J 67 8.58 22.07 -35.89
N VAL J 68 9.57 21.31 -36.36
CA VAL J 68 9.36 20.33 -37.42
C VAL J 68 8.35 19.28 -37.00
N LEU J 69 8.55 18.67 -35.84
CA LEU J 69 7.58 17.72 -35.32
C LEU J 69 6.30 18.45 -34.97
N GLY J 70 6.41 19.51 -34.18
CA GLY J 70 5.31 20.42 -33.91
C GLY J 70 4.48 20.68 -35.15
N GLY J 71 5.13 20.98 -36.28
CA GLY J 71 4.43 21.20 -37.55
C GLY J 71 3.76 19.94 -38.05
N LEU J 72 4.52 18.85 -38.10
CA LEU J 72 4.01 17.55 -38.54
C LEU J 72 2.89 17.00 -37.66
N ASP J 73 2.90 17.33 -36.36
CA ASP J 73 1.81 16.97 -35.45
C ASP J 73 0.49 17.55 -35.94
N ILE J 74 0.51 18.81 -36.38
CA ILE J 74 -0.68 19.46 -36.91
C ILE J 74 -1.23 18.65 -38.09
N ALA J 75 -0.36 18.26 -39.02
CA ALA J 75 -0.78 17.46 -40.17
C ALA J 75 -1.54 16.20 -39.77
N ILE J 76 -0.86 15.28 -39.09
CA ILE J 76 -1.46 13.99 -38.70
C ILE J 76 -2.65 14.21 -37.76
N SER J 77 -2.62 15.29 -36.97
CA SER J 77 -3.75 15.62 -36.09
C SER J 77 -5.09 15.63 -36.83
N THR J 78 -5.11 16.30 -37.99
CA THR J 78 -6.31 16.44 -38.80
C THR J 78 -6.17 15.81 -40.19
N LEU J 79 -6.56 14.54 -40.30
CA LEU J 79 -6.88 13.95 -41.61
C LEU J 79 -8.39 13.73 -41.74
N ASP J 80 -9.16 14.14 -40.73
CA ASP J 80 -10.61 14.00 -40.75
C ASP J 80 -11.26 14.98 -41.75
N GLN J 81 -10.92 16.26 -41.63
CA GLN J 81 -11.50 17.31 -42.48
C GLN J 81 -10.60 17.50 -43.70
N PRO J 82 -11.04 17.05 -44.89
CA PRO J 82 -10.19 17.23 -46.08
C PRO J 82 -10.00 18.71 -46.48
N ALA J 83 -10.88 19.60 -46.02
CA ALA J 83 -10.76 21.04 -46.24
C ALA J 83 -9.59 21.64 -45.44
N THR J 84 -9.70 21.61 -44.11
CA THR J 84 -8.72 22.27 -43.23
C THR J 84 -7.31 21.76 -43.44
N LEU J 85 -7.17 20.46 -43.74
CA LEU J 85 -5.87 19.87 -44.06
C LEU J 85 -5.26 20.61 -45.24
N LYS J 86 -5.97 20.63 -46.37
CA LYS J 86 -5.48 21.27 -47.58
C LYS J 86 -5.12 22.74 -47.34
N GLU J 87 -5.88 23.40 -46.45
CA GLU J 87 -5.55 24.77 -46.04
C GLU J 87 -4.23 24.82 -45.26
N GLU J 88 -4.17 24.08 -44.14
CA GLU J 88 -2.99 24.04 -43.26
C GLU J 88 -1.76 23.55 -43.99
N LEU J 89 -1.92 22.44 -44.70
CA LEU J 89 -0.83 21.85 -45.48
C LEU J 89 -0.27 22.85 -46.51
N ASP J 90 -1.15 23.49 -47.28
CA ASP J 90 -0.76 24.44 -48.33
C ASP J 90 0.19 25.52 -47.82
N HIS J 91 0.01 25.92 -46.55
CA HIS J 91 0.94 26.81 -45.86
C HIS J 91 2.40 26.31 -45.93
N LEU J 92 2.60 25.03 -45.65
CA LEU J 92 3.96 24.45 -45.67
C LEU J 92 4.63 24.57 -47.05
N GLN J 93 3.84 24.51 -48.12
CA GLN J 93 4.37 24.63 -49.47
C GLN J 93 5.24 25.88 -49.61
N VAL J 94 4.66 27.05 -49.33
CA VAL J 94 5.39 28.34 -49.44
C VAL J 94 6.60 28.43 -48.49
N GLN J 95 6.61 27.62 -47.43
CA GLN J 95 7.76 27.54 -46.54
C GLN J 95 8.99 26.97 -47.22
N HIS J 96 8.84 25.79 -47.82
CA HIS J 96 9.98 25.13 -48.46
C HIS J 96 10.27 25.65 -49.87
N GLU J 97 9.24 26.17 -50.55
CA GLU J 97 9.35 26.56 -51.97
C GLU J 97 10.50 27.52 -52.28
N GLY J 98 10.82 28.41 -51.35
CA GLY J 98 11.90 29.37 -51.52
C GLY J 98 13.33 28.84 -51.55
N ARG J 99 13.51 27.51 -51.58
CA ARG J 99 14.84 26.90 -51.72
C ARG J 99 14.75 25.53 -52.38
N LYS J 100 15.91 25.01 -52.77
CA LYS J 100 15.99 23.83 -53.62
C LYS J 100 16.02 22.53 -52.82
N ILE J 101 14.91 21.81 -52.81
CA ILE J 101 14.84 20.52 -52.14
C ILE J 101 14.60 19.45 -53.18
N PRO J 102 15.61 18.60 -53.44
CA PRO J 102 15.37 17.50 -54.39
C PRO J 102 14.31 16.52 -53.88
N ASP J 103 13.65 15.82 -54.79
CA ASP J 103 12.67 14.78 -54.41
C ASP J 103 13.32 13.53 -53.80
N ASN J 104 14.66 13.45 -53.90
CA ASN J 104 15.40 12.39 -53.26
C ASN J 104 15.40 12.51 -51.73
N TYR J 105 15.65 13.70 -51.19
CA TYR J 105 15.75 13.87 -49.73
C TYR J 105 14.51 13.45 -49.01
N PHE J 106 13.41 14.19 -49.13
CA PHE J 106 12.25 13.85 -48.29
C PHE J 106 11.60 12.51 -48.65
N ASP J 107 12.14 11.78 -49.62
CA ASP J 107 11.96 10.34 -49.66
C ASP J 107 12.73 9.61 -48.53
N ALA J 108 13.94 10.05 -48.24
CA ALA J 108 14.76 9.46 -47.18
C ALA J 108 14.25 9.83 -45.78
N PHE J 109 13.93 11.11 -45.55
CA PHE J 109 13.25 11.53 -44.33
C PHE J 109 11.94 10.77 -44.07
N LYS J 110 11.29 10.28 -45.11
CA LYS J 110 10.20 9.32 -44.93
C LYS J 110 10.70 8.02 -44.29
N THR J 111 11.72 7.39 -44.88
CA THR J 111 12.33 6.15 -44.34
C THR J 111 12.79 6.37 -42.88
N ALA J 112 13.33 7.55 -42.58
CA ALA J 112 13.81 7.87 -41.23
C ALA J 112 12.69 7.78 -40.20
N ILE J 113 11.60 8.51 -40.38
CA ILE J 113 10.51 8.46 -39.41
C ILE J 113 10.02 7.05 -39.15
N LEU J 114 9.83 6.25 -40.19
CA LEU J 114 9.37 4.88 -39.96
C LEU J 114 10.18 4.14 -38.90
N HIS J 115 11.47 3.99 -39.15
CA HIS J 115 12.30 3.23 -38.21
C HIS J 115 12.20 3.79 -36.81
N VAL J 116 12.37 5.09 -36.65
CA VAL J 116 12.31 5.67 -35.33
C VAL J 116 10.99 5.42 -34.65
N VAL J 117 9.87 5.58 -35.35
CA VAL J 117 8.58 5.31 -34.74
C VAL J 117 8.52 3.87 -34.23
N ALA J 118 8.90 2.91 -35.06
CA ALA J 118 8.83 1.50 -34.68
C ALA J 118 9.48 1.23 -33.33
N ALA J 119 10.72 1.70 -33.18
CA ALA J 119 11.46 1.57 -31.92
C ALA J 119 10.72 2.25 -30.75
N GLN J 120 10.44 3.54 -30.90
CA GLN J 120 9.75 4.32 -29.88
C GLN J 120 8.37 3.73 -29.50
N LEU J 121 7.73 3.03 -30.42
CA LEU J 121 6.35 2.58 -30.23
C LEU J 121 6.27 1.15 -29.70
N GLY J 122 5.07 0.80 -29.22
CA GLY J 122 4.85 -0.44 -28.48
C GLY J 122 4.78 -1.77 -29.22
N ARG J 123 5.68 -1.98 -30.18
CA ARG J 123 5.84 -3.26 -30.87
C ARG J 123 4.73 -3.62 -31.88
N CYS J 124 3.70 -2.77 -31.99
CA CYS J 124 2.61 -3.03 -32.90
C CYS J 124 2.13 -1.78 -33.66
N TYR J 125 2.20 -1.88 -34.98
CA TYR J 125 1.76 -0.83 -35.91
C TYR J 125 1.81 -1.45 -37.31
N ASP J 126 1.06 -0.89 -38.27
CA ASP J 126 1.01 -1.42 -39.64
C ASP J 126 1.75 -0.49 -40.59
N ARG J 127 2.87 -0.95 -41.13
CA ARG J 127 3.72 -0.12 -41.99
C ARG J 127 2.96 0.46 -43.17
N GLU J 128 2.36 -0.42 -43.96
CA GLU J 128 1.64 0.02 -45.16
C GLU J 128 0.53 1.05 -44.88
N ALA J 129 -0.05 1.01 -43.68
CA ALA J 129 -0.93 2.09 -43.23
C ALA J 129 -0.19 3.42 -43.09
N TRP J 130 0.88 3.46 -42.27
CA TRP J 130 1.73 4.66 -42.13
C TRP J 130 2.33 5.14 -43.44
N ASP J 131 2.89 4.21 -44.20
CA ASP J 131 3.53 4.48 -45.50
C ASP J 131 2.66 5.40 -46.38
N ALA J 132 1.35 5.13 -46.44
CA ALA J 132 0.43 5.94 -47.24
C ALA J 132 0.28 7.35 -46.70
N CYS J 133 -0.08 7.48 -45.43
CA CYS J 133 -0.50 8.76 -44.87
C CYS J 133 0.54 9.85 -44.90
N ILE J 134 1.73 9.58 -44.37
CA ILE J 134 2.82 10.56 -44.44
C ILE J 134 3.25 10.83 -45.88
N ASP J 135 3.15 9.83 -46.77
CA ASP J 135 3.43 10.04 -48.20
C ASP J 135 2.43 11.01 -48.86
N HIS J 136 1.17 10.96 -48.43
CA HIS J 136 0.17 11.97 -48.79
C HIS J 136 0.62 13.39 -48.39
N ILE J 137 1.12 13.51 -47.16
CA ILE J 137 1.71 14.78 -46.71
C ILE J 137 2.94 15.16 -47.53
N GLU J 138 3.82 14.20 -47.84
CA GLU J 138 4.98 14.46 -48.72
C GLU J 138 4.58 15.02 -50.11
N ASP J 139 3.57 14.40 -50.74
CA ASP J 139 2.98 14.93 -51.98
C ASP J 139 2.46 16.36 -51.80
N GLY J 140 1.98 16.66 -50.60
CA GLY J 140 1.60 18.02 -50.21
C GLY J 140 2.69 19.08 -50.30
N ILE J 141 3.75 18.93 -49.51
CA ILE J 141 4.79 19.97 -49.41
C ILE J 141 5.57 20.13 -50.71
N LYS J 142 5.82 19.02 -51.41
CA LYS J 142 6.45 19.06 -52.72
C LYS J 142 5.72 20.03 -53.68
N GLY J 143 4.42 20.25 -53.46
CA GLY J 143 3.65 21.29 -54.16
C GLY J 143 2.83 20.73 -55.31
N HIS J 144 3.33 19.65 -55.92
CA HIS J 144 2.64 18.96 -57.00
C HIS J 144 2.83 17.46 -56.81
N HIS J 145 1.82 16.68 -57.23
CA HIS J 145 1.81 15.22 -57.06
C HIS J 145 2.50 14.49 -58.22
N HIS K 3 16.34 38.00 -11.19
CA HIS K 3 17.04 36.99 -12.05
C HIS K 3 17.49 35.75 -11.27
N GLU K 4 17.65 34.63 -11.98
CA GLU K 4 18.13 33.37 -11.41
C GLU K 4 17.04 32.68 -10.62
N HIS K 5 16.08 33.45 -10.10
CA HIS K 5 15.10 32.93 -9.20
C HIS K 5 13.78 32.57 -9.88
N CYS K 6 13.20 33.55 -10.60
CA CYS K 6 11.88 33.40 -11.24
C CYS K 6 11.82 32.22 -12.19
N CYS K 7 10.67 31.55 -12.22
CA CYS K 7 10.48 30.33 -13.02
C CYS K 7 11.48 29.23 -12.61
N SER K 8 11.46 28.87 -11.32
CA SER K 8 12.34 27.84 -10.77
C SER K 8 11.99 26.46 -11.32
N GLU K 9 12.91 25.51 -11.17
CA GLU K 9 12.77 24.19 -11.78
C GLU K 9 11.49 23.47 -11.35
N GLU K 10 11.25 23.38 -10.04
CA GLU K 10 10.13 22.60 -9.52
C GLU K 10 8.75 23.03 -10.04
N ASP K 11 8.59 24.31 -10.40
CA ASP K 11 7.28 24.80 -10.86
C ASP K 11 6.80 24.21 -12.18
N HIS K 12 7.63 24.26 -13.22
CA HIS K 12 7.24 23.85 -14.56
C HIS K 12 6.96 22.35 -14.66
N ARG K 13 7.52 21.56 -13.75
CA ARG K 13 7.06 20.19 -13.60
C ARG K 13 5.57 20.12 -13.26
N ILE K 14 5.09 21.01 -12.39
CA ILE K 14 3.65 21.10 -12.11
C ILE K 14 2.90 21.51 -13.36
N VAL K 15 3.40 22.53 -14.05
CA VAL K 15 2.76 23.02 -15.26
C VAL K 15 2.58 21.87 -16.25
N GLN K 16 3.67 21.24 -16.67
CA GLN K 16 3.60 20.20 -17.71
C GLN K 16 2.62 19.10 -17.34
N LYS K 17 2.54 18.75 -16.06
CA LYS K 17 1.60 17.72 -15.59
C LYS K 17 0.16 18.17 -15.78
N GLN K 18 -0.16 19.39 -15.35
CA GLN K 18 -1.52 19.94 -15.45
C GLN K 18 -1.88 20.21 -16.91
N TRP K 19 -0.99 20.88 -17.63
CA TRP K 19 -1.15 21.13 -19.05
C TRP K 19 -1.37 19.85 -19.88
N ASP K 20 -0.85 18.72 -19.42
CA ASP K 20 -1.04 17.45 -20.12
C ASP K 20 -2.38 16.76 -19.87
N ILE K 21 -3.15 17.23 -18.88
CA ILE K 21 -4.43 16.59 -18.56
C ILE K 21 -5.43 16.78 -19.69
N LEU K 22 -5.31 17.87 -20.45
CA LEU K 22 -6.18 18.12 -21.60
C LEU K 22 -6.01 17.09 -22.72
N TRP K 23 -4.77 16.83 -23.10
CA TRP K 23 -4.47 15.95 -24.22
C TRP K 23 -4.42 14.45 -23.89
N ARG K 24 -4.82 14.07 -22.68
CA ARG K 24 -4.98 12.64 -22.34
C ARG K 24 -5.95 11.96 -23.29
N ASP K 25 -6.97 12.70 -23.70
CA ASP K 25 -7.91 12.24 -24.72
C ASP K 25 -7.22 12.19 -26.10
N THR K 26 -7.59 11.19 -26.90
CA THR K 26 -7.18 11.10 -28.31
C THR K 26 -8.02 12.07 -29.15
N GLU K 27 -7.83 12.09 -30.46
CA GLU K 27 -8.64 12.95 -31.34
C GLU K 27 -8.86 14.38 -30.80
N SER K 28 -7.78 14.99 -30.29
CA SER K 28 -7.82 16.28 -29.64
C SER K 28 -7.63 17.45 -30.61
N SER K 29 -7.62 17.16 -31.90
CA SER K 29 -7.56 18.22 -32.91
C SER K 29 -8.71 19.20 -32.67
N LYS K 30 -9.92 18.66 -32.54
CA LYS K 30 -11.10 19.48 -32.32
C LYS K 30 -11.05 20.28 -31.02
N ILE K 31 -10.42 19.73 -29.97
CA ILE K 31 -10.28 20.46 -28.71
C ILE K 31 -9.59 21.78 -28.99
N LYS K 32 -8.33 21.71 -29.40
CA LYS K 32 -7.51 22.92 -29.48
C LYS K 32 -7.84 23.80 -30.70
N ILE K 33 -8.60 23.30 -31.67
CA ILE K 33 -9.21 24.19 -32.65
C ILE K 33 -10.19 25.07 -31.91
N GLY K 34 -11.17 24.46 -31.24
CA GLY K 34 -12.20 25.18 -30.50
C GLY K 34 -11.64 26.06 -29.39
N PHE K 35 -10.83 25.46 -28.52
CA PHE K 35 -10.17 26.21 -27.44
C PHE K 35 -9.26 27.34 -27.98
N GLY K 36 -8.75 27.19 -29.20
CA GLY K 36 -8.01 28.27 -29.88
C GLY K 36 -8.89 29.32 -30.55
N ARG K 37 -10.02 28.87 -31.10
CA ARG K 37 -10.99 29.76 -31.76
C ARG K 37 -11.53 30.79 -30.79
N LEU K 38 -11.72 30.42 -29.52
CA LEU K 38 -12.21 31.37 -28.54
C LEU K 38 -11.16 32.44 -28.17
N LEU K 39 -9.89 32.06 -28.06
CA LEU K 39 -8.87 33.02 -27.60
C LEU K 39 -8.63 34.22 -28.50
N LEU K 40 -8.79 34.03 -29.81
CA LEU K 40 -8.61 35.14 -30.75
C LEU K 40 -9.84 36.06 -30.86
N THR K 41 -11.04 35.47 -30.88
CA THR K 41 -12.27 36.27 -30.94
C THR K 41 -12.44 37.11 -29.68
N LYS K 42 -12.36 36.45 -28.52
CA LYS K 42 -12.39 37.11 -27.21
C LYS K 42 -11.32 38.20 -27.05
N LEU K 43 -10.25 38.14 -27.83
CA LEU K 43 -9.31 39.25 -27.92
C LEU K 43 -9.89 40.45 -28.69
N ALA K 44 -10.48 40.20 -29.86
CA ALA K 44 -11.05 41.28 -30.71
C ALA K 44 -12.13 42.15 -30.03
N LYS K 45 -12.92 41.56 -29.15
CA LYS K 45 -13.97 42.29 -28.42
C LYS K 45 -13.46 43.14 -27.24
N ASP K 46 -12.16 43.12 -26.97
CA ASP K 46 -11.53 44.04 -26.00
C ASP K 46 -10.79 45.16 -26.73
N ILE K 47 -9.77 44.80 -27.51
CA ILE K 47 -9.10 45.76 -28.38
C ILE K 47 -9.64 45.53 -29.80
N PRO K 48 -10.45 46.48 -30.33
CA PRO K 48 -10.96 46.31 -31.70
C PRO K 48 -9.91 46.52 -32.79
N GLU K 49 -8.85 47.27 -32.48
CA GLU K 49 -7.79 47.60 -33.44
C GLU K 49 -7.17 46.39 -34.16
N VAL K 50 -6.89 45.34 -33.38
CA VAL K 50 -6.20 44.14 -33.89
C VAL K 50 -6.97 43.37 -34.96
N ASN K 51 -8.29 43.54 -35.00
CA ASN K 51 -9.15 42.92 -36.02
C ASN K 51 -8.59 43.10 -37.44
N ASP K 52 -8.06 44.28 -37.74
CA ASP K 52 -7.45 44.55 -39.05
C ASP K 52 -6.27 43.60 -39.37
N LEU K 53 -5.49 43.23 -38.35
CA LEU K 53 -4.27 42.44 -38.56
C LEU K 53 -4.53 41.05 -39.15
N PHE K 54 -5.65 40.43 -38.79
CA PHE K 54 -5.98 39.07 -39.24
C PHE K 54 -6.65 38.97 -40.62
N LYS K 55 -6.70 40.07 -41.38
CA LYS K 55 -7.33 40.03 -42.71
C LYS K 55 -6.77 38.92 -43.60
N ARG K 56 -5.46 38.71 -43.57
CA ARG K 56 -4.81 37.70 -44.43
C ARG K 56 -5.31 36.27 -44.21
N VAL K 57 -5.70 35.95 -42.97
CA VAL K 57 -6.24 34.63 -42.62
C VAL K 57 -7.77 34.58 -42.66
N ASP K 58 -8.42 35.71 -42.95
CA ASP K 58 -9.88 35.80 -43.05
C ASP K 58 -10.54 35.48 -41.72
N ILE K 59 -10.23 36.27 -40.70
CA ILE K 59 -10.86 36.13 -39.36
C ILE K 59 -12.38 36.29 -39.36
N GLU K 60 -12.93 36.98 -40.36
CA GLU K 60 -14.38 37.18 -40.49
C GLU K 60 -15.20 35.88 -40.44
N HIS K 61 -14.61 34.77 -40.86
CA HIS K 61 -15.22 33.45 -40.72
C HIS K 61 -14.65 32.74 -39.49
N ALA K 62 -15.46 32.63 -38.44
CA ALA K 62 -15.05 31.99 -37.18
C ALA K 62 -14.78 30.50 -37.37
N GLU K 63 -15.79 29.79 -37.89
CA GLU K 63 -15.66 28.37 -38.23
C GLU K 63 -14.97 28.12 -39.59
N GLY K 64 -14.66 29.20 -40.34
CA GLY K 64 -14.00 29.11 -41.63
C GLY K 64 -12.74 28.26 -41.61
N PRO K 65 -12.58 27.35 -42.59
CA PRO K 65 -11.38 26.50 -42.63
C PRO K 65 -10.07 27.27 -42.67
N LYS K 66 -9.98 28.27 -43.53
CA LYS K 66 -8.73 29.03 -43.68
C LYS K 66 -8.20 29.65 -42.37
N PHE K 67 -9.11 30.09 -41.49
CA PHE K 67 -8.74 30.61 -40.17
C PHE K 67 -8.51 29.51 -39.14
N SER K 68 -9.33 28.47 -39.16
CA SER K 68 -9.20 27.35 -38.23
C SER K 68 -7.77 26.79 -38.18
N ALA K 69 -7.22 26.49 -39.35
CA ALA K 69 -5.83 26.01 -39.47
C ALA K 69 -4.79 26.98 -38.87
N HIS K 70 -5.11 28.26 -38.78
CA HIS K 70 -4.28 29.20 -38.03
C HIS K 70 -4.40 29.03 -36.51
N ALA K 71 -5.59 28.73 -36.02
CA ALA K 71 -5.79 28.51 -34.57
C ALA K 71 -4.97 27.35 -34.00
N LEU K 72 -4.83 26.27 -34.77
CA LEU K 72 -3.96 25.16 -34.37
C LEU K 72 -2.57 25.66 -34.15
N ARG K 73 -1.99 26.25 -35.19
CA ARG K 73 -0.60 26.69 -35.17
C ARG K 73 -0.20 27.60 -34.02
N ILE K 74 -1.14 28.37 -33.47
CA ILE K 74 -0.83 29.16 -32.28
C ILE K 74 -0.72 28.31 -31.00
N LEU K 75 -1.68 27.42 -30.74
CA LEU K 75 -1.60 26.58 -29.54
C LEU K 75 -0.49 25.57 -29.64
N ASN K 76 -0.39 24.94 -30.80
CA ASN K 76 0.70 24.04 -31.06
C ASN K 76 2.08 24.70 -30.88
N GLY K 77 2.24 25.92 -31.41
CA GLY K 77 3.44 26.73 -31.15
C GLY K 77 3.65 27.05 -29.67
N LEU K 78 2.56 27.33 -28.95
CA LEU K 78 2.62 27.48 -27.48
C LEU K 78 2.96 26.18 -26.79
N ASP K 79 2.44 25.06 -27.29
CA ASP K 79 2.66 23.77 -26.67
C ASP K 79 4.12 23.40 -26.63
N LEU K 80 4.80 23.42 -27.79
CA LEU K 80 6.22 23.09 -27.82
C LEU K 80 7.03 23.96 -26.86
N ALA K 81 6.58 25.20 -26.64
CA ALA K 81 7.20 26.08 -25.64
C ALA K 81 7.12 25.52 -24.22
N ILE K 82 5.94 25.04 -23.83
CA ILE K 82 5.75 24.48 -22.49
C ILE K 82 6.52 23.18 -22.31
N ASN K 83 6.38 22.24 -23.24
CA ASN K 83 7.12 20.97 -23.17
C ASN K 83 8.63 21.09 -23.30
N LEU K 84 9.11 22.24 -23.71
CA LEU K 84 10.53 22.52 -23.75
C LEU K 84 11.01 23.38 -22.55
N LEU K 85 10.19 23.64 -21.54
CA LEU K 85 10.59 24.55 -20.44
C LEU K 85 11.89 24.11 -19.75
N ASP K 86 11.97 22.83 -19.44
CA ASP K 86 13.23 22.19 -19.01
C ASP K 86 14.29 22.23 -20.11
N ASP K 87 15.55 22.25 -19.71
CA ASP K 87 16.68 22.54 -20.61
C ASP K 87 16.54 23.96 -21.20
N PRO K 88 16.65 25.00 -20.33
CA PRO K 88 16.43 26.41 -20.75
C PRO K 88 17.16 26.90 -22.01
N PRO K 89 18.47 26.64 -22.14
CA PRO K 89 19.19 27.30 -23.25
C PRO K 89 18.57 27.08 -24.64
N ALA K 90 17.86 25.97 -24.83
CA ALA K 90 17.07 25.75 -26.05
C ALA K 90 15.87 26.67 -26.15
N LEU K 91 15.10 26.80 -25.07
CA LEU K 91 13.89 27.62 -25.05
C LEU K 91 14.11 29.06 -25.48
N ASP K 92 15.21 29.66 -25.01
CA ASP K 92 15.57 31.01 -25.42
C ASP K 92 15.63 31.11 -26.94
N ALA K 93 16.38 30.22 -27.57
CA ALA K 93 16.42 30.13 -29.03
C ALA K 93 15.05 29.86 -29.66
N ALA K 94 14.25 28.99 -29.04
CA ALA K 94 12.90 28.67 -29.52
C ALA K 94 11.99 29.88 -29.61
N LEU K 95 11.91 30.63 -28.51
CA LEU K 95 11.08 31.83 -28.48
C LEU K 95 11.66 32.96 -29.31
N ASP K 96 12.98 33.14 -29.27
CA ASP K 96 13.65 34.13 -30.14
C ASP K 96 13.20 34.04 -31.60
N HIS K 97 13.00 32.82 -32.10
CA HIS K 97 12.50 32.63 -33.44
C HIS K 97 11.02 33.02 -33.62
N LEU K 98 10.22 32.99 -32.56
CA LEU K 98 8.84 33.52 -32.61
C LEU K 98 8.78 35.04 -32.64
N ALA K 99 9.58 35.70 -31.80
CA ALA K 99 9.62 37.15 -31.79
C ALA K 99 9.91 37.68 -33.19
N HIS K 100 11.04 37.25 -33.76
CA HIS K 100 11.41 37.61 -35.14
C HIS K 100 10.28 37.29 -36.13
N GLN K 101 9.53 36.22 -35.90
CA GLN K 101 8.37 35.91 -36.74
C GLN K 101 7.27 36.96 -36.62
N HIS K 102 7.06 37.50 -35.42
CA HIS K 102 6.14 38.64 -35.21
C HIS K 102 6.70 40.02 -35.57
N GLU K 103 8.01 40.09 -35.80
CA GLU K 103 8.68 41.37 -36.11
C GLU K 103 8.33 41.90 -37.48
N VAL K 104 8.53 41.07 -38.51
CA VAL K 104 8.25 41.47 -39.91
C VAL K 104 6.79 41.84 -40.12
N ARG K 105 5.90 41.29 -39.31
CA ARG K 105 4.52 41.74 -39.28
C ARG K 105 4.42 43.09 -38.61
N GLU K 106 3.68 43.98 -39.26
CA GLU K 106 3.56 45.37 -38.84
C GLU K 106 2.19 45.59 -38.21
N GLY K 107 2.14 46.51 -37.25
CA GLY K 107 0.91 46.86 -36.53
C GLY K 107 0.64 45.99 -35.32
N VAL K 108 1.68 45.39 -34.76
CA VAL K 108 1.59 44.55 -33.57
C VAL K 108 2.16 45.32 -32.39
N GLN K 109 1.28 45.78 -31.51
CA GLN K 109 1.63 46.68 -30.42
C GLN K 109 1.86 45.91 -29.14
N LYS K 110 2.96 46.22 -28.47
CA LYS K 110 3.42 45.52 -27.27
C LYS K 110 2.36 45.40 -26.17
N ALA K 111 1.53 46.44 -26.01
CA ALA K 111 0.45 46.43 -25.02
C ALA K 111 -0.62 45.34 -25.25
N HIS K 112 -0.72 44.81 -26.48
CA HIS K 112 -1.69 43.74 -26.78
C HIS K 112 -1.49 42.51 -25.91
N PHE K 113 -0.25 42.02 -25.87
CA PHE K 113 0.08 40.82 -25.11
C PHE K 113 -0.31 40.94 -23.64
N LYS K 114 -0.07 42.12 -23.06
CA LYS K 114 -0.47 42.41 -21.67
C LYS K 114 -1.94 42.06 -21.41
N LYS K 115 -2.81 42.36 -22.38
CA LYS K 115 -4.19 41.87 -22.32
C LYS K 115 -4.25 40.37 -22.52
N PHE K 116 -3.68 39.88 -23.62
CA PHE K 116 -3.71 38.44 -23.96
C PHE K 116 -3.32 37.53 -22.80
N GLY K 117 -2.39 37.99 -21.97
CA GLY K 117 -2.07 37.32 -20.70
C GLY K 117 -3.23 37.33 -19.73
N GLU K 118 -3.80 38.52 -19.49
CA GLU K 118 -4.94 38.67 -18.56
C GLU K 118 -6.18 37.87 -18.99
N ILE K 119 -6.43 37.78 -20.29
CA ILE K 119 -7.48 36.88 -20.80
C ILE K 119 -7.14 35.45 -20.41
N LEU K 120 -5.96 34.99 -20.81
CA LEU K 120 -5.55 33.61 -20.58
C LEU K 120 -5.35 33.26 -19.09
N ALA K 121 -4.76 34.18 -18.33
CA ALA K 121 -4.54 33.98 -16.88
C ALA K 121 -5.86 33.77 -16.12
N THR K 122 -6.91 34.50 -16.51
CA THR K 122 -8.26 34.30 -15.94
C THR K 122 -9.14 33.38 -16.82
N GLY K 123 -8.72 33.14 -18.06
CA GLY K 123 -9.43 32.21 -18.95
C GLY K 123 -9.16 30.76 -18.62
N LEU K 124 -7.89 30.45 -18.32
CA LEU K 124 -7.48 29.08 -18.04
C LEU K 124 -8.21 28.39 -16.88
N PRO K 125 -8.38 29.05 -15.72
CA PRO K 125 -9.02 28.40 -14.57
C PRO K 125 -10.40 27.79 -14.81
N GLN K 126 -11.07 28.15 -15.89
CA GLN K 126 -12.31 27.48 -16.25
C GLN K 126 -12.10 26.08 -16.83
N VAL K 127 -11.03 25.87 -17.59
CA VAL K 127 -10.88 24.64 -18.40
C VAL K 127 -10.08 23.51 -17.76
N LEU K 128 -9.57 23.70 -16.54
CA LEU K 128 -8.75 22.67 -15.88
C LEU K 128 -9.38 22.21 -14.59
N ASP K 129 -8.97 21.01 -14.15
CA ASP K 129 -9.48 20.43 -12.92
C ASP K 129 -8.92 21.22 -11.73
N ASP K 130 -7.61 21.07 -11.50
CA ASP K 130 -6.92 21.77 -10.42
C ASP K 130 -5.72 22.46 -11.02
N TYR K 131 -5.19 23.44 -10.31
CA TYR K 131 -3.90 24.03 -10.66
C TYR K 131 -3.51 25.10 -9.63
N ASP K 132 -2.21 25.37 -9.53
CA ASP K 132 -1.69 26.46 -8.70
C ASP K 132 -1.47 27.69 -9.56
N ALA K 133 -2.34 28.69 -9.40
CA ALA K 133 -2.28 29.94 -10.16
C ALA K 133 -0.94 30.63 -10.06
N LEU K 134 -0.29 30.50 -8.92
CA LEU K 134 1.01 31.11 -8.71
C LEU K 134 2.04 30.55 -9.68
N ALA K 135 2.01 29.25 -9.90
CA ALA K 135 2.95 28.63 -10.85
C ALA K 135 2.76 29.13 -12.28
N TRP K 136 1.56 28.96 -12.82
CA TRP K 136 1.26 29.43 -14.18
C TRP K 136 1.61 30.90 -14.39
N LYS K 137 1.32 31.72 -13.39
CA LYS K 137 1.66 33.13 -13.42
C LYS K 137 3.15 33.33 -13.72
N SER K 138 4.01 32.55 -13.07
CA SER K 138 5.45 32.67 -13.27
C SER K 138 5.88 32.31 -14.68
N CYS K 139 5.42 31.15 -15.17
CA CYS K 139 5.84 30.67 -16.49
C CYS K 139 5.35 31.53 -17.64
N LEU K 140 4.06 31.87 -17.64
CA LEU K 140 3.52 32.71 -18.73
C LEU K 140 4.11 34.12 -18.81
N LYS K 141 4.58 34.67 -17.69
CA LYS K 141 5.43 35.87 -17.73
C LYS K 141 6.72 35.58 -18.52
N GLY K 142 7.24 34.35 -18.40
CA GLY K 142 8.41 33.93 -19.16
C GLY K 142 8.18 33.87 -20.66
N ILE K 143 7.11 33.22 -21.09
CA ILE K 143 6.82 33.05 -22.51
C ILE K 143 6.50 34.41 -23.13
N LEU K 144 5.50 35.09 -22.58
CA LEU K 144 4.99 36.31 -23.20
C LEU K 144 6.02 37.41 -23.23
N THR K 145 6.58 37.77 -22.07
CA THR K 145 7.56 38.89 -21.97
C THR K 145 8.74 38.71 -22.93
N LYS K 146 9.20 37.47 -23.14
CA LYS K 146 10.33 37.24 -24.04
C LYS K 146 9.94 37.39 -25.51
N ILE K 147 8.74 36.94 -25.87
CA ILE K 147 8.13 37.36 -27.14
C ILE K 147 7.91 38.87 -27.04
N SER K 148 7.93 39.55 -28.18
CA SER K 148 7.72 41.01 -28.22
C SER K 148 8.98 41.80 -27.85
N SER K 149 9.99 41.14 -27.29
CA SER K 149 11.27 41.77 -27.04
C SER K 149 11.92 42.33 -28.32
N ARG K 150 11.46 41.86 -29.49
CA ARG K 150 11.85 42.47 -30.76
C ARG K 150 11.00 43.66 -31.21
N LEU K 151 9.86 43.93 -30.58
CA LEU K 151 8.93 44.98 -31.05
C LEU K 151 9.31 46.41 -30.64
N GLU L 1 -26.84 30.18 -18.50
CA GLU L 1 -25.55 30.63 -19.14
C GLU L 1 -24.60 29.45 -19.38
N CYS L 2 -24.69 28.84 -20.57
CA CYS L 2 -23.85 27.70 -20.94
C CYS L 2 -23.23 27.98 -22.30
N LEU L 3 -21.94 27.75 -22.44
CA LEU L 3 -21.32 28.01 -23.73
C LEU L 3 -19.99 27.35 -23.76
N VAL L 4 -19.51 27.01 -24.97
CA VAL L 4 -18.07 26.79 -25.26
C VAL L 4 -17.18 26.20 -24.14
N THR L 5 -16.56 27.03 -23.31
CA THR L 5 -15.59 26.57 -22.30
C THR L 5 -16.29 25.88 -21.14
N GLU L 6 -17.17 26.59 -20.44
CA GLU L 6 -17.88 26.05 -19.28
C GLU L 6 -18.61 24.73 -19.52
N SER L 7 -18.96 24.43 -20.78
CA SER L 7 -19.41 23.08 -21.18
C SER L 7 -18.28 22.07 -21.25
N LEU L 8 -17.19 22.46 -21.90
CA LEU L 8 -16.05 21.56 -22.11
C LEU L 8 -15.61 20.86 -20.83
N LYS L 9 -15.52 21.63 -19.74
CA LYS L 9 -15.11 21.08 -18.46
C LYS L 9 -15.97 19.93 -17.96
N VAL L 10 -17.28 19.98 -18.23
CA VAL L 10 -18.17 18.91 -17.79
C VAL L 10 -17.78 17.59 -18.44
N LYS L 11 -17.35 17.62 -19.70
CA LYS L 11 -16.89 16.40 -20.36
C LYS L 11 -15.72 15.73 -19.65
N LEU L 12 -14.64 16.47 -19.43
CA LEU L 12 -13.46 15.90 -18.77
C LEU L 12 -13.81 15.26 -17.42
N GLN L 13 -14.57 15.98 -16.60
CA GLN L 13 -14.97 15.45 -15.28
C GLN L 13 -16.00 14.35 -15.33
N TRP L 14 -16.77 14.29 -16.40
CA TRP L 14 -17.62 13.14 -16.64
C TRP L 14 -16.78 11.89 -16.88
N ALA L 15 -15.69 12.00 -17.64
CA ALA L 15 -14.81 10.85 -17.89
C ALA L 15 -14.33 10.21 -16.58
N SER L 16 -13.67 11.00 -15.74
CA SER L 16 -13.05 10.51 -14.49
C SER L 16 -14.05 9.81 -13.57
N ALA L 17 -14.92 10.59 -12.93
CA ALA L 17 -15.78 10.08 -11.84
C ALA L 17 -16.75 8.96 -12.23
N PHE L 18 -17.10 8.91 -13.50
CA PHE L 18 -18.02 7.91 -13.99
C PHE L 18 -17.42 6.50 -14.02
N GLY L 19 -16.09 6.39 -14.07
CA GLY L 19 -15.42 5.10 -13.92
C GLY L 19 -15.66 4.16 -15.07
N HIS L 20 -15.58 2.86 -14.78
CA HIS L 20 -15.67 1.83 -15.81
C HIS L 20 -16.07 0.46 -15.23
N ALA L 21 -16.77 -0.34 -16.04
CA ALA L 21 -17.04 -1.76 -15.76
C ALA L 21 -17.84 -1.98 -14.46
N HIS L 22 -17.48 -3.00 -13.67
CA HIS L 22 -18.07 -3.22 -12.36
C HIS L 22 -18.13 -1.95 -11.51
N GLU L 23 -17.14 -1.05 -11.66
CA GLU L 23 -17.17 0.26 -10.99
C GLU L 23 -18.31 1.18 -11.47
N ARG L 24 -18.80 0.97 -12.70
CA ARG L 24 -19.91 1.75 -13.25
C ARG L 24 -21.26 1.40 -12.66
N VAL L 25 -21.58 0.11 -12.64
CA VAL L 25 -22.82 -0.34 -12.01
C VAL L 25 -22.89 0.17 -10.58
N ALA L 26 -21.82 -0.06 -9.81
CA ALA L 26 -21.73 0.43 -8.41
C ALA L 26 -21.99 1.94 -8.29
N PHE L 27 -21.65 2.71 -9.33
CA PHE L 27 -21.95 4.15 -9.38
C PHE L 27 -23.43 4.45 -9.54
N GLY L 28 -24.06 3.84 -10.53
CA GLY L 28 -25.49 4.03 -10.81
C GLY L 28 -26.39 3.68 -9.63
N LEU L 29 -26.28 2.46 -9.14
CA LEU L 29 -27.04 2.02 -7.98
C LEU L 29 -26.81 2.85 -6.71
N GLU L 30 -25.64 3.47 -6.58
CA GLU L 30 -25.36 4.41 -5.49
C GLU L 30 -26.11 5.74 -5.69
N LEU L 31 -26.45 6.08 -6.94
CA LEU L 31 -27.26 7.28 -7.24
C LEU L 31 -28.71 7.12 -6.79
N TRP L 32 -29.44 6.17 -7.37
CA TRP L 32 -30.88 5.99 -7.10
C TRP L 32 -31.15 5.80 -5.63
N ARG L 33 -30.31 4.99 -4.98
CA ARG L 33 -30.40 4.77 -3.54
C ARG L 33 -30.43 6.08 -2.73
N ASP L 34 -29.81 7.13 -3.25
CA ASP L 34 -29.96 8.48 -2.68
C ASP L 34 -31.40 8.96 -2.74
N ILE L 35 -31.95 9.06 -3.94
CA ILE L 35 -33.25 9.73 -4.14
C ILE L 35 -34.44 8.97 -3.56
N ILE L 36 -34.45 7.64 -3.67
CA ILE L 36 -35.52 6.83 -3.11
C ILE L 36 -35.61 6.91 -1.57
N ASP L 37 -34.48 7.03 -0.88
CA ASP L 37 -34.50 7.33 0.56
C ASP L 37 -35.10 8.73 0.87
N ASP L 38 -34.89 9.69 -0.03
CA ASP L 38 -35.40 11.05 0.12
C ASP L 38 -36.90 11.19 -0.24
N HIS L 39 -37.31 10.68 -1.39
CA HIS L 39 -38.65 10.87 -1.95
C HIS L 39 -39.34 9.53 -2.22
N PRO L 40 -40.00 8.93 -1.20
CA PRO L 40 -40.43 7.53 -1.27
C PRO L 40 -41.42 7.20 -2.40
N GLU L 41 -42.26 8.16 -2.78
CA GLU L 41 -43.24 8.00 -3.85
C GLU L 41 -42.62 7.63 -5.21
N ILE L 42 -41.37 8.03 -5.44
CA ILE L 42 -40.73 7.91 -6.76
C ILE L 42 -40.72 6.47 -7.29
N LYS L 43 -40.80 5.48 -6.40
CA LYS L 43 -40.80 4.07 -6.83
C LYS L 43 -42.12 3.51 -7.39
N ALA L 44 -43.18 4.33 -7.41
CA ALA L 44 -44.44 3.94 -8.04
C ALA L 44 -44.32 3.55 -9.54
N PRO L 45 -43.69 4.40 -10.40
CA PRO L 45 -43.61 4.09 -11.84
C PRO L 45 -42.75 2.89 -12.24
N PHE L 46 -41.87 2.45 -11.34
CA PHE L 46 -40.93 1.38 -11.68
C PHE L 46 -41.47 -0.03 -11.52
N SER L 47 -42.76 -0.21 -11.23
CA SER L 47 -43.35 -1.55 -11.14
C SER L 47 -43.13 -2.40 -12.41
N ARG L 48 -42.86 -1.76 -13.55
CA ARG L 48 -42.49 -2.49 -14.78
C ARG L 48 -41.13 -3.20 -14.73
N VAL L 49 -40.15 -2.53 -14.13
CA VAL L 49 -38.78 -3.04 -13.99
C VAL L 49 -38.51 -3.74 -12.64
N ARG L 50 -39.57 -4.03 -11.89
CA ARG L 50 -39.50 -4.60 -10.54
C ARG L 50 -38.73 -3.69 -9.59
N GLY L 51 -38.99 -2.38 -9.71
CA GLY L 51 -38.39 -1.38 -8.81
C GLY L 51 -38.87 -1.49 -7.37
N ASP L 52 -39.55 -2.59 -7.04
CA ASP L 52 -39.77 -3.02 -5.67
C ASP L 52 -38.46 -2.98 -4.86
N ASN L 53 -37.46 -3.74 -5.33
CA ASN L 53 -36.13 -3.80 -4.71
C ASN L 53 -35.05 -3.42 -5.73
N ILE L 54 -34.47 -2.25 -5.55
CA ILE L 54 -33.51 -1.72 -6.49
C ILE L 54 -32.25 -2.60 -6.60
N TYR L 55 -31.81 -3.18 -5.48
CA TYR L 55 -30.62 -4.05 -5.48
C TYR L 55 -30.78 -5.30 -6.33
N SER L 56 -32.01 -5.75 -6.52
CA SER L 56 -32.28 -6.84 -7.45
C SER L 56 -31.78 -6.51 -8.86
N PRO L 57 -31.40 -7.55 -9.64
CA PRO L 57 -31.07 -7.32 -11.06
C PRO L 57 -32.27 -6.84 -11.85
N GLU L 58 -32.06 -6.61 -13.15
CA GLU L 58 -33.11 -6.09 -14.03
C GLU L 58 -33.47 -4.63 -13.78
N PHE L 59 -33.38 -4.16 -12.54
CA PHE L 59 -33.29 -2.74 -12.26
C PHE L 59 -31.84 -2.27 -12.44
N GLY L 60 -30.88 -3.04 -11.89
CA GLY L 60 -29.45 -2.83 -12.12
C GLY L 60 -29.24 -2.57 -13.60
N ALA L 61 -29.84 -3.42 -14.45
CA ALA L 61 -29.82 -3.26 -15.91
C ALA L 61 -30.38 -1.92 -16.36
N HIS L 62 -31.54 -1.58 -15.81
CA HIS L 62 -32.21 -0.34 -16.14
C HIS L 62 -31.34 0.88 -15.86
N SER L 63 -30.95 1.04 -14.59
CA SER L 63 -30.20 2.22 -14.16
C SER L 63 -28.94 2.47 -14.94
N GLN L 64 -28.39 1.42 -15.54
CA GLN L 64 -27.25 1.58 -16.41
C GLN L 64 -27.64 2.13 -17.78
N ARG L 65 -28.76 1.65 -18.35
CA ARG L 65 -29.35 2.26 -19.55
C ARG L 65 -29.59 3.75 -19.33
N VAL L 66 -29.98 4.12 -18.12
CA VAL L 66 -30.17 5.52 -17.76
C VAL L 66 -28.90 6.30 -18.00
N LEU L 67 -27.86 5.96 -17.25
CA LEU L 67 -26.62 6.73 -17.27
C LEU L 67 -26.03 6.75 -18.67
N SER L 68 -26.07 5.60 -19.33
CA SER L 68 -25.68 5.51 -20.73
C SER L 68 -26.29 6.64 -21.57
N GLY L 69 -27.55 6.99 -21.29
CA GLY L 69 -28.20 8.13 -21.96
C GLY L 69 -27.48 9.46 -21.79
N LEU L 70 -27.11 9.78 -20.56
CA LEU L 70 -26.33 11.00 -20.28
C LEU L 70 -25.04 11.04 -21.06
N ASP L 71 -24.41 9.87 -21.27
CA ASP L 71 -23.24 9.76 -22.13
C ASP L 71 -23.57 10.34 -23.50
N ILE L 72 -24.59 9.80 -24.17
CA ILE L 72 -25.01 10.27 -25.50
C ILE L 72 -25.23 11.79 -25.47
N THR L 73 -26.00 12.26 -24.48
CA THR L 73 -26.25 13.69 -24.29
C THR L 73 -24.94 14.48 -24.13
N ILE L 74 -24.24 14.23 -23.02
CA ILE L 74 -23.08 15.03 -22.64
C ILE L 74 -21.98 14.90 -23.66
N SER L 75 -21.82 13.72 -24.26
CA SER L 75 -20.80 13.52 -25.30
C SER L 75 -20.92 14.48 -26.48
N MET L 76 -22.13 14.62 -27.01
CA MET L 76 -22.38 15.52 -28.14
C MET L 76 -22.64 16.97 -27.76
N LEU L 77 -22.56 17.28 -26.47
CA LEU L 77 -22.92 18.60 -25.94
C LEU L 77 -22.20 19.81 -26.56
N ASP L 78 -21.09 19.58 -27.28
CA ASP L 78 -20.39 20.66 -28.00
C ASP L 78 -21.19 21.13 -29.22
N THR L 79 -21.49 20.21 -30.14
CA THR L 79 -22.18 20.55 -31.40
C THR L 79 -23.68 20.81 -31.10
N PRO L 80 -24.13 22.08 -31.17
CA PRO L 80 -25.50 22.40 -30.73
C PRO L 80 -26.61 21.77 -31.58
N ASP L 81 -26.39 21.67 -32.90
CA ASP L 81 -27.43 21.22 -33.84
C ASP L 81 -27.90 19.81 -33.54
N MET L 82 -26.94 18.88 -33.53
CA MET L 82 -27.24 17.47 -33.33
C MET L 82 -27.69 17.16 -31.90
N LEU L 83 -27.41 18.07 -30.96
CA LEU L 83 -27.84 17.90 -29.57
C LEU L 83 -29.36 17.74 -29.45
N ALA L 84 -30.10 18.69 -30.02
CA ALA L 84 -31.56 18.70 -29.93
C ALA L 84 -32.17 17.40 -30.46
N ALA L 85 -31.58 16.82 -31.51
CA ALA L 85 -32.07 15.58 -32.11
C ALA L 85 -32.23 14.45 -31.08
N GLN L 86 -31.19 14.20 -30.30
CA GLN L 86 -31.28 13.20 -29.22
C GLN L 86 -32.25 13.63 -28.13
N LEU L 87 -32.18 14.88 -27.74
CA LEU L 87 -33.14 15.44 -26.79
C LEU L 87 -34.57 15.28 -27.29
N ALA L 88 -34.77 15.45 -28.59
CA ALA L 88 -36.07 15.21 -29.23
C ALA L 88 -36.50 13.75 -29.10
N HIS L 89 -35.67 12.83 -29.58
CA HIS L 89 -35.96 11.41 -29.45
C HIS L 89 -36.11 10.94 -27.99
N LEU L 90 -35.38 11.58 -27.08
CA LEU L 90 -35.39 11.16 -25.69
C LEU L 90 -36.74 11.44 -25.04
N LYS L 91 -37.22 12.67 -25.14
CA LYS L 91 -38.51 13.07 -24.55
C LYS L 91 -39.65 12.11 -24.95
N VAL L 92 -39.65 11.69 -26.22
CA VAL L 92 -40.64 10.75 -26.75
C VAL L 92 -40.79 9.51 -25.87
N GLN L 93 -39.67 8.99 -25.40
CA GLN L 93 -39.70 7.83 -24.51
C GLN L 93 -40.40 8.11 -23.16
N HIS L 94 -40.33 9.36 -22.70
CA HIS L 94 -40.95 9.78 -21.43
C HIS L 94 -42.36 10.38 -21.53
N VAL L 95 -42.92 10.47 -22.73
CA VAL L 95 -44.26 11.03 -22.91
C VAL L 95 -45.33 10.11 -22.30
N GLU L 96 -45.22 8.81 -22.58
CA GLU L 96 -46.29 7.86 -22.29
C GLU L 96 -46.41 7.40 -20.83
N ARG L 97 -45.58 7.93 -19.93
CA ARG L 97 -45.64 7.56 -18.52
C ARG L 97 -45.95 8.72 -17.61
N ASN L 98 -46.57 8.40 -16.47
CA ASN L 98 -46.93 9.37 -15.45
C ASN L 98 -45.73 9.96 -14.71
N LEU L 99 -45.50 11.25 -14.91
CA LEU L 99 -44.40 11.96 -14.27
C LEU L 99 -44.95 13.21 -13.62
N LYS L 100 -44.09 13.85 -12.82
CA LYS L 100 -44.32 15.22 -12.39
C LYS L 100 -43.14 16.04 -12.91
N PRO L 101 -43.39 17.31 -13.29
CA PRO L 101 -42.28 18.15 -13.74
C PRO L 101 -41.27 18.49 -12.63
N GLU L 102 -41.65 18.33 -11.36
CA GLU L 102 -40.74 18.56 -10.23
C GLU L 102 -39.71 17.44 -9.99
N PHE L 103 -39.97 16.20 -10.42
CA PHE L 103 -39.00 15.09 -10.24
C PHE L 103 -37.72 15.33 -11.01
N PHE L 104 -37.83 15.82 -12.23
CA PHE L 104 -36.66 16.25 -13.00
C PHE L 104 -35.81 17.24 -12.21
N ASP L 105 -36.36 18.39 -11.84
CA ASP L 105 -35.62 19.37 -11.03
C ASP L 105 -35.02 18.76 -9.75
N ILE L 106 -35.69 17.77 -9.17
CA ILE L 106 -35.15 16.98 -8.05
C ILE L 106 -33.91 16.14 -8.47
N PHE L 107 -34.00 15.44 -9.60
CA PHE L 107 -32.94 14.55 -10.09
C PHE L 107 -31.57 15.20 -10.09
N LEU L 108 -31.39 16.28 -10.85
CA LEU L 108 -30.09 16.98 -10.91
C LEU L 108 -29.56 17.44 -9.54
N LYS L 109 -30.44 17.68 -8.56
CA LYS L 109 -29.99 18.04 -7.21
C LYS L 109 -29.24 16.89 -6.56
N HIS L 110 -29.80 15.68 -6.64
CA HIS L 110 -29.17 14.49 -6.03
C HIS L 110 -28.10 13.81 -6.88
N LEU L 111 -28.01 14.13 -8.18
CA LEU L 111 -26.93 13.59 -9.00
C LEU L 111 -25.62 14.32 -8.71
N LEU L 112 -25.66 15.64 -8.76
CA LEU L 112 -24.49 16.44 -8.42
C LEU L 112 -24.08 16.26 -6.96
N HIS L 113 -24.98 15.77 -6.11
CA HIS L 113 -24.62 15.30 -4.75
C HIS L 113 -23.50 14.24 -4.77
N VAL L 114 -23.76 13.10 -5.41
CA VAL L 114 -22.84 11.95 -5.37
C VAL L 114 -21.47 12.24 -5.96
N LEU L 115 -21.41 13.05 -7.01
CA LEU L 115 -20.12 13.45 -7.57
C LEU L 115 -19.25 14.24 -6.59
N GLY L 116 -19.88 14.88 -5.60
CA GLY L 116 -19.17 15.58 -4.52
C GLY L 116 -18.11 14.74 -3.80
N ASP L 117 -18.49 13.59 -3.28
CA ASP L 117 -17.58 12.75 -2.50
C ASP L 117 -16.34 12.25 -3.28
N ARG L 118 -16.54 11.89 -4.55
CA ARG L 118 -15.46 11.39 -5.41
C ARG L 118 -14.55 12.50 -5.92
N LEU L 119 -15.10 13.69 -6.18
CA LEU L 119 -14.31 14.85 -6.60
C LEU L 119 -13.92 15.80 -5.46
N GLY L 120 -14.38 15.51 -4.24
CA GLY L 120 -14.07 16.35 -3.08
C GLY L 120 -14.42 17.81 -3.34
N THR L 121 -13.41 18.66 -3.31
CA THR L 121 -13.59 20.10 -3.49
C THR L 121 -13.37 20.59 -4.93
N HIS L 122 -13.03 19.72 -5.85
CA HIS L 122 -12.60 20.16 -7.17
C HIS L 122 -13.69 19.95 -8.17
N PHE L 123 -14.39 21.03 -8.51
CA PHE L 123 -15.13 21.15 -9.78
C PHE L 123 -15.91 22.46 -9.82
N ASP L 124 -16.46 22.79 -11.00
CA ASP L 124 -17.33 23.94 -11.16
C ASP L 124 -18.78 23.48 -11.06
N PHE L 125 -19.41 23.77 -9.92
CA PHE L 125 -20.85 23.56 -9.73
C PHE L 125 -21.60 24.31 -10.81
N GLY L 126 -21.26 25.58 -10.98
CA GLY L 126 -21.88 26.46 -11.96
C GLY L 126 -21.94 25.86 -13.35
N ALA L 127 -20.83 25.22 -13.75
CA ALA L 127 -20.75 24.56 -15.04
C ALA L 127 -21.76 23.41 -15.15
N TRP L 128 -21.72 22.49 -14.18
CA TRP L 128 -22.68 21.38 -14.14
C TRP L 128 -24.11 21.87 -14.05
N HIS L 129 -24.45 22.47 -12.91
CA HIS L 129 -25.82 22.73 -12.54
C HIS L 129 -26.62 23.44 -13.63
N ASP L 130 -25.99 24.41 -14.29
CA ASP L 130 -26.61 25.11 -15.40
C ASP L 130 -26.66 24.27 -16.69
N CYS L 131 -25.58 23.53 -16.96
CA CYS L 131 -25.47 22.72 -18.19
C CYS L 131 -26.18 21.36 -18.14
N VAL L 132 -26.60 20.93 -16.95
CA VAL L 132 -27.54 19.81 -16.85
C VAL L 132 -28.97 20.31 -17.11
N ASP L 133 -29.24 21.58 -16.82
CA ASP L 133 -30.53 22.20 -17.15
C ASP L 133 -30.83 22.15 -18.66
N GLN L 134 -29.84 22.50 -19.48
CA GLN L 134 -29.96 22.36 -20.94
C GLN L 134 -30.26 20.92 -21.42
N ILE L 135 -29.92 19.93 -20.60
CA ILE L 135 -30.33 18.54 -20.83
C ILE L 135 -31.75 18.29 -20.31
N ILE L 136 -32.06 18.80 -19.13
CA ILE L 136 -33.33 18.51 -18.46
C ILE L 136 -34.55 19.17 -19.11
N ASP L 137 -34.39 20.39 -19.61
CA ASP L 137 -35.51 21.15 -20.21
C ASP L 137 -36.02 20.51 -21.50
N GLY L 138 -35.10 19.98 -22.31
CA GLY L 138 -35.44 19.24 -23.52
C GLY L 138 -36.33 18.03 -23.30
N ILE L 139 -36.43 17.56 -22.05
CA ILE L 139 -37.30 16.43 -21.68
C ILE L 139 -38.75 16.90 -21.41
N LYS L 140 -38.91 18.10 -20.86
CA LYS L 140 -40.25 18.69 -20.70
C LYS L 140 -40.99 18.88 -22.03
N ARG M 1 88.41 -21.45 -20.36
CA ARG M 1 87.47 -20.45 -20.99
C ARG M 1 85.99 -20.85 -20.97
N PHE M 2 85.68 -22.12 -21.28
CA PHE M 2 84.30 -22.66 -21.10
C PHE M 2 83.81 -22.47 -19.67
N GLN M 3 84.73 -22.52 -18.70
CA GLN M 3 84.43 -22.18 -17.30
C GLN M 3 83.99 -20.72 -17.09
N TYR M 4 84.52 -19.79 -17.88
CA TYR M 4 83.98 -18.43 -17.91
C TYR M 4 82.56 -18.39 -18.43
N LEU M 5 82.33 -18.98 -19.60
CA LEU M 5 81.02 -18.96 -20.22
C LEU M 5 79.95 -19.68 -19.37
N VAL M 6 80.33 -20.74 -18.68
CA VAL M 6 79.52 -21.35 -17.61
C VAL M 6 79.19 -20.42 -16.43
N LYS M 7 80.20 -19.72 -15.90
CA LYS M 7 79.98 -18.75 -14.83
C LYS M 7 79.08 -17.57 -15.28
N ASN M 8 79.11 -17.23 -16.57
CA ASN M 8 78.22 -16.21 -17.11
C ASN M 8 76.73 -16.62 -17.06
N GLN M 9 76.43 -17.89 -17.23
CA GLN M 9 75.07 -18.38 -17.08
C GLN M 9 74.63 -18.23 -15.64
N ASN M 10 75.36 -18.87 -14.73
CA ASN M 10 74.99 -18.89 -13.32
C ASN M 10 74.54 -17.54 -12.83
N LEU M 11 75.31 -16.51 -13.14
CA LEU M 11 74.94 -15.17 -12.76
C LEU M 11 73.67 -14.70 -13.44
N HIS M 12 73.59 -14.87 -14.75
CA HIS M 12 72.49 -14.32 -15.54
C HIS M 12 71.15 -14.95 -15.21
N ILE M 13 71.17 -16.22 -14.84
CA ILE M 13 69.99 -16.89 -14.30
C ILE M 13 69.60 -16.36 -12.91
N ASP M 14 70.54 -16.38 -11.97
CA ASP M 14 70.28 -15.93 -10.61
C ASP M 14 69.75 -14.47 -10.50
N TYR M 15 69.99 -13.62 -11.50
CA TYR M 15 69.32 -12.31 -11.59
C TYR M 15 67.84 -12.41 -11.97
N LEU M 16 67.44 -13.49 -12.65
CA LEU M 16 66.02 -13.81 -12.95
C LEU M 16 65.29 -14.58 -11.85
N ALA M 17 65.95 -15.55 -11.22
CA ALA M 17 65.42 -16.19 -10.02
C ALA M 17 65.19 -15.19 -8.88
N LYS M 18 65.91 -14.06 -8.92
CA LYS M 18 65.65 -12.90 -8.05
C LYS M 18 64.53 -12.00 -8.58
N LYS M 19 64.40 -11.87 -9.90
CA LYS M 19 63.34 -11.05 -10.51
C LYS M 19 61.95 -11.66 -10.51
N LEU M 20 61.86 -12.97 -10.70
CA LEU M 20 60.61 -13.69 -10.52
C LEU M 20 60.20 -13.67 -9.05
N HIS M 21 61.09 -14.15 -8.18
CA HIS M 21 60.87 -14.16 -6.73
C HIS M 21 60.46 -12.77 -6.16
N ASP M 22 60.86 -11.69 -6.83
CA ASP M 22 60.34 -10.33 -6.55
C ASP M 22 58.86 -10.14 -6.96
N ILE M 23 58.48 -10.68 -8.12
CA ILE M 23 57.08 -10.65 -8.56
C ILE M 23 56.19 -11.54 -7.70
N GLU M 24 56.72 -12.66 -7.21
CA GLU M 24 55.99 -13.56 -6.32
C GLU M 24 55.34 -12.85 -5.13
N GLU M 25 56.05 -11.86 -4.57
CA GLU M 25 55.50 -11.01 -3.51
C GLU M 25 54.40 -10.09 -4.01
N GLU M 26 54.68 -9.34 -5.07
CA GLU M 26 53.70 -8.42 -5.66
C GLU M 26 52.40 -9.10 -6.13
N TYR M 27 52.48 -10.38 -6.49
CA TYR M 27 51.27 -11.16 -6.79
C TYR M 27 50.50 -11.54 -5.51
N ASN M 28 51.23 -12.06 -4.52
CA ASN M 28 50.66 -12.45 -3.23
C ASN M 28 50.35 -11.28 -2.26
N LYS M 29 50.80 -10.07 -2.59
CA LYS M 29 50.38 -8.84 -1.88
C LYS M 29 49.13 -8.18 -2.51
N LEU M 30 48.46 -8.91 -3.41
CA LEU M 30 47.11 -8.59 -3.86
C LEU M 30 46.12 -9.52 -3.17
N THR M 31 44.86 -9.42 -3.55
CA THR M 31 43.75 -9.99 -2.80
C THR M 31 43.71 -11.52 -2.88
N HIS M 32 43.21 -12.12 -1.80
CA HIS M 32 42.97 -13.56 -1.72
C HIS M 32 41.93 -13.96 -2.79
N ASP M 33 41.81 -15.26 -3.05
CA ASP M 33 40.92 -15.81 -4.09
C ASP M 33 39.40 -15.84 -3.75
N VAL M 34 38.99 -15.32 -2.59
CA VAL M 34 37.58 -15.26 -2.14
C VAL M 34 36.89 -16.62 -2.25
N ASP M 35 37.06 -17.43 -1.21
CA ASP M 35 36.62 -18.84 -1.22
C ASP M 35 35.19 -19.01 -1.68
N LYS M 36 34.92 -20.17 -2.30
CA LYS M 36 33.58 -20.49 -2.79
C LYS M 36 32.45 -20.27 -1.76
N LYS M 37 32.75 -20.39 -0.47
CA LYS M 37 31.76 -20.32 0.61
C LYS M 37 30.99 -19.01 0.78
N THR M 38 31.64 -17.86 0.53
CA THR M 38 30.95 -16.56 0.64
C THR M 38 30.01 -16.29 -0.54
N ILE M 39 30.46 -16.60 -1.75
CA ILE M 39 29.64 -16.41 -2.94
C ILE M 39 28.51 -17.40 -2.97
N ARG M 40 28.75 -18.61 -2.46
CA ARG M 40 27.69 -19.61 -2.25
C ARG M 40 26.50 -19.00 -1.49
N GLN M 41 26.78 -18.46 -0.31
CA GLN M 41 25.77 -17.88 0.57
C GLN M 41 25.48 -16.41 0.33
N LEU M 42 26.03 -15.83 -0.72
CA LEU M 42 25.59 -14.51 -1.15
C LEU M 42 24.42 -14.61 -2.10
N LYS M 43 24.56 -15.47 -3.10
CA LYS M 43 23.51 -15.74 -4.05
C LYS M 43 22.20 -16.09 -3.39
N ALA M 44 22.26 -16.76 -2.26
CA ALA M 44 21.06 -17.01 -1.47
C ALA M 44 20.39 -15.72 -1.03
N ARG M 45 21.12 -14.83 -0.35
CA ARG M 45 20.48 -13.61 0.14
C ARG M 45 19.69 -12.84 -0.94
N ILE M 46 20.08 -12.98 -2.21
CA ILE M 46 19.29 -12.45 -3.31
C ILE M 46 18.04 -13.30 -3.47
N SER M 47 18.21 -14.61 -3.65
CA SER M 47 17.09 -15.54 -3.89
C SER M 47 15.92 -15.50 -2.86
N ASN M 48 16.10 -14.82 -1.73
CA ASN M 48 15.01 -14.59 -0.79
C ASN M 48 14.31 -13.25 -0.97
N LEU M 49 14.53 -12.58 -2.10
CA LEU M 49 13.83 -11.32 -2.39
C LEU M 49 13.10 -11.36 -3.73
N GLU M 50 13.77 -11.82 -4.79
CA GLU M 50 13.15 -12.07 -6.09
C GLU M 50 11.95 -13.00 -5.92
N GLU M 51 10.75 -12.51 -6.22
CA GLU M 51 9.51 -13.18 -5.82
C GLU M 51 9.31 -14.50 -6.52
N HIS M 52 8.63 -15.42 -5.83
CA HIS M 52 8.34 -16.74 -6.36
C HIS M 52 6.92 -16.79 -6.89
N HIS M 53 6.77 -17.35 -8.09
CA HIS M 53 5.46 -17.76 -8.57
C HIS M 53 4.88 -18.86 -7.67
N CYS M 54 5.75 -19.66 -7.06
CA CYS M 54 5.34 -20.64 -6.05
C CYS M 54 4.65 -19.96 -4.88
N ASP M 55 3.48 -20.47 -4.51
CA ASP M 55 2.68 -19.90 -3.40
C ASP M 55 2.98 -20.63 -2.10
N GLU M 56 2.27 -20.30 -1.02
CA GLU M 56 2.43 -20.96 0.28
C GLU M 56 1.93 -22.39 0.21
N HIS M 57 2.48 -23.23 1.09
CA HIS M 57 2.15 -24.67 1.16
C HIS M 57 2.85 -25.53 0.06
N GLU M 58 3.82 -24.94 -0.63
CA GLU M 58 4.60 -25.62 -1.67
C GLU M 58 6.01 -25.07 -1.61
N SER M 59 6.93 -25.78 -2.25
CA SER M 59 8.32 -25.37 -2.26
C SER M 59 8.91 -25.57 -3.62
N GLU M 60 9.38 -24.48 -4.21
CA GLU M 60 10.10 -24.54 -5.47
C GLU M 60 11.25 -25.54 -5.43
N CYS M 61 11.60 -26.07 -6.59
CA CYS M 61 12.67 -27.05 -6.71
C CYS M 61 14.04 -26.44 -6.82
N ARG M 62 15.03 -27.31 -6.74
CA ARG M 62 16.41 -26.92 -6.72
C ARG M 62 17.01 -27.48 -7.99
N GLY M 63 17.47 -26.59 -8.86
CA GLY M 63 18.00 -26.99 -10.15
C GLY M 63 18.11 -25.78 -11.07
N ASP M 64 18.02 -26.02 -12.37
CA ASP M 64 18.10 -24.95 -13.36
C ASP M 64 16.75 -24.25 -13.53
N VAL M 65 15.71 -25.06 -13.73
CA VAL M 65 14.42 -24.57 -14.20
C VAL M 65 13.41 -24.61 -13.05
N PRO M 66 13.03 -23.44 -12.47
CA PRO M 66 12.17 -23.51 -11.27
C PRO M 66 10.77 -24.06 -11.56
N GLU M 67 10.37 -25.15 -10.91
CA GLU M 67 8.96 -25.60 -10.90
C GLU M 67 8.43 -25.36 -9.48
N CYS M 68 7.18 -25.72 -9.21
CA CYS M 68 6.56 -25.49 -7.90
C CYS M 68 5.75 -26.73 -7.47
N ILE M 69 6.32 -27.52 -6.57
CA ILE M 69 5.87 -28.88 -6.31
C ILE M 69 5.43 -28.98 -4.86
N HIS M 70 4.42 -29.81 -4.60
CA HIS M 70 3.87 -29.91 -3.26
C HIS M 70 4.85 -30.53 -2.24
N ASP M 71 4.76 -30.10 -0.98
CA ASP M 71 5.77 -30.40 0.08
C ASP M 71 5.93 -31.83 0.57
N LEU M 72 4.95 -32.70 0.32
CA LEU M 72 5.03 -34.12 0.73
C LEU M 72 5.63 -35.03 -0.32
N LEU M 73 6.29 -34.50 -1.32
CA LEU M 73 6.77 -35.35 -2.36
C LEU M 73 8.30 -35.33 -2.45
N PHE M 74 8.99 -34.68 -1.50
CA PHE M 74 10.48 -34.71 -1.48
C PHE M 74 11.09 -35.86 -0.69
N CYS M 75 12.26 -36.32 -1.14
CA CYS M 75 12.91 -37.50 -0.54
C CYS M 75 11.98 -38.73 -0.42
N ASP M 76 11.09 -38.85 -1.40
CA ASP M 76 10.02 -39.83 -1.42
C ASP M 76 10.51 -41.21 -1.89
N GLY M 77 11.43 -41.25 -2.85
CA GLY M 77 11.75 -42.47 -3.61
C GLY M 77 10.99 -42.58 -4.94
N GLU M 78 10.42 -41.47 -5.42
CA GLU M 78 9.82 -41.35 -6.77
C GLU M 78 10.08 -39.94 -7.28
N LYS M 79 10.47 -39.83 -8.54
CA LYS M 79 10.81 -38.53 -9.11
C LYS M 79 9.53 -37.84 -9.57
N ASP M 80 9.24 -36.65 -9.01
CA ASP M 80 7.99 -35.92 -9.30
C ASP M 80 8.16 -34.59 -10.00
N CYS M 81 9.40 -34.29 -10.38
CA CYS M 81 9.74 -33.03 -11.03
C CYS M 81 9.86 -33.23 -12.53
N ARG M 82 10.45 -32.26 -13.21
CA ARG M 82 10.94 -32.45 -14.55
C ARG M 82 12.25 -33.24 -14.47
N ASP M 83 13.26 -32.62 -13.85
CA ASP M 83 14.63 -33.17 -13.83
C ASP M 83 14.86 -34.24 -12.77
N GLY M 84 13.88 -34.46 -11.89
CA GLY M 84 14.09 -35.30 -10.72
C GLY M 84 15.13 -34.72 -9.76
N SER M 85 14.91 -33.46 -9.36
CA SER M 85 15.71 -32.85 -8.30
C SER M 85 15.55 -33.58 -6.95
N ASP M 86 14.39 -34.20 -6.73
CA ASP M 86 14.02 -34.85 -5.46
C ASP M 86 14.79 -36.08 -5.05
N GLU M 87 15.56 -36.66 -5.97
CA GLU M 87 16.36 -37.82 -5.64
C GLU M 87 17.80 -37.47 -5.25
N ASP M 88 18.26 -36.25 -5.55
CA ASP M 88 19.69 -35.95 -5.45
C ASP M 88 20.13 -35.66 -3.99
N PRO M 89 21.31 -36.18 -3.58
CA PRO M 89 21.92 -35.84 -2.28
C PRO M 89 22.21 -34.36 -1.97
N GLU M 90 22.13 -33.46 -2.96
CA GLU M 90 22.02 -32.02 -2.67
C GLU M 90 20.71 -31.66 -1.93
N THR M 91 19.82 -32.64 -1.74
CA THR M 91 18.59 -32.45 -0.98
C THR M 91 18.36 -33.45 0.15
N CYS M 92 18.48 -34.74 -0.14
CA CYS M 92 18.37 -35.75 0.90
C CYS M 92 19.40 -35.65 2.04
N SER M 93 20.51 -34.92 1.86
CA SER M 93 21.57 -34.86 2.87
C SER M 93 20.95 -34.55 4.20
N LEU M 94 21.25 -35.39 5.18
CA LEU M 94 20.72 -35.22 6.54
C LEU M 94 21.61 -34.37 7.46
N ASN M 95 22.78 -33.92 6.98
CA ASN M 95 23.82 -33.21 7.79
C ASN M 95 23.22 -32.29 8.87
N ILE M 96 22.08 -31.68 8.60
CA ILE M 96 21.42 -30.76 9.55
C ILE M 96 20.71 -31.31 10.76
N THR M 97 20.17 -32.51 10.71
CA THR M 97 19.44 -33.06 11.85
C THR M 97 20.15 -34.28 12.43
N HIS M 98 21.43 -34.45 12.14
CA HIS M 98 22.21 -35.54 12.74
C HIS M 98 22.18 -35.25 14.25
N VAL M 99 22.05 -36.27 15.09
CA VAL M 99 21.82 -36.03 16.53
C VAL M 99 22.96 -35.38 17.19
N GLY M 100 22.68 -34.42 18.04
CA GLY M 100 23.70 -33.69 18.72
C GLY M 100 24.01 -32.32 18.16
N SER M 101 23.61 -32.00 16.96
CA SER M 101 23.83 -30.64 16.46
C SER M 101 23.15 -29.61 17.28
N SER M 102 23.68 -28.39 17.24
CA SER M 102 23.18 -27.34 18.11
C SER M 102 23.36 -26.00 17.51
N TYR M 103 22.30 -25.21 17.51
CA TYR M 103 22.33 -23.86 16.99
C TYR M 103 22.36 -22.83 18.04
N THR M 104 22.83 -21.65 17.71
CA THR M 104 22.88 -20.57 18.66
C THR M 104 22.89 -19.18 18.11
N GLY M 105 22.61 -18.22 18.97
CA GLY M 105 22.75 -16.81 18.64
C GLY M 105 21.87 -16.00 19.55
N LEU M 106 22.38 -14.90 20.11
CA LEU M 106 21.62 -14.24 21.17
C LEU M 106 20.31 -13.71 20.63
N ALA M 107 19.29 -13.79 21.46
CA ALA M 107 17.94 -13.50 21.06
C ALA M 107 17.52 -12.16 21.60
N THR M 108 16.75 -11.44 20.78
CA THR M 108 16.01 -10.28 21.25
C THR M 108 14.62 -10.75 21.55
N TRP M 109 14.07 -10.32 22.68
CA TRP M 109 12.70 -10.66 23.02
C TRP M 109 11.84 -9.43 22.80
N THR M 110 10.78 -9.56 22.01
CA THR M 110 9.82 -8.48 21.83
C THR M 110 8.58 -8.72 22.69
N SER M 111 8.07 -9.94 22.67
CA SER M 111 6.72 -10.21 23.17
C SER M 111 6.60 -10.65 24.63
N CYS M 112 7.58 -11.33 25.21
CA CYS M 112 7.41 -11.89 26.57
C CYS M 112 8.70 -11.94 27.32
N GLU M 113 8.61 -11.85 28.64
CA GLU M 113 9.77 -12.03 29.51
C GLU M 113 10.75 -10.83 29.56
N ASP M 114 10.78 -10.01 28.50
CA ASP M 114 11.64 -8.81 28.36
C ASP M 114 13.01 -8.89 29.04
N LEU M 115 13.66 -10.04 28.89
CA LEU M 115 14.90 -10.34 29.60
C LEU M 115 16.20 -9.64 29.27
N ASN M 116 16.22 -8.87 28.19
CA ASN M 116 17.47 -8.26 27.64
C ASN M 116 18.40 -9.23 26.95
N PRO M 117 19.01 -8.88 25.81
CA PRO M 117 19.45 -9.87 24.82
C PRO M 117 20.43 -10.79 25.58
N ASP M 118 20.23 -12.10 25.48
CA ASP M 118 21.17 -13.11 26.05
C ASP M 118 21.12 -14.38 25.24
N HIS M 119 22.20 -15.16 25.26
CA HIS M 119 22.36 -16.29 24.33
C HIS M 119 21.21 -17.27 24.40
N ALA M 120 21.02 -18.05 23.35
CA ALA M 120 19.94 -19.02 23.29
C ALA M 120 20.32 -20.10 22.35
N ILE M 121 20.26 -21.34 22.79
CA ILE M 121 20.61 -22.43 21.93
C ILE M 121 19.53 -23.42 21.66
N VAL M 122 19.55 -24.05 20.51
CA VAL M 122 18.69 -25.18 20.22
C VAL M 122 19.48 -26.44 20.05
N THR M 123 19.02 -27.59 20.48
CA THR M 123 19.85 -28.79 20.35
C THR M 123 18.98 -29.98 20.06
N ILE M 124 19.53 -30.98 19.39
CA ILE M 124 18.72 -32.06 18.89
C ILE M 124 19.12 -33.32 19.61
N THR M 125 18.25 -33.79 20.49
CA THR M 125 18.56 -34.94 21.32
C THR M 125 18.38 -36.31 20.68
N ALA M 126 17.39 -36.51 19.80
CA ALA M 126 17.22 -37.81 19.13
C ALA M 126 16.33 -37.70 17.92
N ALA M 127 16.75 -38.35 16.82
CA ALA M 127 16.12 -38.26 15.45
C ALA M 127 15.78 -39.64 14.90
N HIS M 128 14.61 -39.77 14.31
CA HIS M 128 14.18 -41.03 13.72
C HIS M 128 13.58 -40.75 12.38
N ARG M 129 13.86 -41.60 11.40
CA ARG M 129 13.27 -41.49 10.09
C ARG M 129 12.62 -42.82 9.73
N LYS M 130 11.29 -42.85 9.60
CA LYS M 130 10.56 -44.10 9.43
C LYS M 130 10.71 -44.60 8.00
N SER M 131 11.04 -45.89 7.86
CA SER M 131 11.41 -46.47 6.54
C SER M 131 10.31 -46.35 5.47
N PHE M 132 9.06 -46.30 5.91
CA PHE M 132 7.92 -46.31 5.01
C PHE M 132 7.35 -44.92 4.68
N PHE M 133 7.86 -43.86 5.28
CA PHE M 133 7.32 -42.54 4.99
C PHE M 133 8.41 -41.50 5.05
N PRO M 134 9.47 -41.69 4.25
CA PRO M 134 10.74 -40.93 4.32
C PRO M 134 10.67 -39.39 4.11
N ASN M 135 9.49 -38.89 3.71
CA ASN M 135 9.22 -37.45 3.58
C ASN M 135 9.61 -36.49 4.75
N ARG M 136 9.62 -36.99 6.00
CA ARG M 136 9.84 -36.18 7.21
C ARG M 136 10.76 -36.86 8.16
N VAL M 137 11.50 -36.07 8.92
CA VAL M 137 12.38 -36.58 9.94
C VAL M 137 11.84 -36.14 11.28
N TRP M 138 11.30 -37.09 12.04
CA TRP M 138 10.71 -36.80 13.34
C TRP M 138 11.86 -36.61 14.32
N LEU M 139 11.79 -35.63 15.23
CA LEU M 139 12.91 -35.42 16.14
C LEU M 139 12.55 -34.74 17.43
N ARG M 140 13.46 -34.79 18.40
CA ARG M 140 13.29 -34.16 19.71
C ARG M 140 14.44 -33.26 20.03
N ALA M 141 14.18 -32.23 20.82
CA ALA M 141 15.15 -31.17 21.01
C ALA M 141 15.15 -30.69 22.43
N THR M 142 16.00 -29.73 22.78
CA THR M 142 15.84 -28.96 24.03
C THR M 142 16.25 -27.53 23.87
N LEU M 143 15.30 -26.61 23.91
CA LEU M 143 15.64 -25.19 23.86
C LEU M 143 16.22 -24.72 25.18
N SER M 144 17.20 -23.82 25.17
CA SER M 144 17.77 -23.30 26.43
C SER M 144 18.23 -21.87 26.30
N TYR M 145 17.83 -20.98 27.20
CA TYR M 145 18.16 -19.55 27.04
C TYR M 145 18.43 -19.01 28.39
N GLU M 146 19.31 -18.01 28.48
CA GLU M 146 19.82 -17.51 29.76
C GLU M 146 18.91 -16.44 30.39
N LEU M 147 18.14 -16.81 31.44
CA LEU M 147 17.50 -15.83 32.32
C LEU M 147 18.61 -15.01 32.94
N ASP M 148 18.40 -13.71 33.11
CA ASP M 148 19.40 -12.85 33.76
C ASP M 148 18.89 -12.41 35.13
N GLU M 149 19.36 -13.10 36.17
CA GLU M 149 18.99 -12.83 37.56
C GLU M 149 20.19 -12.27 38.33
N HIS M 150 21.11 -13.15 38.73
CA HIS M 150 22.32 -12.73 39.42
C HIS M 150 23.48 -13.59 38.91
N ASP M 151 23.42 -14.87 39.29
CA ASP M 151 24.30 -15.90 38.77
C ASP M 151 23.81 -16.28 37.39
N HIS M 152 24.72 -16.81 36.58
CA HIS M 152 24.36 -17.26 35.25
C HIS M 152 23.53 -18.54 35.34
N THR M 153 22.29 -18.40 34.87
CA THR M 153 21.26 -19.43 35.02
C THR M 153 20.50 -19.56 33.71
N VAL M 154 19.81 -20.68 33.55
CA VAL M 154 19.14 -20.98 32.32
C VAL M 154 17.90 -21.81 32.61
N SER M 155 16.76 -21.38 32.07
CA SER M 155 15.56 -22.22 31.98
C SER M 155 15.62 -23.07 30.71
N THR M 156 15.09 -24.28 30.81
CA THR M 156 15.27 -25.31 29.80
C THR M 156 13.95 -25.95 29.43
N THR M 157 13.37 -25.48 28.35
CA THR M 157 12.23 -26.12 27.78
C THR M 157 12.61 -27.47 27.19
N GLN M 158 11.64 -28.28 26.86
CA GLN M 158 11.94 -29.51 26.16
C GLN M 158 10.94 -29.72 25.03
N LEU M 159 11.40 -30.22 23.88
CA LEU M 159 10.66 -30.11 22.61
C LEU M 159 10.48 -31.36 21.80
N ARG M 160 9.53 -31.34 20.88
CA ARG M 160 9.45 -32.33 19.81
C ARG M 160 8.84 -31.72 18.58
N GLY M 161 9.15 -32.29 17.43
CA GLY M 161 8.70 -31.78 16.15
C GLY M 161 9.34 -32.46 14.94
N PHE M 162 8.98 -31.97 13.78
CA PHE M 162 9.42 -32.60 12.55
C PHE M 162 10.32 -31.68 11.76
N TYR M 163 11.15 -32.25 10.89
CA TYR M 163 11.97 -31.49 9.96
C TYR M 163 11.52 -31.69 8.53
N ASN M 164 11.18 -30.62 7.83
CA ASN M 164 10.52 -30.70 6.54
C ASN M 164 11.52 -30.44 5.43
N PHE M 165 11.81 -31.40 4.55
CA PHE M 165 12.78 -31.15 3.48
C PHE M 165 12.38 -30.10 2.48
N GLY M 166 11.07 -29.86 2.34
CA GLY M 166 10.57 -28.84 1.42
C GLY M 166 11.00 -27.46 1.84
N LYS M 167 10.35 -26.99 2.89
CA LYS M 167 10.65 -25.68 3.41
C LYS M 167 12.10 -25.53 3.86
N ARG M 168 12.79 -26.66 4.10
CA ARG M 168 14.12 -26.72 4.72
C ARG M 168 14.07 -26.26 6.13
N GLU M 169 12.88 -26.20 6.74
CA GLU M 169 12.70 -25.47 8.00
C GLU M 169 12.27 -26.47 9.02
N LEU M 170 13.11 -26.79 10.02
CA LEU M 170 12.61 -27.59 11.14
C LEU M 170 11.74 -26.76 12.05
N LEU M 171 10.69 -27.34 12.61
CA LEU M 171 9.84 -26.63 13.53
C LEU M 171 9.44 -27.51 14.72
N LEU M 172 9.53 -26.93 15.92
CA LEU M 172 9.39 -27.65 17.17
C LEU M 172 8.34 -27.02 18.01
N ALA M 173 8.02 -27.68 19.10
CA ALA M 173 6.88 -27.31 19.93
C ALA M 173 7.18 -27.79 21.35
N PRO M 174 6.51 -27.19 22.36
CA PRO M 174 6.73 -27.63 23.74
C PRO M 174 6.03 -28.96 23.93
N LEU M 175 6.51 -29.73 24.90
CA LEU M 175 6.13 -31.11 24.99
C LEU M 175 4.74 -31.23 25.62
N LYS M 176 4.64 -30.91 26.92
CA LYS M 176 3.37 -30.88 27.69
C LYS M 176 3.72 -30.91 29.18
N GLY M 177 3.04 -30.09 29.96
CA GLY M 177 3.35 -29.91 31.38
C GLY M 177 4.78 -29.42 31.58
N GLN M 178 5.22 -28.48 30.74
CA GLN M 178 6.59 -27.92 30.79
C GLN M 178 6.49 -26.44 31.03
N SER M 179 7.29 -25.95 31.97
CA SER M 179 7.20 -24.56 32.41
C SER M 179 7.52 -23.62 31.28
N GLU M 180 6.63 -22.65 31.05
CA GLU M 180 6.86 -21.55 30.13
C GLU M 180 6.84 -22.01 28.67
N GLY M 181 5.76 -22.69 28.28
CA GLY M 181 5.65 -23.42 27.00
C GLY M 181 5.87 -22.60 25.73
N TYR M 182 7.07 -22.73 25.13
CA TYR M 182 7.42 -22.07 23.87
C TYR M 182 7.69 -23.07 22.76
N GLY M 183 7.81 -22.57 21.54
CA GLY M 183 8.17 -23.39 20.38
C GLY M 183 9.09 -22.61 19.46
N VAL M 184 9.76 -23.28 18.56
CA VAL M 184 10.82 -22.64 17.79
C VAL M 184 10.68 -22.99 16.31
N ILE M 185 10.90 -22.03 15.43
CA ILE M 185 10.83 -22.19 13.97
C ILE M 185 12.15 -21.76 13.31
N CYS M 186 12.91 -22.68 12.73
CA CYS M 186 14.21 -22.36 12.14
C CYS M 186 14.14 -22.55 10.65
N ASP M 187 14.41 -21.51 9.87
CA ASP M 187 14.43 -21.64 8.40
C ASP M 187 15.85 -21.59 7.90
N PHE M 188 16.29 -22.62 7.20
CA PHE M 188 17.66 -22.70 6.71
C PHE M 188 17.76 -22.25 5.27
N ASN M 189 16.91 -21.31 4.86
CA ASN M 189 16.85 -20.89 3.46
C ASN M 189 18.13 -20.23 2.90
N LEU M 190 19.11 -19.88 3.75
CA LEU M 190 20.44 -19.46 3.27
C LEU M 190 21.13 -20.60 2.54
N GLY M 191 22.29 -20.31 1.96
CA GLY M 191 22.92 -21.25 1.04
C GLY M 191 23.34 -22.55 1.69
N ASP M 192 24.20 -22.41 2.71
CA ASP M 192 24.84 -23.54 3.37
C ASP M 192 23.86 -24.25 4.34
N ASP M 193 24.24 -25.42 4.82
CA ASP M 193 23.60 -26.07 5.99
C ASP M 193 24.29 -25.66 7.31
N ASP M 194 24.08 -24.40 7.67
CA ASP M 194 24.52 -23.76 8.92
C ASP M 194 24.01 -22.33 8.81
N HIS M 195 24.02 -21.60 9.91
CA HIS M 195 23.20 -20.38 9.96
C HIS M 195 21.70 -20.66 9.66
N ALA M 196 20.87 -19.65 9.79
CA ALA M 196 19.41 -19.84 9.95
C ALA M 196 18.79 -18.46 10.13
N ASP M 197 17.48 -18.41 10.23
CA ASP M 197 16.80 -17.29 10.84
C ASP M 197 15.70 -17.96 11.61
N CYS M 198 15.87 -18.08 12.92
CA CYS M 198 14.89 -18.74 13.78
C CYS M 198 13.93 -17.76 14.38
N LYS M 199 13.03 -18.27 15.17
CA LYS M 199 12.16 -17.45 15.98
C LYS M 199 11.48 -18.31 17.01
N ILE M 200 11.52 -17.89 18.26
CA ILE M 200 10.68 -18.51 19.28
C ILE M 200 9.26 -17.96 19.16
N VAL M 201 8.29 -18.87 19.16
CA VAL M 201 6.89 -18.53 18.99
C VAL M 201 6.06 -19.14 20.09
N VAL M 202 4.87 -18.58 20.27
CA VAL M 202 3.83 -19.21 21.07
C VAL M 202 3.16 -20.30 20.22
N PRO M 203 2.93 -21.49 20.79
CA PRO M 203 2.56 -22.62 19.92
C PRO M 203 1.21 -22.51 19.23
N SER M 204 0.30 -21.67 19.72
CA SER M 204 -1.04 -21.57 19.12
C SER M 204 -1.02 -20.70 17.88
N SER M 205 -0.79 -19.41 18.09
CA SER M 205 -0.98 -18.40 17.05
C SER M 205 0.12 -18.38 15.97
N LEU M 206 1.23 -19.06 16.22
CA LEU M 206 2.50 -18.82 15.51
C LEU M 206 2.88 -17.34 15.53
N PHE M 207 2.52 -16.66 16.63
CA PHE M 207 2.85 -15.28 16.84
C PHE M 207 4.31 -15.19 17.33
N VAL M 208 5.04 -14.21 16.80
CA VAL M 208 6.50 -14.18 16.91
C VAL M 208 7.00 -13.60 18.22
N CYS M 209 7.38 -14.48 19.12
CA CYS M 209 7.73 -14.06 20.47
C CYS M 209 9.12 -13.43 20.52
N ALA M 210 10.09 -14.09 19.89
CA ALA M 210 11.49 -13.71 20.01
C ALA M 210 12.27 -14.21 18.82
N HIS M 211 13.06 -13.33 18.21
CA HIS M 211 13.64 -13.56 16.90
C HIS M 211 15.12 -13.64 17.07
N PHE M 212 15.78 -14.74 16.71
CA PHE M 212 17.26 -14.80 16.84
C PHE M 212 17.89 -15.45 15.66
N ASN M 213 18.89 -14.81 15.10
CA ASN M 213 19.46 -15.27 13.86
C ASN M 213 20.60 -16.17 14.27
N ALA M 214 20.46 -17.48 14.05
CA ALA M 214 21.36 -18.46 14.72
C ALA M 214 22.31 -19.18 13.84
N GLN M 215 23.48 -19.47 14.39
CA GLN M 215 24.57 -20.11 13.71
C GLN M 215 24.76 -21.44 14.31
N ARG M 216 25.87 -22.09 13.98
CA ARG M 216 26.21 -23.38 14.53
C ARG M 216 27.65 -23.37 14.92
N TYR M 217 27.94 -23.91 16.10
CA TYR M 217 29.31 -24.26 16.46
C TYR M 217 29.34 -25.76 16.62
N LEU N 1 80.80 -22.03 -29.21
CA LEU N 1 81.79 -23.08 -29.62
C LEU N 1 81.30 -24.48 -29.29
N ASP N 2 80.92 -24.66 -28.03
CA ASP N 2 80.53 -25.95 -27.47
C ASP N 2 78.99 -26.03 -27.35
N PRO N 3 78.37 -27.14 -27.81
CA PRO N 3 76.92 -27.26 -27.76
C PRO N 3 76.41 -27.61 -26.38
N ARG N 4 75.08 -27.49 -26.23
CA ARG N 4 74.35 -27.55 -24.95
C ARG N 4 74.34 -26.19 -24.25
N LEU N 5 75.49 -25.52 -24.22
CA LEU N 5 75.59 -24.16 -23.68
C LEU N 5 75.00 -23.16 -24.66
N GLY N 6 75.30 -23.32 -25.94
CA GLY N 6 74.78 -22.47 -27.00
C GLY N 6 73.26 -22.47 -27.11
N ALA N 7 72.64 -23.62 -26.80
CA ALA N 7 71.17 -23.74 -26.81
C ALA N 7 70.57 -23.04 -25.60
N ASN N 8 71.17 -23.37 -24.46
CA ASN N 8 70.80 -22.78 -23.17
C ASN N 8 70.72 -21.25 -23.24
N ALA N 9 71.60 -20.62 -23.99
CA ALA N 9 71.51 -19.19 -24.24
C ALA N 9 70.12 -18.79 -24.69
N PHE N 10 69.64 -19.35 -25.80
CA PHE N 10 68.35 -18.92 -26.39
C PHE N 10 67.19 -19.03 -25.44
N LEU N 11 67.23 -20.01 -24.54
CA LEU N 11 66.24 -20.12 -23.47
C LEU N 11 66.24 -18.90 -22.54
N ILE N 12 67.41 -18.37 -22.27
CA ILE N 12 67.51 -17.23 -21.40
C ILE N 12 66.97 -15.98 -22.06
N ILE N 13 67.11 -15.84 -23.38
CA ILE N 13 66.56 -14.64 -24.07
C ILE N 13 65.04 -14.65 -24.12
N ARG N 14 64.46 -15.82 -24.42
CA ARG N 14 63.00 -16.01 -24.39
C ARG N 14 62.47 -15.75 -22.99
N LEU N 15 63.03 -16.48 -22.03
CA LEU N 15 62.67 -16.30 -20.64
C LEU N 15 62.75 -14.85 -20.16
N ASP N 16 63.74 -14.10 -20.63
CA ASP N 16 63.87 -12.69 -20.30
C ASP N 16 62.72 -11.86 -20.92
N ARG N 17 62.22 -12.28 -22.08
CA ARG N 17 61.06 -11.59 -22.68
C ARG N 17 59.75 -11.95 -21.98
N ILE N 18 59.57 -13.21 -21.57
CA ILE N 18 58.33 -13.64 -20.88
C ILE N 18 58.18 -13.11 -19.44
N ILE N 19 59.29 -12.70 -18.83
CA ILE N 19 59.22 -11.99 -17.56
C ILE N 19 58.72 -10.54 -17.73
N GLU N 20 58.87 -9.94 -18.92
CA GLU N 20 58.29 -8.60 -19.18
C GLU N 20 56.79 -8.67 -19.45
N LYS N 21 56.33 -9.67 -20.20
CA LYS N 21 54.90 -9.85 -20.43
C LYS N 21 54.11 -9.94 -19.14
N LEU N 22 54.70 -10.51 -18.08
CA LEU N 22 54.08 -10.49 -16.74
C LEU N 22 53.83 -9.11 -16.24
N ARG N 23 54.85 -8.26 -16.32
CA ARG N 23 54.76 -6.86 -15.88
C ARG N 23 53.74 -6.01 -16.65
N THR N 24 53.48 -6.36 -17.91
CA THR N 24 52.42 -5.70 -18.71
C THR N 24 51.04 -6.11 -18.18
N LYS N 25 50.84 -7.41 -17.96
CA LYS N 25 49.58 -7.93 -17.41
C LYS N 25 49.58 -8.07 -15.88
N LEU N 26 50.57 -7.49 -15.20
CA LEU N 26 50.52 -7.41 -13.75
C LEU N 26 49.66 -6.23 -13.33
N ASP N 27 49.78 -5.12 -14.03
CA ASP N 27 48.92 -3.95 -13.78
C ASP N 27 47.43 -4.16 -14.10
N GLU N 28 47.12 -5.17 -14.92
CA GLU N 28 45.74 -5.60 -15.14
C GLU N 28 45.15 -6.39 -13.97
N ALA N 29 46.02 -6.92 -13.10
CA ALA N 29 45.61 -7.29 -11.75
C ALA N 29 45.47 -5.99 -10.93
N GLU N 30 44.55 -6.01 -9.97
CA GLU N 30 44.12 -4.82 -9.24
C GLU N 30 43.09 -3.98 -10.03
N LYS N 31 42.99 -4.20 -11.35
CA LYS N 31 41.99 -3.55 -12.18
C LYS N 31 40.62 -4.08 -11.80
N ILE N 32 40.47 -5.40 -11.78
CA ILE N 32 39.27 -6.05 -11.27
C ILE N 32 39.69 -7.09 -10.24
N ASP N 33 39.49 -6.74 -8.97
CA ASP N 33 39.82 -7.61 -7.84
C ASP N 33 38.53 -8.15 -7.22
N PRO N 34 38.46 -9.48 -6.99
CA PRO N 34 37.22 -10.04 -6.46
C PRO N 34 36.96 -9.61 -5.01
N GLU N 35 37.97 -9.67 -4.15
CA GLU N 35 37.78 -9.38 -2.72
C GLU N 35 37.10 -8.01 -2.48
N HIS N 36 37.37 -7.05 -3.36
CA HIS N 36 36.72 -5.73 -3.35
C HIS N 36 35.29 -5.71 -3.91
N PHE N 37 35.03 -6.59 -4.89
CA PHE N 37 33.72 -6.64 -5.54
C PHE N 37 32.59 -7.23 -4.69
N VAL N 38 32.82 -8.40 -4.09
CA VAL N 38 31.86 -9.02 -3.19
C VAL N 38 31.45 -8.07 -2.06
N SER N 39 32.37 -7.26 -1.57
CA SER N 39 32.03 -6.18 -0.64
C SER N 39 30.99 -5.21 -1.23
N GLU N 40 31.17 -4.82 -2.49
CA GLU N 40 30.23 -3.93 -3.20
C GLU N 40 28.80 -4.48 -3.24
N ILE N 41 28.64 -5.77 -3.57
CA ILE N 41 27.31 -6.39 -3.56
C ILE N 41 26.83 -6.57 -2.14
N ASP N 42 27.50 -7.43 -1.38
CA ASP N 42 27.12 -7.75 0.00
C ASP N 42 26.65 -6.54 0.80
N ALA N 43 27.25 -5.38 0.56
CA ALA N 43 26.80 -4.14 1.16
C ALA N 43 25.53 -3.57 0.52
N ARG N 44 25.44 -3.64 -0.80
CA ARG N 44 24.28 -3.16 -1.55
C ARG N 44 23.00 -4.00 -1.34
N VAL N 45 23.14 -5.32 -1.23
CA VAL N 45 22.05 -6.21 -0.84
C VAL N 45 21.65 -5.92 0.59
N GLU N 46 22.64 -5.69 1.45
CA GLU N 46 22.43 -5.39 2.87
C GLU N 46 21.61 -4.12 3.17
N LYS N 47 21.23 -3.35 2.15
CA LYS N 47 20.23 -2.31 2.31
C LYS N 47 18.81 -2.80 2.05
N ILE N 48 18.56 -3.40 0.88
CA ILE N 48 17.20 -3.77 0.45
C ILE N 48 16.68 -4.96 1.25
N GLU N 49 17.59 -5.80 1.76
CA GLU N 49 17.25 -6.78 2.80
C GLU N 49 16.58 -6.11 4.01
N GLY N 50 16.98 -4.87 4.29
CA GLY N 50 16.36 -4.04 5.32
C GLY N 50 17.16 -4.14 6.60
N THR N 51 17.42 -3.01 7.23
CA THR N 51 18.00 -3.01 8.56
C THR N 51 16.88 -3.37 9.52
N HIS N 52 17.08 -4.42 10.32
CA HIS N 52 16.08 -4.83 11.29
C HIS N 52 15.94 -3.76 12.35
N CYS N 53 17.05 -3.06 12.63
CA CYS N 53 17.06 -1.89 13.50
C CYS N 53 16.13 -0.80 13.02
N GLU N 54 15.74 0.06 13.94
CA GLU N 54 14.73 1.08 13.69
C GLU N 54 15.28 2.46 13.93
N LYS N 55 15.29 3.30 12.89
CA LYS N 55 15.41 4.74 13.02
C LYS N 55 16.74 5.20 13.63
N ARG N 56 17.74 5.38 12.77
CA ARG N 56 19.07 5.91 13.17
C ARG N 56 19.62 5.35 14.49
N THR N 57 19.84 4.05 14.46
CA THR N 57 20.54 3.34 15.50
C THR N 57 21.41 2.29 14.81
N PHE N 58 22.55 1.99 15.41
CA PHE N 58 23.57 1.11 14.82
C PHE N 58 23.22 -0.35 14.92
N GLN N 59 23.31 -1.06 13.80
CA GLN N 59 22.91 -2.48 13.74
C GLN N 59 24.15 -3.29 13.78
N CYS N 60 24.33 -4.08 14.82
CA CYS N 60 25.38 -5.07 14.78
C CYS N 60 24.93 -6.11 13.81
N GLY N 61 25.88 -6.94 13.42
CA GLY N 61 25.63 -8.02 12.47
C GLY N 61 26.69 -9.06 12.63
N GLY N 62 26.30 -10.31 12.40
CA GLY N 62 27.19 -11.45 12.58
C GLY N 62 26.41 -12.63 13.09
N ASN N 63 27.07 -13.44 13.91
CA ASN N 63 26.41 -14.53 14.63
C ASN N 63 25.13 -14.00 15.28
N GLU N 64 25.22 -12.86 15.97
CA GLU N 64 24.04 -12.21 16.55
C GLU N 64 23.98 -10.71 16.25
N GLN N 65 22.77 -10.20 16.40
CA GLN N 65 22.44 -8.86 15.95
C GLN N 65 21.32 -8.30 16.80
N GLU N 66 21.38 -6.99 17.02
CA GLU N 66 20.41 -6.25 17.81
C GLU N 66 20.81 -4.78 17.82
N CYS N 67 19.88 -3.94 18.25
CA CYS N 67 20.09 -2.50 18.23
C CYS N 67 21.07 -2.03 19.29
N ILE N 68 21.74 -0.93 18.99
CA ILE N 68 22.46 -0.16 19.99
C ILE N 68 22.34 1.28 19.61
N SER N 69 22.10 2.17 20.58
CA SER N 69 21.92 3.58 20.25
C SER N 69 23.18 4.22 19.65
N ASP N 70 22.96 5.00 18.57
CA ASP N 70 24.06 5.63 17.79
C ASP N 70 25.16 6.34 18.58
N LEU N 71 24.88 6.74 19.81
CA LEU N 71 25.82 7.52 20.60
C LEU N 71 26.81 6.69 21.35
N LEU N 72 26.72 5.37 21.28
CA LEU N 72 27.72 4.55 21.92
C LEU N 72 28.64 3.88 20.95
N VAL N 73 28.40 4.05 19.65
CA VAL N 73 29.06 3.24 18.63
C VAL N 73 30.57 3.03 18.85
N CYS N 74 31.40 4.04 18.63
CA CYS N 74 32.80 3.95 18.96
C CYS N 74 33.04 4.91 20.11
N ASP N 75 32.93 4.37 21.33
CA ASP N 75 33.08 5.13 22.58
C ASP N 75 34.29 4.70 23.42
N GLY N 76 35.00 3.65 22.99
CA GLY N 76 35.99 2.99 23.84
C GLY N 76 35.43 2.15 25.00
N HIS N 77 34.22 1.63 24.84
CA HIS N 77 33.57 0.75 25.83
C HIS N 77 32.81 -0.33 25.07
N LYS N 78 32.79 -1.54 25.62
CA LYS N 78 32.02 -2.63 25.01
C LYS N 78 30.54 -2.41 25.25
N ASP N 79 29.76 -2.43 24.18
CA ASP N 79 28.33 -2.04 24.19
C ASP N 79 27.46 -3.13 23.57
N CYS N 80 27.86 -3.59 22.38
CA CYS N 80 27.36 -4.84 21.82
C CYS N 80 27.97 -6.00 22.54
N HIS N 81 27.30 -7.15 22.54
CA HIS N 81 27.84 -8.34 23.18
C HIS N 81 29.18 -8.80 22.55
N ASN N 82 29.21 -9.02 21.24
CA ASN N 82 30.43 -9.53 20.58
C ASN N 82 31.45 -8.47 20.16
N ALA N 83 31.22 -7.22 20.57
CA ALA N 83 32.17 -6.12 20.37
C ALA N 83 32.30 -5.64 18.93
N HIS N 84 31.30 -5.86 18.09
CA HIS N 84 31.38 -5.42 16.71
C HIS N 84 31.54 -3.91 16.63
N ASP N 85 30.99 -3.18 17.60
CA ASP N 85 31.08 -1.72 17.61
C ASP N 85 32.49 -1.11 17.92
N GLU N 86 33.30 -1.72 18.79
CA GLU N 86 34.65 -1.17 19.07
C GLU N 86 35.77 -1.69 18.13
N ASP N 87 35.40 -2.29 17.00
CA ASP N 87 36.38 -2.91 16.07
C ASP N 87 37.02 -1.88 15.13
N PRO N 88 38.19 -2.21 14.56
CA PRO N 88 38.83 -1.34 13.58
C PRO N 88 38.03 -1.16 12.29
N ASP N 89 37.54 -2.26 11.70
CA ASP N 89 36.81 -2.20 10.42
C ASP N 89 35.52 -1.33 10.41
N VAL N 90 34.98 -1.02 11.59
CA VAL N 90 33.82 -0.14 11.74
C VAL N 90 34.22 1.22 12.25
N CYS N 91 35.01 1.26 13.30
CA CYS N 91 35.58 2.51 13.77
C CYS N 91 36.40 3.17 12.67
N ASP N 92 37.47 2.50 12.19
CA ASP N 92 38.29 2.97 11.03
C ASP N 92 38.37 4.49 11.01
N THR N 93 39.11 5.02 11.97
CA THR N 93 39.04 6.43 12.35
C THR N 93 39.03 7.41 11.16
N SER N 94 39.89 7.12 10.19
CA SER N 94 40.14 8.04 9.09
C SER N 94 39.62 7.53 7.74
N VAL N 95 38.43 8.01 7.39
CA VAL N 95 38.00 8.17 6.00
C VAL N 95 37.89 9.65 5.64
N VAL N 96 38.12 10.50 6.64
CA VAL N 96 38.09 11.94 6.48
C VAL N 96 39.39 12.62 6.93
N LYS N 97 40.47 11.86 7.12
CA LYS N 97 41.77 12.46 7.43
C LYS N 97 42.00 13.62 6.49
N ALA N 98 42.46 14.74 7.01
CA ALA N 98 42.61 15.96 6.24
C ALA N 98 43.53 15.80 5.02
N GLY N 99 43.15 16.45 3.94
CA GLY N 99 43.91 16.40 2.70
C GLY N 99 43.27 15.55 1.65
N ASN N 100 42.51 14.51 2.05
CA ASN N 100 41.70 13.74 1.09
C ASN N 100 40.86 14.72 0.28
N VAL N 101 40.68 14.42 -1.01
CA VAL N 101 39.86 15.24 -1.88
C VAL N 101 38.92 14.34 -2.64
N PHE N 102 37.65 14.72 -2.71
CA PHE N 102 36.63 13.98 -3.45
C PHE N 102 36.16 14.80 -4.62
N SER N 103 35.81 14.14 -5.71
CA SER N 103 35.39 14.81 -6.94
C SER N 103 34.32 14.04 -7.65
N GLY N 104 33.64 14.70 -8.56
CA GLY N 104 32.63 14.03 -9.35
C GLY N 104 31.58 15.00 -9.83
N THR N 105 30.77 14.52 -10.75
CA THR N 105 29.82 15.39 -11.40
C THR N 105 28.52 15.42 -10.62
N SER N 106 27.60 16.28 -11.05
CA SER N 106 26.29 16.42 -10.42
C SER N 106 25.23 16.81 -11.42
N THR N 107 24.22 15.97 -11.60
CA THR N 107 23.00 16.41 -12.31
C THR N 107 22.23 17.27 -11.29
N TRP N 108 21.29 18.08 -11.79
CA TRP N 108 20.40 18.89 -10.94
C TRP N 108 18.97 18.73 -11.42
N HIS N 109 18.14 18.09 -10.62
CA HIS N 109 16.70 17.97 -10.92
C HIS N 109 15.89 18.84 -9.96
N GLY N 110 16.55 19.57 -9.07
CA GLY N 110 15.87 20.45 -8.10
C GLY N 110 16.00 21.91 -8.48
N CYS N 111 15.93 22.78 -7.48
CA CYS N 111 16.03 24.24 -7.68
C CYS N 111 17.43 24.64 -8.18
N LEU N 112 17.64 25.92 -8.45
CA LEU N 112 18.92 26.41 -8.97
C LEU N 112 19.23 25.66 -10.28
N ALA N 113 18.30 25.76 -11.23
CA ALA N 113 18.36 25.01 -12.50
C ALA N 113 19.44 25.53 -13.44
N ARG N 114 20.33 24.63 -13.83
CA ARG N 114 21.47 24.97 -14.67
C ARG N 114 22.00 23.70 -15.32
N GLU N 115 23.02 23.86 -16.17
CA GLU N 115 23.58 22.74 -16.90
C GLU N 115 24.33 21.80 -15.95
N ASP N 116 24.48 20.55 -16.38
CA ASP N 116 25.28 19.54 -15.66
C ASP N 116 26.79 19.82 -15.71
N HIS N 117 27.44 19.77 -14.54
CA HIS N 117 28.84 20.18 -14.37
C HIS N 117 29.54 19.35 -13.31
N VAL N 118 30.80 19.72 -13.03
CA VAL N 118 31.66 19.01 -12.08
C VAL N 118 31.90 19.80 -10.78
N THR N 119 31.97 19.07 -9.66
CA THR N 119 32.15 19.64 -8.30
C THR N 119 33.30 18.89 -7.63
N ARG N 120 33.94 19.49 -6.62
CA ARG N 120 34.85 18.73 -5.77
C ARG N 120 35.07 19.25 -4.35
N ILE N 121 34.59 18.47 -3.39
CA ILE N 121 34.74 18.76 -1.97
C ILE N 121 36.12 18.35 -1.52
N THR N 122 36.77 19.18 -0.71
CA THR N 122 38.06 18.84 -0.10
C THR N 122 38.10 19.12 1.40
N ILE N 123 38.49 18.10 2.15
CA ILE N 123 38.41 18.19 3.58
C ILE N 123 39.63 18.90 4.05
N THR N 124 39.36 19.88 4.89
CA THR N 124 40.32 20.78 5.45
C THR N 124 40.69 20.35 6.84
N ALA N 125 39.71 20.37 7.74
CA ALA N 125 39.96 20.21 9.17
C ALA N 125 39.48 18.86 9.73
N SER N 126 39.92 18.53 10.93
CA SER N 126 39.41 17.40 11.62
C SER N 126 39.64 17.50 13.13
N LYS N 127 38.75 17.03 13.98
CA LYS N 127 38.95 17.11 15.44
C LYS N 127 38.26 15.98 16.17
N ARG N 128 38.75 15.55 17.31
CA ARG N 128 38.13 14.43 18.01
C ARG N 128 38.29 14.57 19.48
N ARG N 129 37.33 15.04 20.21
CA ARG N 129 37.68 15.30 21.60
C ARG N 129 37.80 13.98 22.38
N LYS N 130 38.98 13.68 22.90
CA LYS N 130 39.23 12.34 23.50
C LYS N 130 38.44 12.06 24.77
N PHE N 131 37.58 12.99 25.20
CA PHE N 131 36.54 12.65 26.20
C PHE N 131 35.25 12.09 25.57
N PHE N 132 34.72 12.75 24.55
CA PHE N 132 33.50 12.29 23.84
C PHE N 132 33.84 11.89 22.40
N THR N 133 34.25 10.65 22.23
CA THR N 133 35.05 10.27 21.08
C THR N 133 34.15 9.93 19.84
N ALA N 134 32.84 10.01 20.01
CA ALA N 134 31.90 9.36 19.10
C ALA N 134 31.71 9.98 17.73
N ARG N 135 32.08 11.25 17.54
CA ARG N 135 31.93 11.88 16.24
C ARG N 135 33.19 12.69 15.83
N ILE N 136 33.31 13.04 14.55
CA ILE N 136 34.49 13.75 14.00
C ILE N 136 34.09 15.12 13.45
N TRP N 137 34.31 16.16 14.21
CA TRP N 137 33.92 17.50 13.78
C TRP N 137 34.87 17.92 12.70
N LEU N 138 34.42 18.41 11.56
CA LEU N 138 35.39 18.78 10.52
C LEU N 138 34.99 19.89 9.56
N ARG N 139 36.01 20.55 8.99
CA ARG N 139 35.80 21.67 8.07
C ARG N 139 36.05 21.10 6.68
N ALA N 140 35.76 21.89 5.63
CA ALA N 140 36.00 21.50 4.21
C ALA N 140 35.67 22.64 3.27
N LEU N 141 36.03 22.48 2.00
CA LEU N 141 35.86 23.52 0.99
C LEU N 141 35.22 22.91 -0.27
N VAL N 142 34.27 23.63 -0.86
CA VAL N 142 33.43 23.08 -1.94
C VAL N 142 33.57 23.90 -3.24
N GLU N 143 33.87 23.22 -4.33
CA GLU N 143 34.35 23.86 -5.55
C GLU N 143 33.38 23.60 -6.69
N SER N 144 33.13 24.59 -7.54
CA SER N 144 32.23 24.43 -8.70
C SER N 144 32.86 24.95 -9.98
N GLU N 145 33.16 24.07 -10.93
CA GLU N 145 33.85 24.47 -12.15
C GLU N 145 32.89 24.74 -13.31
N LEU N 146 31.64 25.07 -13.01
CA LEU N 146 30.64 25.37 -14.04
C LEU N 146 31.07 26.51 -14.97
N GLU N 147 30.60 26.44 -16.21
CA GLU N 147 30.75 27.52 -17.18
C GLU N 147 29.37 28.16 -17.37
N ARG N 148 29.21 29.37 -16.85
CA ARG N 148 27.95 30.12 -17.02
C ARG N 148 27.86 30.65 -18.45
N HIS N 149 28.79 31.55 -18.80
CA HIS N 149 28.90 32.15 -20.14
C HIS N 149 30.06 33.15 -20.13
N GLY N 150 30.68 33.35 -21.29
CA GLY N 150 31.73 34.36 -21.43
C GLY N 150 33.02 34.12 -20.66
N GLU N 151 33.16 32.94 -20.06
CA GLU N 151 34.29 32.59 -19.17
C GLU N 151 34.00 31.26 -18.45
N ASN N 152 34.97 30.79 -17.68
CA ASN N 152 34.78 29.67 -16.74
C ASN N 152 34.87 30.19 -15.30
N VAL N 153 33.71 30.40 -14.68
CA VAL N 153 33.61 31.08 -13.38
C VAL N 153 33.43 30.06 -12.25
N THR N 154 34.23 30.21 -11.19
CA THR N 154 34.36 29.20 -10.15
C THR N 154 33.86 29.68 -8.79
N SER N 155 32.70 29.15 -8.37
CA SER N 155 32.17 29.33 -7.01
C SER N 155 32.96 28.54 -5.98
N SER N 156 32.93 29.01 -4.74
CA SER N 156 33.54 28.33 -3.61
C SER N 156 32.91 28.81 -2.32
N PHE N 157 32.91 27.93 -1.30
CA PHE N 157 32.59 28.33 0.08
C PHE N 157 33.12 27.34 1.10
N ASN N 158 33.18 27.80 2.35
CA ASN N 158 33.63 26.95 3.44
C ASN N 158 32.42 26.36 4.15
N ALA N 159 32.60 25.15 4.68
CA ALA N 159 31.53 24.41 5.32
C ALA N 159 32.01 23.60 6.50
N LYS N 160 31.28 23.69 7.61
CA LYS N 160 31.52 22.85 8.75
C LYS N 160 30.53 21.71 8.71
N GLY N 161 30.71 20.78 9.63
CA GLY N 161 29.82 19.63 9.76
C GLY N 161 30.54 18.48 10.41
N TYR N 162 29.91 17.32 10.43
CA TYR N 162 30.45 16.21 11.18
C TYR N 162 30.36 14.91 10.42
N TYR N 163 30.79 13.81 11.03
CA TYR N 163 30.83 12.53 10.37
C TYR N 163 30.57 11.40 11.36
N ASN N 164 29.39 10.75 11.25
CA ASN N 164 29.01 9.57 12.09
C ASN N 164 29.87 8.35 11.81
N PHE N 165 30.15 7.57 12.85
CA PHE N 165 30.62 6.23 12.64
C PHE N 165 29.50 5.23 12.48
N ALA N 166 28.38 5.49 13.13
CA ALA N 166 27.26 4.55 13.07
C ALA N 166 26.70 4.40 11.66
N SER N 167 26.32 5.54 11.10
CA SER N 167 25.66 5.61 9.82
C SER N 167 26.65 5.82 8.65
N ARG N 168 27.92 6.09 8.96
CA ARG N 168 28.97 6.27 7.95
C ARG N 168 28.58 7.33 6.94
N ARG N 169 28.09 8.46 7.42
CA ARG N 169 27.69 9.57 6.51
C ARG N 169 28.02 10.95 7.03
N LEU N 170 28.79 11.74 6.25
CA LEU N 170 29.16 13.09 6.65
C LEU N 170 28.22 14.11 6.05
N ILE N 171 28.16 15.26 6.69
CA ILE N 171 27.13 16.26 6.46
C ILE N 171 27.81 17.60 6.53
N LEU N 172 27.68 18.44 5.51
CA LEU N 172 28.34 19.72 5.53
C LEU N 172 27.32 20.81 5.39
N LEU N 173 27.33 21.79 6.30
CA LEU N 173 26.51 23.01 6.15
C LEU N 173 27.42 24.20 5.91
N PRO N 174 27.03 25.09 5.00
CA PRO N 174 27.81 26.32 4.79
C PRO N 174 27.74 27.24 6.01
N THR N 175 28.83 27.95 6.31
CA THR N 175 28.94 28.82 7.49
C THR N 175 29.01 30.27 7.05
N ASP N 176 28.44 31.16 7.88
CA ASP N 176 28.54 32.61 7.67
C ASP N 176 28.28 33.07 6.22
N ASP N 177 27.46 32.32 5.49
CA ASP N 177 27.20 32.56 4.08
C ASP N 177 25.81 33.18 3.95
N HIS N 178 25.80 34.49 3.65
CA HIS N 178 24.57 35.18 3.31
C HIS N 178 24.04 34.66 1.96
N ASP N 179 24.95 34.40 1.01
CA ASP N 179 24.59 33.82 -0.29
C ASP N 179 23.97 32.44 -0.12
N ASP N 180 23.24 32.01 -1.15
CA ASP N 180 22.51 30.74 -1.12
C ASP N 180 23.37 29.53 -0.68
N HIS N 181 24.25 29.03 -1.56
CA HIS N 181 25.12 27.89 -1.29
C HIS N 181 24.38 26.76 -0.57
N LEU N 182 23.82 25.84 -1.34
CA LEU N 182 23.07 24.72 -0.78
C LEU N 182 23.94 23.58 -0.24
N ALA N 183 23.61 23.14 0.98
CA ALA N 183 24.44 22.16 1.72
C ALA N 183 24.55 20.80 1.07
N VAL N 184 25.66 20.10 1.36
CA VAL N 184 25.95 18.76 0.81
C VAL N 184 25.87 17.68 1.90
N VAL N 185 25.42 16.51 1.49
CA VAL N 185 25.35 15.33 2.35
C VAL N 185 25.80 14.09 1.59
N CYS N 186 26.71 13.34 2.18
CA CYS N 186 27.30 12.15 1.60
C CYS N 186 26.79 10.92 2.34
N SER N 187 27.33 9.78 1.94
CA SER N 187 27.18 8.53 2.65
C SER N 187 28.18 7.58 2.06
N PHE N 188 28.83 6.77 2.88
CA PHE N 188 29.71 5.74 2.36
C PHE N 188 29.10 4.37 2.60
N ASN N 189 28.09 4.07 1.79
CA ASN N 189 27.35 2.83 1.92
C ASN N 189 28.01 1.66 1.18
N ARG N 190 29.03 1.96 0.38
CA ARG N 190 29.68 0.99 -0.46
C ARG N 190 30.45 -0.10 0.30
N GLY N 191 30.67 0.08 1.61
CA GLY N 191 31.53 -0.83 2.38
C GLY N 191 33.01 -0.62 2.10
N ASP N 192 33.34 0.10 1.02
CA ASP N 192 34.69 0.50 0.68
C ASP N 192 34.81 2.01 0.88
N ASN N 193 36.03 2.49 1.08
CA ASN N 193 36.29 3.89 1.44
C ASN N 193 36.66 4.85 0.30
N GLU N 194 36.60 4.41 -0.95
CA GLU N 194 36.80 5.33 -2.07
C GLU N 194 35.48 5.98 -2.46
N ARG N 195 34.55 5.24 -3.04
CA ARG N 195 33.33 5.84 -3.61
C ARG N 195 32.29 6.31 -2.59
N ALA N 196 31.37 7.18 -3.04
CA ALA N 196 30.33 7.77 -2.18
C ALA N 196 29.14 8.42 -2.90
N GLU N 197 27.95 8.24 -2.32
CA GLU N 197 26.71 8.79 -2.85
C GLU N 197 26.37 9.99 -2.03
N CYS N 198 26.10 11.09 -2.72
CA CYS N 198 25.82 12.36 -2.09
C CYS N 198 24.67 13.00 -2.79
N HIS N 199 23.99 13.89 -2.09
CA HIS N 199 23.07 14.75 -2.77
C HIS N 199 22.93 16.01 -1.95
N ARG N 200 22.89 17.14 -2.64
CA ARG N 200 22.83 18.45 -2.02
C ARG N 200 21.42 18.77 -1.55
N VAL N 201 21.26 19.21 -0.31
CA VAL N 201 19.92 19.35 0.26
C VAL N 201 19.71 20.69 0.91
N THR N 202 18.45 21.14 0.92
CA THR N 202 18.07 22.35 1.67
C THR N 202 18.14 22.03 3.16
N GLU N 203 18.64 22.99 3.93
CA GLU N 203 19.04 22.76 5.31
C GLU N 203 17.90 22.35 6.23
N ALA N 204 16.66 22.71 5.87
CA ALA N 204 15.50 22.56 6.75
C ALA N 204 14.69 21.29 6.53
N THR N 205 14.01 21.22 5.39
CA THR N 205 13.13 20.11 5.07
C THR N 205 13.94 18.82 4.89
N LEU N 206 15.18 18.97 4.41
CA LEU N 206 16.08 17.86 4.14
C LEU N 206 15.66 17.05 2.91
N HIS N 207 14.68 17.53 2.12
CA HIS N 207 14.35 16.82 0.89
C HIS N 207 15.48 17.06 -0.09
N GLN N 208 15.65 16.08 -0.97
CA GLN N 208 16.79 15.98 -1.86
C GLN N 208 16.83 17.04 -2.95
N CYS N 209 17.92 16.99 -3.69
CA CYS N 209 18.14 17.75 -4.90
C CYS N 209 19.53 17.37 -5.39
N ALA N 210 19.79 17.52 -6.68
CA ALA N 210 21.14 17.33 -7.22
C ALA N 210 21.90 16.07 -6.73
N ASP N 211 21.43 14.89 -7.11
CA ASP N 211 22.14 13.64 -6.78
C ASP N 211 23.48 13.58 -7.53
N LEU N 212 24.58 13.48 -6.78
CA LEU N 212 25.94 13.45 -7.33
C LEU N 212 26.74 12.32 -6.71
N PHE N 213 27.63 11.72 -7.49
CA PHE N 213 28.49 10.67 -6.97
C PHE N 213 29.90 11.20 -6.94
N VAL N 214 30.72 10.64 -6.07
CA VAL N 214 32.10 11.09 -5.95
C VAL N 214 33.06 9.96 -5.72
N THR N 215 34.32 10.24 -6.04
CA THR N 215 35.37 9.26 -6.00
C THR N 215 36.50 9.88 -5.22
N LEU N 216 37.28 9.04 -4.56
CA LEU N 216 38.43 9.55 -3.85
C LEU N 216 39.56 9.78 -4.84
N GLU N 217 39.88 11.06 -5.06
CA GLU N 217 41.03 11.47 -5.85
C GLU N 217 42.31 10.78 -5.34
N GLU N 218 43.22 10.43 -6.24
CA GLU N 218 44.38 9.61 -5.89
C GLU N 218 45.35 10.31 -4.92
N HIS N 219 45.60 9.71 -3.75
CA HIS N 219 46.66 10.16 -2.83
C HIS N 219 48.05 10.04 -3.46
N ASP N 220 48.97 10.89 -3.02
CA ASP N 220 50.37 10.86 -3.47
C ASP N 220 50.51 10.91 -4.99
N GLN O 1 86.17 -35.57 -14.26
CA GLN O 1 84.72 -35.85 -13.97
C GLN O 1 83.86 -34.61 -13.66
N SER O 2 84.47 -33.59 -13.03
CA SER O 2 83.79 -32.30 -12.78
C SER O 2 83.41 -31.53 -14.05
N HIS O 3 84.24 -31.62 -15.10
CA HIS O 3 83.85 -31.13 -16.44
C HIS O 3 82.70 -31.98 -16.95
N ASP O 4 81.71 -31.32 -17.53
CA ASP O 4 80.42 -31.93 -17.91
C ASP O 4 79.45 -32.15 -16.72
N GLU O 5 79.99 -32.38 -15.52
CA GLU O 5 79.18 -32.44 -14.28
C GLU O 5 78.78 -31.05 -13.78
N ILE O 6 79.48 -30.01 -14.22
CA ILE O 6 79.13 -28.60 -13.93
C ILE O 6 78.08 -28.05 -14.90
N ILE O 7 78.20 -28.38 -16.20
CA ILE O 7 77.24 -27.88 -17.20
C ILE O 7 75.86 -28.51 -17.05
N ASP O 8 75.80 -29.76 -16.61
CA ASP O 8 74.52 -30.46 -16.39
C ASP O 8 73.67 -29.80 -15.30
N LYS O 9 74.33 -29.18 -14.31
CA LYS O 9 73.68 -28.45 -13.22
C LYS O 9 73.35 -26.99 -13.55
N ILE O 10 73.52 -26.59 -14.81
CA ILE O 10 73.02 -25.32 -15.31
C ILE O 10 71.69 -25.53 -16.01
N ILE O 11 71.70 -26.29 -17.10
CA ILE O 11 70.47 -26.58 -17.84
C ILE O 11 69.38 -27.09 -16.91
N GLU O 12 69.76 -27.84 -15.88
CA GLU O 12 68.80 -28.28 -14.86
C GLU O 12 68.12 -27.11 -14.14
N ARG O 13 68.89 -26.09 -13.75
CA ARG O 13 68.31 -24.89 -13.12
C ARG O 13 67.50 -24.07 -14.09
N THR O 14 68.00 -23.88 -15.32
CA THR O 14 67.26 -23.16 -16.36
C THR O 14 65.82 -23.62 -16.50
N ASN O 15 65.62 -24.94 -16.51
CA ASN O 15 64.27 -25.51 -16.50
C ASN O 15 63.55 -25.10 -15.21
N LYS O 16 64.19 -25.43 -14.08
CA LYS O 16 63.61 -25.19 -12.76
C LYS O 16 63.30 -23.69 -12.45
N ILE O 17 63.74 -22.79 -13.31
CA ILE O 17 63.30 -21.40 -13.29
C ILE O 17 62.10 -21.17 -14.20
N THR O 18 62.14 -21.73 -15.41
CA THR O 18 61.02 -21.55 -16.33
C THR O 18 59.75 -22.19 -15.81
N THR O 19 59.85 -23.26 -15.03
CA THR O 19 58.69 -23.68 -14.25
C THR O 19 58.18 -22.53 -13.36
N SER O 20 59.04 -22.02 -12.49
CA SER O 20 58.66 -20.98 -11.50
C SER O 20 58.10 -19.72 -12.19
N ILE O 21 58.45 -19.51 -13.46
CA ILE O 21 57.88 -18.43 -14.25
C ILE O 21 56.65 -18.83 -15.01
N SER O 22 56.67 -19.98 -15.68
CA SER O 22 55.50 -20.41 -16.46
C SER O 22 54.36 -20.98 -15.59
N HIS O 23 54.65 -21.26 -14.32
CA HIS O 23 53.61 -21.51 -13.34
C HIS O 23 52.87 -20.21 -13.07
N VAL O 24 53.60 -19.15 -12.71
CA VAL O 24 52.99 -17.88 -12.29
C VAL O 24 52.29 -17.09 -13.43
N GLU O 25 52.62 -17.36 -14.69
CA GLU O 25 51.98 -16.66 -15.83
C GLU O 25 50.58 -17.19 -16.15
N SER O 26 50.38 -18.48 -15.86
CA SER O 26 49.10 -19.17 -16.00
C SER O 26 48.23 -18.94 -14.76
N LEU O 27 48.86 -19.10 -13.59
CA LEU O 27 48.21 -18.82 -12.30
C LEU O 27 47.81 -17.34 -12.15
N LEU O 28 48.44 -16.44 -12.91
CA LEU O 28 47.99 -15.04 -13.01
C LEU O 28 46.80 -14.88 -13.94
N ASP O 29 46.80 -15.59 -15.06
CA ASP O 29 45.68 -15.54 -16.00
C ASP O 29 44.33 -15.98 -15.40
N ASP O 30 44.36 -16.76 -14.32
CA ASP O 30 43.16 -17.05 -13.53
C ASP O 30 42.35 -15.79 -13.19
N ARG O 31 42.96 -14.84 -12.48
CA ARG O 31 42.28 -13.60 -12.14
C ARG O 31 41.86 -12.78 -13.37
N LEU O 32 42.61 -12.87 -14.45
CA LEU O 32 42.27 -12.14 -15.69
C LEU O 32 41.37 -12.90 -16.66
N ASP O 33 41.00 -14.14 -16.34
CA ASP O 33 40.20 -14.98 -17.23
C ASP O 33 38.93 -14.22 -17.68
N PRO O 34 38.53 -14.35 -18.97
CA PRO O 34 37.33 -13.63 -19.43
C PRO O 34 36.02 -14.11 -18.80
N LYS O 35 35.90 -15.41 -18.53
CA LYS O 35 34.67 -16.00 -17.95
C LYS O 35 34.31 -15.49 -16.54
N ARG O 36 35.32 -15.19 -15.74
CA ARG O 36 35.07 -14.69 -14.39
C ARG O 36 34.29 -13.40 -14.42
N ILE O 37 34.82 -12.40 -15.14
CA ILE O 37 34.12 -11.11 -15.32
C ILE O 37 32.71 -11.31 -15.88
N ARG O 38 32.59 -12.22 -16.84
CA ARG O 38 31.28 -12.55 -17.43
C ARG O 38 30.33 -13.07 -16.37
N LYS O 39 30.66 -14.20 -15.75
CA LYS O 39 29.76 -14.87 -14.79
C LYS O 39 29.37 -13.99 -13.62
N ALA O 40 30.32 -13.28 -13.04
CA ALA O 40 30.05 -12.36 -11.93
C ALA O 40 29.24 -11.16 -12.36
N GLY O 41 29.44 -10.71 -13.59
CA GLY O 41 28.62 -9.64 -14.15
C GLY O 41 27.13 -9.96 -14.07
N SER O 42 26.76 -11.18 -14.46
CA SER O 42 25.36 -11.65 -14.42
C SER O 42 24.74 -11.42 -13.05
N LEU O 43 25.47 -11.83 -12.03
CA LEU O 43 25.06 -11.63 -10.65
C LEU O 43 24.85 -10.13 -10.33
N ARG O 44 25.77 -9.25 -10.77
CA ARG O 44 25.59 -7.81 -10.57
C ARG O 44 24.26 -7.28 -11.12
N HIS O 45 23.83 -7.78 -12.27
CA HIS O 45 22.64 -7.26 -12.96
C HIS O 45 21.37 -7.70 -12.28
N ARG O 46 21.39 -8.94 -11.75
CA ARG O 46 20.21 -9.50 -11.07
C ARG O 46 19.87 -8.78 -9.76
N VAL O 47 20.86 -8.23 -9.08
CA VAL O 47 20.57 -7.40 -7.91
C VAL O 47 20.05 -6.00 -8.28
N GLU O 48 20.53 -5.43 -9.39
CA GLU O 48 20.04 -4.12 -9.85
C GLU O 48 18.60 -4.17 -10.36
N GLU O 49 18.21 -5.27 -11.02
CA GLU O 49 16.80 -5.51 -11.41
C GLU O 49 15.88 -5.69 -10.20
N LEU O 50 16.40 -6.24 -9.12
CA LEU O 50 15.64 -6.41 -7.90
C LEU O 50 15.37 -5.08 -7.22
N GLU O 51 16.37 -4.20 -7.19
CA GLU O 51 16.14 -2.81 -6.85
C GLU O 51 15.25 -2.16 -7.89
N ASP O 52 14.64 -1.04 -7.51
CA ASP O 52 13.92 -0.17 -8.45
C ASP O 52 14.88 0.42 -9.50
N PRO O 53 14.37 0.77 -10.69
CA PRO O 53 15.22 1.44 -11.69
C PRO O 53 15.58 2.88 -11.30
N SER O 54 16.86 3.23 -11.32
CA SER O 54 17.33 4.58 -10.96
C SER O 54 17.11 5.62 -12.05
N CYS O 55 16.97 5.16 -13.30
CA CYS O 55 16.65 6.02 -14.43
C CYS O 55 15.18 6.47 -14.39
N ASP O 56 14.74 7.21 -15.42
CA ASP O 56 13.34 7.65 -15.55
C ASP O 56 12.66 7.07 -16.79
N GLU O 57 11.73 6.15 -16.56
CA GLU O 57 10.77 5.67 -17.57
C GLU O 57 11.39 5.00 -18.83
N HIS O 58 11.48 5.75 -19.94
CA HIS O 58 12.10 5.26 -21.18
C HIS O 58 13.61 5.53 -21.23
N GLU O 59 14.16 6.28 -20.26
CA GLU O 59 15.62 6.48 -20.17
C GLU O 59 16.42 5.19 -19.82
N HIS O 60 17.72 5.17 -20.15
CA HIS O 60 18.61 4.02 -19.95
C HIS O 60 19.88 4.41 -19.19
N GLN O 61 20.29 3.55 -18.24
CA GLN O 61 21.36 3.86 -17.29
C GLN O 61 22.74 3.34 -17.68
N CYS O 62 23.60 4.22 -18.20
CA CYS O 62 24.90 3.79 -18.72
C CYS O 62 26.03 3.74 -17.69
N GLY O 63 25.81 4.36 -16.54
CA GLY O 63 26.91 4.61 -15.60
C GLY O 63 27.58 3.36 -15.07
N GLY O 64 28.91 3.30 -15.25
CA GLY O 64 29.75 2.29 -14.64
C GLY O 64 30.05 2.64 -13.19
N ASP O 65 30.77 3.75 -13.00
CA ASP O 65 31.08 4.29 -11.65
C ASP O 65 30.52 5.71 -11.36
N ASP O 66 29.88 6.35 -12.35
CA ASP O 66 29.41 7.75 -12.23
C ASP O 66 28.14 7.97 -13.05
N PRO O 67 27.00 7.46 -12.56
CA PRO O 67 25.76 7.39 -13.31
C PRO O 67 25.45 8.62 -14.18
N GLN O 68 25.10 8.34 -15.43
CA GLN O 68 24.71 9.33 -16.42
C GLN O 68 23.44 8.77 -17.04
N CYS O 69 22.35 9.53 -16.99
CA CYS O 69 21.05 9.05 -17.47
C CYS O 69 20.73 9.56 -18.88
N ILE O 70 20.54 8.66 -19.84
CA ILE O 70 20.39 9.00 -21.26
C ILE O 70 19.15 8.34 -21.77
N SER O 71 18.51 8.96 -22.76
CA SER O 71 17.35 8.35 -23.41
C SER O 71 17.70 7.07 -24.18
N LYS O 72 16.67 6.25 -24.37
CA LYS O 72 16.82 4.90 -24.92
C LYS O 72 17.28 4.87 -26.38
N LEU O 73 16.99 5.92 -27.13
CA LEU O 73 17.25 5.92 -28.57
C LEU O 73 18.70 6.17 -28.98
N PHE O 74 19.59 6.35 -28.02
CA PHE O 74 20.96 6.65 -28.33
C PHE O 74 21.95 5.54 -28.03
N VAL O 75 21.48 4.36 -27.66
CA VAL O 75 22.39 3.24 -27.43
C VAL O 75 22.69 2.56 -28.76
N CYS O 76 23.98 2.35 -29.04
CA CYS O 76 24.46 1.98 -30.38
C CYS O 76 23.96 2.94 -31.49
N ASP O 77 23.79 4.21 -31.12
CA ASP O 77 23.38 5.28 -32.05
C ASP O 77 24.35 5.42 -33.23
N GLY O 78 25.63 5.17 -32.97
CA GLY O 78 26.69 5.38 -33.95
C GLY O 78 27.72 6.40 -33.48
N HIS O 79 27.40 7.22 -32.46
CA HIS O 79 28.38 8.15 -31.85
C HIS O 79 28.19 8.46 -30.33
N ASN O 80 29.25 9.00 -29.74
CA ASN O 80 29.35 9.19 -28.27
C ASN O 80 28.34 10.17 -27.71
N ASP O 81 27.44 9.68 -26.84
CA ASP O 81 26.46 10.51 -26.10
C ASP O 81 26.65 10.44 -24.60
N CYS O 82 26.76 9.23 -24.07
CA CYS O 82 27.16 9.01 -22.68
C CYS O 82 28.58 9.49 -22.53
N ARG O 83 28.79 10.44 -21.61
CA ARG O 83 30.12 11.02 -21.37
C ARG O 83 31.18 10.04 -20.79
N ASN O 84 30.75 8.90 -20.27
CA ASN O 84 31.63 7.76 -20.04
C ASN O 84 32.23 7.29 -21.36
N GLY O 85 31.36 7.06 -22.35
CA GLY O 85 31.71 6.38 -23.60
C GLY O 85 31.31 4.92 -23.56
N GLU O 86 30.50 4.55 -22.58
CA GLU O 86 30.14 3.16 -22.34
C GLU O 86 28.92 2.70 -23.13
N ASP O 87 28.27 3.56 -23.91
CA ASP O 87 27.14 3.13 -24.76
C ASP O 87 27.53 2.62 -26.15
N GLU O 88 28.78 2.86 -26.58
CA GLU O 88 29.23 2.41 -27.89
C GLU O 88 30.01 1.11 -27.88
N LYS O 89 30.35 0.61 -26.69
CA LYS O 89 31.13 -0.62 -26.59
C LYS O 89 30.36 -1.85 -27.07
N ASP O 90 29.02 -1.78 -27.03
CA ASP O 90 28.19 -2.97 -27.10
C ASP O 90 27.59 -3.31 -28.48
N CYS O 91 27.95 -2.58 -29.54
CA CYS O 91 27.25 -2.75 -30.83
C CYS O 91 27.38 -4.11 -31.54
N THR O 92 28.31 -4.97 -31.11
CA THR O 92 28.38 -6.37 -31.58
C THR O 92 27.06 -7.06 -31.27
N LEU O 93 26.42 -7.64 -32.28
CA LEU O 93 25.18 -8.38 -32.09
C LEU O 93 25.49 -9.81 -31.61
N PRO O 94 24.79 -10.33 -30.58
CA PRO O 94 25.13 -11.66 -30.01
C PRO O 94 24.59 -12.90 -30.75
N THR O 95 23.44 -12.77 -31.40
CA THR O 95 22.76 -13.90 -32.01
C THR O 95 23.03 -14.02 -33.52
N LYS O 96 23.84 -15.01 -33.92
CA LYS O 96 24.24 -15.17 -35.32
C LYS O 96 23.37 -16.22 -35.99
N ALA O 97 23.09 -16.06 -37.29
CA ALA O 97 22.29 -17.02 -38.09
C ALA O 97 22.76 -18.47 -37.93
N GLY O 98 21.80 -19.39 -37.87
CA GLY O 98 22.07 -20.81 -37.54
C GLY O 98 21.98 -21.16 -36.05
N ASP O 99 21.99 -20.14 -35.18
CA ASP O 99 21.87 -20.32 -33.73
C ASP O 99 20.48 -20.82 -33.36
N LYS O 100 20.46 -21.82 -32.48
CA LYS O 100 19.27 -22.59 -32.21
C LYS O 100 19.05 -22.68 -30.71
N PHE O 101 17.95 -22.09 -30.22
CA PHE O 101 17.58 -22.12 -28.79
C PHE O 101 16.42 -23.05 -28.46
N ILE O 102 16.55 -23.81 -27.36
CA ILE O 102 15.53 -24.76 -26.95
C ILE O 102 15.18 -24.46 -25.53
N GLY O 103 13.91 -24.15 -25.28
CA GLY O 103 13.41 -23.89 -23.93
C GLY O 103 12.72 -25.07 -23.30
N ASP O 104 12.56 -25.04 -21.98
CA ASP O 104 11.71 -26.00 -21.27
C ASP O 104 10.66 -25.18 -20.55
N VAL O 105 9.49 -25.76 -20.37
CA VAL O 105 8.36 -25.03 -19.78
C VAL O 105 8.55 -24.74 -18.29
N CYS O 106 8.02 -23.59 -17.89
CA CYS O 106 8.02 -23.21 -16.53
C CYS O 106 6.57 -23.29 -15.99
N PHE O 107 5.64 -22.56 -16.63
CA PHE O 107 4.20 -22.79 -16.44
C PHE O 107 3.45 -22.22 -17.62
N ASP O 108 2.32 -22.82 -17.99
CA ASP O 108 1.60 -22.43 -19.22
C ASP O 108 0.08 -22.38 -19.09
N HIS O 109 -0.49 -21.18 -19.17
CA HIS O 109 -1.93 -20.99 -19.20
C HIS O 109 -2.48 -20.60 -20.59
N CYS O 110 -1.63 -20.11 -21.50
CA CYS O 110 -2.05 -19.82 -22.89
C CYS O 110 -1.91 -21.10 -23.66
N THR O 111 -3.03 -21.79 -23.81
CA THR O 111 -3.04 -23.15 -24.27
C THR O 111 -3.51 -23.24 -25.72
N LYS O 112 -2.55 -23.35 -26.64
CA LYS O 112 -2.83 -23.77 -28.00
C LYS O 112 -2.64 -25.29 -28.04
N ARG O 113 -1.41 -25.75 -27.79
CA ARG O 113 -1.08 -27.16 -27.72
C ARG O 113 -0.48 -27.52 -26.36
N ARG O 114 -0.35 -26.55 -25.46
CA ARG O 114 0.34 -26.70 -24.15
C ARG O 114 1.56 -27.65 -24.21
N PRO O 115 2.58 -27.26 -25.00
CA PRO O 115 3.64 -28.20 -25.33
C PRO O 115 4.53 -28.47 -24.15
N GLU O 116 5.28 -29.57 -24.22
CA GLU O 116 6.24 -29.91 -23.19
C GLU O 116 7.39 -28.96 -23.29
N HIS O 117 7.97 -28.82 -24.49
CA HIS O 117 9.01 -27.83 -24.72
C HIS O 117 9.27 -27.57 -26.18
N MET O 118 9.66 -26.34 -26.46
CA MET O 118 9.60 -25.75 -27.79
C MET O 118 10.91 -25.15 -28.16
N THR O 119 11.08 -24.92 -29.45
CA THR O 119 12.40 -24.72 -30.04
C THR O 119 12.33 -23.44 -30.84
N LEU O 120 13.47 -22.80 -31.02
CA LEU O 120 13.51 -21.53 -31.70
C LEU O 120 14.82 -21.44 -32.46
N ALA O 121 14.73 -21.08 -33.75
CA ALA O 121 15.90 -21.04 -34.67
C ALA O 121 15.93 -19.72 -35.44
N PHE O 122 17.13 -19.31 -35.89
CA PHE O 122 17.30 -18.08 -36.68
C PHE O 122 17.60 -18.31 -38.13
N GLU O 123 16.63 -17.98 -38.98
CA GLU O 123 16.84 -17.97 -40.42
C GLU O 123 17.99 -17.01 -40.71
N SER O 124 17.76 -15.72 -40.45
CA SER O 124 18.73 -14.68 -40.80
C SER O 124 18.54 -13.41 -39.97
N SER O 125 19.63 -12.91 -39.38
CA SER O 125 19.64 -11.55 -38.83
C SER O 125 19.97 -10.60 -39.94
N SER O 126 19.56 -9.34 -39.77
CA SER O 126 19.85 -8.29 -40.74
C SER O 126 19.91 -6.96 -40.03
N ILE O 127 20.76 -6.07 -40.54
CA ILE O 127 20.96 -4.76 -39.96
C ILE O 127 20.58 -3.72 -41.01
N ALA O 128 19.54 -2.93 -40.72
CA ALA O 128 19.31 -1.69 -41.45
C ALA O 128 20.56 -0.83 -41.26
N ALA O 129 21.22 -0.48 -42.37
CA ALA O 129 22.59 0.08 -42.36
C ALA O 129 22.75 1.39 -41.57
N PHE O 130 21.89 2.34 -41.91
CA PHE O 130 21.99 3.74 -41.49
C PHE O 130 21.62 4.01 -40.04
N PHE O 131 20.60 3.31 -39.52
CA PHE O 131 20.11 3.51 -38.16
C PHE O 131 19.96 2.17 -37.48
N THR O 132 20.85 1.88 -36.53
CA THR O 132 20.97 0.54 -35.96
C THR O 132 21.11 0.49 -34.44
N PRO O 133 20.06 0.93 -33.73
CA PRO O 133 19.80 0.36 -32.41
C PRO O 133 19.04 -0.96 -32.51
N ILE O 134 18.24 -1.14 -33.56
CA ILE O 134 17.35 -2.28 -33.69
C ILE O 134 17.79 -3.05 -34.91
N ALA O 135 17.87 -4.37 -34.82
CA ALA O 135 18.34 -5.20 -35.92
C ALA O 135 17.36 -6.35 -36.11
N ASP O 136 16.51 -6.29 -37.16
CA ASP O 136 15.42 -7.28 -37.37
C ASP O 136 15.84 -8.76 -37.63
N LEU O 137 14.94 -9.70 -37.32
CA LEU O 137 15.23 -11.13 -37.36
C LEU O 137 14.15 -11.94 -38.05
N HIS O 138 14.52 -13.07 -38.65
CA HIS O 138 13.58 -14.11 -39.06
C HIS O 138 13.80 -15.30 -38.15
N VAL O 139 12.72 -15.85 -37.61
CA VAL O 139 12.80 -16.96 -36.67
C VAL O 139 11.75 -18.00 -36.92
N HIS O 140 12.15 -19.26 -36.94
CA HIS O 140 11.19 -20.33 -36.89
C HIS O 140 10.89 -20.57 -35.42
N ILE O 141 9.74 -21.18 -35.15
CA ILE O 141 9.40 -21.64 -33.82
C ILE O 141 8.87 -23.06 -33.98
N GLU O 142 9.66 -24.06 -33.66
CA GLU O 142 9.21 -25.43 -33.81
C GLU O 142 8.64 -26.03 -32.53
N ILE O 143 7.54 -26.74 -32.65
CA ILE O 143 6.88 -27.36 -31.50
C ILE O 143 6.42 -28.75 -31.86
N GLU O 144 6.97 -29.76 -31.24
CA GLU O 144 6.67 -31.14 -31.61
C GLU O 144 5.77 -31.78 -30.57
N SER O 145 4.49 -31.74 -30.85
CA SER O 145 3.46 -32.15 -29.90
C SER O 145 3.21 -33.70 -29.89
N GLU O 146 2.29 -34.12 -29.02
CA GLU O 146 1.85 -35.51 -28.91
C GLU O 146 0.63 -35.55 -27.96
N THR O 147 -0.31 -36.45 -28.25
CA THR O 147 -1.57 -36.56 -27.50
C THR O 147 -2.09 -38.02 -27.53
N ASP O 148 -3.39 -38.19 -27.27
CA ASP O 148 -4.10 -39.46 -27.54
C ASP O 148 -3.89 -39.97 -28.95
N GLU O 149 -4.36 -39.10 -29.81
CA GLU O 149 -4.38 -39.21 -31.22
C GLU O 149 -3.64 -38.03 -31.75
N ASP O 150 -2.76 -38.36 -32.70
CA ASP O 150 -1.81 -37.55 -33.48
C ASP O 150 -0.44 -37.45 -32.92
N GLU O 151 0.46 -37.11 -33.82
CA GLU O 151 1.79 -36.83 -33.46
C GLU O 151 1.94 -35.57 -34.27
N SER O 152 1.19 -34.53 -33.94
CA SER O 152 1.22 -33.32 -34.73
C SER O 152 2.49 -32.48 -34.70
N GLU O 153 2.65 -31.58 -35.65
CA GLU O 153 3.80 -30.73 -35.70
C GLU O 153 3.60 -29.30 -35.88
N VAL O 154 4.61 -28.50 -35.69
CA VAL O 154 4.30 -27.13 -36.11
C VAL O 154 5.62 -26.45 -36.34
N SER O 155 5.66 -25.52 -37.28
CA SER O 155 6.75 -24.56 -37.31
C SER O 155 6.26 -23.30 -37.98
N MET O 156 5.92 -22.31 -37.17
CA MET O 156 5.36 -21.10 -37.70
C MET O 156 6.53 -20.14 -37.85
N PRO O 157 6.64 -19.45 -39.00
CA PRO O 157 7.66 -18.44 -39.13
C PRO O 157 7.11 -17.10 -38.62
N ALA O 158 8.01 -16.28 -38.07
CA ALA O 158 7.70 -14.91 -37.65
C ALA O 158 8.93 -14.03 -37.83
N ASP O 159 8.79 -12.76 -37.46
CA ASP O 159 9.89 -11.82 -37.57
C ASP O 159 9.85 -10.89 -36.39
N GLY O 160 10.93 -10.92 -35.60
CA GLY O 160 11.12 -10.00 -34.51
C GLY O 160 12.28 -9.06 -34.73
N GLU O 161 12.65 -8.36 -33.66
CA GLU O 161 13.80 -7.47 -33.67
C GLU O 161 14.47 -7.52 -32.31
N TYR O 162 15.80 -7.46 -32.29
CA TYR O 162 16.55 -7.45 -31.05
C TYR O 162 16.96 -6.03 -30.78
N SER O 163 16.77 -5.52 -29.57
CA SER O 163 17.13 -4.12 -29.29
C SER O 163 18.35 -3.98 -28.41
N PHE O 164 19.42 -3.36 -28.92
CA PHE O 164 20.60 -3.16 -28.08
C PHE O 164 20.32 -2.29 -26.90
N ALA O 165 19.24 -1.53 -26.92
CA ALA O 165 18.89 -0.66 -25.81
C ALA O 165 18.74 -1.37 -24.46
N ASP O 166 17.64 -2.10 -24.28
CA ASP O 166 17.36 -2.77 -23.01
C ASP O 166 17.63 -4.29 -23.09
N HIS O 167 18.32 -4.72 -24.16
CA HIS O 167 18.69 -6.11 -24.41
C HIS O 167 17.54 -7.07 -24.68
N ARG O 168 16.30 -6.58 -24.82
CA ARG O 168 15.13 -7.44 -25.09
C ARG O 168 15.10 -7.85 -26.57
N LEU O 169 14.63 -9.06 -26.89
CA LEU O 169 14.12 -9.33 -28.23
C LEU O 169 12.65 -9.64 -28.21
N THR O 170 12.00 -9.44 -29.33
CA THR O 170 10.54 -9.49 -29.45
C THR O 170 10.32 -10.48 -30.54
N ILE O 171 9.16 -11.12 -30.53
CA ILE O 171 8.67 -11.84 -31.70
C ILE O 171 7.24 -11.40 -31.96
N HIS O 172 6.96 -10.79 -33.11
CA HIS O 172 5.59 -10.36 -33.40
C HIS O 172 4.75 -11.56 -33.74
N PRO O 173 3.48 -11.54 -33.29
CA PRO O 173 2.67 -12.74 -33.26
C PRO O 173 2.81 -13.58 -34.55
N PRO O 174 3.16 -14.86 -34.41
CA PRO O 174 3.32 -15.72 -35.58
C PRO O 174 1.99 -16.10 -36.24
N GLU O 175 1.00 -16.42 -35.41
CA GLU O 175 -0.37 -16.72 -35.82
C GLU O 175 -1.22 -15.49 -35.47
N GLU O 176 -2.48 -15.45 -35.93
CA GLU O 176 -3.40 -14.37 -35.55
C GLU O 176 -3.85 -14.38 -34.08
N ASP O 177 -3.50 -15.42 -33.33
CA ASP O 177 -3.89 -15.53 -31.91
C ASP O 177 -3.35 -14.40 -31.00
N GLY O 178 -2.35 -13.65 -31.48
CA GLY O 178 -1.87 -12.48 -30.77
C GLY O 178 -1.13 -12.86 -29.51
N LEU O 179 -0.14 -13.75 -29.67
CA LEU O 179 0.80 -14.09 -28.63
C LEU O 179 2.21 -13.65 -29.07
N GLY O 180 2.67 -12.54 -28.48
CA GLY O 180 4.04 -12.07 -28.62
C GLY O 180 4.91 -12.82 -27.64
N LEU O 181 6.12 -13.16 -28.06
CA LEU O 181 7.13 -13.76 -27.20
C LEU O 181 8.17 -12.68 -26.84
N VAL O 182 8.37 -12.41 -25.55
CA VAL O 182 9.20 -11.30 -25.12
C VAL O 182 10.44 -11.89 -24.48
N GLY O 183 11.51 -11.94 -25.26
CA GLY O 183 12.83 -12.31 -24.76
C GLY O 183 13.43 -11.20 -23.92
N GLU O 184 14.20 -11.58 -22.92
CA GLU O 184 14.92 -10.65 -22.11
C GLU O 184 16.18 -11.34 -21.70
N PHE O 185 17.32 -10.83 -22.16
CA PHE O 185 18.60 -11.27 -21.61
C PHE O 185 18.91 -10.46 -20.36
N ASP O 186 19.85 -10.98 -19.56
CA ASP O 186 20.42 -10.21 -18.46
C ASP O 186 21.42 -9.12 -18.95
N GLY O 187 22.06 -9.38 -20.09
CA GLY O 187 22.98 -8.43 -20.71
C GLY O 187 24.43 -8.89 -20.75
N TYR O 188 24.82 -9.76 -19.82
CA TYR O 188 26.18 -10.27 -19.78
C TYR O 188 26.35 -11.72 -20.17
N ASN O 189 25.26 -12.44 -20.42
CA ASN O 189 25.35 -13.90 -20.59
C ASN O 189 25.17 -14.46 -22.01
N PHE O 190 23.96 -14.36 -22.57
CA PHE O 190 23.68 -14.82 -23.94
C PHE O 190 23.78 -16.32 -24.21
N ASP O 191 23.77 -17.15 -23.19
CA ASP O 191 23.54 -18.57 -23.43
C ASP O 191 22.13 -18.97 -23.07
N ARG O 192 21.42 -18.13 -22.31
CA ARG O 192 20.05 -18.45 -21.84
C ARG O 192 19.27 -17.19 -21.63
N PHE O 193 17.98 -17.21 -21.92
CA PHE O 193 17.15 -16.11 -21.53
C PHE O 193 15.83 -16.60 -21.01
N VAL O 194 15.24 -15.78 -20.14
CA VAL O 194 14.08 -16.17 -19.34
C VAL O 194 12.80 -15.77 -20.03
N GLY O 195 12.91 -15.36 -21.28
CA GLY O 195 11.79 -14.91 -22.07
C GLY O 195 10.50 -15.72 -22.01
N HIS O 196 9.39 -15.00 -22.04
CA HIS O 196 8.07 -15.54 -21.76
C HIS O 196 7.04 -14.85 -22.62
N ILE O 197 5.90 -15.52 -22.82
CA ILE O 197 4.88 -15.10 -23.79
C ILE O 197 3.90 -14.08 -23.21
N VAL O 198 3.32 -13.27 -24.08
CA VAL O 198 2.49 -12.17 -23.66
C VAL O 198 1.36 -12.05 -24.67
N HIS O 199 0.15 -11.74 -24.19
CA HIS O 199 -0.95 -11.33 -25.08
C HIS O 199 -0.59 -9.96 -25.63
N GLU O 200 -0.38 -9.88 -26.95
CA GLU O 200 0.18 -8.66 -27.54
C GLU O 200 -0.66 -7.40 -27.21
N LEU O 201 -1.98 -7.55 -27.09
CA LEU O 201 -2.89 -6.43 -26.81
C LEU O 201 -2.90 -5.96 -25.37
N SER O 202 -2.82 -6.92 -24.44
CA SER O 202 -3.05 -6.67 -23.03
C SER O 202 -1.79 -6.50 -22.16
N GLU O 203 -0.62 -6.89 -22.65
CA GLU O 203 0.62 -6.82 -21.87
C GLU O 203 0.47 -7.57 -20.53
N GLU O 204 0.22 -8.87 -20.61
CA GLU O 204 0.08 -9.72 -19.45
C GLU O 204 0.91 -10.98 -19.59
N VAL O 205 1.67 -11.29 -18.55
CA VAL O 205 2.51 -12.49 -18.52
C VAL O 205 1.58 -13.69 -18.41
N CYS O 206 1.72 -14.61 -19.37
CA CYS O 206 0.93 -15.83 -19.35
C CYS O 206 1.73 -17.09 -19.06
N ALA O 207 2.77 -17.34 -19.87
CA ALA O 207 3.57 -18.58 -19.79
C ALA O 207 5.05 -18.28 -19.94
N GLU O 208 5.88 -18.86 -19.08
CA GLU O 208 7.32 -18.67 -19.14
C GLU O 208 8.04 -19.88 -19.70
N PHE O 209 9.19 -19.64 -20.32
CA PHE O 209 10.10 -20.71 -20.71
C PHE O 209 11.52 -20.26 -20.47
N ILE O 210 12.40 -21.21 -20.19
CA ILE O 210 13.78 -20.89 -19.98
C ILE O 210 14.55 -21.49 -21.12
N PHE O 211 14.94 -20.64 -22.07
CA PHE O 211 15.68 -21.11 -23.23
C PHE O 211 17.16 -21.36 -22.95
N HIS O 212 17.79 -22.25 -23.72
CA HIS O 212 19.23 -22.46 -23.70
C HIS O 212 19.76 -22.49 -25.11
N ARG O 213 21.00 -22.10 -25.29
CA ARG O 213 21.66 -22.28 -26.57
C ARG O 213 22.12 -23.71 -26.61
N LYS O 214 22.11 -24.33 -27.80
CA LYS O 214 22.64 -25.69 -27.96
C LYS O 214 24.07 -25.71 -28.57
N LYS O 215 24.92 -26.60 -28.04
CA LYS O 215 26.35 -26.70 -28.43
C LYS O 215 26.72 -28.16 -28.70
CHA HEM P . -29.32 -17.20 32.40
CHB HEM P . -24.89 -15.58 31.43
CHC HEM P . -23.16 -18.98 34.45
CHD HEM P . -27.57 -19.55 36.28
C1A HEM P . -28.28 -16.51 31.84
C2A HEM P . -28.40 -15.54 30.83
C3A HEM P . -27.16 -15.07 30.56
C4A HEM P . -26.26 -15.73 31.41
CMA HEM P . -26.81 -14.00 29.54
CAA HEM P . -29.67 -15.10 30.16
CBA HEM P . -30.13 -13.81 30.84
CGA HEM P . -31.28 -13.21 30.06
O1A HEM P . -31.64 -12.03 30.34
O2A HEM P . -31.88 -13.84 29.16
C1B HEM P . -24.03 -16.43 32.15
C2B HEM P . -22.61 -16.43 31.99
C3B HEM P . -22.09 -17.38 32.81
C4B HEM P . -23.25 -17.99 33.49
CMB HEM P . -21.80 -15.54 31.07
CAB HEM P . -20.64 -17.67 32.90
CBB HEM P . -20.05 -18.64 33.59
C1C HEM P . -24.19 -19.41 35.27
C2C HEM P . -24.08 -20.29 36.35
C3C HEM P . -25.35 -20.45 36.88
C4C HEM P . -26.22 -19.63 36.12
CMC HEM P . -22.80 -20.95 36.81
CAC HEM P . -25.77 -21.29 38.02
CBC HEM P . -25.00 -22.12 38.73
C1D HEM P . -28.38 -18.97 35.31
C2D HEM P . -29.83 -19.12 35.33
C3D HEM P . -30.31 -18.47 34.28
C4D HEM P . -29.16 -17.95 33.56
CMD HEM P . -30.68 -19.83 36.35
CAD HEM P . -31.75 -18.41 33.85
CBD HEM P . -32.45 -17.09 34.04
CGD HEM P . -33.94 -17.39 33.89
O1D HEM P . -34.60 -16.80 33.00
O2D HEM P . -34.52 -18.24 34.61
NA HEM P . -26.95 -16.61 32.18
NB HEM P . -24.34 -17.36 33.06
NC HEM P . -25.48 -19.06 35.13
ND HEM P . -28.03 -18.26 34.23
FE HEM P . -26.30 -17.82 33.64
CHA HEM Q . -12.98 -48.67 -3.44
CHB HEM Q . -13.54 -46.49 0.80
CHC HEM Q . -9.87 -49.02 2.67
CHD HEM Q . -9.73 -51.62 -1.41
C1A HEM Q . -13.43 -47.84 -2.45
C2A HEM Q . -14.35 -46.81 -2.63
C3A HEM Q . -14.50 -46.19 -1.42
C4A HEM Q . -13.69 -46.86 -0.51
CMA HEM Q . -15.40 -45.03 -1.08
CAA HEM Q . -15.06 -46.39 -3.89
CBA HEM Q . -15.88 -47.50 -4.55
CGA HEM Q . -16.38 -46.99 -5.87
O1A HEM Q . -16.50 -45.76 -6.13
O2A HEM Q . -16.66 -47.86 -6.75
C1B HEM Q . -12.55 -46.99 1.65
C2B HEM Q . -12.37 -46.48 2.96
C3B HEM Q . -11.34 -47.18 3.52
C4B HEM Q . -10.89 -48.12 2.49
CMB HEM Q . -13.20 -45.37 3.59
CAB HEM Q . -10.76 -47.01 4.85
CBB HEM Q . -11.14 -46.11 5.77
C1C HEM Q . -9.50 -49.96 1.73
C2C HEM Q . -8.40 -50.79 1.79
C3C HEM Q . -8.36 -51.54 0.64
C4C HEM Q . -9.47 -51.17 -0.15
CMC HEM Q . -7.42 -50.87 2.92
CAC HEM Q . -7.35 -52.55 0.23
CBC HEM Q . -6.20 -52.85 0.86
C1D HEM Q . -10.61 -51.00 -2.28
C2D HEM Q . -10.74 -51.40 -3.68
C3D HEM Q . -11.63 -50.60 -4.24
C4D HEM Q . -12.04 -49.66 -3.19
CMD HEM Q . -10.05 -52.53 -4.40
CAD HEM Q . -12.05 -50.66 -5.70
CBD HEM Q . -12.95 -51.84 -6.09
CGD HEM Q . -13.32 -51.77 -7.55
O1D HEM Q . -12.66 -51.06 -8.37
O2D HEM Q . -14.31 -52.42 -7.99
NA HEM Q . -13.01 -47.83 -1.14
NB HEM Q . -11.67 -47.97 1.43
NC HEM Q . -10.09 -50.15 0.52
ND HEM Q . -11.41 -49.97 -2.03
FE HEM Q . -11.55 -49.00 -0.42
CHA HEM R . -26.76 -42.82 -7.31
CHB HEM R . -23.68 -39.24 -8.09
CHC HEM R . -27.04 -36.97 -10.76
CHD HEM R . -30.07 -40.64 -10.04
C1A HEM R . -25.63 -42.04 -7.32
C2A HEM R . -24.38 -42.47 -6.94
C3A HEM R . -23.50 -41.48 -7.15
C4A HEM R . -24.22 -40.41 -7.66
CMA HEM R . -22.04 -41.54 -6.88
CAA HEM R . -24.00 -43.81 -6.45
CBA HEM R . -23.78 -43.88 -4.97
CGA HEM R . -23.05 -45.17 -4.71
O1A HEM R . -23.12 -45.63 -3.56
O2A HEM R . -22.39 -45.79 -5.60
C1B HEM R . -24.36 -38.33 -8.91
C2B HEM R . -23.74 -37.14 -9.37
C3B HEM R . -24.64 -36.44 -10.10
C4B HEM R . -25.86 -37.29 -10.10
CMB HEM R . -22.34 -36.67 -9.10
CAB HEM R . -24.29 -35.13 -10.70
CBB HEM R . -25.10 -34.30 -11.36
C1C HEM R . -28.15 -37.79 -10.83
C2C HEM R . -29.36 -37.49 -11.45
C3C HEM R . -30.23 -38.55 -11.24
C4C HEM R . -29.52 -39.49 -10.48
CMC HEM R . -29.64 -36.21 -12.21
CAC HEM R . -31.62 -38.78 -11.68
CBC HEM R . -32.34 -37.94 -12.42
C1D HEM R . -29.39 -41.51 -9.22
C2D HEM R . -29.99 -42.76 -8.77
C3D HEM R . -29.07 -43.39 -8.03
C4D HEM R . -27.91 -42.51 -8.00
CMD HEM R . -31.36 -43.26 -9.09
CAD HEM R . -29.28 -44.73 -7.37
CBD HEM R . -28.83 -44.74 -5.91
CGD HEM R . -29.25 -46.02 -5.24
O1D HEM R . -29.50 -47.05 -5.94
O2D HEM R . -29.32 -46.06 -3.98
NA HEM R . -25.49 -40.79 -7.83
NB HEM R . -25.62 -38.36 -9.35
NC HEM R . -28.28 -38.99 -10.22
ND HEM R . -28.16 -41.38 -8.69
FE HEM R . -26.92 -39.99 -8.97
CHA HEM S . -33.44 -4.64 25.48
CHB HEM S . -33.08 -7.85 21.88
CHC HEM S . -35.31 -4.64 18.94
CHD HEM S . -35.61 -1.47 22.54
C1A HEM S . -33.16 -5.78 24.75
C2A HEM S . -32.36 -6.84 25.22
C3A HEM S . -32.24 -7.73 24.20
C4A HEM S . -32.97 -7.25 23.12
CMA HEM S . -31.49 -9.03 24.25
CAA HEM S . -31.71 -6.91 26.57
CBA HEM S . -32.11 -8.09 27.45
CGA HEM S . -31.14 -8.13 28.60
O1A HEM S . -31.25 -9.04 29.47
O2A HEM S . -30.20 -7.29 28.72
C1B HEM S . -33.64 -7.20 20.76
C2B HEM S . -33.69 -7.79 19.46
C3B HEM S . -34.30 -6.92 18.62
C4B HEM S . -34.65 -5.75 19.43
CMB HEM S . -33.16 -9.14 19.05
CAB HEM S . -34.44 -7.17 17.16
CBB HEM S . -34.56 -6.21 16.22
C1C HEM S . -35.61 -3.50 19.66
C2C HEM S . -36.04 -2.30 19.10
C3C HEM S . -36.14 -1.39 20.13
C4C HEM S . -35.73 -2.05 21.32
CMC HEM S . -36.39 -2.01 17.65
CAC HEM S . -36.55 0.00 19.86
CBC HEM S . -36.36 1.05 20.66
C1D HEM S . -34.99 -2.10 23.60
C2D HEM S . -34.80 -1.41 24.87
C3D HEM S . -34.24 -2.30 25.70
C4D HEM S . -34.05 -3.52 24.92
CMD HEM S . -35.17 0.00 25.24
CAD HEM S . -33.77 -2.01 27.10
CBD HEM S . -34.30 -2.80 28.26
CGD HEM S . -33.60 -2.32 29.54
O1D HEM S . -34.13 -2.55 30.64
O2D HEM S . -32.50 -1.69 29.52
NA HEM S . -33.49 -6.02 23.44
NB HEM S . -34.26 -6.00 20.68
NC HEM S . -35.36 -3.31 20.98
ND HEM S . -34.58 -3.37 23.69
FE HEM S . -34.42 -4.65 22.31
CHA HEM T . -6.98 43.48 13.13
CHB HEM T . -4.90 40.53 9.93
CHC HEM T . -1.03 43.48 9.99
CHD HEM T . -3.79 46.91 11.90
C1A HEM T . -6.74 42.39 12.32
C2A HEM T . -7.62 41.31 12.11
C3A HEM T . -7.04 40.48 11.19
C4A HEM T . -5.81 41.06 10.82
CMA HEM T . -7.63 39.21 10.66
CAA HEM T . -8.97 41.10 12.75
CBA HEM T . -10.01 41.60 11.74
CGA HEM T . -11.41 41.21 12.17
O1A HEM T . -12.33 41.28 11.32
O2A HEM T . -11.65 40.84 13.35
C1B HEM T . -3.63 41.08 9.70
C2B HEM T . -2.61 40.40 8.96
C3B HEM T . -1.49 41.18 8.96
C4B HEM T . -1.86 42.39 9.76
CMB HEM T . -2.71 39.06 8.29
CAB HEM T . -0.23 40.76 8.30
CBB HEM T . 0.96 41.37 8.34
C1C HEM T . -1.43 44.73 10.46
C2C HEM T . -0.66 45.90 10.50
C3C HEM T . -1.45 46.91 11.04
C4C HEM T . -2.72 46.30 11.30
CMC HEM T . 0.78 46.03 10.03
CAC HEM T . -1.13 48.33 11.33
CBC HEM T . 0.06 48.91 11.26
C1D HEM T . -4.87 46.21 12.42
C2D HEM T . -5.86 46.84 13.30
C3D HEM T . -6.74 45.89 13.64
C4D HEM T . -6.28 44.66 13.01
CMD HEM T . -5.95 48.27 13.75
CAD HEM T . -7.91 46.09 14.58
CBD HEM T . -9.23 46.31 13.85
CGD HEM T . -10.17 47.10 14.72
O1D HEM T . -11.33 46.67 14.95
O2D HEM T . -9.82 48.19 15.22
NA HEM T . -5.64 42.22 11.51
NB HEM T . -3.15 42.25 10.15
NC HEM T . -2.65 44.97 10.99
ND HEM T . -5.17 44.92 12.29
FE HEM T . -4.24 43.63 11.32
CHA HEM U . 21.18 14.31 42.87
CHB HEM U . 19.90 17.59 39.59
CHC HEM U . 24.55 18.44 38.48
CHD HEM U . 25.78 15.39 42.06
C1A HEM U . 20.44 15.10 42.07
C2A HEM U . 19.05 15.08 41.94
C3A HEM U . 18.70 16.00 41.00
C4A HEM U . 19.86 16.62 40.55
CMA HEM U . 17.31 16.34 40.54
CAA HEM U . 18.06 14.18 42.63
CBA HEM U . 18.18 14.02 44.13
CGA HEM U . 17.14 13.04 44.59
O1A HEM U . 16.33 12.46 43.81
O2A HEM U . 17.11 12.80 45.81
C1B HEM U . 21.07 18.06 39.00
C2B HEM U . 21.07 18.98 37.92
C3B HEM U . 22.38 19.23 37.59
C4B HEM U . 23.17 18.43 38.51
CMB HEM U . 19.83 19.57 37.27
CAB HEM U . 22.94 20.10 36.54
CBB HEM U . 22.23 20.81 35.65
C1C HEM U . 25.30 17.69 39.36
C2C HEM U . 26.67 17.52 39.31
C3C HEM U . 27.03 16.63 40.34
C4C HEM U . 25.85 16.27 41.02
CMC HEM U . 27.58 18.19 38.31
CAC HEM U . 28.35 16.09 40.71
CBC HEM U . 29.45 16.20 39.97
C1D HEM U . 24.61 14.87 42.54
C2D HEM U . 24.60 13.80 43.56
C3D HEM U . 23.32 13.52 43.79
C4D HEM U . 22.54 14.37 42.90
CMD HEM U . 25.76 13.13 44.28
CAD HEM U . 22.85 12.42 44.72
CBD HEM U . 22.98 12.68 46.21
CGD HEM U . 22.76 11.38 46.97
O1D HEM U . 22.58 10.29 46.36
O2D HEM U . 22.77 11.37 48.23
NA HEM U . 20.92 16.05 41.19
NB HEM U . 22.34 17.77 39.33
NC HEM U . 24.83 16.88 40.36
ND HEM U . 23.37 15.18 42.20
FE HEM U . 22.85 16.38 40.86
CHA HEM V . 6.79 14.68 47.67
CHB HEM V . 6.81 11.53 44.02
CHC HEM V . 2.42 10.00 45.41
CHD HEM V . 2.64 12.86 49.27
C1A HEM V . 7.18 13.93 46.58
C2A HEM V . 8.49 13.86 46.08
C3A HEM V . 8.50 12.98 45.06
C4A HEM V . 7.19 12.51 44.91
CMA HEM V . 9.70 12.61 44.23
CAA HEM V . 9.70 14.59 46.58
CBA HEM V . 9.97 15.85 45.80
CGA HEM V . 11.41 16.24 46.02
O1A HEM V . 11.81 17.18 45.31
O2A HEM V . 12.15 15.67 46.86
C1B HEM V . 5.59 10.86 44.10
C2B HEM V . 5.21 9.87 43.14
C3B HEM V . 3.98 9.41 43.48
C4B HEM V . 3.61 10.18 44.71
CMB HEM V . 6.00 9.39 41.93
CAB HEM V . 3.28 8.40 42.67
CBB HEM V . 2.05 7.92 42.84
C1C HEM V . 2.09 10.62 46.60
C2C HEM V . 0.90 10.43 47.35
C3C HEM V . 0.98 11.25 48.47
C4C HEM V . 2.22 11.92 48.38
CMC HEM V . -0.22 9.49 46.98
CAC HEM V . 0.03 11.48 49.60
CBC HEM V . -1.17 10.94 49.72
C1D HEM V . 3.79 13.59 49.10
C2D HEM V . 4.14 14.63 50.06
C3D HEM V . 5.30 15.17 49.64
C4D HEM V . 5.64 14.43 48.40
CMD HEM V . 3.32 15.03 51.27
CAD HEM V . 5.97 16.33 50.35
CBD HEM V . 6.70 17.39 49.50
CGD HEM V . 7.22 18.57 50.31
O1D HEM V . 7.12 18.63 51.56
O2D HEM V . 7.79 19.50 49.72
NA HEM V . 6.43 13.04 45.88
NB HEM V . 4.62 11.00 45.03
NC HEM V . 2.86 11.54 47.22
ND HEM V . 4.71 13.52 48.14
FE HEM V . 4.71 12.37 46.64
CHA HEM W . -19.35 35.56 9.23
CHB HEM W . -17.55 33.23 13.09
CHC HEM W . -21.69 30.70 13.42
CHD HEM W . -23.39 32.97 9.55
C1A HEM W . -18.53 35.15 10.24
C2A HEM W . -17.17 35.52 10.37
C3A HEM W . -16.66 34.86 11.44
C4A HEM W . -17.69 34.09 12.00
CMA HEM W . -15.24 34.97 11.96
CAA HEM W . -16.41 36.44 9.45
CBA HEM W . -15.81 37.70 10.07
CGA HEM W . -14.86 38.31 9.04
O1A HEM W . -14.12 39.26 9.36
O2A HEM W . -14.79 37.86 7.87
C1B HEM W . -18.54 32.32 13.48
C2B HEM W . -18.37 31.45 14.57
C3B HEM W . -19.50 30.71 14.73
C4B HEM W . -20.41 31.18 13.65
CMB HEM W . -17.15 31.32 15.47
CAB HEM W . -19.64 29.64 15.75
CBB HEM W . -20.54 28.65 15.76
C1C HEM W . -22.53 31.09 12.41
C2C HEM W . -23.73 30.45 12.06
C3C HEM W . -24.23 31.09 10.94
C4C HEM W . -23.31 32.13 10.61
CMC HEM W . -24.39 29.27 12.76
CAC HEM W . -25.49 30.63 10.27
CBC HEM W . -25.90 30.95 9.04
C1D HEM W . -22.40 33.85 9.17
C2D HEM W . -22.54 34.71 7.99
C3D HEM W . -21.42 35.44 7.91
C4D HEM W . -20.59 35.01 9.04
CMD HEM W . -23.69 34.80 7.00
CAD HEM W . -21.09 36.43 6.82
CBD HEM W . -21.09 37.90 7.24
CGD HEM W . -20.81 38.77 6.02
O1D HEM W . -20.77 40.01 6.19
O2D HEM W . -20.61 38.30 4.87
NA HEM W . -18.80 34.23 11.23
NB HEM W . -19.78 32.14 12.97
NC HEM W . -22.27 32.06 11.51
ND HEM W . -21.23 34.08 9.77
FE HEM W . -20.51 33.19 11.28
CHA HEM X . -32.21 0.90 -33.08
CHB HEM X . -29.16 -1.84 -30.56
CHC HEM X . -28.04 -4.10 -34.73
CHD HEM X . -32.10 -2.41 -36.63
C1A HEM X . -31.44 0.41 -32.04
C2A HEM X . -31.45 0.89 -30.72
C3A HEM X . -30.60 0.11 -30.01
C4A HEM X . -30.07 -0.87 -30.88
CMA HEM X . -30.30 0.27 -28.53
CAA HEM X . -32.23 2.04 -30.17
CBA HEM X . -33.44 1.49 -29.40
CGA HEM X . -34.04 2.54 -28.51
O1A HEM X . -34.80 2.18 -27.58
O2A HEM X . -33.81 3.76 -28.67
C1B HEM X . -28.54 -2.69 -31.51
C2B HEM X . -27.42 -3.50 -31.22
C3B HEM X . -27.05 -4.16 -32.37
C4B HEM X . -28.01 -3.66 -33.41
CMB HEM X . -26.71 -3.68 -29.89
CAB HEM X . -25.90 -5.10 -32.43
CBB HEM X . -25.38 -5.69 -33.51
C1C HEM X . -29.07 -3.90 -35.62
C2C HEM X . -29.20 -4.48 -36.89
C3C HEM X . -30.38 -4.02 -37.44
C4C HEM X . -30.96 -3.15 -36.47
CMC HEM X . -28.24 -5.44 -37.53
CAC HEM X . -30.98 -4.30 -38.76
CBC HEM X . -30.42 -5.02 -39.74
C1D HEM X . -32.42 -1.33 -35.81
C2D HEM X . -33.46 -0.35 -36.17
C3D HEM X . -33.48 0.55 -35.18
C4D HEM X . -32.43 0.16 -34.24
CMD HEM X . -34.37 -0.33 -37.36
CAD HEM X . -34.36 1.77 -35.14
CBD HEM X . -35.54 1.66 -34.20
CGD HEM X . -36.54 2.69 -34.67
O1D HEM X . -36.88 3.64 -33.90
O2D HEM X . -37.02 2.60 -35.82
NA HEM X . -30.60 -0.68 -32.11
NB HEM X . -28.85 -2.81 -32.81
NC HEM X . -30.10 -3.07 -35.40
ND HEM X . -31.83 -0.96 -34.66
FE HEM X . -30.42 -1.79 -33.75
CHA HEM Y . 11.49 24.62 -41.71
CHB HEM Y . 8.00 21.29 -41.71
CHC HEM Y . 10.80 18.24 -44.29
CHD HEM Y . 14.09 21.77 -44.66
C1A HEM Y . 10.31 23.96 -41.49
C2A HEM Y . 9.30 24.40 -40.62
C3A HEM Y . 8.33 23.45 -40.62
C4A HEM Y . 8.71 22.44 -41.49
CMA HEM Y . 7.02 23.49 -39.86
CAA HEM Y . 9.26 25.66 -39.77
CBA HEM Y . 9.59 27.00 -40.43
CGA HEM Y . 9.30 28.13 -39.47
O1A HEM Y . 8.89 27.93 -38.30
O2A HEM Y . 9.47 29.31 -39.85
C1B HEM Y . 8.49 20.17 -42.38
C2B HEM Y . 7.75 18.95 -42.50
C3B HEM Y . 8.53 18.08 -43.23
C4B HEM Y . 9.77 18.81 -43.56
CMB HEM Y . 6.36 18.71 -41.91
CAB HEM Y . 8.29 16.67 -43.67
CBB HEM Y . 7.19 15.97 -43.42
C1C HEM Y . 11.94 18.94 -44.64
C2C HEM Y . 13.00 18.43 -45.36
C3C HEM Y . 13.95 19.43 -45.48
C4C HEM Y . 13.44 20.57 -44.80
CMC HEM Y . 13.09 17.05 -45.92
CAC HEM Y . 15.29 19.38 -46.15
CBC HEM Y . 15.88 18.30 -46.68
C1D HEM Y . 13.64 22.81 -43.86
C2D HEM Y . 14.43 24.02 -43.63
C3D HEM Y . 13.70 24.82 -42.81
C4D HEM Y . 12.47 24.08 -42.53
CMD HEM Y . 15.78 24.37 -44.20
CAD HEM Y . 14.12 26.17 -42.26
CBD HEM Y . 14.05 27.34 -43.22
CGD HEM Y . 14.52 28.62 -42.55
O1D HEM Y . 14.98 28.62 -41.37
O2D HEM Y . 14.48 29.71 -43.17
NA HEM Y . 9.93 22.72 -41.98
NB HEM Y . 9.66 20.05 -43.03
NC HEM Y . 12.23 20.22 -44.27
ND HEM Y . 12.47 22.89 -43.20
FE HEM Y . 11.12 21.57 -43.08
CHA HEM Z . 0.96 34.52 -36.28
CHB HEM Z . 2.50 32.13 -32.42
CHC HEM Z . 0.24 35.36 -29.57
CHD HEM Z . -0.95 37.92 -33.44
C1A HEM Z . 1.59 33.61 -35.49
C2A HEM Z . 2.57 32.70 -35.92
C3A HEM Z . 3.01 32.03 -34.84
C4A HEM Z . 2.30 32.51 -33.73
CMA HEM Z . 4.07 30.96 -34.84
CAA HEM Z . 3.11 32.53 -37.30
CBA HEM Z . 2.59 31.31 -38.02
CGA HEM Z . 3.59 30.87 -39.08
O1A HEM Z . 3.16 30.28 -40.10
O2A HEM Z . 4.82 31.08 -38.98
C1B HEM Z . 2.00 32.82 -31.31
C2B HEM Z . 2.26 32.39 -29.98
C3B HEM Z . 1.63 33.26 -29.13
C4B HEM Z . 0.98 34.26 -30.02
CMB HEM Z . 3.06 31.20 -29.51
CAB HEM Z . 1.68 33.09 -27.64
CBB HEM Z . 1.12 33.87 -26.71
C1C HEM Z . -0.25 36.36 -30.37
C2C HEM Z . -0.89 37.53 -29.92
C3C HEM Z . -1.23 38.28 -31.05
C4C HEM Z . -0.76 37.53 -32.16
CMC HEM Z . -1.17 37.89 -28.48
CAC HEM Z . -1.93 39.59 -31.17
CBC HEM Z . -2.39 40.35 -30.18
C1D HEM Z . -0.53 37.17 -34.51
C2D HEM Z . -0.76 37.64 -35.87
C3D HEM Z . -0.24 36.70 -36.68
C4D HEM Z . 0.31 35.65 -35.79
CMD HEM Z . -1.43 38.91 -36.33
CAD HEM Z . -0.27 36.78 -38.17
CBD HEM Z . -0.60 35.44 -38.87
CGD HEM Z . -1.09 35.48 -40.31
O1D HEM Z . -1.51 36.54 -40.84
O2D HEM Z . -1.05 34.44 -41.00
NA HEM Z . 1.49 33.51 -34.14
NB HEM Z . 1.21 33.91 -31.30
NC HEM Z . -0.19 36.38 -31.73
ND HEM Z . 0.06 35.98 -34.51
FE HEM Z . 0.63 34.95 -33.05
CHA HEM AA . -36.88 4.74 -19.22
CHB HEM AA . -33.41 7.97 -20.29
CHC HEM AA . -34.48 10.31 -16.15
CHD HEM AA . -37.99 7.16 -15.20
C1A HEM AA . -35.84 5.42 -19.84
C2A HEM AA . -35.09 4.91 -20.92
C3A HEM AA . -34.10 5.82 -21.21
C4A HEM AA . -34.26 6.91 -20.34
CMA HEM AA . -33.05 5.73 -22.28
CAA HEM AA . -35.29 3.56 -21.56
CBA HEM AA . -35.52 3.50 -23.07
CGA HEM AA . -35.30 2.07 -23.54
O1A HEM AA . -35.43 1.78 -24.75
O2A HEM AA . -34.98 1.14 -22.74
C1B HEM AA . -33.42 8.86 -19.20
C2B HEM AA . -32.51 9.94 -19.11
C3B HEM AA . -32.77 10.63 -17.96
C4B HEM AA . -33.90 9.92 -17.33
CMB HEM AA . -31.41 10.31 -20.09
CAB HEM AA . -31.96 11.82 -17.54
CBB HEM AA . -32.00 12.44 -16.35
C1C HEM AA . -35.53 9.67 -15.54
C2C HEM AA . -36.01 9.98 -14.27
C3C HEM AA . -37.03 9.10 -13.98
C4C HEM AA . -37.16 8.22 -15.09
CMC HEM AA . -35.57 11.10 -13.37
CAC HEM AA . -37.74 9.17 -12.68
CBC HEM AA . -38.58 8.28 -12.19
C1D HEM AA . -37.93 6.27 -16.23
C2D HEM AA . -38.81 5.10 -16.25
C3D HEM AA . -38.50 4.44 -17.38
C4D HEM AA . -37.43 5.19 -18.03
CMD HEM AA . -39.86 4.68 -15.23
CAD HEM AA . -39.09 3.13 -17.81
CBD HEM AA . -39.91 3.11 -19.10
CGD HEM AA . -40.36 1.69 -19.30
O1D HEM AA . -41.45 1.50 -19.89
O2D HEM AA . -39.69 0.71 -18.87
NA HEM AA . -35.28 6.61 -19.46
NB HEM AA . -34.23 8.90 -18.13
NC HEM AA . -36.19 8.58 -15.99
ND HEM AA . -37.14 6.28 -17.31
FE HEM AA . -35.77 7.50 -17.74
#